data_7WCD
#
_entry.id   7WCD
#
_cell.length_a   1.00
_cell.length_b   1.00
_cell.length_c   1.00
_cell.angle_alpha   90.00
_cell.angle_beta   90.00
_cell.angle_gamma   90.00
#
_symmetry.space_group_name_H-M   'P 1'
#
loop_
_entity.id
_entity.type
_entity.pdbx_description
1 polymer 'Spike glycoprotein'
2 polymer 'Heavy chain'
3 polymer 'Light chain'
4 non-polymer 2-acetamido-2-deoxy-beta-D-glucopyranose
#
loop_
_entity_poly.entity_id
_entity_poly.type
_entity_poly.pdbx_seq_one_letter_code
_entity_poly.pdbx_strand_id
1 'polypeptide(L)'
;MFVFLVLLPLVSSQCVNLTTRTQLPPAYTNSFTRGVYYPDKVFRSSVLHSTQDLFLPFFSNVTWFHAIHVSGTNGTKRFD
NPVLPFNDGVYFASTEKSNIIRGWIFGTTLDSKTQSLLIVNNATNVVIKVCEFQFCNDPFLGVYYHKNNKSWMESEFRVY
SSANNCTFEYVSQPFLMDLEGKQGNFKNLREFVFKNIDGYFKIYSKHTPINLVRDLPQGFSALEPLVDLPIGINITRFQT
LLALHRSYLTPGDSSSGWTAGAAAYYVGYLQPRTFLLKYNENGTITDAVDCALDPLSETKCTLKSFTVEKGIYQTSNFRV
QPTESIVRFPNITNLCPFGEVFNATRFASVYAWNRKRISNCVADYSVLYNSASFSTFKCYGVSPTKLNDLCFTNVYADSF
VIRGDEVRQIAPGQTGKIADYNYKLPDDFTGCVIAWNSNNLDSKVGGNYNYLYRLFRKSNLKPFERDISTEIYQAGSTPC
NGVEGFNCYFPLQSYGFQPTNGVGYQPYRVVVLSFELLHAPATVCGPKKSTNLVKNKCVNFNFNGLTGTGVLTESNKKFL
PFQQFGRDIADTTDAVRDPQTLEILDITPCSFGGVSVITPGTNTSNQVAVLYQDVNCTEVPVAIHADQLTPTWRVYSTGS
NVFQTRAGCLIGAEHVNNSYECDIPIGAGICASYQTQTNSPGSASSVASQSIIAYTMSLGAENSVAYSNNSIAIPTNFTI
SVTTEILPVSMTKTSVDCTMYICGDSTECSNLLLQYGSFCTQLNRALTGIAVEQDKNTQEVFAQVKQIYKTPPIKDFGGF
NFSQILPDPSKPSKRSFIEDLLFNKVTLADAGFIKQYGDCLGDIAARDLICAQKFNGLTVLPPLLTDEMIAQYTSALLAG
TITSGWTFGAGAALQIPFAMQMAYRFNGIGVTQNVLYENQKLIANQFNSAIGKIQDSLSSTASALGKLQDVVNQNAQALN
TLVKQLSSNFGAISSVLNDILSRLDPPEAEVQIDRLITGRLQSLQTYVTQQLIRAAEIRASANLAATKMSECVLGQSKRV
DFCGKGYHLMSFPQSAPHGVVFLHVTYVPAQEKNFTTAPAICHDGKAHFPREGVFVSNGTHWFVTQRNFYEPQIITTDNT
FVSGNCDVVIGIVNNTVYDPLQPELDSFKEELDKYFKNHTSPDVDLGDISGINASVVNIQKEIDRLNEVAKNLNESLIDL
QELGKYEQGSGYIPEAPRDGQAYVRKDGEWVLLSTFL
;
H,J,C
2 'polypeptide(L)'
;QVQLVQSGAEVKKPGASVKVSCKASGYTFTGYYMHWVRQAPGQGLEWMGWINPNSGGTNYAQKFQGWVTMTRDTSISTAY
MELSRLRSDDTAVYYCARGWATYYDILTGYSLFDYWGQGTLVTVSSASTKGPSVFPLAPSSKSTSGGTAALGCLVKDYFP
EPVTVSWNSGALTSGVHTFPAVLQSSGLYSLSSVVTVPSSSLGTQTYICNVNHKPSNTKVDKRVEPKSCDKTHTCPPC
;
E,G,A
3 'polypeptide(L)'
;SALTQPASVSGSPGQSITISCTGTSSDVGSYNLVSWYQQHPGKAPKLMIYEVSKRPSGVSNRFSGSKSGNTASLTISGLQ
AEDEADYYCCSYAGSSTPHVVFGGGTKLTVLGQPKAAPSVTLFPPSSEELQANKATLVCLISDFYPGAVTVAWKADSSPV
KAGVETTTPSKQSNNKYAASSYLSLTPEQWKSHRSYSCQVTHEGSTVEKTVAPT
;
F,I,B
#
loop_
_chem_comp.id
_chem_comp.type
_chem_comp.name
_chem_comp.formula
NAG D-saccharide, beta linking 2-acetamido-2-deoxy-beta-D-glucopyranose 'C8 H15 N O6'
#
# COMPACT_ATOMS: atom_id res chain seq x y z
N ALA A 27 27.01 29.57 -43.58
CA ALA A 27 28.32 29.35 -42.99
C ALA A 27 28.22 28.39 -41.81
N TYR A 28 29.33 27.75 -41.46
CA TYR A 28 29.35 26.79 -40.37
C TYR A 28 30.71 26.85 -39.67
N THR A 29 30.72 26.45 -38.41
CA THR A 29 31.94 26.35 -37.62
C THR A 29 31.76 25.23 -36.62
N ASN A 30 32.88 24.67 -36.16
CA ASN A 30 32.84 23.63 -35.15
C ASN A 30 32.69 24.25 -33.76
N SER A 31 31.89 23.59 -32.92
CA SER A 31 31.62 24.13 -31.60
C SER A 31 32.85 24.13 -30.70
N PHE A 32 33.82 23.25 -30.99
CA PHE A 32 35.02 23.09 -30.18
C PHE A 32 34.57 22.67 -28.79
N THR A 33 35.04 23.31 -27.71
CA THR A 33 34.63 22.96 -26.36
C THR A 33 33.96 24.14 -25.69
N ARG A 34 33.04 24.81 -26.40
CA ARG A 34 32.38 26.00 -25.92
C ARG A 34 30.94 25.69 -25.55
N GLY A 35 30.49 26.24 -24.43
CA GLY A 35 29.10 26.09 -24.03
C GLY A 35 28.86 25.26 -22.80
N VAL A 36 29.78 25.31 -21.84
CA VAL A 36 29.67 24.56 -20.58
C VAL A 36 29.38 25.56 -19.47
N TYR A 37 28.35 25.27 -18.68
CA TYR A 37 27.89 26.16 -17.63
C TYR A 37 27.71 25.39 -16.33
N TYR A 38 27.60 26.13 -15.24
CA TYR A 38 27.37 25.52 -13.94
C TYR A 38 25.95 24.99 -13.88
N PRO A 39 25.75 23.68 -13.68
CA PRO A 39 24.41 23.11 -13.86
C PRO A 39 23.50 23.18 -12.64
N ASP A 40 24.05 23.19 -11.43
CA ASP A 40 23.22 23.02 -10.24
C ASP A 40 23.53 24.03 -9.14
N LYS A 41 24.34 25.05 -9.41
CA LYS A 41 24.61 26.16 -8.49
C LYS A 41 24.96 25.69 -7.07
N VAL A 42 25.59 24.53 -6.96
CA VAL A 42 26.14 24.06 -5.69
C VAL A 42 27.65 24.05 -5.79
N PHE A 43 28.30 24.08 -4.64
CA PHE A 43 29.76 24.18 -4.59
C PHE A 43 30.38 22.79 -4.54
N ARG A 44 31.36 22.56 -5.42
CA ARG A 44 32.10 21.31 -5.46
C ARG A 44 33.56 21.61 -5.73
N SER A 45 34.46 21.00 -4.96
CA SER A 45 35.89 21.26 -5.07
C SER A 45 36.62 19.94 -5.21
N SER A 46 37.53 19.87 -6.19
CA SER A 46 38.38 18.71 -6.42
C SER A 46 37.55 17.43 -6.58
N VAL A 47 36.45 17.54 -7.32
CA VAL A 47 35.56 16.42 -7.56
C VAL A 47 35.20 16.37 -9.03
N LEU A 48 35.28 15.18 -9.62
CA LEU A 48 34.80 14.93 -10.97
C LEU A 48 33.32 14.56 -10.88
N HIS A 49 32.46 15.41 -11.42
CA HIS A 49 31.02 15.24 -11.31
C HIS A 49 30.43 14.92 -12.68
N SER A 50 29.58 13.90 -12.72
CA SER A 50 28.89 13.51 -13.94
C SER A 50 27.44 13.99 -13.86
N THR A 51 27.02 14.76 -14.85
CA THR A 51 25.68 15.33 -14.87
C THR A 51 25.06 15.17 -16.25
N GLN A 52 23.74 15.08 -16.28
CA GLN A 52 22.98 15.06 -17.53
C GLN A 52 22.11 16.30 -17.57
N ASP A 53 22.25 17.08 -18.63
CA ASP A 53 21.53 18.35 -18.78
C ASP A 53 21.60 18.75 -20.25
N LEU A 54 20.89 19.80 -20.61
CA LEU A 54 20.87 20.30 -21.99
C LEU A 54 22.19 21.03 -22.24
N PHE A 55 23.12 20.36 -22.91
CA PHE A 55 24.42 20.91 -23.22
C PHE A 55 24.62 21.01 -24.73
N LEU A 56 25.54 21.87 -25.12
CA LEU A 56 25.93 21.96 -26.52
C LEU A 56 27.00 20.91 -26.81
N PRO A 57 26.74 19.94 -27.69
CA PRO A 57 27.72 18.87 -27.92
C PRO A 57 29.01 19.41 -28.49
N PHE A 58 30.11 18.73 -28.15
CA PHE A 58 31.42 19.15 -28.62
C PHE A 58 31.56 18.95 -30.13
N PHE A 59 32.25 19.88 -30.78
CA PHE A 59 32.54 19.81 -32.22
C PHE A 59 31.26 19.69 -33.04
N SER A 60 30.23 20.43 -32.66
CA SER A 60 28.98 20.47 -33.41
C SER A 60 29.06 21.60 -34.44
N ASN A 61 28.02 21.73 -35.26
CA ASN A 61 27.98 22.73 -36.31
C ASN A 61 27.17 23.94 -35.84
N VAL A 62 27.85 25.05 -35.61
CA VAL A 62 27.21 26.28 -35.16
C VAL A 62 27.17 27.25 -36.33
N THR A 63 25.99 27.81 -36.62
CA THR A 63 25.82 28.70 -37.75
C THR A 63 26.49 30.04 -37.48
N TRP A 64 27.19 30.55 -38.49
CA TRP A 64 27.93 31.79 -38.40
C TRP A 64 27.24 32.89 -39.20
N PHE A 65 27.04 34.04 -38.57
CA PHE A 65 26.46 35.20 -39.23
C PHE A 65 27.44 36.36 -39.28
N ASN A 81 19.67 39.09 -39.87
CA ASN A 81 18.97 38.77 -38.64
C ASN A 81 17.66 38.05 -38.92
N PRO A 82 17.76 36.78 -39.35
CA PRO A 82 16.56 36.03 -39.71
C PRO A 82 15.82 35.50 -38.50
N VAL A 83 14.78 34.71 -38.73
CA VAL A 83 14.06 34.04 -37.64
C VAL A 83 14.70 32.69 -37.38
N LEU A 84 15.04 32.44 -36.12
CA LEU A 84 15.77 31.24 -35.76
C LEU A 84 14.89 30.32 -34.92
N PRO A 85 14.83 29.03 -35.26
CA PRO A 85 13.97 28.11 -34.50
C PRO A 85 14.55 27.74 -33.14
N PHE A 86 14.29 28.57 -32.13
CA PHE A 86 14.70 28.28 -30.77
C PHE A 86 14.19 26.91 -30.34
N ASN A 87 15.13 25.99 -30.09
CA ASN A 87 14.81 24.61 -29.72
C ASN A 87 15.53 24.30 -28.41
N ASP A 88 14.75 24.23 -27.32
CA ASP A 88 15.18 23.81 -25.97
C ASP A 88 16.61 24.24 -25.66
N GLY A 89 16.85 25.53 -25.81
CA GLY A 89 18.14 26.11 -25.50
C GLY A 89 18.93 26.49 -26.73
N VAL A 90 19.55 27.66 -26.68
CA VAL A 90 20.37 28.16 -27.77
C VAL A 90 21.65 28.76 -27.19
N TYR A 91 22.78 28.36 -27.75
CA TYR A 91 24.08 28.94 -27.39
C TYR A 91 24.34 30.12 -28.31
N PHE A 92 24.23 31.33 -27.79
CA PHE A 92 24.43 32.55 -28.55
C PHE A 92 25.77 33.15 -28.13
N ALA A 93 26.70 33.21 -29.08
CA ALA A 93 28.02 33.79 -28.86
C ALA A 93 28.27 34.89 -29.87
N SER A 94 28.77 36.03 -29.39
CA SER A 94 29.05 37.17 -30.24
C SER A 94 30.42 37.72 -29.90
N THR A 95 31.04 38.37 -30.89
CA THR A 95 32.37 38.94 -30.73
C THR A 95 32.27 40.46 -30.62
N GLU A 96 33.42 41.11 -30.59
CA GLU A 96 33.48 42.57 -30.48
C GLU A 96 32.84 43.24 -31.70
N GLY A 103 20.49 43.36 -28.07
CA GLY A 103 19.47 42.63 -27.33
C GLY A 103 18.87 41.49 -28.12
N TRP A 104 17.82 40.88 -27.58
CA TRP A 104 17.16 39.75 -28.21
C TRP A 104 15.66 39.83 -27.95
N ILE A 105 14.88 39.09 -28.74
CA ILE A 105 13.41 39.02 -28.52
C ILE A 105 13.00 37.54 -28.54
N PHE A 106 12.74 36.96 -27.36
CA PHE A 106 12.40 35.52 -27.29
C PHE A 106 10.88 35.36 -27.16
N GLY A 107 10.23 34.86 -28.21
CA GLY A 107 8.77 34.63 -28.16
C GLY A 107 8.39 33.34 -28.87
N THR A 108 7.08 33.07 -29.00
CA THR A 108 6.62 31.86 -29.72
C THR A 108 5.58 32.26 -30.76
N THR A 109 5.23 33.56 -30.83
CA THR A 109 4.17 34.01 -31.77
C THR A 109 4.66 35.23 -32.57
N LEU A 110 5.94 35.24 -32.96
CA LEU A 110 6.47 36.33 -33.81
C LEU A 110 6.28 37.69 -33.12
N ASP A 111 5.57 38.63 -33.75
CA ASP A 111 5.45 40.00 -33.19
C ASP A 111 3.99 40.33 -32.87
N SER A 112 3.76 41.20 -31.87
CA SER A 112 2.38 41.64 -31.54
C SER A 112 1.43 40.45 -31.51
N LYS A 113 1.81 39.37 -30.82
CA LYS A 113 0.95 38.17 -30.72
C LYS A 113 1.23 37.45 -29.40
N THR A 114 0.20 36.93 -28.74
CA THR A 114 0.38 36.20 -27.46
C THR A 114 1.36 36.98 -26.57
N GLN A 115 2.48 36.37 -26.19
CA GLN A 115 3.47 37.03 -25.32
C GLN A 115 4.87 36.88 -25.93
N SER A 116 5.56 37.99 -26.17
CA SER A 116 6.95 37.92 -26.70
C SER A 116 7.92 38.51 -25.68
N LEU A 117 8.84 37.68 -25.16
CA LEU A 117 9.83 38.17 -24.17
C LEU A 117 10.98 38.85 -24.91
N LEU A 118 11.58 39.87 -24.31
CA LEU A 118 12.74 40.53 -24.90
C LEU A 118 13.61 41.10 -23.80
N ILE A 119 14.90 41.26 -24.13
CA ILE A 119 15.88 41.86 -23.23
C ILE A 119 16.65 42.90 -24.03
N VAL A 120 16.76 44.11 -23.49
CA VAL A 120 17.43 45.22 -24.15
C VAL A 120 18.51 45.77 -23.24
N ASN A 121 19.73 45.87 -23.76
CA ASN A 121 20.84 46.42 -23.00
C ASN A 121 21.06 47.89 -23.34
N ASN A 125 22.45 50.83 -18.55
CA ASN A 125 21.47 49.96 -17.90
C ASN A 125 21.01 48.85 -18.84
N VAL A 126 20.43 47.80 -18.26
CA VAL A 126 19.85 46.69 -19.01
C VAL A 126 18.38 46.59 -18.64
N VAL A 127 17.52 46.44 -19.66
CA VAL A 127 16.08 46.46 -19.48
C VAL A 127 15.51 45.11 -19.92
N ILE A 128 14.69 44.52 -19.07
CA ILE A 128 14.01 43.26 -19.36
C ILE A 128 12.52 43.48 -19.18
N LYS A 129 11.73 43.08 -20.18
CA LYS A 129 10.28 43.18 -20.12
C LYS A 129 9.68 42.08 -20.98
N VAL A 130 8.44 41.73 -20.67
CA VAL A 130 7.69 40.72 -21.42
C VAL A 130 6.48 41.43 -22.03
N CYS A 131 6.66 41.93 -23.25
CA CYS A 131 5.60 42.67 -23.93
C CYS A 131 5.70 42.38 -25.43
N GLU A 132 4.55 42.13 -26.06
CA GLU A 132 4.46 41.99 -27.49
C GLU A 132 3.91 43.30 -28.07
N PHE A 133 4.58 43.81 -29.10
CA PHE A 133 4.21 45.10 -29.66
C PHE A 133 4.84 45.23 -31.04
N GLN A 134 4.84 46.44 -31.58
CA GLN A 134 5.22 46.70 -32.97
C GLN A 134 6.73 46.49 -33.11
N PHE A 135 7.11 45.22 -33.30
CA PHE A 135 8.50 44.91 -33.61
C PHE A 135 8.90 45.40 -34.98
N CYS A 136 7.95 45.43 -35.93
CA CYS A 136 8.19 45.83 -37.31
C CYS A 136 9.17 44.85 -37.96
N ASN A 137 10.25 45.32 -38.57
CA ASN A 137 11.26 44.43 -39.15
C ASN A 137 12.62 45.02 -38.81
N ASP A 138 13.48 44.18 -38.22
CA ASP A 138 14.83 44.57 -37.80
C ASP A 138 14.81 45.84 -36.95
N PRO A 139 14.35 45.75 -35.70
CA PRO A 139 14.35 46.94 -34.83
C PRO A 139 15.76 47.47 -34.62
N PHE A 140 15.83 48.67 -34.05
CA PHE A 140 17.09 49.36 -33.89
C PHE A 140 17.11 50.05 -32.53
N LEU A 141 18.32 50.34 -32.07
CA LEU A 141 18.50 51.05 -30.80
C LEU A 141 18.83 52.52 -31.05
N ARG A 158 15.80 54.10 -30.79
CA ARG A 158 15.03 53.11 -30.07
C ARG A 158 13.54 53.27 -30.34
N VAL A 159 12.94 52.29 -31.02
CA VAL A 159 11.50 52.28 -31.28
C VAL A 159 10.92 51.03 -30.64
N TYR A 160 9.91 51.22 -29.79
CA TYR A 160 9.28 50.13 -29.04
C TYR A 160 7.84 50.52 -28.74
N SER A 161 7.17 49.71 -27.92
CA SER A 161 5.82 49.97 -27.45
C SER A 161 5.51 49.07 -26.27
N SER A 162 4.28 49.08 -25.79
CA SER A 162 3.93 48.27 -24.62
C SER A 162 2.73 47.37 -24.86
N ALA A 163 1.74 47.86 -25.62
CA ALA A 163 0.49 47.18 -25.90
C ALA A 163 -0.33 46.86 -24.65
N ASN A 164 0.10 47.35 -23.49
CA ASN A 164 -0.69 47.31 -22.26
C ASN A 164 -1.04 45.89 -21.80
N ASN A 165 -0.22 44.91 -22.14
CA ASN A 165 -0.41 43.53 -21.68
C ASN A 165 0.81 43.02 -20.92
N CYS A 166 1.70 43.93 -20.52
CA CYS A 166 2.93 43.54 -19.85
C CYS A 166 2.64 43.01 -18.46
N THR A 167 3.36 41.96 -18.07
CA THR A 167 3.18 41.31 -16.78
C THR A 167 4.49 41.15 -16.00
N PHE A 168 5.59 41.72 -16.48
CA PHE A 168 6.85 41.66 -15.77
C PHE A 168 7.72 42.83 -16.23
N GLU A 169 8.71 43.15 -15.40
CA GLU A 169 9.64 44.24 -15.69
C GLU A 169 10.87 44.07 -14.81
N TYR A 170 12.04 44.34 -15.39
CA TYR A 170 13.29 44.20 -14.65
C TYR A 170 14.32 45.14 -15.27
N VAL A 171 14.81 46.08 -14.47
CA VAL A 171 15.86 47.01 -14.88
C VAL A 171 17.00 46.89 -13.87
N SER A 172 18.21 46.66 -14.37
CA SER A 172 19.38 46.51 -13.53
C SER A 172 20.60 47.00 -14.29
N GLN A 173 21.79 46.67 -13.81
CA GLN A 173 23.04 47.05 -14.47
C GLN A 173 23.87 45.83 -14.81
N ASN A 188 37.04 41.14 -27.41
CA ASN A 188 35.92 40.88 -26.53
C ASN A 188 35.08 39.73 -27.10
N LEU A 189 34.81 38.73 -26.26
CA LEU A 189 33.97 37.59 -26.62
C LEU A 189 32.85 37.48 -25.59
N ARG A 190 31.61 37.48 -26.06
CA ARG A 190 30.45 37.33 -25.20
C ARG A 190 29.72 36.04 -25.57
N GLU A 191 29.52 35.18 -24.59
CA GLU A 191 28.81 33.91 -24.77
C GLU A 191 27.60 33.87 -23.86
N PHE A 192 26.47 33.40 -24.39
CA PHE A 192 25.23 33.36 -23.65
C PHE A 192 24.50 32.06 -23.93
N VAL A 193 23.80 31.57 -22.90
CA VAL A 193 22.96 30.38 -23.01
C VAL A 193 21.57 30.74 -22.50
N PHE A 194 20.56 30.56 -23.34
CA PHE A 194 19.18 30.85 -22.98
C PHE A 194 18.43 29.53 -22.88
N LYS A 195 17.98 29.20 -21.66
CA LYS A 195 17.29 27.95 -21.39
C LYS A 195 15.94 28.24 -20.76
N ASN A 196 14.89 27.66 -21.34
CA ASN A 196 13.51 27.86 -20.88
C ASN A 196 12.99 26.53 -20.38
N ILE A 197 13.03 26.34 -19.06
CA ILE A 197 12.63 25.08 -18.44
C ILE A 197 11.77 25.38 -17.22
N ASP A 198 10.62 24.71 -17.13
CA ASP A 198 9.75 24.76 -15.95
C ASP A 198 9.38 26.19 -15.58
N GLY A 199 9.15 27.03 -16.57
CA GLY A 199 8.77 28.40 -16.34
C GLY A 199 9.90 29.32 -15.93
N TYR A 200 11.13 28.84 -15.92
CA TYR A 200 12.31 29.65 -15.60
C TYR A 200 13.09 29.92 -16.87
N PHE A 201 13.40 31.18 -17.12
CA PHE A 201 14.23 31.57 -18.26
C PHE A 201 15.61 31.94 -17.72
N LYS A 202 16.51 30.96 -17.68
CA LYS A 202 17.83 31.15 -17.11
C LYS A 202 18.80 31.60 -18.21
N ILE A 203 19.63 32.59 -17.89
CA ILE A 203 20.62 33.11 -18.82
C ILE A 203 22.00 32.99 -18.18
N TYR A 204 22.93 32.37 -18.88
CA TYR A 204 24.30 32.21 -18.43
C TYR A 204 25.23 33.04 -19.31
N SER A 205 26.23 33.67 -18.70
CA SER A 205 27.10 34.59 -19.41
C SER A 205 28.53 34.45 -18.93
N LYS A 206 29.46 34.88 -19.78
CA LYS A 206 30.88 34.93 -19.44
C LYS A 206 31.55 35.98 -20.32
N HIS A 207 32.44 36.76 -19.72
CA HIS A 207 33.16 37.83 -20.42
C HIS A 207 34.63 37.44 -20.47
N THR A 208 35.01 36.74 -21.54
CA THR A 208 36.39 36.30 -21.71
C THR A 208 37.07 37.12 -22.80
N PRO A 209 38.18 37.80 -22.48
CA PRO A 209 38.89 38.55 -23.52
C PRO A 209 39.55 37.62 -24.53
N ILE A 210 39.68 38.12 -25.76
CA ILE A 210 40.34 37.38 -26.83
C ILE A 210 41.07 38.33 -27.78
N LEU A 216 36.16 31.28 -33.06
CA LEU A 216 35.93 30.46 -31.87
C LEU A 216 37.20 29.72 -31.48
N PRO A 217 37.81 30.10 -30.36
CA PRO A 217 39.08 29.48 -29.96
C PRO A 217 38.92 28.05 -29.46
N GLN A 218 40.04 27.42 -29.11
CA GLN A 218 40.06 26.03 -28.66
C GLN A 218 40.01 25.91 -27.14
N GLY A 219 39.96 27.01 -26.41
CA GLY A 219 40.04 26.97 -24.97
C GLY A 219 38.74 26.50 -24.32
N PHE A 220 38.78 26.44 -22.99
CA PHE A 220 37.64 26.01 -22.19
C PHE A 220 37.30 27.10 -21.18
N SER A 221 36.02 27.43 -21.09
CA SER A 221 35.56 28.44 -20.14
C SER A 221 34.14 28.08 -19.69
N ALA A 222 33.85 28.36 -18.43
CA ALA A 222 32.55 28.06 -17.84
C ALA A 222 31.67 29.31 -17.83
N LEU A 223 30.36 29.10 -17.96
CA LEU A 223 29.40 30.18 -18.05
C LEU A 223 28.66 30.30 -16.71
N GLU A 224 28.97 31.35 -15.96
CA GLU A 224 28.28 31.59 -14.69
C GLU A 224 26.84 31.99 -14.95
N PRO A 225 25.90 31.61 -14.08
CA PRO A 225 24.53 32.10 -14.22
C PRO A 225 24.46 33.60 -14.03
N LEU A 226 23.54 34.24 -14.75
CA LEU A 226 23.40 35.69 -14.74
C LEU A 226 22.08 36.15 -14.14
N VAL A 227 20.96 35.67 -14.68
CA VAL A 227 19.64 36.08 -14.22
C VAL A 227 18.72 34.86 -14.21
N ASP A 228 17.76 34.86 -13.29
CA ASP A 228 16.80 33.77 -13.18
C ASP A 228 15.50 34.03 -13.92
N LEU A 229 14.92 35.23 -13.78
CA LEU A 229 13.68 35.64 -14.43
C LEU A 229 12.61 34.60 -14.13
N PRO A 230 12.08 34.58 -12.91
CA PRO A 230 11.25 33.46 -12.46
C PRO A 230 9.83 33.42 -13.01
N ILE A 231 9.52 34.18 -14.06
CA ILE A 231 8.16 34.17 -14.60
C ILE A 231 8.05 33.22 -15.79
N GLY A 232 8.80 33.49 -16.87
CA GLY A 232 8.84 32.58 -18.00
C GLY A 232 7.59 32.56 -18.86
N ILE A 233 7.76 32.35 -20.16
CA ILE A 233 6.66 32.21 -21.11
C ILE A 233 7.03 31.16 -22.14
N ASN A 234 6.09 30.85 -23.02
CA ASN A 234 6.31 29.88 -24.09
C ASN A 234 7.13 30.55 -25.19
N ILE A 235 8.28 29.96 -25.53
CA ILE A 235 9.21 30.53 -26.50
C ILE A 235 9.58 29.45 -27.51
N THR A 236 9.49 29.79 -28.79
CA THR A 236 9.83 28.88 -29.87
C THR A 236 10.77 29.47 -30.92
N ARG A 237 10.77 30.79 -31.12
CA ARG A 237 11.63 31.44 -32.09
C ARG A 237 12.20 32.70 -31.46
N PHE A 238 13.28 33.23 -32.06
CA PHE A 238 13.91 34.41 -31.49
C PHE A 238 14.62 35.20 -32.58
N GLN A 239 15.08 36.40 -32.20
CA GLN A 239 15.63 37.39 -33.11
C GLN A 239 16.93 37.94 -32.51
N THR A 240 17.45 39.01 -33.10
CA THR A 240 18.64 39.67 -32.60
C THR A 240 18.61 41.13 -33.03
N LEU A 241 19.05 42.02 -32.12
CA LEU A 241 19.05 43.45 -32.36
C LEU A 241 20.49 43.98 -32.41
N LEU A 242 20.73 44.93 -33.31
CA LEU A 242 22.03 45.57 -33.46
C LEU A 242 21.85 47.08 -33.38
N ALA A 243 22.93 47.75 -32.97
CA ALA A 243 22.91 49.19 -32.76
C ALA A 243 24.12 49.83 -33.43
N LEU A 244 24.09 51.16 -33.50
CA LEU A 244 25.16 51.95 -34.06
C LEU A 244 25.58 53.03 -33.07
N HIS A 245 26.86 53.41 -33.13
CA HIS A 245 27.40 54.37 -32.17
C HIS A 245 26.79 55.75 -32.38
N ARG A 246 26.99 56.34 -33.55
CA ARG A 246 26.52 57.70 -33.84
C ARG A 246 26.01 57.73 -35.27
N SER A 247 24.69 57.60 -35.43
CA SER A 247 24.05 57.64 -36.73
C SER A 247 22.60 58.09 -36.56
N TYR A 248 21.85 58.08 -37.65
CA TYR A 248 20.45 58.48 -37.60
C TYR A 248 19.63 57.45 -36.84
N LEU A 249 18.58 57.93 -36.18
CA LEU A 249 17.66 57.09 -35.41
C LEU A 249 16.39 56.77 -36.18
N THR A 250 16.49 56.63 -37.50
CA THR A 250 15.31 56.34 -38.31
C THR A 250 14.78 54.95 -37.98
N PRO A 251 13.49 54.80 -37.66
CA PRO A 251 12.93 53.49 -37.33
C PRO A 251 12.40 52.69 -38.51
N GLY A 252 12.72 53.06 -39.74
CA GLY A 252 12.16 52.38 -40.88
C GLY A 252 13.18 51.77 -41.83
N ASP A 253 14.42 52.25 -41.78
CA ASP A 253 15.46 51.76 -42.68
C ASP A 253 15.87 50.34 -42.30
N SER A 254 16.26 49.57 -43.32
CA SER A 254 16.68 48.19 -43.15
C SER A 254 18.19 48.00 -43.25
N SER A 255 18.83 48.67 -44.22
CA SER A 255 20.26 48.54 -44.42
C SER A 255 21.03 49.83 -44.21
N SER A 256 20.34 50.95 -44.01
CA SER A 256 21.02 52.22 -43.84
C SER A 256 21.79 52.26 -42.52
N GLY A 257 22.94 52.93 -42.54
CA GLY A 257 23.77 53.05 -41.36
C GLY A 257 25.24 52.82 -41.64
N TRP A 258 26.01 52.46 -40.61
CA TRP A 258 27.43 52.23 -40.79
C TRP A 258 27.68 50.93 -41.56
N THR A 259 28.77 50.93 -42.31
CA THR A 259 29.15 49.75 -43.10
C THR A 259 30.51 49.22 -42.68
N ALA A 263 30.05 43.10 -36.94
CA ALA A 263 29.44 42.39 -35.83
C ALA A 263 28.83 41.07 -36.28
N ALA A 264 29.59 39.98 -36.08
CA ALA A 264 29.15 38.65 -36.44
C ALA A 264 29.00 37.81 -35.19
N TYR A 265 27.94 37.01 -35.14
CA TYR A 265 27.64 36.19 -33.98
C TYR A 265 27.31 34.77 -34.42
N TYR A 266 27.50 33.83 -33.49
CA TYR A 266 27.31 32.41 -33.75
C TYR A 266 26.12 31.89 -32.95
N VAL A 267 25.45 30.89 -33.49
CA VAL A 267 24.26 30.30 -32.88
C VAL A 267 24.43 28.79 -32.80
N GLY A 268 24.27 28.22 -31.62
CA GLY A 268 24.30 26.79 -31.44
C GLY A 268 23.10 26.34 -30.62
N TYR A 269 22.73 25.08 -30.83
CA TYR A 269 21.54 24.50 -30.23
C TYR A 269 21.91 23.50 -29.15
N LEU A 270 21.30 23.64 -27.98
CA LEU A 270 21.57 22.73 -26.87
C LEU A 270 20.86 21.39 -27.10
N GLN A 271 21.45 20.32 -26.56
CA GLN A 271 20.94 18.98 -26.69
C GLN A 271 21.09 18.26 -25.35
N PRO A 272 20.23 17.26 -25.08
CA PRO A 272 20.34 16.52 -23.82
C PRO A 272 21.53 15.58 -23.80
N ARG A 273 22.72 16.13 -23.55
CA ARG A 273 23.96 15.37 -23.56
C ARG A 273 24.48 15.19 -22.13
N THR A 274 25.24 14.12 -21.93
CA THR A 274 25.82 13.82 -20.63
C THR A 274 27.26 14.33 -20.60
N PHE A 275 27.60 15.01 -19.51
CA PHE A 275 28.91 15.63 -19.36
C PHE A 275 29.57 15.15 -18.07
N LEU A 276 30.90 15.16 -18.07
CA LEU A 276 31.70 14.82 -16.91
C LEU A 276 32.57 16.04 -16.59
N LEU A 277 32.14 16.84 -15.62
CA LEU A 277 32.79 18.09 -15.30
C LEU A 277 33.87 17.90 -14.25
N LYS A 278 34.93 18.70 -14.36
CA LYS A 278 36.07 18.65 -13.45
C LYS A 278 36.14 19.95 -12.66
N TYR A 279 35.97 19.86 -11.35
CA TYR A 279 36.08 21.00 -10.45
C TYR A 279 37.46 20.97 -9.81
N ASN A 280 38.16 22.11 -9.83
CA ASN A 280 39.48 22.20 -9.22
C ASN A 280 39.32 22.52 -7.74
N GLU A 281 40.43 22.88 -7.09
CA GLU A 281 40.40 23.17 -5.65
C GLU A 281 39.61 24.44 -5.32
N ASN A 282 39.48 25.36 -6.26
CA ASN A 282 38.73 26.59 -6.04
C ASN A 282 37.26 26.48 -6.43
N GLY A 283 36.82 25.31 -6.89
CA GLY A 283 35.45 25.14 -7.31
C GLY A 283 35.13 25.59 -8.71
N THR A 284 36.14 25.94 -9.50
CA THR A 284 35.92 26.40 -10.87
C THR A 284 36.05 25.23 -11.83
N ILE A 285 35.05 25.06 -12.70
CA ILE A 285 35.07 23.99 -13.70
C ILE A 285 36.22 24.23 -14.66
N THR A 286 37.20 23.33 -14.65
CA THR A 286 38.40 23.49 -15.46
C THR A 286 38.35 22.71 -16.76
N ASP A 287 37.74 21.53 -16.78
CA ASP A 287 37.63 20.76 -18.00
C ASP A 287 36.37 19.90 -17.95
N ALA A 288 35.89 19.52 -19.12
CA ALA A 288 34.68 18.71 -19.23
C ALA A 288 34.85 17.72 -20.37
N VAL A 289 34.17 16.58 -20.26
CA VAL A 289 34.25 15.51 -21.25
C VAL A 289 32.84 15.18 -21.71
N ASP A 290 32.63 15.17 -23.02
CA ASP A 290 31.34 14.82 -23.61
C ASP A 290 31.25 13.30 -23.72
N CYS A 291 30.29 12.71 -23.01
CA CYS A 291 30.23 11.25 -22.90
C CYS A 291 29.96 10.59 -24.24
N ALA A 292 28.92 11.05 -24.94
CA ALA A 292 28.50 10.41 -26.19
C ALA A 292 29.10 11.10 -27.40
N LEU A 293 30.43 11.16 -27.43
CA LEU A 293 31.15 11.76 -28.55
C LEU A 293 32.05 10.77 -29.27
N ASP A 294 32.92 10.08 -28.54
CA ASP A 294 33.86 9.13 -29.09
C ASP A 294 33.91 7.91 -28.19
N PRO A 295 34.34 6.76 -28.71
CA PRO A 295 34.55 5.60 -27.83
C PRO A 295 35.51 5.87 -26.69
N LEU A 296 36.56 6.64 -26.94
CA LEU A 296 37.47 7.02 -25.87
C LEU A 296 36.78 7.91 -24.84
N SER A 297 35.92 8.82 -25.31
CA SER A 297 35.15 9.65 -24.39
C SER A 297 34.18 8.81 -23.56
N GLU A 298 33.56 7.81 -24.18
CA GLU A 298 32.69 6.91 -23.43
C GLU A 298 33.48 6.14 -22.38
N THR A 299 34.69 5.69 -22.73
CA THR A 299 35.54 5.01 -21.75
C THR A 299 35.89 5.94 -20.58
N LYS A 300 36.23 7.19 -20.89
CA LYS A 300 36.56 8.14 -19.84
C LYS A 300 35.37 8.38 -18.92
N CYS A 301 34.17 8.50 -19.51
CA CYS A 301 32.96 8.70 -18.70
C CYS A 301 32.68 7.49 -17.83
N THR A 302 32.85 6.28 -18.37
CA THR A 302 32.61 5.06 -17.60
C THR A 302 33.59 4.94 -16.45
N LEU A 303 34.88 5.19 -16.70
CA LEU A 303 35.87 5.13 -15.62
C LEU A 303 35.76 6.29 -14.65
N LYS A 304 35.04 7.36 -15.04
CA LYS A 304 34.94 8.59 -14.23
C LYS A 304 36.33 9.16 -13.94
N SER A 305 37.18 9.16 -14.97
CA SER A 305 38.52 9.71 -14.85
C SER A 305 38.95 10.22 -16.22
N PHE A 306 39.92 11.12 -16.21
CA PHE A 306 40.40 11.77 -17.43
C PHE A 306 41.62 11.08 -18.03
N THR A 307 42.09 9.99 -17.43
CA THR A 307 43.24 9.25 -17.93
C THR A 307 42.90 7.77 -17.97
N VAL A 308 43.16 7.13 -19.11
CA VAL A 308 42.80 5.74 -19.34
C VAL A 308 44.08 4.94 -19.52
N GLU A 309 44.24 3.90 -18.71
CA GLU A 309 45.40 3.03 -18.81
C GLU A 309 45.22 2.02 -19.93
N LYS A 310 46.30 1.32 -20.25
CA LYS A 310 46.26 0.30 -21.29
C LYS A 310 45.40 -0.88 -20.86
N GLY A 311 44.58 -1.37 -21.78
CA GLY A 311 43.75 -2.53 -21.53
C GLY A 311 42.44 -2.41 -22.27
N ILE A 312 41.57 -3.39 -22.04
CA ILE A 312 40.24 -3.44 -22.64
C ILE A 312 39.21 -3.06 -21.58
N TYR A 313 38.34 -2.11 -21.92
CA TYR A 313 37.31 -1.64 -21.01
C TYR A 313 35.95 -1.84 -21.67
N GLN A 314 35.00 -2.40 -20.93
CA GLN A 314 33.64 -2.58 -21.41
C GLN A 314 32.84 -1.33 -21.07
N THR A 315 32.35 -0.63 -22.10
CA THR A 315 31.73 0.68 -21.93
C THR A 315 30.21 0.60 -21.87
N SER A 316 29.59 0.04 -22.90
CA SER A 316 28.14 0.02 -22.99
C SER A 316 27.71 -1.25 -23.71
N ASN A 317 26.46 -1.28 -24.15
CA ASN A 317 25.90 -2.41 -24.87
C ASN A 317 25.42 -1.97 -26.24
N PHE A 318 25.23 -2.94 -27.13
CA PHE A 318 24.79 -2.69 -28.49
C PHE A 318 23.50 -3.44 -28.74
N ARG A 319 22.52 -2.75 -29.33
CA ARG A 319 21.22 -3.35 -29.64
C ARG A 319 20.78 -2.90 -31.03
N VAL A 320 20.23 -3.83 -31.79
CA VAL A 320 19.69 -3.51 -33.11
C VAL A 320 18.27 -2.98 -32.90
N GLN A 321 18.09 -1.69 -33.14
CA GLN A 321 16.79 -1.06 -32.91
C GLN A 321 15.76 -1.55 -33.93
N PRO A 322 14.50 -1.68 -33.52
CA PRO A 322 13.47 -2.12 -34.46
C PRO A 322 13.25 -1.10 -35.58
N THR A 323 12.92 -1.62 -36.76
CA THR A 323 12.72 -0.78 -37.93
C THR A 323 11.26 -0.53 -38.28
N GLU A 324 10.33 -1.35 -37.77
CA GLU A 324 8.94 -1.22 -38.12
C GLU A 324 8.09 -1.84 -37.02
N SER A 325 6.81 -1.47 -36.99
CA SER A 325 5.84 -2.02 -36.07
C SER A 325 4.69 -2.63 -36.85
N ILE A 326 4.33 -3.86 -36.53
CA ILE A 326 3.25 -4.58 -37.20
C ILE A 326 2.22 -5.01 -36.16
N VAL A 327 0.97 -5.13 -36.59
CA VAL A 327 -0.12 -5.59 -35.74
C VAL A 327 -0.92 -6.64 -36.51
N ARG A 328 -1.27 -7.72 -35.83
CA ARG A 328 -1.98 -8.85 -36.44
C ARG A 328 -3.16 -9.23 -35.54
N PHE A 329 -4.34 -8.74 -35.89
CA PHE A 329 -5.55 -9.06 -35.15
C PHE A 329 -6.47 -9.92 -35.99
N PRO A 330 -7.26 -10.80 -35.38
CA PRO A 330 -8.21 -11.61 -36.15
C PRO A 330 -9.28 -10.75 -36.81
N ASN A 331 -9.77 -11.21 -37.95
CA ASN A 331 -10.81 -10.51 -38.69
C ASN A 331 -12.18 -11.01 -38.23
N ILE A 332 -12.92 -10.14 -37.55
CA ILE A 332 -14.26 -10.47 -37.08
C ILE A 332 -15.25 -9.47 -37.67
N THR A 333 -15.02 -8.18 -37.40
CA THR A 333 -15.77 -7.08 -37.98
C THR A 333 -17.28 -7.20 -37.69
N ASN A 334 -17.61 -7.23 -36.41
CA ASN A 334 -18.99 -7.07 -35.98
C ASN A 334 -19.00 -6.55 -34.55
N LEU A 335 -19.82 -5.55 -34.28
CA LEU A 335 -19.91 -5.00 -32.93
C LEU A 335 -20.77 -5.90 -32.06
N CYS A 336 -20.18 -6.40 -30.99
CA CYS A 336 -21.03 -7.22 -30.13
C CYS A 336 -21.82 -6.34 -29.15
N PRO A 337 -22.99 -6.81 -28.73
CA PRO A 337 -23.98 -5.88 -28.17
C PRO A 337 -23.74 -5.46 -26.74
N PHE A 338 -22.91 -4.43 -26.54
CA PHE A 338 -22.91 -3.74 -25.26
C PHE A 338 -24.16 -2.89 -25.10
N GLY A 339 -24.79 -2.51 -26.21
CA GLY A 339 -25.95 -1.64 -26.12
C GLY A 339 -27.12 -2.28 -25.42
N GLU A 340 -27.40 -3.55 -25.71
CA GLU A 340 -28.57 -4.20 -25.13
C GLU A 340 -28.35 -4.59 -23.67
N VAL A 341 -27.10 -4.64 -23.22
CA VAL A 341 -26.83 -4.86 -21.80
C VAL A 341 -27.20 -3.63 -20.99
N PHE A 342 -26.95 -2.44 -21.53
CA PHE A 342 -27.12 -1.21 -20.78
C PHE A 342 -28.50 -0.59 -20.93
N ASN A 343 -29.15 -0.75 -22.08
CA ASN A 343 -30.45 -0.12 -22.34
C ASN A 343 -31.61 -1.06 -22.04
N ALA A 344 -31.36 -2.14 -21.31
CA ALA A 344 -32.44 -3.07 -20.97
C ALA A 344 -33.52 -2.37 -20.16
N THR A 345 -34.78 -2.73 -20.45
CA THR A 345 -35.91 -2.06 -19.83
C THR A 345 -36.09 -2.46 -18.36
N ARG A 346 -35.44 -3.53 -17.92
CA ARG A 346 -35.65 -4.02 -16.56
C ARG A 346 -34.41 -4.81 -16.14
N PHE A 347 -33.65 -4.27 -15.19
CA PHE A 347 -32.53 -5.02 -14.64
C PHE A 347 -33.01 -5.99 -13.57
N ALA A 348 -32.09 -6.83 -13.10
CA ALA A 348 -32.41 -7.83 -12.10
C ALA A 348 -32.13 -7.31 -10.69
N SER A 349 -32.59 -8.06 -9.70
CA SER A 349 -32.35 -7.72 -8.31
C SER A 349 -30.88 -7.91 -7.98
N VAL A 350 -30.48 -7.48 -6.77
CA VAL A 350 -29.09 -7.62 -6.36
C VAL A 350 -28.69 -9.09 -6.35
N TYR A 351 -29.51 -9.91 -5.68
CA TYR A 351 -29.41 -11.35 -5.83
C TYR A 351 -30.03 -11.77 -7.16
N ALA A 352 -29.68 -12.97 -7.60
CA ALA A 352 -30.08 -13.46 -8.92
C ALA A 352 -29.66 -12.48 -10.01
N TRP A 353 -28.44 -11.97 -9.90
CA TRP A 353 -27.93 -11.02 -10.88
C TRP A 353 -27.73 -11.68 -12.23
N ASN A 354 -27.93 -10.91 -13.30
CA ASN A 354 -27.79 -11.45 -14.64
C ASN A 354 -26.32 -11.74 -14.96
N ARG A 355 -26.13 -12.69 -15.87
CA ARG A 355 -24.79 -13.11 -16.28
C ARG A 355 -24.85 -13.38 -17.78
N LYS A 356 -24.27 -12.50 -18.58
CA LYS A 356 -24.28 -12.62 -20.03
C LYS A 356 -22.86 -12.84 -20.54
N ARG A 357 -22.71 -13.79 -21.46
CA ARG A 357 -21.42 -14.12 -22.04
C ARG A 357 -21.25 -13.44 -23.38
N ILE A 358 -20.10 -12.81 -23.58
CA ILE A 358 -19.79 -12.07 -24.80
C ILE A 358 -18.50 -12.63 -25.38
N SER A 359 -18.56 -13.05 -26.64
CA SER A 359 -17.39 -13.62 -27.31
C SER A 359 -17.53 -13.44 -28.82
N ASN A 360 -16.39 -13.55 -29.50
CA ASN A 360 -16.32 -13.51 -30.96
C ASN A 360 -16.93 -12.21 -31.51
N CYS A 361 -16.30 -11.10 -31.17
CA CYS A 361 -16.78 -9.80 -31.61
C CYS A 361 -15.63 -8.82 -31.66
N VAL A 362 -15.90 -7.67 -32.27
CA VAL A 362 -15.03 -6.50 -32.18
C VAL A 362 -15.66 -5.59 -31.14
N ALA A 363 -14.97 -5.42 -30.01
CA ALA A 363 -15.51 -4.67 -28.88
C ALA A 363 -14.90 -3.28 -28.84
N ASP A 364 -15.76 -2.26 -28.80
CA ASP A 364 -15.34 -0.88 -28.66
C ASP A 364 -15.71 -0.42 -27.25
N TYR A 365 -14.70 -0.03 -26.47
CA TYR A 365 -14.92 0.43 -25.11
C TYR A 365 -14.94 1.94 -25.00
N SER A 366 -14.63 2.66 -26.08
CA SER A 366 -14.69 4.11 -26.05
C SER A 366 -16.12 4.64 -26.03
N VAL A 367 -17.08 3.83 -26.51
CA VAL A 367 -18.48 4.27 -26.47
C VAL A 367 -18.98 4.33 -25.03
N LEU A 368 -18.55 3.37 -24.21
CA LEU A 368 -19.04 3.31 -22.80
C LEU A 368 -18.36 4.42 -21.99
N TYR A 369 -17.04 4.55 -22.11
CA TYR A 369 -16.30 5.55 -21.29
C TYR A 369 -16.77 6.97 -21.64
N ASN A 370 -17.03 7.22 -22.93
CA ASN A 370 -17.42 8.59 -23.38
C ASN A 370 -18.86 8.88 -22.93
N SER A 371 -19.63 7.85 -22.56
CA SER A 371 -21.01 8.06 -22.08
C SER A 371 -21.00 9.00 -20.86
N ALA A 372 -21.87 10.01 -20.85
CA ALA A 372 -21.89 10.99 -19.76
C ALA A 372 -22.72 10.47 -18.58
N SER A 373 -23.72 9.63 -18.86
CA SER A 373 -24.63 9.14 -17.78
C SER A 373 -23.82 8.38 -16.73
N PHE A 374 -22.94 7.48 -17.16
CA PHE A 374 -22.14 6.67 -16.20
C PHE A 374 -21.57 7.60 -15.12
N SER A 375 -21.94 7.36 -13.86
CA SER A 375 -21.52 8.26 -12.76
C SER A 375 -20.20 7.62 -12.32
N THR A 376 -20.16 6.29 -12.26
CA THR A 376 -18.93 5.57 -11.82
C THR A 376 -18.42 4.70 -12.95
N PHE A 377 -17.10 4.66 -13.16
CA PHE A 377 -16.50 3.80 -14.21
C PHE A 377 -15.14 3.28 -13.71
N LYS A 378 -15.09 2.84 -12.45
CA LYS A 378 -13.83 2.33 -11.90
C LYS A 378 -13.36 1.10 -12.67
N CYS A 379 -12.06 1.04 -12.92
CA CYS A 379 -11.45 -0.08 -13.61
C CYS A 379 -10.33 -0.64 -12.74
N TYR A 380 -10.36 -1.94 -12.49
CA TYR A 380 -9.37 -2.61 -11.66
C TYR A 380 -8.56 -3.59 -12.51
N GLY A 381 -7.24 -3.47 -12.43
CA GLY A 381 -6.35 -4.35 -13.17
C GLY A 381 -6.11 -3.95 -14.60
N VAL A 382 -6.74 -2.88 -15.08
CA VAL A 382 -6.60 -2.45 -16.46
C VAL A 382 -6.85 -0.95 -16.53
N SER A 383 -6.23 -0.29 -17.49
CA SER A 383 -6.39 1.14 -17.70
C SER A 383 -7.56 1.38 -18.65
N PRO A 384 -8.52 2.22 -18.28
CA PRO A 384 -9.68 2.44 -19.16
C PRO A 384 -9.30 2.98 -20.53
N THR A 385 -8.26 3.83 -20.60
CA THR A 385 -7.82 4.32 -21.89
C THR A 385 -7.13 3.23 -22.71
N LYS A 386 -6.40 2.33 -22.05
CA LYS A 386 -5.73 1.22 -22.73
C LYS A 386 -6.60 -0.02 -22.77
N LEU A 387 -7.82 0.12 -23.27
CA LEU A 387 -8.74 -1.00 -23.41
C LEU A 387 -9.05 -1.37 -24.85
N ASN A 388 -8.86 -0.44 -25.79
CA ASN A 388 -9.05 -0.72 -27.21
C ASN A 388 -7.85 -1.42 -27.83
N ASP A 389 -6.76 -1.59 -27.09
CA ASP A 389 -5.54 -2.19 -27.60
C ASP A 389 -5.34 -3.62 -27.17
N LEU A 390 -6.27 -4.18 -26.38
CA LEU A 390 -6.09 -5.49 -25.77
C LEU A 390 -6.94 -6.53 -26.49
N CYS A 391 -6.83 -7.77 -26.03
CA CYS A 391 -7.59 -8.89 -26.57
C CYS A 391 -7.89 -9.86 -25.43
N PHE A 392 -9.16 -10.24 -25.32
CA PHE A 392 -9.60 -11.13 -24.25
C PHE A 392 -10.33 -12.32 -24.84
N THR A 393 -10.37 -13.40 -24.05
CA THR A 393 -11.02 -14.64 -24.50
C THR A 393 -12.52 -14.62 -24.24
N ASN A 394 -12.94 -14.18 -23.06
CA ASN A 394 -14.35 -14.12 -22.72
C ASN A 394 -14.60 -12.89 -21.86
N VAL A 395 -15.73 -12.23 -22.11
CA VAL A 395 -16.14 -11.06 -21.36
C VAL A 395 -17.52 -11.34 -20.77
N TYR A 396 -17.65 -11.16 -19.46
CA TYR A 396 -18.90 -11.38 -18.75
C TYR A 396 -19.45 -10.04 -18.28
N ALA A 397 -20.74 -9.80 -18.53
CA ALA A 397 -21.42 -8.59 -18.09
C ALA A 397 -22.48 -8.98 -17.08
N ASP A 398 -22.41 -8.37 -15.89
CA ASP A 398 -23.36 -8.63 -14.82
C ASP A 398 -24.12 -7.34 -14.54
N SER A 399 -25.45 -7.40 -14.63
CA SER A 399 -26.30 -6.24 -14.47
C SER A 399 -27.24 -6.44 -13.30
N PHE A 400 -27.31 -5.44 -12.42
CA PHE A 400 -28.23 -5.45 -11.29
C PHE A 400 -28.38 -4.02 -10.80
N VAL A 401 -29.30 -3.82 -9.84
CA VAL A 401 -29.58 -2.50 -9.30
C VAL A 401 -29.45 -2.55 -7.79
N ILE A 402 -28.70 -1.58 -7.23
CA ILE A 402 -28.45 -1.55 -5.79
C ILE A 402 -28.80 -0.17 -5.24
N ARG A 403 -28.53 0.03 -3.96
CA ARG A 403 -28.79 1.29 -3.28
C ARG A 403 -27.59 2.22 -3.44
N GLY A 404 -27.86 3.53 -3.42
CA GLY A 404 -26.83 4.50 -3.72
C GLY A 404 -25.62 4.44 -2.79
N ASP A 405 -25.87 4.31 -1.49
CA ASP A 405 -24.78 4.21 -0.53
C ASP A 405 -24.01 2.91 -0.68
N GLU A 406 -24.59 1.94 -1.38
CA GLU A 406 -24.10 0.57 -1.45
C GLU A 406 -23.18 0.32 -2.63
N VAL A 407 -22.94 1.34 -3.46
CA VAL A 407 -22.11 1.16 -4.65
C VAL A 407 -20.66 0.90 -4.29
N ARG A 408 -20.16 1.53 -3.22
CA ARG A 408 -18.75 1.38 -2.86
C ARG A 408 -18.38 -0.06 -2.54
N GLN A 409 -19.38 -0.89 -2.23
CA GLN A 409 -19.13 -2.29 -1.93
C GLN A 409 -18.77 -3.11 -3.15
N ILE A 410 -18.98 -2.58 -4.35
CA ILE A 410 -18.69 -3.34 -5.59
C ILE A 410 -17.23 -3.03 -5.92
N ALA A 411 -16.34 -3.77 -5.30
CA ALA A 411 -14.90 -3.61 -5.48
C ALA A 411 -14.22 -4.89 -5.04
N PRO A 412 -13.00 -5.15 -5.51
CA PRO A 412 -12.36 -6.44 -5.23
C PRO A 412 -12.20 -6.74 -3.74
N GLY A 413 -11.95 -5.75 -2.90
CA GLY A 413 -11.65 -6.03 -1.51
C GLY A 413 -12.52 -5.32 -0.49
N GLN A 414 -13.80 -5.12 -0.80
CA GLN A 414 -14.71 -4.47 0.13
C GLN A 414 -15.57 -5.50 0.85
N THR A 415 -16.17 -5.06 1.96
CA THR A 415 -16.99 -5.92 2.80
C THR A 415 -18.29 -5.20 3.14
N GLY A 416 -19.29 -5.98 3.51
CA GLY A 416 -20.58 -5.44 3.89
C GLY A 416 -21.67 -6.46 3.56
N LYS A 417 -22.90 -5.96 3.50
CA LYS A 417 -24.03 -6.85 3.17
C LYS A 417 -23.91 -7.37 1.75
N ILE A 418 -23.68 -6.48 0.78
CA ILE A 418 -23.64 -6.90 -0.62
C ILE A 418 -22.44 -7.80 -0.88
N ALA A 419 -21.25 -7.38 -0.46
CA ALA A 419 -20.06 -8.17 -0.73
C ALA A 419 -20.14 -9.55 -0.10
N ASP A 420 -20.63 -9.63 1.14
CA ASP A 420 -20.64 -10.90 1.84
C ASP A 420 -21.77 -11.81 1.37
N TYR A 421 -22.95 -11.26 1.08
CA TYR A 421 -24.13 -12.10 0.93
C TYR A 421 -24.77 -12.07 -0.45
N ASN A 422 -24.50 -11.04 -1.26
CA ASN A 422 -25.20 -10.87 -2.53
C ASN A 422 -24.28 -11.03 -3.74
N TYR A 423 -23.23 -10.23 -3.83
CA TYR A 423 -22.35 -10.24 -4.99
C TYR A 423 -20.91 -10.07 -4.53
N LYS A 424 -20.07 -11.06 -4.79
CA LYS A 424 -18.68 -11.07 -4.34
C LYS A 424 -17.77 -10.94 -5.55
N LEU A 425 -16.81 -10.02 -5.46
CA LEU A 425 -15.78 -9.83 -6.48
C LEU A 425 -14.46 -10.38 -5.97
N PRO A 426 -13.77 -11.21 -6.75
CA PRO A 426 -12.49 -11.75 -6.29
C PRO A 426 -11.45 -10.66 -6.14
N ASP A 427 -10.52 -10.90 -5.20
CA ASP A 427 -9.47 -9.91 -4.94
C ASP A 427 -8.55 -9.70 -6.12
N ASP A 428 -8.50 -10.65 -7.05
CA ASP A 428 -7.70 -10.54 -8.27
C ASP A 428 -8.55 -10.13 -9.46
N PHE A 429 -9.53 -9.26 -9.23
CA PHE A 429 -10.44 -8.83 -10.29
C PHE A 429 -9.68 -8.10 -11.38
N THR A 430 -10.05 -8.39 -12.63
CA THR A 430 -9.49 -7.73 -13.81
C THR A 430 -10.68 -7.31 -14.66
N GLY A 431 -11.17 -6.11 -14.43
CA GLY A 431 -12.34 -5.63 -15.13
C GLY A 431 -12.70 -4.22 -14.72
N CYS A 432 -13.93 -3.84 -15.05
CA CYS A 432 -14.40 -2.49 -14.76
C CYS A 432 -15.82 -2.57 -14.22
N VAL A 433 -16.18 -1.60 -13.38
CA VAL A 433 -17.53 -1.48 -12.82
C VAL A 433 -18.13 -0.18 -13.33
N ILE A 434 -19.32 -0.26 -13.91
CA ILE A 434 -20.02 0.90 -14.47
C ILE A 434 -21.35 1.03 -13.76
N ALA A 435 -21.57 2.19 -13.13
CA ALA A 435 -22.80 2.46 -12.39
C ALA A 435 -23.29 3.85 -12.73
N TRP A 436 -24.61 4.03 -12.78
CA TRP A 436 -25.21 5.33 -13.02
C TRP A 436 -26.52 5.42 -12.27
N ASN A 437 -26.91 6.65 -11.94
CA ASN A 437 -28.13 6.89 -11.18
C ASN A 437 -29.34 6.73 -12.09
N SER A 438 -30.31 5.91 -11.66
CA SER A 438 -31.56 5.74 -12.38
C SER A 438 -32.69 5.90 -11.36
N ASN A 439 -33.09 7.14 -11.14
CA ASN A 439 -34.22 7.46 -10.27
C ASN A 439 -35.50 7.65 -11.06
N ASN A 440 -35.41 7.80 -12.38
CA ASN A 440 -36.56 8.01 -13.23
C ASN A 440 -37.13 6.73 -13.83
N LEU A 441 -36.56 5.57 -13.49
CA LEU A 441 -37.01 4.30 -14.05
C LEU A 441 -37.25 3.23 -13.00
N ASP A 442 -36.72 3.37 -11.78
CA ASP A 442 -36.84 2.34 -10.77
C ASP A 442 -37.48 2.85 -9.48
N SER A 443 -37.98 4.09 -9.48
CA SER A 443 -38.56 4.68 -8.25
C SER A 443 -39.76 5.56 -8.62
N LYS A 444 -40.44 5.24 -9.72
CA LYS A 444 -41.60 6.04 -10.16
C LYS A 444 -42.67 5.99 -9.07
N VAL A 445 -42.97 4.80 -8.55
CA VAL A 445 -43.98 4.64 -7.46
C VAL A 445 -43.66 3.42 -6.59
N GLY A 446 -43.52 3.62 -5.28
CA GLY A 446 -43.09 2.53 -4.38
C GLY A 446 -41.60 2.23 -4.53
N GLY A 447 -41.15 1.97 -5.77
CA GLY A 447 -39.72 1.73 -6.02
C GLY A 447 -39.33 0.30 -5.75
N ASN A 448 -40.19 -0.46 -5.06
CA ASN A 448 -39.91 -1.89 -4.79
C ASN A 448 -39.58 -2.57 -6.13
N TYR A 449 -40.52 -2.56 -7.07
CA TYR A 449 -40.27 -3.13 -8.42
C TYR A 449 -39.47 -4.43 -8.30
N ASN A 450 -39.85 -5.30 -7.35
CA ASN A 450 -39.15 -6.61 -7.20
C ASN A 450 -37.65 -6.40 -7.06
N TYR A 451 -37.23 -5.31 -6.41
CA TYR A 451 -35.79 -5.09 -6.15
C TYR A 451 -35.48 -5.60 -4.74
N LEU A 452 -34.95 -6.82 -4.63
CA LEU A 452 -34.72 -7.41 -3.28
C LEU A 452 -33.25 -7.72 -3.05
N TYR A 453 -32.85 -7.89 -1.78
CA TYR A 453 -31.49 -8.23 -1.44
C TYR A 453 -31.52 -9.18 -0.25
N ARG A 454 -30.35 -9.62 0.18
CA ARG A 454 -30.22 -10.66 1.20
C ARG A 454 -29.53 -10.07 2.42
N LEU A 455 -30.29 -9.84 3.49
CA LEU A 455 -29.71 -9.40 4.75
C LEU A 455 -28.98 -10.53 5.47
N PHE A 456 -29.59 -11.72 5.52
CA PHE A 456 -29.13 -12.80 6.36
C PHE A 456 -28.62 -13.96 5.53
N ARG A 457 -27.47 -14.49 5.92
CA ARG A 457 -26.93 -15.70 5.32
C ARG A 457 -26.03 -16.38 6.34
N LYS A 458 -25.91 -17.71 6.20
CA LYS A 458 -25.10 -18.49 7.13
C LYS A 458 -23.62 -18.10 7.05
N SER A 459 -23.10 -17.87 5.85
CA SER A 459 -21.69 -17.56 5.68
C SER A 459 -21.51 -16.72 4.43
N ASN A 460 -20.34 -16.09 4.33
CA ASN A 460 -20.04 -15.20 3.23
C ASN A 460 -19.98 -15.97 1.91
N LEU A 461 -20.14 -15.25 0.81
CA LEU A 461 -20.17 -15.86 -0.51
C LEU A 461 -18.74 -16.08 -1.03
N LYS A 462 -18.63 -17.03 -1.96
CA LYS A 462 -17.43 -17.20 -2.75
C LYS A 462 -17.46 -16.24 -3.93
N PRO A 463 -16.30 -15.93 -4.51
CA PRO A 463 -16.28 -15.02 -5.67
C PRO A 463 -17.14 -15.54 -6.81
N PHE A 464 -17.96 -14.65 -7.37
CA PHE A 464 -18.85 -14.96 -8.49
C PHE A 464 -19.74 -16.15 -8.19
N GLU A 465 -20.29 -16.20 -6.98
CA GLU A 465 -21.21 -17.26 -6.57
C GLU A 465 -22.58 -16.66 -6.29
N ARG A 466 -23.61 -17.31 -6.83
CA ARG A 466 -24.98 -16.90 -6.60
C ARG A 466 -25.63 -17.79 -5.55
N ASP A 467 -26.61 -17.23 -4.84
CA ASP A 467 -27.26 -17.96 -3.76
C ASP A 467 -28.72 -17.50 -3.69
N ILE A 468 -29.61 -18.26 -4.33
CA ILE A 468 -31.05 -18.00 -4.27
C ILE A 468 -31.67 -19.09 -3.42
N SER A 469 -32.44 -18.68 -2.41
CA SER A 469 -33.00 -19.63 -1.45
C SER A 469 -34.17 -18.97 -0.74
N THR A 470 -35.27 -19.71 -0.59
CA THR A 470 -36.40 -19.29 0.22
C THR A 470 -36.31 -19.83 1.64
N GLU A 471 -35.19 -20.47 2.01
CA GLU A 471 -35.03 -21.04 3.34
C GLU A 471 -35.03 -19.93 4.39
N ILE A 472 -35.59 -20.26 5.55
CA ILE A 472 -35.79 -19.28 6.62
C ILE A 472 -34.54 -19.26 7.51
N TYR A 473 -34.02 -18.06 7.73
CA TYR A 473 -32.82 -17.87 8.53
C TYR A 473 -33.20 -17.69 9.98
N GLN A 474 -32.35 -18.20 10.87
CA GLN A 474 -32.61 -18.23 12.31
C GLN A 474 -31.62 -17.29 13.00
N ALA A 475 -32.00 -16.02 13.12
CA ALA A 475 -31.17 -15.02 13.78
C ALA A 475 -31.65 -14.82 15.21
N GLY A 476 -31.32 -15.79 16.05
CA GLY A 476 -31.72 -15.73 17.44
C GLY A 476 -31.34 -16.99 18.18
N SER A 477 -31.86 -17.11 19.40
CA SER A 477 -31.53 -18.25 20.25
C SER A 477 -32.36 -19.48 19.90
N THR A 478 -33.68 -19.31 19.83
CA THR A 478 -34.57 -20.45 19.64
C THR A 478 -34.40 -21.08 18.26
N PRO A 479 -34.15 -22.38 18.21
CA PRO A 479 -34.11 -23.08 16.91
C PRO A 479 -35.50 -23.44 16.43
N CYS A 480 -36.17 -22.51 15.75
CA CYS A 480 -37.55 -22.76 15.32
C CYS A 480 -37.62 -23.94 14.37
N ASN A 481 -36.66 -24.03 13.44
CA ASN A 481 -36.56 -25.15 12.51
C ASN A 481 -37.84 -25.34 11.69
N GLY A 482 -38.56 -24.23 11.48
CA GLY A 482 -39.81 -24.27 10.70
C GLY A 482 -39.81 -23.21 9.61
N VAL A 483 -40.69 -22.20 9.75
CA VAL A 483 -40.75 -21.10 8.75
C VAL A 483 -41.02 -19.82 9.55
N GLU A 484 -40.28 -18.75 9.28
CA GLU A 484 -40.53 -17.47 9.94
C GLU A 484 -40.46 -17.36 11.47
N GLY A 485 -41.58 -16.92 12.08
CA GLY A 485 -41.67 -16.85 13.55
C GLY A 485 -40.70 -15.86 14.19
N PHE A 486 -40.67 -15.83 15.52
CA PHE A 486 -39.71 -14.95 16.24
C PHE A 486 -38.30 -15.48 15.99
N ASN A 487 -37.30 -14.59 15.96
CA ASN A 487 -35.89 -15.02 15.78
C ASN A 487 -35.75 -15.88 14.52
N CYS A 488 -36.75 -15.89 13.65
CA CYS A 488 -36.62 -16.64 12.40
C CYS A 488 -37.20 -15.78 11.30
N TYR A 489 -36.35 -15.36 10.36
CA TYR A 489 -36.70 -14.32 9.41
C TYR A 489 -36.50 -14.81 7.98
N PHE A 490 -37.21 -14.17 7.06
CA PHE A 490 -37.02 -14.40 5.64
C PHE A 490 -35.86 -13.56 5.14
N PRO A 491 -34.80 -14.17 4.60
CA PRO A 491 -33.61 -13.37 4.25
C PRO A 491 -33.87 -12.31 3.18
N LEU A 492 -34.78 -12.55 2.26
CA LEU A 492 -34.96 -11.66 1.10
C LEU A 492 -35.76 -10.44 1.54
N GLN A 493 -35.08 -9.30 1.66
CA GLN A 493 -35.70 -8.04 2.03
C GLN A 493 -35.72 -7.12 0.82
N SER A 494 -36.86 -6.47 0.59
CA SER A 494 -37.04 -5.66 -0.61
C SER A 494 -36.52 -4.24 -0.38
N TYR A 495 -36.08 -3.62 -1.47
CA TYR A 495 -35.64 -2.23 -1.42
C TYR A 495 -36.85 -1.30 -1.45
N GLY A 496 -36.90 -0.37 -0.52
CA GLY A 496 -37.94 0.64 -0.54
C GLY A 496 -37.47 1.90 -1.25
N PHE A 497 -37.82 2.04 -2.53
CA PHE A 497 -37.37 3.15 -3.34
C PHE A 497 -38.49 4.19 -3.47
N GLN A 498 -38.71 4.92 -2.40
CA GLN A 498 -39.68 6.00 -2.40
C GLN A 498 -39.25 7.06 -3.40
N PRO A 499 -40.18 7.61 -4.19
CA PRO A 499 -39.80 8.64 -5.18
C PRO A 499 -39.14 9.83 -4.52
N THR A 500 -37.91 10.10 -4.95
CA THR A 500 -37.10 11.22 -4.44
C THR A 500 -36.99 11.17 -2.92
N ASN A 501 -36.37 10.09 -2.43
CA ASN A 501 -36.13 9.90 -1.01
C ASN A 501 -34.74 10.37 -0.59
N GLY A 502 -34.18 11.34 -1.30
CA GLY A 502 -32.85 11.83 -0.99
C GLY A 502 -31.76 11.08 -1.72
N VAL A 503 -30.77 11.81 -2.23
CA VAL A 503 -29.67 11.17 -2.94
C VAL A 503 -28.90 10.26 -1.97
N GLY A 504 -28.47 9.12 -2.48
CA GLY A 504 -27.82 8.10 -1.68
C GLY A 504 -28.71 6.93 -1.32
N TYR A 505 -30.03 7.11 -1.40
CA TYR A 505 -30.97 6.02 -1.27
C TYR A 505 -31.68 5.70 -2.57
N GLN A 506 -31.42 6.46 -3.63
CA GLN A 506 -32.04 6.28 -4.92
C GLN A 506 -31.45 5.06 -5.63
N PRO A 507 -32.22 4.40 -6.49
CA PRO A 507 -31.71 3.21 -7.17
C PRO A 507 -30.53 3.54 -8.06
N TYR A 508 -29.55 2.64 -8.06
CA TYR A 508 -28.36 2.77 -8.90
C TYR A 508 -28.22 1.49 -9.71
N ARG A 509 -28.20 1.63 -11.03
CA ARG A 509 -28.01 0.49 -11.91
C ARG A 509 -26.52 0.28 -12.16
N VAL A 510 -26.06 -0.95 -11.92
CA VAL A 510 -24.64 -1.28 -11.98
C VAL A 510 -24.43 -2.38 -13.01
N VAL A 511 -23.45 -2.19 -13.88
CA VAL A 511 -23.05 -3.20 -14.87
C VAL A 511 -21.55 -3.38 -14.74
N VAL A 512 -21.12 -4.59 -14.38
CA VAL A 512 -19.71 -4.90 -14.14
C VAL A 512 -19.24 -5.87 -15.22
N LEU A 513 -18.08 -5.58 -15.80
CA LEU A 513 -17.49 -6.39 -16.86
C LEU A 513 -16.25 -7.08 -16.33
N SER A 514 -16.14 -8.38 -16.56
CA SER A 514 -14.99 -9.18 -16.14
C SER A 514 -14.27 -9.70 -17.37
N PHE A 515 -12.97 -9.44 -17.46
CA PHE A 515 -12.17 -9.78 -18.62
C PHE A 515 -11.38 -11.05 -18.33
N GLU A 516 -11.67 -12.11 -19.07
CA GLU A 516 -10.94 -13.36 -18.95
C GLU A 516 -9.64 -13.29 -19.73
N LEU A 517 -8.61 -13.94 -19.19
CA LEU A 517 -7.28 -13.91 -19.77
C LEU A 517 -6.62 -15.28 -19.60
N LEU A 518 -5.58 -15.52 -20.39
CA LEU A 518 -4.79 -16.74 -20.33
C LEU A 518 -5.66 -17.98 -20.57
N HIS A 519 -6.20 -18.06 -21.77
CA HIS A 519 -7.09 -19.14 -22.17
C HIS A 519 -6.90 -19.39 -23.67
N ALA A 520 -7.87 -20.03 -24.29
CA ALA A 520 -7.91 -20.29 -25.73
C ALA A 520 -7.72 -18.98 -26.50
N PRO A 521 -7.40 -19.03 -27.80
CA PRO A 521 -7.17 -17.80 -28.56
C PRO A 521 -8.28 -16.79 -28.36
N ALA A 522 -7.88 -15.53 -28.17
CA ALA A 522 -8.81 -14.47 -27.81
C ALA A 522 -9.87 -14.28 -28.87
N THR A 523 -11.11 -14.06 -28.42
CA THR A 523 -12.24 -13.83 -29.31
C THR A 523 -12.82 -12.43 -29.21
N VAL A 524 -12.58 -11.71 -28.12
CA VAL A 524 -13.04 -10.34 -27.95
C VAL A 524 -11.81 -9.43 -28.04
N CYS A 525 -11.78 -8.58 -29.06
CA CYS A 525 -10.63 -7.74 -29.32
C CYS A 525 -11.09 -6.33 -29.64
N GLY A 526 -10.18 -5.38 -29.46
CA GLY A 526 -10.48 -3.98 -29.70
C GLY A 526 -10.48 -3.65 -31.17
N PRO A 527 -10.96 -2.45 -31.49
CA PRO A 527 -11.04 -2.00 -32.90
C PRO A 527 -9.69 -1.50 -33.44
N LYS A 528 -8.87 -2.46 -33.85
CA LYS A 528 -7.55 -2.17 -34.41
C LYS A 528 -7.46 -2.71 -35.82
N LYS A 529 -6.83 -1.93 -36.70
CA LYS A 529 -6.66 -2.33 -38.10
C LYS A 529 -5.33 -3.06 -38.24
N SER A 530 -5.40 -4.34 -38.60
CA SER A 530 -4.20 -5.14 -38.76
C SER A 530 -3.39 -4.68 -39.96
N THR A 531 -2.07 -4.76 -39.83
CA THR A 531 -1.14 -4.36 -40.86
C THR A 531 -0.52 -5.58 -41.52
N ASN A 532 0.40 -5.32 -42.45
CA ASN A 532 1.03 -6.40 -43.20
C ASN A 532 2.03 -7.16 -42.33
N LEU A 533 2.44 -8.31 -42.83
CA LEU A 533 3.41 -9.18 -42.16
C LEU A 533 4.80 -8.90 -42.70
N VAL A 534 5.75 -8.65 -41.81
CA VAL A 534 7.13 -8.37 -42.17
C VAL A 534 8.03 -9.42 -41.53
N LYS A 535 8.86 -10.05 -42.35
CA LYS A 535 9.73 -11.13 -41.90
C LYS A 535 11.19 -10.79 -42.19
N ASN A 536 12.07 -11.48 -41.47
CA ASN A 536 13.53 -11.30 -41.61
C ASN A 536 13.95 -9.87 -41.29
N LYS A 537 13.25 -9.24 -40.36
CA LYS A 537 13.57 -7.88 -39.95
C LYS A 537 13.21 -7.70 -38.48
N CYS A 538 14.03 -6.95 -37.76
CA CYS A 538 13.78 -6.64 -36.36
C CYS A 538 12.60 -5.66 -36.29
N VAL A 539 11.42 -6.18 -35.94
CA VAL A 539 10.20 -5.38 -35.91
C VAL A 539 9.48 -5.63 -34.60
N ASN A 540 8.60 -4.69 -34.24
CA ASN A 540 7.75 -4.79 -33.07
C ASN A 540 6.43 -5.41 -33.50
N PHE A 541 6.20 -6.66 -33.10
CA PHE A 541 4.98 -7.38 -33.49
C PHE A 541 3.95 -7.29 -32.38
N ASN A 542 2.68 -7.36 -32.77
CA ASN A 542 1.55 -7.34 -31.84
C ASN A 542 0.55 -8.39 -32.32
N PHE A 543 0.71 -9.61 -31.84
CA PHE A 543 -0.15 -10.73 -32.24
C PHE A 543 -1.28 -10.82 -31.24
N ASN A 544 -2.38 -10.12 -31.54
CA ASN A 544 -3.64 -10.09 -30.80
C ASN A 544 -3.46 -10.22 -29.29
N GLY A 545 -2.67 -9.33 -28.71
CA GLY A 545 -2.44 -9.34 -27.29
C GLY A 545 -0.99 -9.59 -26.91
N LEU A 546 -0.35 -10.52 -27.61
CA LEU A 546 1.05 -10.84 -27.36
C LEU A 546 1.93 -9.78 -28.03
N THR A 547 2.65 -9.02 -27.22
CA THR A 547 3.51 -7.95 -27.71
C THR A 547 4.97 -8.29 -27.41
N GLY A 548 5.83 -8.07 -28.39
CA GLY A 548 7.25 -8.29 -28.22
C GLY A 548 8.02 -7.65 -29.35
N THR A 549 9.33 -7.74 -29.26
CA THR A 549 10.23 -7.22 -30.28
C THR A 549 11.17 -8.34 -30.71
N GLY A 550 11.29 -8.54 -32.01
CA GLY A 550 12.15 -9.58 -32.52
C GLY A 550 12.05 -9.67 -34.03
N VAL A 551 12.65 -10.74 -34.56
CA VAL A 551 12.67 -11.01 -35.99
C VAL A 551 11.87 -12.27 -36.24
N LEU A 552 10.98 -12.23 -37.23
CA LEU A 552 10.07 -13.33 -37.55
C LEU A 552 10.55 -14.04 -38.80
N THR A 553 10.68 -15.37 -38.71
CA THR A 553 11.10 -16.19 -39.83
C THR A 553 10.21 -17.42 -39.93
N GLU A 554 10.21 -18.04 -41.10
CA GLU A 554 9.44 -19.26 -41.31
C GLU A 554 9.99 -20.38 -40.43
N SER A 555 9.09 -21.13 -39.82
CA SER A 555 9.45 -22.18 -38.89
C SER A 555 8.97 -23.53 -39.37
N ASN A 556 9.73 -24.57 -39.03
CA ASN A 556 9.38 -25.94 -39.37
C ASN A 556 8.68 -26.66 -38.24
N LYS A 557 8.36 -25.98 -37.15
CA LYS A 557 7.67 -26.60 -36.02
C LYS A 557 6.31 -27.12 -36.45
N LYS A 558 5.98 -28.33 -36.01
CA LYS A 558 4.74 -28.99 -36.37
C LYS A 558 3.73 -28.84 -35.23
N PHE A 559 3.08 -27.68 -35.20
CA PHE A 559 1.98 -27.49 -34.25
C PHE A 559 0.81 -28.40 -34.59
N LEU A 560 0.24 -29.00 -33.56
CA LEU A 560 -1.03 -29.69 -33.73
C LEU A 560 -2.13 -28.66 -33.99
N PRO A 561 -3.21 -29.06 -34.67
CA PRO A 561 -4.21 -28.07 -35.11
C PRO A 561 -4.94 -27.34 -33.98
N PHE A 562 -4.57 -27.61 -32.73
CA PHE A 562 -5.19 -26.92 -31.60
C PHE A 562 -4.20 -26.12 -30.76
N GLN A 563 -2.94 -26.01 -31.18
CA GLN A 563 -1.94 -25.23 -30.46
C GLN A 563 -1.65 -23.94 -31.21
N GLN A 564 -1.67 -22.82 -30.50
CA GLN A 564 -1.40 -21.51 -31.07
C GLN A 564 -0.04 -20.96 -30.69
N PHE A 565 0.40 -21.17 -29.46
CA PHE A 565 1.65 -20.62 -28.97
C PHE A 565 2.74 -21.69 -29.00
N GLY A 566 3.91 -21.37 -28.45
CA GLY A 566 4.99 -22.32 -28.32
C GLY A 566 6.04 -21.80 -27.35
N ARG A 567 6.44 -22.64 -26.39
CA ARG A 567 7.38 -22.23 -25.35
C ARG A 567 8.66 -23.04 -25.47
N ASP A 568 9.78 -22.35 -25.58
CA ASP A 568 11.08 -22.99 -25.57
C ASP A 568 11.49 -23.27 -24.13
N ILE A 569 12.76 -23.62 -23.91
CA ILE A 569 13.26 -23.83 -22.57
C ILE A 569 13.15 -22.52 -21.78
N ALA A 570 13.19 -22.64 -20.45
CA ALA A 570 13.06 -21.51 -19.52
C ALA A 570 11.71 -20.80 -19.67
N ASP A 571 10.76 -21.43 -20.34
CA ASP A 571 9.40 -20.91 -20.50
C ASP A 571 9.41 -19.52 -21.15
N THR A 572 9.87 -19.49 -22.40
CA THR A 572 9.86 -18.29 -23.20
C THR A 572 9.10 -18.54 -24.50
N THR A 573 8.34 -17.55 -24.94
CA THR A 573 7.55 -17.68 -26.16
C THR A 573 8.44 -17.43 -27.37
N ASP A 574 8.70 -18.49 -28.14
CA ASP A 574 9.55 -18.39 -29.32
C ASP A 574 8.83 -18.65 -30.62
N ALA A 575 7.60 -19.15 -30.59
CA ALA A 575 6.82 -19.42 -31.79
C ALA A 575 5.41 -18.91 -31.60
N VAL A 576 4.80 -18.42 -32.69
CA VAL A 576 3.46 -17.85 -32.65
C VAL A 576 2.75 -18.20 -33.95
N ARG A 577 1.42 -18.17 -33.90
CA ARG A 577 0.58 -18.45 -35.06
C ARG A 577 -0.13 -17.18 -35.50
N ASP A 578 0.02 -16.83 -36.77
CA ASP A 578 -0.65 -15.64 -37.29
C ASP A 578 -2.16 -15.84 -37.25
N PRO A 579 -2.92 -14.89 -36.72
CA PRO A 579 -4.37 -15.08 -36.57
C PRO A 579 -5.20 -14.81 -37.82
N GLN A 580 -4.58 -14.69 -38.99
CA GLN A 580 -5.34 -14.47 -40.21
C GLN A 580 -5.00 -15.52 -41.26
N THR A 581 -3.75 -15.97 -41.28
CA THR A 581 -3.31 -16.97 -42.23
C THR A 581 -2.88 -18.28 -41.58
N LEU A 582 -3.01 -18.40 -40.25
CA LEU A 582 -2.65 -19.60 -39.51
C LEU A 582 -1.20 -20.01 -39.73
N GLU A 583 -0.36 -19.07 -40.17
CA GLU A 583 1.04 -19.37 -40.42
C GLU A 583 1.78 -19.59 -39.12
N ILE A 584 2.75 -20.50 -39.14
CA ILE A 584 3.57 -20.83 -37.98
C ILE A 584 4.85 -20.01 -38.10
N LEU A 585 4.97 -18.98 -37.27
CA LEU A 585 6.10 -18.07 -37.31
C LEU A 585 7.05 -18.34 -36.14
N ASP A 586 8.34 -18.13 -36.39
CA ASP A 586 9.36 -18.32 -35.36
C ASP A 586 9.85 -16.96 -34.89
N ILE A 587 9.89 -16.77 -33.57
CA ILE A 587 10.32 -15.52 -32.97
C ILE A 587 11.67 -15.74 -32.31
N THR A 588 12.65 -14.93 -32.69
CA THR A 588 13.96 -14.93 -32.08
C THR A 588 14.38 -13.50 -31.76
N PRO A 589 15.10 -13.29 -30.66
CA PRO A 589 15.47 -11.92 -30.29
C PRO A 589 16.44 -11.31 -31.28
N CYS A 590 16.36 -9.99 -31.41
CA CYS A 590 17.25 -9.26 -32.29
C CYS A 590 18.68 -9.28 -31.75
N SER A 591 19.63 -9.00 -32.63
CA SER A 591 21.03 -9.10 -32.28
C SER A 591 21.39 -8.07 -31.20
N PHE A 592 22.20 -8.50 -30.24
CA PHE A 592 22.64 -7.62 -29.16
C PHE A 592 23.94 -8.16 -28.60
N GLY A 593 24.64 -7.30 -27.86
CA GLY A 593 25.90 -7.67 -27.25
C GLY A 593 26.59 -6.50 -26.59
N GLY A 594 27.68 -6.77 -25.88
CA GLY A 594 28.44 -5.69 -25.26
C GLY A 594 29.54 -5.19 -26.17
N VAL A 595 29.89 -3.92 -25.98
CA VAL A 595 30.97 -3.30 -26.73
C VAL A 595 32.15 -3.09 -25.80
N SER A 596 33.36 -3.17 -26.36
CA SER A 596 34.58 -3.02 -25.60
C SER A 596 35.52 -2.10 -26.35
N VAL A 597 36.24 -1.27 -25.60
CA VAL A 597 37.17 -0.30 -26.15
C VAL A 597 38.58 -0.72 -25.80
N ILE A 598 39.44 -0.83 -26.80
CA ILE A 598 40.84 -1.20 -26.62
C ILE A 598 41.68 0.05 -26.74
N THR A 599 42.37 0.40 -25.65
CA THR A 599 43.12 1.64 -25.56
C THR A 599 44.58 1.36 -25.27
N PRO A 600 45.52 1.94 -26.01
CA PRO A 600 46.94 1.82 -25.68
C PRO A 600 47.43 2.80 -24.63
N GLY A 601 46.54 3.45 -23.90
CA GLY A 601 46.90 4.44 -22.91
C GLY A 601 46.56 5.85 -23.38
N THR A 602 46.21 6.70 -22.41
CA THR A 602 45.84 8.07 -22.74
C THR A 602 47.05 8.89 -23.18
N ASN A 603 48.15 8.81 -22.44
CA ASN A 603 49.31 9.64 -22.76
C ASN A 603 50.21 9.03 -23.80
N THR A 604 49.89 7.84 -24.32
CA THR A 604 50.63 7.26 -25.43
C THR A 604 49.95 7.53 -26.76
N SER A 605 48.61 7.51 -26.80
CA SER A 605 47.88 7.76 -28.02
C SER A 605 46.45 8.14 -27.65
N ASN A 606 45.67 8.50 -28.67
CA ASN A 606 44.27 8.87 -28.50
C ASN A 606 43.33 8.07 -29.38
N GLN A 607 43.84 7.17 -30.22
CA GLN A 607 43.01 6.33 -31.05
C GLN A 607 42.70 5.03 -30.34
N VAL A 608 41.52 4.48 -30.64
CA VAL A 608 41.04 3.26 -29.98
C VAL A 608 40.44 2.33 -31.03
N ALA A 609 40.33 1.06 -30.66
CA ALA A 609 39.62 0.06 -31.44
C ALA A 609 38.40 -0.41 -30.66
N VAL A 610 37.32 -0.67 -31.38
CA VAL A 610 36.04 -1.02 -30.77
C VAL A 610 35.71 -2.45 -31.16
N LEU A 611 35.38 -3.26 -30.16
CA LEU A 611 35.02 -4.66 -30.35
C LEU A 611 33.55 -4.86 -29.99
N TYR A 612 32.77 -5.39 -30.94
CA TYR A 612 31.36 -5.69 -30.72
C TYR A 612 31.24 -7.18 -30.42
N GLN A 613 31.19 -7.52 -29.14
CA GLN A 613 31.26 -8.91 -28.72
C GLN A 613 30.01 -9.67 -29.14
N ASP A 614 30.21 -10.86 -29.71
CA ASP A 614 29.12 -11.75 -30.12
C ASP A 614 28.17 -11.07 -31.09
N VAL A 615 28.73 -10.28 -32.01
CA VAL A 615 27.95 -9.60 -33.05
C VAL A 615 28.65 -9.82 -34.39
N ASN A 616 27.92 -10.39 -35.34
CA ASN A 616 28.45 -10.56 -36.69
C ASN A 616 28.67 -9.20 -37.34
N CYS A 617 29.68 -9.11 -38.20
CA CYS A 617 30.03 -7.83 -38.78
C CYS A 617 28.94 -7.25 -39.67
N THR A 618 27.97 -8.06 -40.09
CA THR A 618 26.89 -7.58 -40.95
C THR A 618 26.12 -6.43 -40.30
N GLU A 619 26.00 -6.43 -38.98
CA GLU A 619 25.42 -5.32 -38.25
C GLU A 619 26.50 -4.31 -37.90
N VAL A 620 26.17 -3.03 -38.01
CA VAL A 620 27.13 -1.96 -37.78
C VAL A 620 27.64 -1.99 -36.35
N SER A 640 37.63 2.15 -38.87
CA SER A 640 38.14 2.25 -40.24
C SER A 640 38.18 0.88 -40.91
N ASN A 641 39.01 -0.02 -40.37
CA ASN A 641 39.18 -1.36 -40.92
C ASN A 641 38.47 -2.37 -40.03
N VAL A 642 37.65 -3.21 -40.65
CA VAL A 642 36.88 -4.22 -39.93
C VAL A 642 37.53 -5.57 -40.13
N PHE A 643 37.68 -6.32 -39.05
CA PHE A 643 38.31 -7.63 -39.05
C PHE A 643 37.52 -8.55 -38.14
N GLN A 644 37.17 -9.73 -38.65
CA GLN A 644 36.32 -10.66 -37.92
C GLN A 644 37.18 -11.63 -37.12
N THR A 645 36.89 -11.74 -35.82
CA THR A 645 37.56 -12.69 -34.93
C THR A 645 36.52 -13.65 -34.36
N ARG A 646 36.95 -14.51 -33.44
CA ARG A 646 36.06 -15.48 -32.83
C ARG A 646 35.17 -14.88 -31.75
N ALA A 647 35.51 -13.69 -31.25
CA ALA A 647 34.70 -12.98 -30.25
C ALA A 647 34.24 -11.67 -30.88
N GLY A 648 33.15 -11.71 -31.63
CA GLY A 648 32.58 -10.47 -32.19
C GLY A 648 33.36 -9.86 -33.33
N CYS A 649 32.96 -8.66 -33.80
CA CYS A 649 33.63 -8.00 -34.94
C CYS A 649 34.52 -6.87 -34.41
N LEU A 650 35.68 -6.64 -35.02
CA LEU A 650 36.63 -5.59 -34.55
C LEU A 650 36.66 -4.43 -35.54
N ILE A 651 36.85 -3.20 -35.05
CA ILE A 651 36.85 -2.03 -35.92
C ILE A 651 37.93 -1.08 -35.43
N GLY A 652 38.81 -0.67 -36.34
CA GLY A 652 39.87 0.27 -36.03
C GLY A 652 41.24 -0.33 -35.80
N ALA A 653 41.38 -1.65 -35.93
CA ALA A 653 42.67 -2.32 -35.76
C ALA A 653 42.91 -3.22 -36.97
N GLU A 654 44.09 -3.08 -37.57
CA GLU A 654 44.44 -3.87 -38.73
C GLU A 654 45.01 -5.22 -38.33
N HIS A 655 44.86 -6.20 -39.22
CA HIS A 655 45.31 -7.56 -38.98
C HIS A 655 46.73 -7.74 -39.52
N VAL A 656 47.56 -8.43 -38.75
CA VAL A 656 48.95 -8.72 -39.13
C VAL A 656 49.17 -10.22 -39.04
N ASN A 657 49.93 -10.76 -39.99
CA ASN A 657 50.27 -12.17 -39.96
C ASN A 657 51.45 -12.47 -39.06
N ASN A 658 52.06 -11.46 -38.45
CA ASN A 658 53.15 -11.68 -37.52
C ASN A 658 52.61 -12.14 -36.17
N SER A 659 53.50 -12.65 -35.32
CA SER A 659 53.16 -13.12 -33.99
C SER A 659 54.04 -12.42 -32.98
N TYR A 660 53.43 -11.86 -31.94
CA TYR A 660 54.15 -11.19 -30.86
C TYR A 660 53.59 -11.66 -29.53
N GLU A 661 54.34 -11.37 -28.47
CA GLU A 661 53.86 -11.66 -27.12
C GLU A 661 52.60 -10.84 -26.83
N CYS A 662 51.66 -11.45 -26.12
CA CYS A 662 50.37 -10.80 -25.89
C CYS A 662 50.55 -9.55 -25.05
N ASP A 663 49.91 -8.45 -25.48
CA ASP A 663 49.93 -7.19 -24.77
C ASP A 663 48.56 -6.83 -24.21
N ILE A 664 47.54 -6.78 -25.07
CA ILE A 664 46.17 -6.56 -24.65
C ILE A 664 45.34 -7.73 -25.12
N PRO A 665 44.96 -8.64 -24.22
CA PRO A 665 44.29 -9.89 -24.63
C PRO A 665 42.84 -9.65 -24.99
N ILE A 666 42.51 -9.87 -26.26
CA ILE A 666 41.12 -9.73 -26.70
C ILE A 666 40.33 -10.99 -26.39
N GLY A 667 40.79 -12.13 -26.88
CA GLY A 667 40.12 -13.39 -26.63
C GLY A 667 40.37 -14.38 -27.74
N ALA A 668 40.17 -15.65 -27.40
CA ALA A 668 40.34 -16.76 -28.36
C ALA A 668 41.75 -16.79 -28.93
N GLY A 669 42.73 -16.45 -28.12
CA GLY A 669 44.10 -16.46 -28.56
C GLY A 669 44.53 -15.29 -29.41
N ILE A 670 43.73 -14.21 -29.43
CA ILE A 670 44.00 -13.04 -30.26
C ILE A 670 44.22 -11.85 -29.34
N CYS A 671 45.32 -11.14 -29.57
CA CYS A 671 45.69 -9.98 -28.77
C CYS A 671 45.81 -8.76 -29.66
N ALA A 672 45.97 -7.60 -29.02
CA ALA A 672 46.12 -6.33 -29.73
C ALA A 672 47.23 -5.53 -29.06
N SER A 673 47.88 -4.66 -29.84
CA SER A 673 48.99 -3.88 -29.33
C SER A 673 49.16 -2.62 -30.19
N TYR A 674 50.05 -1.74 -29.73
CA TYR A 674 50.34 -0.48 -30.39
C TYR A 674 51.75 -0.54 -30.94
N GLN A 675 51.88 -0.70 -32.26
CA GLN A 675 53.18 -0.81 -32.91
C GLN A 675 53.20 0.08 -34.14
N THR A 676 54.41 0.46 -34.54
CA THR A 676 54.61 1.31 -35.71
C THR A 676 54.21 0.58 -36.99
N GLN A 690 52.28 3.58 -34.06
CA GLN A 690 51.65 4.40 -35.08
C GLN A 690 50.22 3.95 -35.36
N SER A 691 49.92 2.70 -35.03
CA SER A 691 48.60 2.14 -35.29
C SER A 691 48.37 0.94 -34.38
N ILE A 692 47.10 0.54 -34.28
CA ILE A 692 46.70 -0.60 -33.48
C ILE A 692 46.65 -1.83 -34.38
N ILE A 693 47.27 -2.92 -33.95
CA ILE A 693 47.36 -4.14 -34.73
C ILE A 693 46.79 -5.29 -33.91
N ALA A 694 46.06 -6.19 -34.59
CA ALA A 694 45.50 -7.38 -33.97
C ALA A 694 46.14 -8.61 -34.59
N TYR A 695 46.66 -9.50 -33.74
CA TYR A 695 47.42 -10.65 -34.19
C TYR A 695 47.06 -11.86 -33.33
N THR A 696 47.66 -12.99 -33.67
CA THR A 696 47.57 -14.20 -32.86
C THR A 696 48.82 -14.29 -32.00
N MET A 697 48.63 -14.37 -30.68
CA MET A 697 49.75 -14.28 -29.76
C MET A 697 50.70 -15.45 -29.93
N SER A 698 51.97 -15.20 -29.63
CA SER A 698 53.02 -16.21 -29.74
C SER A 698 53.28 -16.79 -28.35
N LEU A 699 53.18 -18.12 -28.25
CA LEU A 699 53.42 -18.79 -26.97
C LEU A 699 54.88 -18.63 -26.54
N GLY A 700 55.80 -18.72 -27.48
CA GLY A 700 57.20 -18.56 -27.17
C GLY A 700 58.07 -18.93 -28.35
N ALA A 701 59.35 -19.14 -28.06
CA ALA A 701 60.30 -19.53 -29.09
C ALA A 701 60.03 -20.97 -29.53
N GLU A 702 60.86 -21.46 -30.44
CA GLU A 702 60.71 -22.83 -30.93
C GLU A 702 61.97 -23.63 -30.70
N ASN A 703 62.53 -23.52 -29.49
CA ASN A 703 63.74 -24.25 -29.15
C ASN A 703 63.51 -25.75 -29.25
N SER A 704 64.43 -26.44 -29.91
CA SER A 704 64.39 -27.90 -30.04
C SER A 704 65.71 -28.44 -29.48
N VAL A 705 65.62 -29.14 -28.34
CA VAL A 705 66.80 -29.70 -27.71
C VAL A 705 67.38 -30.80 -28.59
N ALA A 706 68.70 -30.80 -28.75
CA ALA A 706 69.39 -31.77 -29.60
C ALA A 706 69.63 -33.05 -28.81
N TYR A 707 68.54 -33.74 -28.52
CA TYR A 707 68.61 -34.98 -27.75
C TYR A 707 69.26 -36.09 -28.56
N SER A 708 70.21 -36.77 -27.93
CA SER A 708 70.86 -37.94 -28.51
C SER A 708 71.04 -38.98 -27.41
N ASN A 709 71.10 -40.24 -27.82
CA ASN A 709 71.12 -41.33 -26.86
C ASN A 709 72.49 -41.52 -26.21
N ASN A 710 73.50 -40.76 -26.61
CA ASN A 710 74.83 -40.92 -26.00
C ASN A 710 75.51 -39.59 -25.73
N SER A 711 74.82 -38.46 -25.80
CA SER A 711 75.42 -37.15 -25.57
C SER A 711 74.65 -36.40 -24.50
N ILE A 712 75.39 -35.74 -23.61
CA ILE A 712 74.81 -34.90 -22.57
C ILE A 712 75.52 -33.56 -22.55
N ALA A 713 74.85 -32.58 -21.94
CA ALA A 713 75.38 -31.23 -21.80
C ALA A 713 75.55 -30.93 -20.32
N ILE A 714 76.70 -30.38 -19.95
CA ILE A 714 77.01 -30.10 -18.56
C ILE A 714 77.46 -28.65 -18.42
N PRO A 715 76.90 -27.89 -17.48
CA PRO A 715 77.30 -26.48 -17.34
C PRO A 715 78.75 -26.34 -16.89
N THR A 716 79.36 -25.23 -17.31
CA THR A 716 80.73 -24.92 -16.95
C THR A 716 80.86 -23.65 -16.12
N ASN A 717 79.77 -22.91 -15.90
CA ASN A 717 79.80 -21.67 -15.15
C ASN A 717 78.40 -21.42 -14.59
N PHE A 718 78.33 -20.54 -13.60
CA PHE A 718 77.06 -20.24 -12.96
C PHE A 718 76.88 -18.73 -12.82
N THR A 719 75.63 -18.31 -12.77
CA THR A 719 75.27 -16.89 -12.61
C THR A 719 74.17 -16.82 -11.55
N ILE A 720 74.57 -16.69 -10.29
CA ILE A 720 73.59 -16.64 -9.22
C ILE A 720 72.71 -15.41 -9.40
N SER A 721 71.42 -15.56 -9.14
CA SER A 721 70.43 -14.54 -9.43
C SER A 721 69.56 -14.29 -8.20
N VAL A 722 69.10 -13.05 -8.07
CA VAL A 722 68.22 -12.63 -6.99
C VAL A 722 66.92 -12.14 -7.61
N THR A 723 65.80 -12.69 -7.18
CA THR A 723 64.48 -12.29 -7.63
C THR A 723 63.63 -11.89 -6.42
N THR A 724 62.44 -11.39 -6.72
CA THR A 724 61.51 -10.93 -5.68
C THR A 724 60.17 -11.63 -5.85
N GLU A 725 59.45 -11.73 -4.74
CA GLU A 725 58.08 -12.22 -4.77
C GLU A 725 57.29 -11.49 -3.69
N ILE A 726 56.23 -10.81 -4.09
CA ILE A 726 55.46 -9.92 -3.22
C ILE A 726 54.12 -10.57 -2.91
N LEU A 727 53.80 -10.68 -1.63
CA LEU A 727 52.59 -11.36 -1.17
C LEU A 727 51.88 -10.48 -0.15
N PRO A 728 50.66 -10.03 -0.43
CA PRO A 728 49.89 -9.34 0.61
C PRO A 728 49.52 -10.27 1.75
N VAL A 729 49.45 -9.71 2.96
CA VAL A 729 49.15 -10.51 4.14
C VAL A 729 47.95 -10.00 4.93
N SER A 730 47.59 -8.72 4.87
CA SER A 730 46.50 -8.23 5.69
C SER A 730 45.83 -7.05 5.01
N MET A 731 44.60 -6.78 5.42
CA MET A 731 43.79 -5.67 4.94
C MET A 731 43.70 -4.59 6.02
N THR A 732 43.02 -3.50 5.70
CA THR A 732 42.76 -2.44 6.66
C THR A 732 41.62 -2.85 7.58
N LYS A 733 41.82 -2.67 8.88
CA LYS A 733 40.83 -3.05 9.87
C LYS A 733 39.75 -1.99 9.93
N THR A 734 38.62 -2.24 9.28
CA THR A 734 37.51 -1.29 9.25
C THR A 734 36.27 -1.94 9.83
N SER A 735 35.56 -1.19 10.68
CA SER A 735 34.30 -1.63 11.27
C SER A 735 33.26 -0.55 11.07
N VAL A 736 32.10 -0.93 10.56
CA VAL A 736 31.03 0.00 10.22
C VAL A 736 29.87 -0.23 11.17
N ASP A 737 29.41 0.84 11.81
CA ASP A 737 28.26 0.76 12.71
C ASP A 737 26.98 0.65 11.89
N CYS A 738 26.19 -0.37 12.20
CA CYS A 738 24.95 -0.60 11.44
C CYS A 738 23.93 0.49 11.73
N THR A 739 23.69 0.78 13.01
CA THR A 739 22.63 1.72 13.37
C THR A 739 22.92 3.12 12.87
N MET A 740 24.16 3.60 13.06
CA MET A 740 24.50 4.94 12.61
C MET A 740 24.54 5.03 11.10
N TYR A 741 24.88 3.93 10.42
CA TYR A 741 24.85 3.94 8.96
C TYR A 741 23.43 4.02 8.44
N ILE A 742 22.52 3.21 8.99
CA ILE A 742 21.15 3.18 8.47
C ILE A 742 20.38 4.41 8.92
N CYS A 743 20.46 4.75 10.21
CA CYS A 743 19.66 5.82 10.78
C CYS A 743 20.47 7.03 11.23
N GLY A 744 21.61 6.82 11.88
CA GLY A 744 22.44 7.90 12.36
C GLY A 744 22.04 8.43 13.73
N ASP A 745 20.99 9.24 13.78
CA ASP A 745 20.52 9.76 15.05
C ASP A 745 19.01 9.79 15.21
N SER A 746 18.24 9.38 14.20
CA SER A 746 16.79 9.38 14.32
C SER A 746 16.33 8.24 15.21
N THR A 747 15.60 8.57 16.27
CA THR A 747 15.08 7.53 17.15
C THR A 747 13.92 6.77 16.53
N GLU A 748 13.11 7.44 15.71
CA GLU A 748 12.05 6.75 15.00
C GLU A 748 12.61 5.71 14.03
N CYS A 749 13.67 6.07 13.30
CA CYS A 749 14.30 5.11 12.40
C CYS A 749 14.87 3.93 13.18
N SER A 750 15.47 4.20 14.34
CA SER A 750 16.00 3.11 15.15
C SER A 750 14.88 2.19 15.64
N ASN A 751 13.77 2.76 16.09
CA ASN A 751 12.66 1.95 16.57
C ASN A 751 12.06 1.12 15.44
N LEU A 752 12.05 1.67 14.22
CA LEU A 752 11.65 0.87 13.06
C LEU A 752 12.67 -0.24 12.79
N LEU A 753 13.95 0.04 13.01
CA LEU A 753 15.00 -0.94 12.74
C LEU A 753 14.95 -2.11 13.70
N LEU A 754 14.58 -1.87 14.97
CA LEU A 754 14.42 -2.98 15.90
C LEU A 754 13.40 -4.01 15.43
N GLN A 755 12.42 -3.61 14.62
CA GLN A 755 11.41 -4.54 14.13
C GLN A 755 11.98 -5.56 13.14
N TYR A 756 13.16 -5.30 12.58
CA TYR A 756 13.74 -6.19 11.58
C TYR A 756 14.50 -7.36 12.18
N GLY A 757 14.73 -7.38 13.49
CA GLY A 757 15.39 -8.50 14.11
C GLY A 757 16.77 -8.17 14.64
N SER A 758 17.77 -8.98 14.27
CA SER A 758 19.13 -8.85 14.78
C SER A 758 20.14 -8.93 13.64
N PHE A 759 19.90 -8.18 12.57
CA PHE A 759 20.83 -8.18 11.45
C PHE A 759 22.10 -7.40 11.78
N CYS A 760 21.94 -6.25 12.46
CA CYS A 760 23.07 -5.38 12.73
C CYS A 760 24.09 -6.05 13.64
N THR A 761 23.61 -6.83 14.62
CA THR A 761 24.53 -7.56 15.48
C THR A 761 25.35 -8.56 14.68
N GLN A 762 24.72 -9.26 13.74
CA GLN A 762 25.46 -10.20 12.91
C GLN A 762 26.50 -9.50 12.06
N LEU A 763 26.14 -8.35 11.47
CA LEU A 763 27.11 -7.63 10.65
C LEU A 763 28.30 -7.13 11.47
N ASN A 764 28.03 -6.60 12.65
CA ASN A 764 29.12 -6.15 13.52
C ASN A 764 30.01 -7.32 13.94
N ARG A 765 29.40 -8.47 14.24
CA ARG A 765 30.17 -9.65 14.61
C ARG A 765 31.08 -10.09 13.46
N ALA A 766 30.56 -10.06 12.23
CA ALA A 766 31.37 -10.45 11.08
C ALA A 766 32.54 -9.50 10.88
N LEU A 767 32.29 -8.19 10.99
CA LEU A 767 33.39 -7.23 10.80
C LEU A 767 34.44 -7.37 11.89
N THR A 768 34.02 -7.59 13.13
CA THR A 768 34.97 -7.82 14.21
C THR A 768 35.81 -9.06 13.95
N GLY A 769 35.17 -10.14 13.48
CA GLY A 769 35.92 -11.33 13.13
C GLY A 769 36.95 -11.08 12.05
N ILE A 770 36.58 -10.29 11.04
CA ILE A 770 37.51 -9.98 9.96
C ILE A 770 38.72 -9.21 10.49
N ALA A 771 38.48 -8.22 11.36
CA ALA A 771 39.59 -7.44 11.90
C ALA A 771 40.55 -8.31 12.72
N VAL A 772 39.99 -9.15 13.59
CA VAL A 772 40.83 -10.04 14.39
C VAL A 772 41.60 -11.00 13.47
N GLU A 773 40.96 -11.45 12.38
CA GLU A 773 41.63 -12.32 11.44
C GLU A 773 42.82 -11.63 10.79
N GLN A 774 42.67 -10.34 10.45
CA GLN A 774 43.80 -9.61 9.85
C GLN A 774 44.96 -9.51 10.83
N ASP A 775 44.66 -9.22 12.09
CA ASP A 775 45.73 -9.17 13.09
C ASP A 775 46.43 -10.51 13.21
N LYS A 776 45.65 -11.60 13.24
CA LYS A 776 46.24 -12.94 13.33
C LYS A 776 47.10 -13.26 12.12
N ASN A 777 46.65 -12.84 10.92
CA ASN A 777 47.44 -13.06 9.71
C ASN A 777 48.80 -12.41 9.81
N THR A 778 48.82 -11.12 10.19
CA THR A 778 50.11 -10.43 10.31
C THR A 778 51.00 -11.09 11.35
N GLN A 779 50.43 -11.44 12.51
CA GLN A 779 51.22 -12.07 13.57
C GLN A 779 51.80 -13.41 13.12
N GLU A 780 51.00 -14.23 12.44
CA GLU A 780 51.49 -15.52 11.98
C GLU A 780 52.59 -15.36 10.94
N VAL A 781 52.44 -14.41 10.02
CA VAL A 781 53.45 -14.24 8.98
C VAL A 781 54.77 -13.77 9.58
N PHE A 782 54.73 -12.78 10.46
CA PHE A 782 55.98 -12.14 10.89
C PHE A 782 56.50 -12.65 12.23
N ALA A 783 55.64 -12.79 13.23
CA ALA A 783 56.08 -13.19 14.58
C ALA A 783 56.40 -14.68 14.56
N GLN A 784 57.60 -14.99 14.09
CA GLN A 784 58.10 -16.36 14.05
C GLN A 784 59.43 -16.54 14.77
N VAL A 785 60.02 -15.48 15.29
CA VAL A 785 61.37 -15.53 15.85
C VAL A 785 61.27 -15.42 17.37
N LYS A 786 62.02 -16.26 18.07
CA LYS A 786 61.95 -16.29 19.53
C LYS A 786 62.61 -15.06 20.13
N GLN A 787 63.80 -14.71 19.66
CA GLN A 787 64.58 -13.60 20.22
C GLN A 787 64.93 -12.62 19.11
N ILE A 788 64.97 -11.34 19.46
CA ILE A 788 65.30 -10.30 18.49
C ILE A 788 66.81 -10.29 18.31
N TYR A 789 67.29 -10.99 17.28
CA TYR A 789 68.71 -11.05 17.01
C TYR A 789 69.20 -9.72 16.48
N LYS A 790 70.52 -9.54 16.51
CA LYS A 790 71.15 -8.30 16.06
C LYS A 790 72.44 -8.61 15.34
N THR A 791 72.65 -7.96 14.19
CA THR A 791 73.86 -8.18 13.42
C THR A 791 75.07 -7.60 14.14
N PRO A 792 76.18 -8.32 14.18
CA PRO A 792 77.37 -7.80 14.85
C PRO A 792 77.87 -6.54 14.16
N PRO A 793 78.51 -5.63 14.90
CA PRO A 793 78.95 -4.37 14.27
C PRO A 793 79.95 -4.57 13.13
N ILE A 794 80.78 -5.60 13.20
CA ILE A 794 81.73 -5.89 12.13
C ILE A 794 81.01 -6.62 11.00
N LYS A 795 81.28 -6.21 9.77
CA LYS A 795 80.59 -6.73 8.59
C LYS A 795 81.50 -7.60 7.72
N ASP A 796 82.34 -8.42 8.35
CA ASP A 796 83.24 -9.32 7.62
C ASP A 796 82.47 -10.58 7.21
N PHE A 797 81.59 -10.41 6.21
CA PHE A 797 80.76 -11.48 5.70
C PHE A 797 81.37 -12.19 4.50
N GLY A 798 82.68 -12.19 4.38
CA GLY A 798 83.33 -12.89 3.28
C GLY A 798 83.03 -12.31 1.91
N GLY A 799 83.01 -10.99 1.79
CA GLY A 799 82.82 -10.34 0.51
C GLY A 799 81.39 -10.04 0.13
N PHE A 800 80.41 -10.55 0.87
CA PHE A 800 79.01 -10.27 0.60
C PHE A 800 78.60 -8.98 1.28
N ASN A 801 77.82 -8.17 0.57
CA ASN A 801 77.44 -6.84 1.02
C ASN A 801 75.92 -6.84 1.27
N PHE A 802 75.54 -6.69 2.54
CA PHE A 802 74.14 -6.70 2.94
C PHE A 802 73.67 -5.31 3.40
N SER A 803 74.37 -4.25 2.99
CA SER A 803 74.01 -2.92 3.46
C SER A 803 72.68 -2.46 2.91
N GLN A 804 72.30 -2.93 1.73
CA GLN A 804 71.03 -2.48 1.13
C GLN A 804 69.83 -3.03 1.88
N ILE A 805 69.94 -4.21 2.47
CA ILE A 805 68.82 -4.86 3.13
C ILE A 805 68.87 -4.73 4.65
N LEU A 806 70.04 -4.57 5.24
CA LEU A 806 70.13 -4.44 6.69
C LEU A 806 69.64 -3.05 7.11
N PRO A 807 69.13 -2.92 8.34
CA PRO A 807 68.63 -1.61 8.79
C PRO A 807 69.75 -0.60 8.95
N ASP A 808 69.39 0.67 8.83
CA ASP A 808 70.32 1.77 8.98
C ASP A 808 69.87 2.65 10.15
N PRO A 809 70.76 2.96 11.10
CA PRO A 809 70.35 3.79 12.24
C PRO A 809 69.86 5.17 11.85
N SER A 810 70.43 5.78 10.81
CA SER A 810 70.01 7.11 10.40
C SER A 810 68.60 7.10 9.83
N LYS A 811 68.22 6.05 9.13
CA LYS A 811 66.90 5.94 8.55
C LYS A 811 65.86 5.72 9.65
N PRO A 812 64.59 6.11 9.39
CA PRO A 812 63.54 5.96 10.41
C PRO A 812 63.42 4.55 10.96
N SER A 813 63.67 4.41 12.27
CA SER A 813 63.53 3.15 13.00
C SER A 813 64.46 2.12 12.36
N LYS A 814 64.01 0.89 12.12
CA LYS A 814 64.83 -0.15 11.52
C LYS A 814 64.53 -0.35 10.04
N ARG A 815 63.86 0.62 9.41
CA ARG A 815 63.52 0.50 8.00
C ARG A 815 64.78 0.61 7.15
N SER A 816 64.97 -0.36 6.25
CA SER A 816 66.16 -0.41 5.41
C SER A 816 65.95 0.44 4.15
N PHE A 817 66.93 0.38 3.25
CA PHE A 817 66.84 1.14 2.00
C PHE A 817 65.76 0.58 1.09
N ILE A 818 65.75 -0.74 0.89
CA ILE A 818 64.74 -1.35 0.04
C ILE A 818 63.36 -1.25 0.67
N GLU A 819 63.29 -1.37 1.99
CA GLU A 819 62.01 -1.18 2.67
C GLU A 819 61.51 0.25 2.50
N ASP A 820 62.42 1.23 2.56
CA ASP A 820 62.03 2.61 2.28
C ASP A 820 61.52 2.78 0.86
N LEU A 821 62.19 2.16 -0.11
CA LEU A 821 61.72 2.24 -1.49
C LEU A 821 60.34 1.64 -1.64
N LEU A 822 60.09 0.49 -0.99
CA LEU A 822 58.78 -0.14 -1.07
C LEU A 822 57.71 0.72 -0.40
N PHE A 823 58.03 1.31 0.76
CA PHE A 823 57.04 2.10 1.47
C PHE A 823 56.73 3.41 0.74
N ASN A 824 57.70 3.94 -0.01
CA ASN A 824 57.45 5.13 -0.81
C ASN A 824 56.83 4.81 -2.16
N LYS A 825 56.96 3.57 -2.64
CA LYS A 825 56.46 3.23 -3.96
C LYS A 825 54.94 3.21 -4.00
N VAL A 826 54.29 2.80 -2.90
CA VAL A 826 52.84 2.71 -2.87
C VAL A 826 52.25 4.11 -2.98
N THR A 827 51.24 4.24 -3.84
CA THR A 827 50.59 5.52 -4.08
C THR A 827 49.11 5.49 -3.71
N LYS A 854 34.54 12.84 9.96
CA LYS A 854 34.94 11.56 9.38
C LYS A 854 33.92 11.08 8.35
N PHE A 855 33.19 10.03 8.69
CA PHE A 855 32.18 9.45 7.81
C PHE A 855 30.96 9.05 8.63
N ASN A 856 30.06 8.29 7.99
CA ASN A 856 28.78 7.92 8.59
C ASN A 856 28.92 6.54 9.24
N GLY A 857 29.43 6.55 10.47
CA GLY A 857 29.62 5.34 11.22
C GLY A 857 30.87 4.56 10.86
N LEU A 858 31.67 5.04 9.91
CA LEU A 858 32.85 4.34 9.45
C LEU A 858 34.03 4.62 10.37
N THR A 859 34.69 3.55 10.80
CA THR A 859 35.91 3.65 11.58
C THR A 859 36.97 2.74 10.96
N VAL A 860 38.22 3.19 11.00
CA VAL A 860 39.35 2.41 10.53
C VAL A 860 40.20 2.10 11.76
N LEU A 861 40.26 0.84 12.13
CA LEU A 861 40.99 0.45 13.33
C LEU A 861 42.49 0.40 13.05
N PRO A 862 43.34 0.73 14.01
CA PRO A 862 44.78 0.65 13.79
C PRO A 862 45.28 -0.75 14.05
N PRO A 863 46.26 -1.22 13.27
CA PRO A 863 46.78 -2.58 13.48
C PRO A 863 47.52 -2.69 14.80
N LEU A 864 47.48 -3.90 15.37
CA LEU A 864 48.14 -4.14 16.65
C LEU A 864 49.66 -4.04 16.51
N LEU A 865 50.21 -4.53 15.40
CA LEU A 865 51.65 -4.48 15.14
C LEU A 865 51.93 -3.30 14.24
N THR A 866 52.59 -2.28 14.77
CA THR A 866 52.95 -1.12 13.98
C THR A 866 54.04 -1.49 12.97
N ASP A 867 54.23 -0.60 11.98
CA ASP A 867 55.26 -0.84 10.99
C ASP A 867 56.66 -0.91 11.61
N GLU A 868 56.88 -0.18 12.71
CA GLU A 868 58.17 -0.24 13.40
C GLU A 868 58.43 -1.63 13.95
N MET A 869 57.42 -2.25 14.57
CA MET A 869 57.61 -3.58 15.13
C MET A 869 57.76 -4.63 14.03
N ILE A 870 57.04 -4.46 12.92
CA ILE A 870 57.18 -5.39 11.80
C ILE A 870 58.58 -5.30 11.21
N ALA A 871 59.09 -4.07 11.05
CA ALA A 871 60.45 -3.89 10.57
C ALA A 871 61.48 -4.47 11.55
N GLN A 872 61.21 -4.36 12.85
CA GLN A 872 62.10 -4.96 13.83
C GLN A 872 62.11 -6.48 13.73
N TYR A 873 60.94 -7.09 13.53
CA TYR A 873 60.87 -8.53 13.31
C TYR A 873 61.66 -8.94 12.07
N THR A 874 61.50 -8.16 10.99
CA THR A 874 62.22 -8.47 9.75
C THR A 874 63.72 -8.36 9.94
N SER A 875 64.18 -7.33 10.64
CA SER A 875 65.62 -7.18 10.91
C SER A 875 66.13 -8.31 11.78
N ALA A 876 65.33 -8.75 12.75
CA ALA A 876 65.74 -9.89 13.57
C ALA A 876 65.89 -11.14 12.73
N LEU A 877 64.95 -11.38 11.82
CA LEU A 877 65.06 -12.55 10.93
C LEU A 877 66.31 -12.46 10.06
N LEU A 878 66.58 -11.27 9.51
CA LEU A 878 67.74 -11.09 8.65
C LEU A 878 69.03 -11.34 9.41
N ALA A 879 69.15 -10.78 10.62
CA ALA A 879 70.34 -10.99 11.41
C ALA A 879 70.52 -12.46 11.77
N GLY A 880 69.43 -13.14 12.13
CA GLY A 880 69.53 -14.54 12.47
C GLY A 880 69.98 -15.39 11.30
N THR A 881 69.39 -15.17 10.12
CA THR A 881 69.74 -15.99 8.97
C THR A 881 71.15 -15.68 8.46
N ILE A 882 71.59 -14.42 8.61
CA ILE A 882 72.95 -14.09 8.19
C ILE A 882 73.97 -14.70 9.13
N THR A 883 73.72 -14.63 10.45
CA THR A 883 74.71 -15.08 11.41
C THR A 883 74.70 -16.59 11.57
N SER A 884 73.57 -17.16 11.98
CA SER A 884 73.49 -18.56 12.36
C SER A 884 72.97 -19.47 11.25
N GLY A 885 72.70 -18.94 10.07
CA GLY A 885 72.22 -19.79 8.99
C GLY A 885 70.80 -20.26 9.26
N TRP A 886 70.57 -21.56 9.08
CA TRP A 886 69.26 -22.15 9.33
C TRP A 886 69.15 -22.75 10.73
N THR A 887 70.19 -22.62 11.55
CA THR A 887 70.18 -23.26 12.86
C THR A 887 69.18 -22.61 13.80
N PHE A 888 69.03 -21.28 13.71
CA PHE A 888 68.14 -20.57 14.64
C PHE A 888 66.68 -20.94 14.42
N GLY A 889 66.32 -21.49 13.26
CA GLY A 889 64.95 -21.89 13.02
C GLY A 889 64.54 -23.18 13.68
N ALA A 890 65.49 -23.94 14.23
CA ALA A 890 65.20 -25.21 14.87
C ALA A 890 65.48 -25.16 16.38
N GLY A 891 66.69 -24.79 16.77
CA GLY A 891 67.03 -24.71 18.18
C GLY A 891 67.59 -23.35 18.56
N ALA A 892 68.81 -23.33 19.10
CA ALA A 892 69.47 -22.10 19.47
C ALA A 892 70.21 -21.53 18.26
N ALA A 893 70.74 -20.32 18.42
CA ALA A 893 71.46 -19.64 17.34
C ALA A 893 72.92 -20.09 17.39
N LEU A 894 73.27 -21.04 16.54
CA LEU A 894 74.65 -21.55 16.44
C LEU A 894 75.34 -20.76 15.34
N GLN A 895 76.33 -19.96 15.71
CA GLN A 895 77.00 -19.09 14.76
C GLN A 895 77.79 -19.89 13.74
N ILE A 896 77.98 -19.30 12.56
CA ILE A 896 78.74 -19.91 11.48
C ILE A 896 79.22 -18.78 10.56
N PRO A 897 80.48 -18.80 10.12
CA PRO A 897 80.92 -17.82 9.12
C PRO A 897 80.13 -18.00 7.83
N PHE A 898 79.90 -16.88 7.15
CA PHE A 898 78.99 -16.89 6.00
C PHE A 898 79.54 -17.75 4.86
N ALA A 899 80.86 -17.80 4.71
CA ALA A 899 81.45 -18.61 3.65
C ALA A 899 81.14 -20.09 3.85
N MET A 900 81.30 -20.60 5.07
CA MET A 900 80.99 -22.00 5.33
C MET A 900 79.49 -22.26 5.21
N GLN A 901 78.67 -21.28 5.57
CA GLN A 901 77.22 -21.42 5.39
C GLN A 901 76.86 -21.56 3.91
N MET A 902 77.44 -20.71 3.06
CA MET A 902 77.22 -20.85 1.63
C MET A 902 77.80 -22.15 1.08
N ALA A 903 78.89 -22.64 1.66
CA ALA A 903 79.40 -23.94 1.26
C ALA A 903 78.40 -25.05 1.55
N TYR A 904 77.79 -25.01 2.74
CA TYR A 904 76.75 -25.98 3.06
C TYR A 904 75.58 -25.86 2.11
N ARG A 905 75.19 -24.62 1.77
CA ARG A 905 74.04 -24.42 0.89
C ARG A 905 74.34 -24.89 -0.53
N PHE A 906 75.59 -24.76 -0.99
CA PHE A 906 75.97 -25.39 -2.25
C PHE A 906 75.90 -26.90 -2.15
N ASN A 907 76.38 -27.47 -1.04
CA ASN A 907 76.26 -28.91 -0.84
C ASN A 907 74.81 -29.36 -0.87
N GLY A 908 73.89 -28.47 -0.50
CA GLY A 908 72.48 -28.83 -0.54
C GLY A 908 71.97 -29.06 -1.95
N ILE A 909 72.46 -28.29 -2.92
CA ILE A 909 71.93 -28.34 -4.28
C ILE A 909 72.79 -29.27 -5.14
N GLY A 910 73.67 -30.03 -4.52
CA GLY A 910 74.44 -31.03 -5.23
C GLY A 910 75.74 -30.55 -5.87
N VAL A 911 76.29 -29.43 -5.41
CA VAL A 911 77.56 -28.90 -5.91
C VAL A 911 78.53 -28.86 -4.74
N THR A 912 79.73 -29.39 -4.96
CA THR A 912 80.71 -29.48 -3.88
C THR A 912 81.10 -28.10 -3.39
N GLN A 913 81.63 -28.05 -2.15
CA GLN A 913 81.95 -26.79 -1.52
C GLN A 913 83.21 -26.13 -2.08
N ASN A 914 84.11 -26.91 -2.68
CA ASN A 914 85.29 -26.30 -3.29
C ASN A 914 84.92 -25.37 -4.43
N VAL A 915 83.77 -25.59 -5.05
CA VAL A 915 83.30 -24.70 -6.10
C VAL A 915 83.08 -23.30 -5.54
N LEU A 916 82.45 -23.21 -4.37
CA LEU A 916 82.32 -21.91 -3.72
C LEU A 916 83.67 -21.39 -3.25
N TYR A 917 84.44 -22.22 -2.55
CA TYR A 917 85.67 -21.74 -1.93
C TYR A 917 86.68 -21.25 -2.94
N GLU A 918 86.63 -21.74 -4.18
CA GLU A 918 87.51 -21.28 -5.24
C GLU A 918 86.93 -20.13 -6.05
N ASN A 919 85.64 -19.87 -5.93
CA ASN A 919 84.99 -18.76 -6.62
C ASN A 919 84.23 -17.87 -5.64
N GLN A 920 84.80 -17.64 -4.46
CA GLN A 920 84.13 -16.83 -3.45
C GLN A 920 83.98 -15.38 -3.91
N LYS A 921 85.06 -14.81 -4.46
CA LYS A 921 85.02 -13.42 -4.88
C LYS A 921 84.04 -13.22 -6.03
N LEU A 922 84.05 -14.13 -7.01
CA LEU A 922 83.13 -14.01 -8.14
C LEU A 922 81.68 -14.12 -7.69
N ILE A 923 81.39 -15.06 -6.79
CA ILE A 923 80.03 -15.22 -6.28
C ILE A 923 79.60 -13.98 -5.51
N ALA A 924 80.50 -13.42 -4.70
CA ALA A 924 80.16 -12.21 -3.96
C ALA A 924 79.88 -11.05 -4.91
N ASN A 925 80.68 -10.90 -5.97
CA ASN A 925 80.45 -9.85 -6.94
C ASN A 925 79.10 -10.04 -7.64
N GLN A 926 78.79 -11.28 -8.01
CA GLN A 926 77.50 -11.55 -8.66
C GLN A 926 76.34 -11.22 -7.74
N PHE A 927 76.44 -11.58 -6.46
CA PHE A 927 75.37 -11.31 -5.52
C PHE A 927 75.18 -9.81 -5.32
N ASN A 928 76.28 -9.06 -5.19
CA ASN A 928 76.19 -7.62 -5.03
C ASN A 928 75.57 -6.97 -6.27
N SER A 929 75.97 -7.43 -7.46
CA SER A 929 75.38 -6.90 -8.69
C SER A 929 73.89 -7.21 -8.77
N ALA A 930 73.50 -8.41 -8.35
CA ALA A 930 72.08 -8.75 -8.36
C ALA A 930 71.28 -7.86 -7.41
N ILE A 931 71.84 -7.59 -6.22
CA ILE A 931 71.17 -6.70 -5.28
C ILE A 931 71.04 -5.30 -5.87
N GLY A 932 72.09 -4.83 -6.54
CA GLY A 932 72.01 -3.54 -7.20
C GLY A 932 70.94 -3.50 -8.28
N LYS A 933 70.84 -4.57 -9.06
CA LYS A 933 69.81 -4.64 -10.09
C LYS A 933 68.41 -4.63 -9.47
N ILE A 934 68.24 -5.34 -8.35
CA ILE A 934 66.94 -5.35 -7.68
C ILE A 934 66.57 -3.95 -7.21
N GLN A 935 67.52 -3.25 -6.58
CA GLN A 935 67.20 -1.92 -6.09
C GLN A 935 66.91 -0.96 -7.25
N ASP A 936 67.65 -1.09 -8.35
CA ASP A 936 67.39 -0.24 -9.51
C ASP A 936 66.01 -0.51 -10.10
N SER A 937 65.64 -1.79 -10.24
CA SER A 937 64.34 -2.12 -10.82
C SER A 937 63.19 -1.72 -9.89
N LEU A 938 63.43 -1.74 -8.58
CA LEU A 938 62.39 -1.30 -7.66
C LEU A 938 62.25 0.22 -7.67
N SER A 939 63.37 0.94 -7.76
CA SER A 939 63.31 2.41 -7.73
C SER A 939 62.79 2.97 -9.05
N SER A 940 63.11 2.33 -10.18
CA SER A 940 62.73 2.88 -11.47
C SER A 940 61.28 2.56 -11.82
N THR A 941 60.95 1.27 -11.93
CA THR A 941 59.61 0.87 -12.31
C THR A 941 58.68 0.92 -11.09
N ALA A 942 57.43 1.30 -11.34
CA ALA A 942 56.43 1.42 -10.28
C ALA A 942 55.37 0.32 -10.34
N SER A 943 55.53 -0.65 -11.23
CA SER A 943 54.55 -1.72 -11.41
C SER A 943 54.86 -2.95 -10.57
N ALA A 944 55.88 -2.90 -9.71
CA ALA A 944 56.24 -4.08 -8.92
C ALA A 944 55.15 -4.46 -7.94
N LEU A 945 54.60 -3.49 -7.21
CA LEU A 945 53.62 -3.78 -6.16
C LEU A 945 52.20 -3.77 -6.73
N GLY A 946 51.97 -4.66 -7.68
CA GLY A 946 50.64 -4.78 -8.26
C GLY A 946 49.60 -5.29 -7.29
N LYS A 947 49.94 -6.32 -6.52
CA LYS A 947 48.95 -6.97 -5.66
C LYS A 947 48.53 -6.08 -4.51
N LEU A 948 49.50 -5.40 -3.87
CA LEU A 948 49.18 -4.52 -2.75
C LEU A 948 48.30 -3.37 -3.20
N GLN A 949 48.64 -2.74 -4.32
CA GLN A 949 47.82 -1.66 -4.86
C GLN A 949 46.44 -2.18 -5.23
N ASP A 950 46.35 -3.39 -5.78
CA ASP A 950 45.06 -3.97 -6.13
C ASP A 950 44.19 -4.14 -4.88
N VAL A 951 44.77 -4.63 -3.80
CA VAL A 951 44.00 -4.84 -2.57
C VAL A 951 43.52 -3.50 -2.01
N VAL A 952 44.41 -2.50 -1.99
CA VAL A 952 44.03 -1.19 -1.49
C VAL A 952 42.90 -0.60 -2.32
N ASN A 953 43.00 -0.72 -3.65
CA ASN A 953 41.98 -0.18 -4.53
C ASN A 953 40.65 -0.90 -4.33
N GLN A 954 40.67 -2.22 -4.14
CA GLN A 954 39.44 -2.95 -3.92
C GLN A 954 38.74 -2.50 -2.64
N ASN A 955 39.50 -2.37 -1.56
CA ASN A 955 38.89 -1.92 -0.29
C ASN A 955 38.33 -0.50 -0.42
N ALA A 956 39.10 0.40 -1.06
CA ALA A 956 38.62 1.77 -1.24
C ALA A 956 37.37 1.81 -2.10
N GLN A 957 37.31 0.98 -3.15
CA GLN A 957 36.13 0.92 -3.99
C GLN A 957 34.91 0.47 -3.21
N ALA A 958 35.07 -0.55 -2.37
CA ALA A 958 33.95 -1.02 -1.56
C ALA A 958 33.44 0.07 -0.63
N LEU A 959 34.36 0.77 0.05
CA LEU A 959 33.93 1.82 0.96
C LEU A 959 33.26 2.97 0.22
N ASN A 960 33.81 3.36 -0.93
CA ASN A 960 33.20 4.44 -1.71
C ASN A 960 31.81 4.04 -2.20
N THR A 961 31.65 2.79 -2.62
CA THR A 961 30.35 2.31 -3.06
C THR A 961 29.33 2.37 -1.92
N LEU A 962 29.74 1.99 -0.71
CA LEU A 962 28.82 2.08 0.43
C LEU A 962 28.42 3.53 0.71
N VAL A 963 29.40 4.42 0.74
CA VAL A 963 29.10 5.82 1.02
C VAL A 963 28.20 6.42 -0.04
N LYS A 964 28.40 6.06 -1.31
CA LYS A 964 27.52 6.55 -2.36
C LYS A 964 26.14 5.92 -2.28
N GLN A 965 26.05 4.66 -1.84
CA GLN A 965 24.75 4.03 -1.64
C GLN A 965 23.96 4.71 -0.54
N LEU A 966 24.62 5.41 0.37
CA LEU A 966 23.87 6.23 1.32
C LEU A 966 22.98 7.28 0.66
N SER A 967 23.04 7.47 -0.64
CA SER A 967 22.33 8.57 -1.30
C SER A 967 21.64 8.10 -2.57
N SER A 968 20.69 7.18 -2.37
CA SER A 968 19.80 6.72 -3.45
C SER A 968 18.40 6.73 -2.82
N ASN A 969 17.38 7.20 -3.53
CA ASN A 969 16.04 7.37 -2.91
C ASN A 969 15.48 6.05 -2.37
N PHE A 970 15.68 4.94 -3.11
CA PHE A 970 15.14 3.61 -2.72
C PHE A 970 13.62 3.65 -2.82
N GLY A 971 13.08 4.65 -3.53
CA GLY A 971 11.63 4.76 -3.73
C GLY A 971 10.99 5.80 -2.82
N ALA A 972 11.68 6.18 -1.75
CA ALA A 972 11.10 7.13 -0.77
C ALA A 972 10.96 8.51 -1.41
N ILE A 973 10.35 9.46 -0.70
CA ILE A 973 10.15 10.84 -1.22
C ILE A 973 11.53 11.51 -1.35
N SER A 974 12.44 11.24 -0.43
CA SER A 974 13.77 11.89 -0.45
C SER A 974 14.85 10.94 0.07
N SER A 975 16.11 11.18 -0.31
CA SER A 975 17.22 10.36 0.13
C SER A 975 17.83 10.81 1.45
N VAL A 976 17.26 11.82 2.09
CA VAL A 976 17.73 12.32 3.38
C VAL A 976 16.65 12.05 4.43
N LEU A 977 17.06 11.55 5.59
CA LEU A 977 16.11 11.15 6.62
C LEU A 977 15.54 12.34 7.36
N ASN A 978 16.35 13.38 7.58
CA ASN A 978 15.89 14.52 8.37
C ASN A 978 14.71 15.23 7.71
N ASP A 979 14.77 15.41 6.38
CA ASP A 979 13.65 16.06 5.70
C ASP A 979 12.41 15.18 5.71
N ILE A 980 12.58 13.86 5.62
CA ILE A 980 11.43 12.96 5.72
C ILE A 980 10.76 13.11 7.08
N LEU A 981 11.56 13.18 8.14
CA LEU A 981 10.98 13.36 9.47
C LEU A 981 10.33 14.73 9.62
N SER A 982 10.92 15.77 9.03
CA SER A 982 10.40 17.12 9.22
C SER A 982 9.15 17.39 8.41
N ARG A 983 8.99 16.74 7.26
CA ARG A 983 7.89 17.07 6.36
C ARG A 983 6.62 16.28 6.61
N LEU A 984 6.73 15.09 7.20
CA LEU A 984 5.60 14.18 7.31
C LEU A 984 5.38 13.75 8.76
N ASP A 985 4.13 13.42 9.07
CA ASP A 985 3.79 12.84 10.36
C ASP A 985 4.24 11.38 10.42
N PRO A 986 4.45 10.85 11.62
CA PRO A 986 4.99 9.49 11.76
C PRO A 986 4.18 8.44 11.00
N PRO A 987 2.83 8.49 11.05
CA PRO A 987 2.08 7.48 10.27
C PRO A 987 2.37 7.51 8.78
N GLU A 988 2.59 8.70 8.21
CA GLU A 988 2.89 8.81 6.79
C GLU A 988 4.38 8.82 6.50
N ALA A 989 5.23 8.96 7.53
CA ALA A 989 6.67 8.92 7.34
C ALA A 989 7.26 7.54 7.52
N GLU A 990 6.54 6.63 8.21
CA GLU A 990 7.06 5.29 8.43
C GLU A 990 7.30 4.55 7.13
N VAL A 991 6.50 4.81 6.10
CA VAL A 991 6.66 4.12 4.83
C VAL A 991 7.98 4.49 4.18
N GLN A 992 8.28 5.79 4.09
CA GLN A 992 9.54 6.23 3.51
C GLN A 992 10.72 5.80 4.35
N ILE A 993 10.60 5.88 5.68
CA ILE A 993 11.68 5.43 6.55
C ILE A 993 11.95 3.94 6.34
N ASP A 994 10.89 3.15 6.16
CA ASP A 994 11.07 1.72 5.96
C ASP A 994 11.70 1.42 4.60
N ARG A 995 11.33 2.19 3.57
CA ARG A 995 11.99 2.02 2.27
C ARG A 995 13.49 2.29 2.37
N LEU A 996 13.85 3.40 3.03
CA LEU A 996 15.26 3.73 3.21
C LEU A 996 15.97 2.66 4.02
N ILE A 997 15.31 2.16 5.08
CA ILE A 997 15.92 1.14 5.93
C ILE A 997 16.18 -0.12 5.13
N THR A 998 15.20 -0.56 4.33
CA THR A 998 15.38 -1.75 3.52
C THR A 998 16.56 -1.60 2.56
N GLY A 999 16.62 -0.47 1.85
CA GLY A 999 17.70 -0.29 0.90
C GLY A 999 19.07 -0.27 1.57
N ARG A 1000 19.18 0.48 2.66
CA ARG A 1000 20.48 0.61 3.33
C ARG A 1000 20.90 -0.71 3.97
N LEU A 1001 19.95 -1.47 4.52
CA LEU A 1001 20.29 -2.78 5.07
C LEU A 1001 20.77 -3.73 3.99
N GLN A 1002 20.12 -3.72 2.83
CA GLN A 1002 20.58 -4.59 1.74
C GLN A 1002 21.98 -4.21 1.28
N SER A 1003 22.27 -2.91 1.16
CA SER A 1003 23.61 -2.49 0.76
C SER A 1003 24.66 -2.90 1.79
N LEU A 1004 24.35 -2.75 3.08
CA LEU A 1004 25.28 -3.15 4.12
C LEU A 1004 25.54 -4.66 4.08
N GLN A 1005 24.49 -5.45 3.87
CA GLN A 1005 24.67 -6.90 3.78
C GLN A 1005 25.57 -7.28 2.61
N THR A 1006 25.37 -6.63 1.46
CA THR A 1006 26.22 -6.89 0.31
C THR A 1006 27.69 -6.57 0.64
N TYR A 1007 27.92 -5.42 1.28
CA TYR A 1007 29.27 -5.04 1.64
C TYR A 1007 29.90 -6.07 2.57
N VAL A 1008 29.16 -6.54 3.57
CA VAL A 1008 29.71 -7.49 4.52
C VAL A 1008 30.06 -8.81 3.83
N THR A 1009 29.19 -9.29 2.93
CA THR A 1009 29.49 -10.54 2.24
C THR A 1009 30.74 -10.42 1.37
N GLN A 1010 30.86 -9.32 0.62
CA GLN A 1010 32.05 -9.13 -0.21
C GLN A 1010 33.30 -9.06 0.66
N GLN A 1011 33.22 -8.37 1.80
CA GLN A 1011 34.36 -8.30 2.70
C GLN A 1011 34.74 -9.66 3.25
N LEU A 1012 33.74 -10.51 3.55
CA LEU A 1012 34.05 -11.86 4.03
C LEU A 1012 34.80 -12.67 2.98
N ILE A 1013 34.36 -12.60 1.73
CA ILE A 1013 35.06 -13.35 0.67
C ILE A 1013 36.48 -12.82 0.48
N ARG A 1014 36.63 -11.49 0.47
CA ARG A 1014 37.97 -10.90 0.35
C ARG A 1014 38.87 -11.31 1.51
N ALA A 1015 38.31 -11.36 2.72
CA ALA A 1015 39.09 -11.77 3.88
C ALA A 1015 39.54 -13.22 3.75
N ALA A 1016 38.68 -14.09 3.22
CA ALA A 1016 39.10 -15.47 2.98
C ALA A 1016 40.27 -15.54 2.01
N GLU A 1017 40.20 -14.77 0.93
CA GLU A 1017 41.30 -14.77 -0.04
C GLU A 1017 42.59 -14.25 0.59
N ILE A 1018 42.50 -13.18 1.37
CA ILE A 1018 43.69 -12.62 2.01
C ILE A 1018 44.25 -13.59 3.05
N ARG A 1019 43.39 -14.33 3.74
CA ARG A 1019 43.87 -15.33 4.70
C ARG A 1019 44.62 -16.44 4.00
N ALA A 1020 44.13 -16.89 2.84
CA ALA A 1020 44.87 -17.87 2.06
C ALA A 1020 46.24 -17.32 1.65
N SER A 1021 46.28 -16.07 1.20
CA SER A 1021 47.57 -15.47 0.82
C SER A 1021 48.51 -15.37 2.01
N ALA A 1022 48.00 -15.01 3.18
CA ALA A 1022 48.84 -14.88 4.36
C ALA A 1022 49.36 -16.23 4.83
N ASN A 1023 48.53 -17.28 4.71
CA ASN A 1023 49.02 -18.62 5.03
C ASN A 1023 50.15 -19.02 4.09
N LEU A 1024 50.00 -18.73 2.79
CA LEU A 1024 51.08 -19.03 1.86
C LEU A 1024 52.34 -18.25 2.21
N ALA A 1025 52.19 -16.98 2.58
CA ALA A 1025 53.35 -16.16 2.93
C ALA A 1025 54.05 -16.70 4.17
N ALA A 1026 53.28 -17.13 5.18
CA ALA A 1026 53.89 -17.70 6.37
C ALA A 1026 54.63 -18.99 6.04
N THR A 1027 54.04 -19.85 5.20
CA THR A 1027 54.72 -21.08 4.81
C THR A 1027 56.01 -20.77 4.05
N LYS A 1028 55.97 -19.81 3.13
CA LYS A 1028 57.17 -19.42 2.40
C LYS A 1028 58.25 -18.91 3.32
N MET A 1029 57.88 -18.06 4.29
CA MET A 1029 58.85 -17.58 5.26
C MET A 1029 59.48 -18.75 6.01
N SER A 1030 58.66 -19.65 6.55
CA SER A 1030 59.19 -20.73 7.37
C SER A 1030 60.11 -21.64 6.57
N GLU A 1031 59.76 -21.96 5.33
CA GLU A 1031 60.49 -22.97 4.56
C GLU A 1031 61.52 -22.39 3.61
N CYS A 1032 61.66 -21.07 3.53
CA CYS A 1032 62.67 -20.50 2.63
C CYS A 1032 63.60 -19.54 3.36
N VAL A 1033 63.09 -18.82 4.36
CA VAL A 1033 63.97 -17.95 5.12
C VAL A 1033 64.64 -18.71 6.25
N LEU A 1034 63.89 -19.56 6.95
CA LEU A 1034 64.40 -20.36 8.05
C LEU A 1034 64.97 -21.70 7.59
N GLY A 1035 65.31 -21.82 6.32
CA GLY A 1035 65.86 -23.07 5.81
C GLY A 1035 66.09 -22.96 4.32
N GLN A 1036 66.40 -24.11 3.72
CA GLN A 1036 66.60 -24.20 2.28
C GLN A 1036 65.67 -25.28 1.73
N SER A 1037 64.84 -24.90 0.76
CA SER A 1037 63.77 -25.75 0.27
C SER A 1037 64.22 -26.49 -0.99
N LYS A 1038 63.93 -27.79 -1.04
CA LYS A 1038 64.20 -28.58 -2.24
C LYS A 1038 63.04 -28.60 -3.21
N ARG A 1039 61.94 -27.92 -2.87
CA ARG A 1039 60.80 -27.85 -3.77
C ARG A 1039 61.18 -27.09 -5.04
N VAL A 1040 60.67 -27.55 -6.18
CA VAL A 1040 61.29 -27.22 -7.46
C VAL A 1040 61.21 -25.72 -7.76
N ASP A 1041 60.04 -25.12 -7.54
CA ASP A 1041 59.85 -23.71 -7.90
C ASP A 1041 59.08 -22.99 -6.80
N PHE A 1042 59.21 -23.44 -5.55
CA PHE A 1042 58.54 -22.75 -4.46
C PHE A 1042 59.10 -21.35 -4.24
N CYS A 1043 60.42 -21.21 -4.33
CA CYS A 1043 61.10 -19.95 -4.04
C CYS A 1043 62.06 -19.64 -5.18
N GLY A 1044 61.58 -18.90 -6.17
CA GLY A 1044 62.39 -18.52 -7.31
C GLY A 1044 62.54 -19.64 -8.31
N LYS A 1045 63.13 -19.30 -9.46
CA LYS A 1045 63.39 -20.27 -10.52
C LYS A 1045 64.86 -20.66 -10.47
N GLY A 1046 65.11 -21.96 -10.49
CA GLY A 1046 66.44 -22.49 -10.31
C GLY A 1046 66.58 -23.30 -9.05
N TYR A 1047 67.81 -23.39 -8.55
CA TYR A 1047 68.11 -24.13 -7.33
C TYR A 1047 68.25 -23.15 -6.17
N HIS A 1048 67.42 -23.35 -5.14
CA HIS A 1048 67.35 -22.41 -4.03
C HIS A 1048 68.65 -22.39 -3.23
N LEU A 1049 69.09 -21.20 -2.85
CA LEU A 1049 70.22 -21.01 -1.95
C LEU A 1049 69.77 -20.40 -0.62
N MET A 1050 69.17 -19.22 -0.65
CA MET A 1050 68.60 -18.60 0.55
C MET A 1050 67.64 -17.51 0.12
N SER A 1051 66.88 -17.01 1.08
CA SER A 1051 65.93 -15.93 0.84
C SER A 1051 66.04 -14.91 1.97
N PHE A 1052 65.67 -13.68 1.67
CA PHE A 1052 65.70 -12.59 2.64
C PHE A 1052 64.35 -11.91 2.68
N PRO A 1053 63.78 -11.68 3.86
CA PRO A 1053 62.50 -10.98 3.95
C PRO A 1053 62.66 -9.48 4.09
N GLN A 1054 61.72 -8.76 3.49
CA GLN A 1054 61.62 -7.31 3.65
C GLN A 1054 60.17 -6.95 3.87
N SER A 1055 59.94 -5.91 4.66
CA SER A 1055 58.59 -5.49 4.99
C SER A 1055 57.95 -4.75 3.82
N ALA A 1056 56.63 -4.58 3.91
CA ALA A 1056 55.86 -3.87 2.91
C ALA A 1056 54.63 -3.30 3.60
N PRO A 1057 53.97 -2.27 3.01
CA PRO A 1057 52.81 -1.65 3.66
C PRO A 1057 51.78 -2.63 4.20
N HIS A 1058 51.31 -3.55 3.35
CA HIS A 1058 50.36 -4.58 3.77
C HIS A 1058 50.76 -5.93 3.20
N GLY A 1059 52.05 -6.22 3.27
CA GLY A 1059 52.55 -7.46 2.71
C GLY A 1059 53.99 -7.70 3.11
N VAL A 1060 54.61 -8.64 2.43
CA VAL A 1060 56.01 -9.01 2.65
C VAL A 1060 56.62 -9.42 1.33
N VAL A 1061 57.86 -9.02 1.09
CA VAL A 1061 58.57 -9.35 -0.14
C VAL A 1061 59.76 -10.22 0.24
N PHE A 1062 60.00 -11.25 -0.57
CA PHE A 1062 61.10 -12.18 -0.37
C PHE A 1062 62.10 -12.00 -1.50
N LEU A 1063 63.38 -11.86 -1.16
CA LEU A 1063 64.45 -11.78 -2.13
C LEU A 1063 65.10 -13.16 -2.24
N HIS A 1064 64.76 -13.89 -3.29
CA HIS A 1064 65.19 -15.28 -3.45
C HIS A 1064 66.53 -15.32 -4.19
N VAL A 1065 67.57 -15.70 -3.47
CA VAL A 1065 68.90 -15.90 -4.06
C VAL A 1065 68.96 -17.33 -4.60
N THR A 1066 69.29 -17.46 -5.88
CA THR A 1066 69.16 -18.74 -6.57
C THR A 1066 70.38 -18.99 -7.43
N TYR A 1067 70.83 -20.24 -7.43
CA TYR A 1067 71.94 -20.70 -8.26
C TYR A 1067 71.36 -21.30 -9.54
N VAL A 1068 71.66 -20.67 -10.68
CA VAL A 1068 71.23 -21.17 -11.98
C VAL A 1068 72.46 -21.47 -12.83
N PRO A 1069 72.59 -22.67 -13.37
CA PRO A 1069 73.77 -22.99 -14.18
C PRO A 1069 73.73 -22.29 -15.53
N ALA A 1070 74.93 -22.08 -16.08
CA ALA A 1070 75.08 -21.39 -17.36
C ALA A 1070 76.24 -22.02 -18.12
N GLN A 1071 76.39 -21.61 -19.38
CA GLN A 1071 77.54 -21.98 -20.22
C GLN A 1071 77.67 -23.51 -20.32
N GLU A 1072 76.64 -24.10 -20.95
CA GLU A 1072 76.64 -25.54 -21.16
C GLU A 1072 77.76 -25.95 -22.12
N LYS A 1073 77.99 -27.25 -22.20
CA LYS A 1073 79.03 -27.79 -23.07
C LYS A 1073 78.67 -29.22 -23.47
N ASN A 1074 78.71 -29.49 -24.77
CA ASN A 1074 78.40 -30.82 -25.28
C ASN A 1074 79.45 -31.82 -24.83
N PHE A 1075 79.00 -33.04 -24.55
CA PHE A 1075 79.89 -34.12 -24.16
C PHE A 1075 79.29 -35.45 -24.58
N THR A 1076 80.14 -36.46 -24.65
CA THR A 1076 79.72 -37.82 -24.91
C THR A 1076 79.82 -38.63 -23.62
N THR A 1077 78.76 -39.37 -23.30
CA THR A 1077 78.64 -40.05 -22.02
C THR A 1077 78.54 -41.56 -22.23
N ALA A 1078 78.50 -42.28 -21.11
CA ALA A 1078 78.37 -43.73 -21.11
C ALA A 1078 77.78 -44.19 -19.78
N PRO A 1079 76.85 -45.14 -19.81
CA PRO A 1079 76.25 -45.60 -18.53
C PRO A 1079 77.26 -46.24 -17.59
N ALA A 1080 78.25 -46.94 -18.10
CA ALA A 1080 79.20 -47.66 -17.25
C ALA A 1080 80.52 -47.81 -17.98
N ILE A 1081 81.48 -48.43 -17.31
CA ILE A 1081 82.82 -48.66 -17.83
C ILE A 1081 83.17 -50.12 -17.65
N CYS A 1082 83.66 -50.76 -18.72
CA CYS A 1082 84.06 -52.16 -18.67
C CYS A 1082 85.57 -52.25 -18.41
N HIS A 1083 85.93 -52.94 -17.33
CA HIS A 1083 87.33 -53.08 -16.94
C HIS A 1083 87.52 -54.49 -16.39
N ASP A 1084 88.36 -55.29 -17.07
CA ASP A 1084 88.60 -56.68 -16.70
C ASP A 1084 87.31 -57.49 -16.66
N GLY A 1085 86.35 -57.13 -17.51
CA GLY A 1085 85.06 -57.78 -17.50
C GLY A 1085 84.09 -57.27 -16.43
N LYS A 1086 84.51 -56.32 -15.61
CA LYS A 1086 83.66 -55.77 -14.56
C LYS A 1086 82.97 -54.50 -15.04
N ALA A 1087 81.81 -54.22 -14.45
CA ALA A 1087 81.04 -53.03 -14.77
C ALA A 1087 81.23 -52.02 -13.65
N HIS A 1088 81.72 -50.83 -14.00
CA HIS A 1088 81.96 -49.76 -13.05
C HIS A 1088 80.95 -48.65 -13.26
N PHE A 1089 80.22 -48.31 -12.20
CA PHE A 1089 79.28 -47.20 -12.19
C PHE A 1089 79.84 -46.07 -11.31
N PRO A 1090 79.54 -44.81 -11.63
CA PRO A 1090 80.07 -43.71 -10.83
C PRO A 1090 79.41 -43.65 -9.47
N ARG A 1091 80.23 -43.45 -8.42
CA ARG A 1091 79.69 -43.31 -7.07
C ARG A 1091 78.78 -42.10 -6.98
N GLU A 1092 79.28 -40.95 -7.43
CA GLU A 1092 78.47 -39.75 -7.59
C GLU A 1092 79.02 -38.96 -8.77
N GLY A 1093 78.13 -38.59 -9.69
CA GLY A 1093 78.53 -37.90 -10.91
C GLY A 1093 78.06 -38.66 -12.14
N VAL A 1094 78.81 -38.48 -13.23
CA VAL A 1094 78.47 -39.10 -14.50
C VAL A 1094 79.73 -39.21 -15.33
N PHE A 1095 79.79 -40.23 -16.18
CA PHE A 1095 80.93 -40.43 -17.07
C PHE A 1095 80.81 -39.54 -18.30
N VAL A 1096 81.88 -38.81 -18.62
CA VAL A 1096 81.91 -37.95 -19.80
C VAL A 1096 83.23 -38.16 -20.53
N SER A 1097 83.26 -37.74 -21.79
CA SER A 1097 84.45 -37.84 -22.62
C SER A 1097 84.61 -36.58 -23.44
N ASN A 1098 85.85 -36.09 -23.54
CA ASN A 1098 86.15 -34.93 -24.35
C ASN A 1098 86.51 -35.28 -25.79
N GLY A 1099 86.52 -36.57 -26.12
CA GLY A 1099 86.78 -37.00 -27.48
C GLY A 1099 87.76 -38.16 -27.56
N THR A 1100 88.72 -38.21 -26.65
CA THR A 1100 89.69 -39.29 -26.59
C THR A 1100 89.79 -39.92 -25.21
N HIS A 1101 89.67 -39.13 -24.14
CA HIS A 1101 89.79 -39.60 -22.78
C HIS A 1101 88.42 -39.61 -22.11
N TRP A 1102 88.33 -40.38 -21.03
CA TRP A 1102 87.10 -40.47 -20.24
C TRP A 1102 87.38 -39.99 -18.82
N PHE A 1103 86.45 -39.20 -18.28
CA PHE A 1103 86.60 -38.60 -16.97
C PHE A 1103 85.32 -38.76 -16.17
N VAL A 1104 85.40 -38.42 -14.90
CA VAL A 1104 84.26 -38.40 -14.00
C VAL A 1104 84.04 -36.96 -13.53
N THR A 1105 82.82 -36.47 -13.67
CA THR A 1105 82.48 -35.13 -13.22
C THR A 1105 81.12 -35.15 -12.55
N GLN A 1106 80.92 -34.21 -11.64
CA GLN A 1106 79.61 -34.07 -11.00
C GLN A 1106 78.60 -33.56 -12.00
N ARG A 1107 77.32 -33.89 -11.76
CA ARG A 1107 76.29 -33.60 -12.75
C ARG A 1107 76.04 -32.10 -12.93
N ASN A 1108 76.30 -31.29 -11.90
CA ASN A 1108 75.92 -29.89 -11.93
C ASN A 1108 77.10 -28.96 -12.19
N PHE A 1109 78.25 -29.50 -12.58
CA PHE A 1109 79.43 -28.67 -12.85
C PHE A 1109 80.38 -29.48 -13.72
N TYR A 1110 81.34 -28.78 -14.32
CA TYR A 1110 82.37 -29.42 -15.13
C TYR A 1110 83.68 -29.39 -14.36
N GLU A 1111 83.90 -30.43 -13.57
CA GLU A 1111 85.13 -30.62 -12.82
C GLU A 1111 85.63 -32.04 -13.05
N PRO A 1112 86.13 -32.33 -14.26
CA PRO A 1112 86.48 -33.71 -14.59
C PRO A 1112 87.60 -34.25 -13.73
N GLN A 1113 87.53 -35.55 -13.45
CA GLN A 1113 88.53 -36.24 -12.66
C GLN A 1113 88.86 -37.55 -13.35
N ILE A 1114 90.08 -38.05 -13.08
CA ILE A 1114 90.50 -39.32 -13.65
C ILE A 1114 89.71 -40.44 -13.00
N ILE A 1115 89.18 -41.36 -13.82
CA ILE A 1115 88.41 -42.48 -13.29
C ILE A 1115 89.28 -43.30 -12.36
N THR A 1116 88.72 -43.61 -11.18
CA THR A 1116 89.46 -44.30 -10.13
C THR A 1116 88.50 -45.23 -9.41
N THR A 1117 89.05 -46.27 -8.79
CA THR A 1117 88.22 -47.15 -7.98
C THR A 1117 87.68 -46.47 -6.73
N ASP A 1118 88.21 -45.29 -6.39
CA ASP A 1118 87.76 -44.56 -5.21
C ASP A 1118 86.55 -43.68 -5.48
N ASN A 1119 86.19 -43.44 -6.74
CA ASN A 1119 85.00 -42.67 -7.07
C ASN A 1119 84.03 -43.46 -7.94
N THR A 1120 84.27 -44.76 -8.15
CA THR A 1120 83.35 -45.64 -8.86
C THR A 1120 83.17 -46.92 -8.06
N PHE A 1121 82.02 -47.56 -8.23
CA PHE A 1121 81.73 -48.82 -7.57
C PHE A 1121 81.39 -49.88 -8.60
N VAL A 1122 81.86 -51.10 -8.35
CA VAL A 1122 81.74 -52.20 -9.29
C VAL A 1122 80.56 -53.08 -8.90
N SER A 1123 79.76 -53.47 -9.89
CA SER A 1123 78.63 -54.37 -9.64
C SER A 1123 78.23 -55.00 -10.98
N GLY A 1124 78.46 -56.29 -11.11
CA GLY A 1124 78.01 -57.03 -12.27
C GLY A 1124 79.10 -57.24 -13.32
N ASN A 1125 78.64 -57.47 -14.55
CA ASN A 1125 79.54 -57.72 -15.66
C ASN A 1125 79.22 -56.78 -16.84
N CYS A 1126 79.87 -57.01 -17.98
CA CYS A 1126 79.70 -56.17 -19.16
C CYS A 1126 78.77 -56.80 -20.19
N ASP A 1127 77.76 -57.56 -19.75
CA ASP A 1127 76.85 -58.23 -20.66
C ASP A 1127 75.42 -57.74 -20.58
N VAL A 1128 75.01 -57.16 -19.46
CA VAL A 1128 73.64 -56.72 -19.25
C VAL A 1128 73.46 -55.24 -19.54
N VAL A 1129 74.42 -54.41 -19.11
CA VAL A 1129 74.31 -52.97 -19.31
C VAL A 1129 74.40 -52.66 -20.78
N ILE A 1130 73.54 -51.76 -21.25
CA ILE A 1130 73.50 -51.36 -22.66
C ILE A 1130 74.25 -50.04 -22.79
N GLY A 1131 75.31 -50.03 -23.61
CA GLY A 1131 76.11 -48.84 -23.82
C GLY A 1131 77.40 -48.80 -23.04
N ILE A 1132 77.76 -49.85 -22.32
CA ILE A 1132 79.01 -49.88 -21.59
C ILE A 1132 80.18 -49.88 -22.58
N VAL A 1133 81.18 -49.06 -22.31
CA VAL A 1133 82.26 -48.83 -23.28
C VAL A 1133 83.58 -49.32 -22.69
N ASN A 1134 84.53 -49.56 -23.60
CA ASN A 1134 85.88 -49.97 -23.22
C ASN A 1134 86.57 -48.82 -22.49
N ASN A 1135 87.32 -49.14 -21.44
CA ASN A 1135 88.14 -48.16 -20.74
C ASN A 1135 88.94 -48.85 -19.65
N THR A 1136 89.87 -48.11 -19.05
CA THR A 1136 90.71 -48.59 -17.96
C THR A 1136 90.52 -47.71 -16.74
N VAL A 1137 90.58 -48.33 -15.55
CA VAL A 1137 90.40 -47.64 -14.28
C VAL A 1137 91.68 -47.78 -13.47
N TYR A 1138 92.21 -46.65 -13.02
CA TYR A 1138 93.46 -46.63 -12.26
C TYR A 1138 93.15 -46.73 -10.77
N ASP A 1139 93.89 -47.61 -10.07
CA ASP A 1139 93.78 -47.73 -8.63
C ASP A 1139 95.10 -47.33 -7.98
N PRO A 1140 95.08 -46.46 -6.97
CA PRO A 1140 96.35 -46.01 -6.37
C PRO A 1140 97.12 -47.09 -5.64
N LEU A 1141 96.49 -48.22 -5.33
CA LEU A 1141 97.15 -49.25 -4.52
C LEU A 1141 98.36 -49.84 -5.25
N GLN A 1142 98.22 -50.12 -6.54
CA GLN A 1142 99.32 -50.73 -7.30
C GLN A 1142 100.56 -49.86 -7.37
N PRO A 1143 100.48 -48.58 -7.76
CA PRO A 1143 101.69 -47.74 -7.73
C PRO A 1143 102.28 -47.57 -6.34
N GLU A 1144 101.43 -47.54 -5.29
CA GLU A 1144 101.94 -47.32 -3.94
C GLU A 1144 102.69 -48.55 -3.43
N LEU A 1145 102.15 -49.75 -3.67
CA LEU A 1145 102.82 -50.95 -3.19
C LEU A 1145 104.11 -51.22 -3.96
N ASP A 1146 104.23 -50.70 -5.17
CA ASP A 1146 105.43 -50.90 -5.98
C ASP A 1146 106.61 -50.15 -5.39
N GLN B 1 -48.21 11.04 10.00
CA GLN B 1 -47.23 9.97 9.81
C GLN B 1 -47.90 8.67 9.36
N VAL B 2 -47.71 7.59 10.13
CA VAL B 2 -48.27 6.30 9.77
C VAL B 2 -49.79 6.37 9.79
N GLN B 3 -50.40 5.90 8.71
CA GLN B 3 -51.85 5.85 8.60
C GLN B 3 -52.23 4.73 7.65
N LEU B 4 -53.29 4.01 8.00
CA LEU B 4 -53.73 2.84 7.24
C LEU B 4 -55.19 3.05 6.84
N VAL B 5 -55.51 2.71 5.59
CA VAL B 5 -56.84 2.88 5.03
C VAL B 5 -57.39 1.52 4.64
N GLN B 6 -58.58 1.19 5.13
CA GLN B 6 -59.24 -0.07 4.81
C GLN B 6 -60.16 0.12 3.60
N SER B 7 -60.86 -0.95 3.25
CA SER B 7 -61.85 -0.90 2.18
C SER B 7 -63.18 -0.37 2.71
N GLY B 8 -64.12 -0.15 1.80
CA GLY B 8 -65.44 0.30 2.20
C GLY B 8 -66.22 -0.79 2.91
N ALA B 9 -67.29 -0.38 3.58
CA ALA B 9 -68.13 -1.32 4.32
C ALA B 9 -68.71 -2.36 3.38
N GLU B 10 -68.65 -3.62 3.82
CA GLU B 10 -69.03 -4.75 2.99
C GLU B 10 -70.42 -5.23 3.34
N VAL B 11 -71.29 -5.33 2.34
CA VAL B 11 -72.63 -5.89 2.48
C VAL B 11 -72.73 -7.08 1.53
N LYS B 12 -73.09 -8.24 2.08
CA LYS B 12 -73.09 -9.47 1.30
C LYS B 12 -74.18 -10.39 1.82
N LYS B 13 -74.36 -11.51 1.12
CA LYS B 13 -75.32 -12.55 1.47
C LYS B 13 -74.58 -13.84 1.85
N PRO B 14 -75.17 -14.67 2.71
CA PRO B 14 -74.49 -15.89 3.15
C PRO B 14 -74.16 -16.81 1.98
N GLY B 15 -73.02 -17.49 2.09
CA GLY B 15 -72.53 -18.38 1.06
C GLY B 15 -71.61 -17.73 0.05
N ALA B 16 -71.37 -16.43 0.14
CA ALA B 16 -70.51 -15.71 -0.78
C ALA B 16 -69.12 -15.53 -0.16
N SER B 17 -68.26 -14.78 -0.85
CA SER B 17 -66.91 -14.52 -0.39
C SER B 17 -66.62 -13.04 -0.46
N VAL B 18 -65.75 -12.57 0.43
CA VAL B 18 -65.43 -11.15 0.56
C VAL B 18 -63.93 -10.96 0.57
N LYS B 19 -63.49 -9.78 0.15
CA LYS B 19 -62.08 -9.41 0.13
C LYS B 19 -61.89 -8.11 0.89
N VAL B 20 -60.93 -8.10 1.81
CA VAL B 20 -60.63 -6.94 2.64
C VAL B 20 -59.22 -6.47 2.31
N SER B 21 -59.09 -5.17 2.05
CA SER B 21 -57.83 -4.57 1.64
C SER B 21 -57.40 -3.50 2.63
N CYS B 22 -56.11 -3.48 2.96
CA CYS B 22 -55.52 -2.44 3.80
C CYS B 22 -54.41 -1.76 3.02
N LYS B 23 -54.56 -0.46 2.80
CA LYS B 23 -53.56 0.35 2.11
C LYS B 23 -52.88 1.25 3.13
N ALA B 24 -51.57 1.11 3.25
CA ALA B 24 -50.79 1.83 4.24
C ALA B 24 -50.01 2.97 3.61
N SER B 25 -49.60 3.92 4.44
CA SER B 25 -48.83 5.06 3.99
C SER B 25 -48.03 5.61 5.17
N GLY B 26 -47.03 6.42 4.85
CA GLY B 26 -46.21 7.07 5.85
C GLY B 26 -45.09 6.24 6.43
N TYR B 27 -44.87 5.03 5.91
CA TYR B 27 -43.80 4.18 6.40
C TYR B 27 -43.44 3.17 5.31
N THR B 28 -42.27 2.54 5.47
CA THR B 28 -41.81 1.53 4.53
C THR B 28 -42.71 0.30 4.63
N PHE B 29 -43.52 0.07 3.60
CA PHE B 29 -44.55 -0.95 3.69
C PHE B 29 -43.97 -2.35 3.87
N THR B 30 -42.76 -2.60 3.35
CA THR B 30 -42.13 -3.90 3.45
C THR B 30 -41.14 -3.99 4.60
N GLY B 31 -41.28 -3.15 5.62
CA GLY B 31 -40.37 -3.18 6.74
C GLY B 31 -40.99 -3.73 8.01
N TYR B 32 -42.31 -3.89 8.01
CA TYR B 32 -43.04 -4.34 9.19
C TYR B 32 -44.09 -5.35 8.80
N TYR B 33 -44.35 -6.30 9.70
CA TYR B 33 -45.40 -7.28 9.47
C TYR B 33 -46.78 -6.61 9.47
N MET B 34 -47.68 -7.15 8.66
CA MET B 34 -49.06 -6.69 8.61
C MET B 34 -49.96 -7.77 9.20
N HIS B 35 -50.75 -7.39 10.21
CA HIS B 35 -51.59 -8.32 10.93
C HIS B 35 -53.06 -8.07 10.66
N TRP B 36 -53.82 -9.16 10.58
CA TRP B 36 -55.26 -9.14 10.39
C TRP B 36 -55.94 -9.66 11.65
N VAL B 37 -56.90 -8.91 12.18
CA VAL B 37 -57.62 -9.28 13.39
C VAL B 37 -59.10 -9.04 13.18
N ARG B 38 -59.91 -9.69 14.03
CA ARG B 38 -61.36 -9.58 13.97
C ARG B 38 -61.90 -9.31 15.37
N GLN B 39 -63.06 -8.65 15.41
CA GLN B 39 -63.70 -8.31 16.68
C GLN B 39 -65.20 -8.34 16.51
N ALA B 40 -65.87 -9.26 17.21
CA ALA B 40 -67.32 -9.32 17.20
C ALA B 40 -67.90 -8.14 17.98
N PRO B 41 -69.11 -7.69 17.61
CA PRO B 41 -69.71 -6.55 18.32
C PRO B 41 -70.01 -6.86 19.77
N GLY B 42 -69.30 -6.19 20.68
CA GLY B 42 -69.50 -6.38 22.11
C GLY B 42 -68.71 -7.51 22.72
N GLN B 43 -68.01 -8.31 21.90
CA GLN B 43 -67.24 -9.44 22.38
C GLN B 43 -65.76 -9.06 22.46
N GLY B 44 -64.91 -10.06 22.75
CA GLY B 44 -63.49 -9.85 22.83
C GLY B 44 -62.84 -9.83 21.46
N LEU B 45 -61.53 -9.59 21.47
CA LEU B 45 -60.75 -9.51 20.24
C LEU B 45 -60.24 -10.89 19.84
N GLU B 46 -59.97 -11.04 18.55
CA GLU B 46 -59.49 -12.30 17.99
C GLU B 46 -58.50 -12.00 16.88
N TRP B 47 -57.65 -12.99 16.60
CA TRP B 47 -56.52 -12.83 15.68
C TRP B 47 -56.71 -13.72 14.46
N MET B 48 -56.47 -13.17 13.28
CA MET B 48 -56.66 -13.89 12.01
C MET B 48 -55.33 -14.43 11.48
N GLY B 49 -54.36 -13.56 11.26
CA GLY B 49 -53.08 -13.99 10.73
C GLY B 49 -52.20 -12.80 10.43
N TRP B 50 -51.01 -13.07 9.90
CA TRP B 50 -50.12 -12.01 9.47
C TRP B 50 -49.52 -12.37 8.12
N ILE B 51 -49.07 -11.34 7.40
CA ILE B 51 -48.52 -11.48 6.06
C ILE B 51 -47.17 -10.77 5.99
N ASN B 52 -46.13 -11.38 5.37
CA ASN B 52 -44.75 -10.80 5.28
C ASN B 52 -44.53 -10.12 3.91
N PRO B 53 -44.78 -8.79 3.76
CA PRO B 53 -44.90 -8.06 2.49
C PRO B 53 -43.80 -8.45 1.50
N ASN B 54 -42.63 -8.85 2.00
CA ASN B 54 -41.55 -9.27 1.13
C ASN B 54 -41.75 -10.36 0.09
N SER B 55 -42.41 -11.45 0.45
CA SER B 55 -42.62 -12.57 -0.46
C SER B 55 -44.06 -13.06 -0.54
N GLY B 56 -44.87 -12.86 0.51
CA GLY B 56 -46.21 -13.40 0.55
C GLY B 56 -46.41 -14.55 1.50
N GLY B 57 -45.45 -14.82 2.40
CA GLY B 57 -45.61 -15.86 3.40
C GLY B 57 -46.80 -15.62 4.32
N THR B 58 -47.60 -16.66 4.55
CA THR B 58 -48.82 -16.54 5.32
C THR B 58 -48.81 -17.51 6.49
N ASN B 59 -49.36 -17.05 7.61
CA ASN B 59 -49.59 -17.90 8.78
C ASN B 59 -51.01 -17.63 9.27
N TYR B 60 -51.75 -18.71 9.54
CA TYR B 60 -53.15 -18.61 9.93
C TYR B 60 -53.35 -19.23 11.31
N ALA B 61 -54.41 -18.77 11.99
CA ALA B 61 -54.77 -19.31 13.28
C ALA B 61 -55.32 -20.73 13.11
N GLN B 62 -55.40 -21.44 14.24
CA GLN B 62 -55.85 -22.83 14.21
C GLN B 62 -57.30 -22.94 13.74
N LYS B 63 -58.14 -22.00 14.17
CA LYS B 63 -59.57 -22.07 13.90
C LYS B 63 -59.97 -21.35 12.61
N PHE B 64 -59.01 -20.79 11.87
CA PHE B 64 -59.30 -20.07 10.62
C PHE B 64 -58.42 -20.60 9.49
N GLN B 65 -58.38 -21.92 9.34
CA GLN B 65 -57.64 -22.56 8.26
C GLN B 65 -58.63 -23.09 7.22
N GLY B 66 -58.37 -22.79 5.95
CA GLY B 66 -59.19 -23.29 4.86
C GLY B 66 -59.95 -22.20 4.12
N TRP B 67 -60.49 -21.24 4.86
CA TRP B 67 -61.26 -20.14 4.26
C TRP B 67 -60.58 -18.78 4.42
N VAL B 68 -59.29 -18.75 4.76
CA VAL B 68 -58.55 -17.51 4.92
C VAL B 68 -57.38 -17.54 3.94
N THR B 69 -57.28 -16.52 3.10
CA THR B 69 -56.19 -16.38 2.15
C THR B 69 -55.57 -14.99 2.30
N MET B 70 -54.25 -14.94 2.40
CA MET B 70 -53.53 -13.70 2.63
C MET B 70 -52.70 -13.38 1.40
N THR B 71 -52.94 -12.20 0.82
CA THR B 71 -52.17 -11.74 -0.36
C THR B 71 -51.89 -10.25 -0.18
N ARG B 72 -51.21 -9.62 -1.13
CA ARG B 72 -50.97 -8.15 -1.04
C ARG B 72 -50.32 -7.65 -2.33
N ASP B 73 -50.69 -6.43 -2.77
CA ASP B 73 -50.07 -5.83 -3.97
C ASP B 73 -49.09 -4.75 -3.49
N THR B 74 -47.80 -5.05 -3.45
CA THR B 74 -46.87 -4.08 -2.89
C THR B 74 -46.62 -2.90 -3.82
N SER B 75 -46.89 -3.04 -5.12
CA SER B 75 -46.67 -1.94 -6.05
C SER B 75 -47.51 -0.72 -5.66
N ILE B 76 -48.71 -0.96 -5.14
CA ILE B 76 -49.56 0.11 -4.63
C ILE B 76 -49.64 0.06 -3.10
N SER B 77 -48.89 -0.86 -2.49
CA SER B 77 -48.82 -1.01 -1.03
C SER B 77 -50.20 -1.29 -0.43
N THR B 78 -50.76 -2.44 -0.82
CA THR B 78 -52.04 -2.90 -0.30
C THR B 78 -51.90 -4.34 0.16
N ALA B 79 -52.55 -4.65 1.27
CA ALA B 79 -52.59 -6.00 1.81
C ALA B 79 -54.01 -6.54 1.70
N TYR B 80 -54.15 -7.73 1.14
CA TYR B 80 -55.45 -8.32 0.83
C TYR B 80 -55.72 -9.51 1.74
N MET B 81 -56.97 -9.63 2.19
CA MET B 81 -57.43 -10.80 2.93
C MET B 81 -58.68 -11.32 2.24
N GLU B 82 -58.71 -12.62 1.97
CA GLU B 82 -59.83 -13.25 1.28
C GLU B 82 -60.55 -14.19 2.23
N LEU B 83 -61.85 -13.97 2.40
CA LEU B 83 -62.70 -14.80 3.25
C LEU B 83 -63.73 -15.51 2.37
N SER B 84 -63.78 -16.82 2.45
CA SER B 84 -64.66 -17.64 1.63
C SER B 84 -65.69 -18.34 2.49
N ARG B 85 -66.85 -18.64 1.89
CA ARG B 85 -67.96 -19.30 2.55
C ARG B 85 -68.43 -18.49 3.77
N LEU B 86 -68.85 -17.26 3.50
CA LEU B 86 -69.27 -16.35 4.54
C LEU B 86 -70.53 -16.86 5.24
N ARG B 87 -70.61 -16.62 6.54
CA ARG B 87 -71.77 -17.00 7.34
C ARG B 87 -72.19 -15.81 8.19
N SER B 88 -73.45 -15.85 8.64
CA SER B 88 -74.00 -14.75 9.42
C SER B 88 -73.27 -14.55 10.74
N ASP B 89 -72.60 -15.59 11.25
CA ASP B 89 -71.86 -15.45 12.51
C ASP B 89 -70.59 -14.63 12.37
N ASP B 90 -70.15 -14.35 11.14
CA ASP B 90 -68.92 -13.59 10.91
C ASP B 90 -69.18 -12.11 10.70
N THR B 91 -70.40 -11.65 10.92
CA THR B 91 -70.69 -10.22 10.85
C THR B 91 -69.96 -9.51 11.99
N ALA B 92 -68.88 -8.81 11.68
CA ALA B 92 -68.05 -8.20 12.70
C ALA B 92 -67.25 -7.06 12.05
N VAL B 93 -66.24 -6.58 12.76
CA VAL B 93 -65.37 -5.51 12.28
C VAL B 93 -63.96 -6.08 12.19
N TYR B 94 -63.28 -5.80 11.07
CA TYR B 94 -61.95 -6.34 10.82
C TYR B 94 -60.94 -5.20 10.72
N TYR B 95 -59.79 -5.41 11.36
CA TYR B 95 -58.74 -4.40 11.45
C TYR B 95 -57.45 -4.92 10.82
N CYS B 96 -56.73 -4.03 10.15
CA CYS B 96 -55.37 -4.28 9.70
C CYS B 96 -54.40 -3.59 10.66
N ALA B 97 -53.42 -4.36 11.15
CA ALA B 97 -52.54 -3.88 12.20
C ALA B 97 -51.09 -4.15 11.83
N ARG B 98 -50.22 -3.28 12.33
CA ARG B 98 -48.79 -3.33 12.03
C ARG B 98 -48.06 -4.08 13.13
N GLY B 99 -47.23 -5.05 12.74
CA GLY B 99 -46.44 -5.82 13.68
C GLY B 99 -45.06 -5.24 13.91
N TRP B 100 -44.13 -6.11 14.28
CA TRP B 100 -42.76 -5.69 14.50
C TRP B 100 -42.02 -5.66 13.15
N ALA B 101 -40.71 -5.42 13.19
CA ALA B 101 -39.95 -5.30 11.97
C ALA B 101 -39.74 -6.66 11.31
N THR B 102 -39.80 -6.69 9.98
CA THR B 102 -39.60 -7.96 9.24
C THR B 102 -38.11 -8.30 9.23
N TYR B 103 -37.27 -7.35 9.63
CA TYR B 103 -35.80 -7.55 9.64
C TYR B 103 -35.31 -7.59 11.10
N TYR B 104 -34.24 -8.33 11.36
CA TYR B 104 -33.67 -8.34 12.74
C TYR B 104 -32.99 -6.99 13.01
N ASP B 105 -33.24 -6.42 14.18
CA ASP B 105 -32.60 -5.16 14.55
C ASP B 105 -32.51 -4.94 16.07
N ILE B 106 -31.38 -4.45 16.54
CA ILE B 106 -31.09 -4.34 18.00
C ILE B 106 -31.58 -2.94 18.52
N LEU B 107 -31.66 -1.96 17.63
CA LEU B 107 -32.14 -0.61 18.03
C LEU B 107 -33.67 -0.57 17.95
N THR B 108 -34.29 -1.67 17.53
CA THR B 108 -35.77 -1.74 17.44
C THR B 108 -36.29 -2.73 18.49
N GLY B 109 -37.52 -2.54 18.96
CA GLY B 109 -38.10 -3.44 19.98
C GLY B 109 -39.04 -4.46 19.36
N TYR B 110 -40.18 -4.72 20.01
CA TYR B 110 -41.13 -5.70 19.52
C TYR B 110 -42.56 -5.24 19.81
N SER B 111 -42.85 -3.99 19.47
CA SER B 111 -44.16 -3.42 19.70
C SER B 111 -45.19 -4.00 18.74
N LEU B 112 -45.91 -5.03 19.18
CA LEU B 112 -46.91 -5.68 18.35
C LEU B 112 -48.20 -4.87 18.32
N PHE B 113 -48.84 -4.83 17.16
CA PHE B 113 -50.11 -4.11 16.97
C PHE B 113 -49.96 -2.64 17.33
N ASP B 114 -48.85 -2.05 16.91
CA ASP B 114 -48.55 -0.66 17.27
C ASP B 114 -49.58 0.28 16.66
N TYR B 115 -49.90 0.09 15.39
CA TYR B 115 -50.82 0.96 14.66
C TYR B 115 -51.96 0.14 14.07
N TRP B 116 -53.17 0.69 14.16
CA TRP B 116 -54.37 0.06 13.64
C TRP B 116 -55.03 0.95 12.59
N GLY B 117 -55.99 0.39 11.88
CA GLY B 117 -56.77 1.11 10.90
C GLY B 117 -58.19 1.38 11.37
N GLN B 118 -58.92 2.11 10.52
CA GLN B 118 -60.31 2.43 10.83
C GLN B 118 -61.17 1.18 10.90
N GLY B 119 -60.95 0.26 9.97
CA GLY B 119 -61.67 -1.00 10.00
C GLY B 119 -62.82 -1.02 9.01
N THR B 120 -63.18 -2.24 8.60
CA THR B 120 -64.28 -2.46 7.65
C THR B 120 -65.43 -3.15 8.38
N LEU B 121 -66.61 -2.55 8.31
CA LEU B 121 -67.82 -3.13 8.91
C LEU B 121 -68.49 -4.04 7.89
N VAL B 122 -68.27 -5.34 8.03
CA VAL B 122 -68.87 -6.33 7.14
C VAL B 122 -70.20 -6.78 7.75
N THR B 123 -71.26 -6.76 6.95
CA THR B 123 -72.59 -7.16 7.37
C THR B 123 -73.13 -8.16 6.37
N VAL B 124 -73.43 -9.38 6.85
CA VAL B 124 -73.96 -10.44 6.01
C VAL B 124 -75.24 -10.96 6.65
N SER B 125 -76.29 -11.07 5.85
CA SER B 125 -77.60 -11.54 6.31
C SER B 125 -78.46 -11.78 5.07
N SER B 126 -79.68 -12.27 5.30
CA SER B 126 -80.63 -12.51 4.24
C SER B 126 -81.50 -11.30 3.92
N ALA B 127 -81.35 -10.22 4.67
CA ALA B 127 -82.14 -9.01 4.43
C ALA B 127 -81.56 -8.24 3.25
N SER B 128 -82.43 -7.86 2.32
CA SER B 128 -81.99 -7.13 1.14
C SER B 128 -81.83 -5.65 1.46
N THR B 129 -81.10 -4.96 0.58
CA THR B 129 -80.89 -3.52 0.75
C THR B 129 -82.18 -2.77 0.48
N LYS B 130 -82.51 -1.84 1.37
CA LYS B 130 -83.73 -1.04 1.28
C LYS B 130 -83.39 0.43 1.24
N GLY B 131 -84.02 1.17 0.34
CA GLY B 131 -83.85 2.59 0.24
C GLY B 131 -84.33 3.31 1.49
N PRO B 132 -83.44 4.08 2.12
CA PRO B 132 -83.81 4.75 3.38
C PRO B 132 -84.94 5.74 3.18
N SER B 133 -85.81 5.81 4.19
CA SER B 133 -86.89 6.79 4.23
C SER B 133 -86.61 7.78 5.35
N VAL B 134 -86.63 9.06 5.02
CA VAL B 134 -86.26 10.13 5.95
C VAL B 134 -87.47 11.02 6.16
N PHE B 135 -87.76 11.33 7.42
CA PHE B 135 -88.88 12.18 7.81
C PHE B 135 -88.41 13.21 8.84
N PRO B 136 -89.04 14.38 8.86
CA PRO B 136 -88.64 15.39 9.86
C PRO B 136 -89.40 15.25 11.17
N LEU B 137 -89.07 16.09 12.15
CA LEU B 137 -89.74 16.10 13.44
C LEU B 137 -89.90 17.55 13.87
N ALA B 138 -91.13 18.05 13.87
CA ALA B 138 -91.37 19.43 14.27
C ALA B 138 -91.13 19.59 15.76
N PRO B 139 -90.30 20.55 16.18
CA PRO B 139 -90.08 20.74 17.62
C PRO B 139 -91.34 21.21 18.33
N SER B 140 -91.45 20.81 19.59
CA SER B 140 -92.60 21.16 20.41
C SER B 140 -92.60 22.65 20.76
N GLY B 152 -86.30 17.42 15.04
CA GLY B 152 -85.40 16.31 14.80
C GLY B 152 -85.55 15.68 13.43
N CYS B 153 -84.73 14.66 13.15
CA CYS B 153 -84.77 13.97 11.88
C CYS B 153 -84.53 12.49 12.11
N LEU B 154 -85.31 11.65 11.44
CA LEU B 154 -85.22 10.20 11.59
C LEU B 154 -85.06 9.55 10.21
N VAL B 155 -84.35 8.43 10.18
CA VAL B 155 -84.11 7.67 8.97
C VAL B 155 -84.68 6.27 9.16
N LYS B 156 -85.44 5.79 8.17
CA LYS B 156 -86.18 4.54 8.29
C LYS B 156 -85.95 3.69 7.05
N ASP B 157 -86.01 2.37 7.24
CA ASP B 157 -85.97 1.38 6.15
C ASP B 157 -84.65 1.47 5.37
N TYR B 158 -83.55 1.21 6.06
CA TYR B 158 -82.23 1.19 5.43
C TYR B 158 -81.45 0.01 6.00
N PHE B 159 -81.17 -0.99 5.14
CA PHE B 159 -80.45 -2.17 5.60
C PHE B 159 -79.01 -1.85 6.04
N PRO B 160 -78.20 -1.14 5.26
CA PRO B 160 -76.82 -0.87 5.71
C PRO B 160 -76.80 0.01 6.94
N GLU B 161 -75.78 -0.21 7.78
CA GLU B 161 -75.61 0.50 9.03
C GLU B 161 -75.06 1.92 8.86
N PRO B 162 -73.93 2.13 8.19
CA PRO B 162 -73.32 3.47 8.18
C PRO B 162 -74.18 4.46 7.39
N VAL B 163 -74.55 5.55 8.06
CA VAL B 163 -75.34 6.61 7.46
C VAL B 163 -74.75 7.95 7.89
N THR B 164 -74.55 8.84 6.91
CA THR B 164 -74.05 10.19 7.18
C THR B 164 -75.23 11.15 7.29
N VAL B 165 -75.28 11.92 8.37
CA VAL B 165 -76.37 12.84 8.63
C VAL B 165 -75.80 14.24 8.89
N SER B 166 -76.49 15.25 8.38
CA SER B 166 -76.10 16.64 8.59
C SER B 166 -77.37 17.49 8.63
N TRP B 167 -77.18 18.81 8.72
CA TRP B 167 -78.29 19.75 8.75
C TRP B 167 -77.97 20.93 7.86
N ASN B 168 -78.93 21.31 7.01
CA ASN B 168 -78.79 22.43 6.07
C ASN B 168 -77.55 22.24 5.19
N SER B 169 -77.48 21.07 4.55
CA SER B 169 -76.38 20.71 3.66
C SER B 169 -75.03 20.82 4.38
N GLY B 170 -74.99 20.35 5.62
CA GLY B 170 -73.76 20.38 6.40
C GLY B 170 -73.30 21.77 6.77
N ALA B 171 -74.22 22.67 7.08
CA ALA B 171 -73.90 24.03 7.49
C ALA B 171 -74.28 24.32 8.93
N LEU B 172 -75.44 23.84 9.38
CA LEU B 172 -75.89 24.03 10.77
C LEU B 172 -75.40 22.87 11.61
N THR B 173 -74.15 22.98 12.06
CA THR B 173 -73.52 21.96 12.89
C THR B 173 -73.54 22.31 14.36
N SER B 174 -74.37 23.27 14.76
CA SER B 174 -74.47 23.72 16.14
C SER B 174 -75.73 23.15 16.78
N GLY B 175 -75.56 22.53 17.95
CA GLY B 175 -76.68 21.94 18.66
C GLY B 175 -77.19 20.64 18.08
N VAL B 176 -76.44 20.00 17.19
CA VAL B 176 -76.85 18.77 16.53
C VAL B 176 -76.17 17.60 17.22
N HIS B 177 -76.95 16.63 17.69
CA HIS B 177 -76.44 15.42 18.31
C HIS B 177 -77.02 14.21 17.59
N THR B 178 -76.18 13.19 17.39
CA THR B 178 -76.58 11.98 16.69
C THR B 178 -76.81 10.87 17.70
N PHE B 179 -77.96 10.19 17.57
CA PHE B 179 -78.30 9.09 18.45
C PHE B 179 -77.97 7.75 17.80
N PRO B 180 -77.59 6.76 18.62
CA PRO B 180 -77.27 5.43 18.05
C PRO B 180 -78.49 4.81 17.38
N ALA B 181 -78.23 4.09 16.30
CA ALA B 181 -79.30 3.42 15.56
C ALA B 181 -79.77 2.18 16.32
N VAL B 182 -81.04 1.83 16.08
CA VAL B 182 -81.66 0.65 16.69
C VAL B 182 -82.11 -0.27 15.57
N LEU B 183 -81.71 -1.54 15.66
CA LEU B 183 -82.05 -2.51 14.62
C LEU B 183 -83.48 -3.02 14.82
N GLN B 184 -84.21 -3.13 13.72
CA GLN B 184 -85.55 -3.68 13.72
C GLN B 184 -85.53 -5.14 13.29
N SER B 185 -86.61 -5.86 13.61
CA SER B 185 -86.68 -7.29 13.36
C SER B 185 -86.73 -7.62 11.87
N SER B 186 -87.06 -6.65 11.02
CA SER B 186 -87.17 -6.89 9.59
C SER B 186 -85.84 -6.78 8.85
N GLY B 187 -84.75 -6.49 9.57
CA GLY B 187 -83.45 -6.34 8.99
C GLY B 187 -83.02 -4.91 8.71
N LEU B 188 -83.97 -3.99 8.67
CA LEU B 188 -83.64 -2.58 8.47
C LEU B 188 -83.38 -1.90 9.83
N TYR B 189 -82.78 -0.73 9.76
CA TYR B 189 -82.35 0.00 10.95
C TYR B 189 -83.20 1.27 11.11
N SER B 190 -82.92 2.01 12.18
CA SER B 190 -83.62 3.26 12.45
C SER B 190 -82.73 4.14 13.32
N LEU B 191 -82.49 5.37 12.88
CA LEU B 191 -81.65 6.30 13.61
C LEU B 191 -82.41 7.61 13.81
N SER B 192 -81.99 8.35 14.83
CA SER B 192 -82.57 9.65 15.14
C SER B 192 -81.47 10.69 15.23
N SER B 193 -81.72 11.86 14.65
CA SER B 193 -80.79 12.99 14.71
C SER B 193 -81.59 14.24 14.97
N VAL B 194 -81.36 14.88 16.11
CA VAL B 194 -82.14 16.03 16.56
C VAL B 194 -81.20 17.21 16.78
N VAL B 195 -81.66 18.39 16.36
CA VAL B 195 -80.95 19.63 16.64
C VAL B 195 -81.59 20.31 17.84
N THR B 196 -80.76 20.75 18.78
CA THR B 196 -81.24 21.33 20.04
C THR B 196 -81.24 22.85 19.90
N VAL B 197 -82.42 23.41 19.68
CA VAL B 197 -82.61 24.86 19.63
C VAL B 197 -83.73 25.25 20.57
N PRO B 198 -83.52 25.22 21.89
CA PRO B 198 -84.58 25.58 22.82
C PRO B 198 -84.57 27.06 23.17
N SER B 199 -85.69 27.48 23.77
CA SER B 199 -85.89 28.87 24.19
C SER B 199 -85.67 29.84 23.02
N SER B 200 -86.17 29.47 21.85
CA SER B 200 -86.04 30.29 20.66
C SER B 200 -87.36 30.27 19.91
N SER B 201 -87.51 31.23 19.00
CA SER B 201 -88.74 31.37 18.22
C SER B 201 -88.87 30.32 17.13
N LEU B 202 -87.79 29.59 16.83
CA LEU B 202 -87.76 28.58 15.76
C LEU B 202 -88.15 29.17 14.41
N GLY B 203 -87.78 30.43 14.17
CA GLY B 203 -88.12 31.09 12.93
C GLY B 203 -87.00 31.94 12.36
N THR B 204 -85.86 31.98 13.05
CA THR B 204 -84.73 32.76 12.56
C THR B 204 -84.21 32.21 11.24
N GLN B 205 -84.08 30.89 11.14
CA GLN B 205 -83.64 30.23 9.93
C GLN B 205 -84.50 28.99 9.69
N THR B 206 -84.62 28.61 8.42
CA THR B 206 -85.35 27.40 8.06
C THR B 206 -84.46 26.19 8.31
N TYR B 207 -84.99 25.21 9.04
CA TYR B 207 -84.23 24.03 9.44
C TYR B 207 -84.49 22.90 8.46
N ILE B 208 -83.42 22.40 7.86
CA ILE B 208 -83.47 21.27 6.92
C ILE B 208 -82.49 20.21 7.39
N CYS B 209 -82.97 18.99 7.58
CA CYS B 209 -82.14 17.87 7.96
C CYS B 209 -81.76 17.08 6.71
N ASN B 210 -80.50 16.68 6.63
CA ASN B 210 -79.96 16.01 5.45
C ASN B 210 -79.49 14.60 5.83
N VAL B 211 -79.80 13.63 4.97
CA VAL B 211 -79.34 12.26 5.12
C VAL B 211 -78.51 11.89 3.90
N ASN B 212 -77.36 11.27 4.14
CA ASN B 212 -76.46 10.84 3.07
C ASN B 212 -76.10 9.38 3.32
N HIS B 213 -76.85 8.47 2.68
CA HIS B 213 -76.63 7.03 2.83
C HIS B 213 -75.82 6.57 1.62
N LYS B 214 -74.50 6.55 1.78
CA LYS B 214 -73.63 6.18 0.67
C LYS B 214 -73.85 4.75 0.17
N PRO B 215 -73.97 3.72 1.01
CA PRO B 215 -74.22 2.37 0.46
C PRO B 215 -75.45 2.29 -0.42
N SER B 216 -76.52 3.00 -0.07
CA SER B 216 -77.71 3.06 -0.91
C SER B 216 -77.65 4.20 -1.93
N ASN B 217 -76.64 5.07 -1.84
CA ASN B 217 -76.45 6.18 -2.77
C ASN B 217 -77.68 7.08 -2.82
N THR B 218 -78.14 7.50 -1.64
CA THR B 218 -79.30 8.36 -1.51
C THR B 218 -78.93 9.63 -0.74
N LYS B 219 -79.53 10.74 -1.14
CA LYS B 219 -79.33 12.02 -0.45
C LYS B 219 -80.64 12.80 -0.55
N VAL B 220 -81.40 12.80 0.55
CA VAL B 220 -82.71 13.45 0.60
C VAL B 220 -82.72 14.47 1.72
N ASP B 221 -83.23 15.66 1.42
CA ASP B 221 -83.33 16.76 2.38
C ASP B 221 -84.79 16.97 2.78
N LYS B 222 -85.01 17.09 4.09
CA LYS B 222 -86.35 17.27 4.63
C LYS B 222 -86.41 18.57 5.42
N ARG B 223 -87.48 19.34 5.20
CA ARG B 223 -87.68 20.60 5.90
C ARG B 223 -88.30 20.35 7.27
N VAL B 224 -87.88 21.15 8.24
CA VAL B 224 -88.40 21.07 9.60
C VAL B 224 -89.10 22.37 9.92
N GLU B 225 -90.37 22.29 10.30
CA GLU B 225 -91.15 23.47 10.62
C GLU B 225 -91.90 23.29 11.95
N SER C 1 -56.16 -20.97 21.83
CA SER C 1 -57.45 -20.37 22.16
C SER C 1 -57.30 -18.92 22.59
N ALA C 2 -57.25 -18.70 23.91
CA ALA C 2 -57.13 -17.36 24.46
C ALA C 2 -56.50 -17.46 25.84
N LEU C 3 -56.51 -16.36 26.59
CA LEU C 3 -55.98 -16.30 27.94
C LEU C 3 -57.06 -15.83 28.90
N THR C 4 -57.11 -16.46 30.07
CA THR C 4 -58.14 -16.14 31.05
C THR C 4 -57.89 -14.76 31.65
N GLN C 5 -58.88 -13.88 31.55
CA GLN C 5 -58.81 -12.54 32.08
C GLN C 5 -60.09 -12.23 32.84
N PRO C 6 -60.00 -11.52 33.97
CA PRO C 6 -61.22 -11.17 34.72
C PRO C 6 -62.19 -10.38 33.85
N ALA C 7 -63.46 -10.76 33.93
CA ALA C 7 -64.47 -10.17 33.05
C ALA C 7 -64.81 -8.74 33.47
N SER C 8 -65.02 -8.52 34.76
CA SER C 8 -65.47 -7.24 35.27
C SER C 8 -64.53 -6.74 36.36
N VAL C 9 -64.10 -5.50 36.25
CA VAL C 9 -63.25 -4.85 37.25
C VAL C 9 -63.80 -3.45 37.50
N SER C 10 -64.07 -3.14 38.77
CA SER C 10 -64.58 -1.84 39.17
C SER C 10 -63.55 -1.14 40.03
N GLY C 11 -63.28 0.13 39.72
CA GLY C 11 -62.28 0.88 40.45
C GLY C 11 -62.70 2.29 40.81
N SER C 12 -62.68 2.60 42.11
CA SER C 12 -62.97 3.94 42.58
C SER C 12 -61.76 4.85 42.35
N PRO C 13 -61.99 6.16 42.22
CA PRO C 13 -60.87 7.08 42.02
C PRO C 13 -59.93 7.09 43.21
N GLY C 14 -58.63 7.25 42.92
CA GLY C 14 -57.63 7.40 43.97
C GLY C 14 -56.98 6.12 44.43
N GLN C 15 -57.43 4.96 43.96
CA GLN C 15 -56.85 3.69 44.36
C GLN C 15 -56.13 3.04 43.19
N SER C 16 -55.40 1.97 43.50
CA SER C 16 -54.64 1.22 42.51
C SER C 16 -55.45 0.01 42.06
N ILE C 17 -55.55 -0.17 40.74
CA ILE C 17 -56.31 -1.26 40.15
C ILE C 17 -55.37 -2.12 39.33
N THR C 18 -55.40 -3.43 39.58
CA THR C 18 -54.54 -4.39 38.90
C THR C 18 -55.40 -5.36 38.11
N ILE C 19 -55.05 -5.57 36.84
CA ILE C 19 -55.75 -6.50 35.96
C ILE C 19 -54.82 -7.66 35.67
N SER C 20 -55.32 -8.88 35.87
CA SER C 20 -54.53 -10.09 35.69
C SER C 20 -54.76 -10.69 34.30
N CYS C 21 -53.82 -11.54 33.89
CA CYS C 21 -53.89 -12.20 32.58
C CYS C 21 -53.08 -13.48 32.68
N THR C 22 -53.78 -14.60 32.86
CA THR C 22 -53.13 -15.90 33.12
C THR C 22 -52.99 -16.67 31.82
N GLY C 23 -51.80 -17.23 31.60
CA GLY C 23 -51.53 -17.98 30.39
C GLY C 23 -50.90 -19.33 30.65
N THR C 24 -50.24 -19.89 29.64
CA THR C 24 -49.61 -21.20 29.73
C THR C 24 -48.08 -21.03 29.79
N SER C 25 -47.39 -22.17 29.84
CA SER C 25 -45.94 -22.16 29.94
C SER C 25 -45.29 -21.64 28.67
N SER C 26 -45.74 -22.14 27.51
CA SER C 26 -45.15 -21.74 26.24
C SER C 26 -45.68 -20.42 25.73
N ASP C 27 -46.67 -19.82 26.40
CA ASP C 27 -47.24 -18.55 25.96
C ASP C 27 -46.60 -17.37 26.69
N VAL C 28 -46.63 -17.40 28.03
CA VAL C 28 -46.10 -16.30 28.83
C VAL C 28 -44.85 -16.69 29.61
N GLY C 29 -44.67 -17.98 29.92
CA GLY C 29 -43.54 -18.40 30.74
C GLY C 29 -42.21 -18.37 30.02
N SER C 30 -42.22 -18.21 28.69
CA SER C 30 -40.99 -18.20 27.90
C SER C 30 -40.81 -16.97 27.04
N TYR C 31 -41.89 -16.39 26.52
CA TYR C 31 -41.81 -15.25 25.62
C TYR C 31 -42.36 -14.03 26.34
N ASN C 32 -41.48 -13.09 26.69
CA ASN C 32 -41.89 -11.87 27.37
C ASN C 32 -42.34 -10.79 26.39
N LEU C 33 -43.27 -11.14 25.51
CA LEU C 33 -43.77 -10.23 24.48
C LEU C 33 -45.25 -9.93 24.70
N VAL C 34 -45.68 -9.88 25.95
CA VAL C 34 -47.07 -9.58 26.26
C VAL C 34 -47.31 -8.08 26.11
N SER C 35 -48.55 -7.70 25.84
CA SER C 35 -48.90 -6.31 25.61
C SER C 35 -50.31 -6.04 26.12
N TRP C 36 -50.60 -4.76 26.34
CA TRP C 36 -51.90 -4.32 26.85
C TRP C 36 -52.40 -3.16 26.01
N TYR C 37 -53.69 -3.18 25.67
CA TYR C 37 -54.30 -2.17 24.82
C TYR C 37 -55.56 -1.63 25.48
N GLN C 38 -55.76 -0.32 25.36
CA GLN C 38 -56.98 0.33 25.83
C GLN C 38 -57.87 0.64 24.65
N GLN C 39 -59.11 0.16 24.69
CA GLN C 39 -60.07 0.33 23.60
C GLN C 39 -61.17 1.28 24.05
N HIS C 40 -61.12 2.52 23.56
CA HIS C 40 -62.17 3.47 23.85
C HIS C 40 -63.48 3.04 23.21
N PRO C 41 -64.62 3.37 23.82
CA PRO C 41 -65.91 3.02 23.22
C PRO C 41 -66.12 3.67 21.87
N GLY C 42 -66.25 2.85 20.82
CA GLY C 42 -66.43 3.35 19.48
C GLY C 42 -65.16 3.72 18.74
N LYS C 43 -63.99 3.48 19.34
CA LYS C 43 -62.71 3.81 18.73
C LYS C 43 -61.82 2.58 18.72
N ALA C 44 -60.95 2.51 17.71
CA ALA C 44 -60.05 1.37 17.57
C ALA C 44 -59.06 1.33 18.73
N PRO C 45 -58.62 0.13 19.13
CA PRO C 45 -57.69 0.02 20.26
C PRO C 45 -56.38 0.76 19.99
N LYS C 46 -55.84 1.35 21.06
CA LYS C 46 -54.60 2.11 20.99
C LYS C 46 -53.57 1.45 21.90
N LEU C 47 -52.36 1.26 21.37
CA LEU C 47 -51.32 0.56 22.12
C LEU C 47 -50.97 1.31 23.40
N MET C 48 -50.90 0.57 24.51
CA MET C 48 -50.61 1.19 25.83
C MET C 48 -49.26 0.67 26.36
N ILE C 49 -49.14 -0.66 26.51
CA ILE C 49 -47.85 -1.27 26.98
C ILE C 49 -47.43 -2.33 25.95
N TYR C 50 -46.38 -2.07 25.18
CA TYR C 50 -45.96 -3.01 24.09
C TYR C 50 -45.37 -4.29 24.68
N GLU C 51 -44.61 -4.18 25.77
CA GLU C 51 -44.03 -5.38 26.42
C GLU C 51 -44.48 -5.25 27.88
N VAL C 52 -43.81 -5.97 28.79
CA VAL C 52 -44.31 -6.20 30.17
C VAL C 52 -44.72 -4.86 30.79
N SER C 53 -43.78 -3.90 30.87
CA SER C 53 -44.08 -2.60 31.52
C SER C 53 -43.66 -1.44 30.61
N LYS C 54 -42.50 -1.58 29.95
CA LYS C 54 -41.99 -0.49 29.07
C LYS C 54 -43.15 0.13 28.30
N ARG C 55 -43.16 1.46 28.14
CA ARG C 55 -44.32 2.13 27.50
C ARG C 55 -43.89 2.93 26.26
N PRO C 56 -44.77 3.05 25.24
CA PRO C 56 -44.50 3.88 24.05
C PRO C 56 -44.59 5.36 24.40
N SER C 57 -44.44 6.19 23.36
CA SER C 57 -44.58 7.62 23.53
C SER C 57 -46.05 7.99 23.70
N GLY C 58 -46.29 9.11 24.39
CA GLY C 58 -47.65 9.54 24.65
C GLY C 58 -48.38 8.77 25.74
N VAL C 59 -47.65 7.97 26.53
CA VAL C 59 -48.23 7.19 27.61
C VAL C 59 -47.68 7.71 28.92
N SER C 60 -48.57 8.01 29.87
CA SER C 60 -48.16 8.58 31.14
C SER C 60 -47.38 7.56 31.98
N ASN C 61 -46.57 8.07 32.89
CA ASN C 61 -45.79 7.24 33.81
C ASN C 61 -46.65 6.55 34.86
N ARG C 62 -47.94 6.89 34.94
CA ARG C 62 -48.83 6.21 35.87
C ARG C 62 -48.93 4.73 35.54
N PHE C 63 -48.99 4.39 34.26
CA PHE C 63 -49.23 3.02 33.82
C PHE C 63 -47.99 2.18 34.04
N SER C 64 -48.20 0.90 34.37
CA SER C 64 -47.11 -0.02 34.59
C SER C 64 -47.58 -1.44 34.37
N GLY C 65 -46.63 -2.34 34.15
CA GLY C 65 -46.93 -3.74 33.93
C GLY C 65 -45.87 -4.62 34.55
N SER C 66 -46.22 -5.87 34.78
CA SER C 66 -45.31 -6.82 35.42
C SER C 66 -45.65 -8.23 34.94
N LYS C 67 -44.67 -9.12 35.10
CA LYS C 67 -44.81 -10.52 34.73
C LYS C 67 -44.36 -11.40 35.89
N SER C 68 -45.14 -12.43 36.18
CA SER C 68 -44.82 -13.35 37.25
C SER C 68 -45.45 -14.70 36.96
N GLY C 69 -44.62 -15.76 36.96
CA GLY C 69 -45.13 -17.09 36.67
C GLY C 69 -45.72 -17.16 35.27
N ASN C 70 -46.94 -17.69 35.19
CA ASN C 70 -47.67 -17.80 33.93
C ASN C 70 -48.79 -16.76 33.84
N THR C 71 -48.55 -15.59 34.42
CA THR C 71 -49.54 -14.53 34.40
C THR C 71 -48.84 -13.18 34.35
N ALA C 72 -49.61 -12.16 33.97
CA ALA C 72 -49.11 -10.79 33.88
C ALA C 72 -50.13 -9.85 34.52
N SER C 73 -49.63 -8.72 34.99
CA SER C 73 -50.45 -7.73 35.68
C SER C 73 -50.23 -6.35 35.08
N LEU C 74 -51.32 -5.62 34.91
CA LEU C 74 -51.29 -4.23 34.47
C LEU C 74 -51.78 -3.37 35.62
N THR C 75 -50.97 -2.39 36.02
CA THR C 75 -51.23 -1.59 37.20
C THR C 75 -51.60 -0.17 36.81
N ILE C 76 -52.72 0.31 37.35
CA ILE C 76 -53.15 1.69 37.18
C ILE C 76 -53.52 2.23 38.56
N SER C 77 -53.02 3.43 38.88
CA SER C 77 -53.27 4.07 40.16
C SER C 77 -53.72 5.50 39.92
N GLY C 78 -54.71 5.95 40.68
CA GLY C 78 -55.27 7.27 40.49
C GLY C 78 -56.02 7.38 39.18
N LEU C 79 -57.16 6.68 39.11
CA LEU C 79 -57.93 6.61 37.87
C LEU C 79 -58.48 8.00 37.50
N GLN C 80 -58.67 8.20 36.20
CA GLN C 80 -59.20 9.43 35.66
C GLN C 80 -60.42 9.12 34.81
N ALA C 81 -61.15 10.18 34.43
CA ALA C 81 -62.38 10.01 33.67
C ALA C 81 -62.14 9.36 32.31
N GLU C 82 -60.93 9.46 31.76
CA GLU C 82 -60.61 8.86 30.47
C GLU C 82 -60.39 7.36 30.54
N ASP C 83 -60.37 6.77 31.74
CA ASP C 83 -60.06 5.36 31.90
C ASP C 83 -61.26 4.46 31.71
N GLU C 84 -62.44 5.00 31.43
CA GLU C 84 -63.65 4.20 31.23
C GLU C 84 -63.63 3.59 29.82
N ALA C 85 -62.72 2.64 29.64
CA ALA C 85 -62.56 1.98 28.35
C ALA C 85 -62.17 0.52 28.57
N ASP C 86 -62.41 -0.29 27.55
CA ASP C 86 -62.07 -1.71 27.63
C ASP C 86 -60.56 -1.90 27.61
N TYR C 87 -60.11 -3.00 28.21
CA TYR C 87 -58.69 -3.32 28.29
C TYR C 87 -58.48 -4.77 27.87
N TYR C 88 -57.43 -5.00 27.08
CA TYR C 88 -57.19 -6.31 26.50
C TYR C 88 -55.75 -6.75 26.75
N CYS C 89 -55.55 -8.06 26.75
CA CYS C 89 -54.25 -8.68 26.98
C CYS C 89 -53.93 -9.63 25.83
N CYS C 90 -52.69 -9.58 25.35
CA CYS C 90 -52.25 -10.39 24.23
C CYS C 90 -50.84 -10.91 24.48
N SER C 91 -50.51 -12.02 23.80
CA SER C 91 -49.20 -12.63 23.92
C SER C 91 -48.91 -13.43 22.66
N TYR C 92 -47.66 -13.88 22.54
CA TYR C 92 -47.18 -14.61 21.38
C TYR C 92 -46.95 -16.07 21.76
N ALA C 93 -47.46 -16.99 20.95
CA ALA C 93 -47.38 -18.41 21.20
C ALA C 93 -46.47 -19.08 20.19
N GLY C 94 -45.50 -19.85 20.68
CA GLY C 94 -44.57 -20.54 19.81
C GLY C 94 -44.70 -22.05 19.87
N SER C 95 -43.57 -22.73 20.09
CA SER C 95 -43.52 -24.19 20.20
C SER C 95 -44.07 -24.87 18.94
N SER C 96 -43.38 -24.61 17.83
CA SER C 96 -43.64 -25.17 16.50
C SER C 96 -44.96 -24.69 15.89
N THR C 97 -45.72 -23.85 16.59
CA THR C 97 -46.97 -23.29 16.07
C THR C 97 -46.93 -21.78 16.28
N PRO C 98 -46.20 -21.05 15.44
CA PRO C 98 -46.07 -19.60 15.63
C PRO C 98 -47.37 -18.86 15.35
N HIS C 99 -48.01 -18.38 16.41
CA HIS C 99 -49.22 -17.58 16.31
C HIS C 99 -49.37 -16.78 17.60
N VAL C 100 -50.36 -15.90 17.65
CA VAL C 100 -50.60 -15.09 18.83
C VAL C 100 -52.05 -15.28 19.27
N VAL C 101 -52.29 -14.99 20.54
CA VAL C 101 -53.61 -15.14 21.16
C VAL C 101 -53.92 -13.89 21.96
N PHE C 102 -55.20 -13.72 22.27
CA PHE C 102 -55.68 -12.58 23.03
C PHE C 102 -56.27 -13.05 24.35
N GLY C 103 -56.81 -12.10 25.13
CA GLY C 103 -57.42 -12.38 26.40
C GLY C 103 -58.94 -12.28 26.35
N GLY C 104 -59.54 -12.53 27.51
CA GLY C 104 -60.99 -12.49 27.62
C GLY C 104 -61.59 -11.11 27.76
N GLY C 105 -60.76 -10.08 27.88
CA GLY C 105 -61.24 -8.72 28.02
C GLY C 105 -61.63 -8.37 29.43
N THR C 106 -61.79 -7.07 29.67
CA THR C 106 -62.18 -6.56 30.97
C THR C 106 -62.83 -5.19 30.80
N LYS C 107 -63.93 -4.97 31.49
CA LYS C 107 -64.63 -3.69 31.48
C LYS C 107 -64.30 -2.93 32.76
N LEU C 108 -63.70 -1.76 32.61
CA LEU C 108 -63.36 -0.90 33.74
C LEU C 108 -64.30 0.30 33.76
N THR C 109 -64.92 0.52 34.92
CA THR C 109 -65.87 1.62 35.10
C THR C 109 -65.31 2.55 36.19
N VAL C 110 -64.74 3.68 35.75
CA VAL C 110 -64.18 4.64 36.68
C VAL C 110 -65.31 5.48 37.28
N LEU C 111 -65.29 5.63 38.60
CA LEU C 111 -66.29 6.41 39.31
C LEU C 111 -65.81 7.85 39.45
N GLY C 112 -66.50 8.64 40.28
CA GLY C 112 -66.10 10.02 40.51
C GLY C 112 -66.94 11.01 39.74
N GLN C 113 -67.41 10.62 38.56
CA GLN C 113 -68.26 11.50 37.77
C GLN C 113 -69.62 11.66 38.45
N PRO C 114 -70.07 12.89 38.69
CA PRO C 114 -71.35 13.08 39.38
C PRO C 114 -72.51 12.53 38.58
N LYS C 115 -73.50 12.00 39.30
CA LYS C 115 -74.71 11.47 38.67
C LYS C 115 -75.65 12.61 38.28
N ALA C 116 -76.21 12.52 37.08
CA ALA C 116 -77.10 13.54 36.55
C ALA C 116 -78.43 12.89 36.16
N ALA C 117 -79.52 13.59 36.47
CA ALA C 117 -80.83 13.08 36.11
C ALA C 117 -80.98 13.06 34.58
N PRO C 118 -81.45 11.94 34.01
CA PRO C 118 -81.61 11.87 32.56
C PRO C 118 -82.62 12.88 32.04
N SER C 119 -82.34 13.42 30.87
CA SER C 119 -83.23 14.36 30.19
C SER C 119 -84.01 13.60 29.13
N VAL C 120 -85.34 13.64 29.22
CA VAL C 120 -86.22 12.87 28.34
C VAL C 120 -87.00 13.84 27.47
N THR C 121 -86.92 13.66 26.16
CA THR C 121 -87.65 14.46 25.20
C THR C 121 -88.51 13.55 24.31
N LEU C 122 -89.75 13.96 24.10
CA LEU C 122 -90.71 13.19 23.32
C LEU C 122 -91.03 13.92 22.02
N PHE C 123 -90.89 13.23 20.90
CA PHE C 123 -91.19 13.81 19.59
C PHE C 123 -92.37 13.07 18.97
N PRO C 124 -93.50 13.73 18.76
CA PRO C 124 -94.65 13.07 18.14
C PRO C 124 -94.43 12.87 16.66
N PRO C 125 -95.19 11.98 16.03
CA PRO C 125 -95.05 11.80 14.57
C PRO C 125 -95.37 13.09 13.82
N SER C 126 -94.63 13.32 12.75
CA SER C 126 -94.79 14.53 11.95
C SER C 126 -95.91 14.35 10.92
N SER C 127 -96.20 15.43 10.20
CA SER C 127 -97.22 15.37 9.16
C SER C 127 -96.83 14.41 8.05
N GLU C 128 -95.55 14.40 7.67
CA GLU C 128 -95.09 13.46 6.64
C GLU C 128 -95.23 12.02 7.11
N GLU C 129 -94.89 11.75 8.37
CA GLU C 129 -95.04 10.39 8.89
C GLU C 129 -96.51 9.98 8.98
N LEU C 130 -97.38 10.91 9.40
CA LEU C 130 -98.81 10.60 9.45
C LEU C 130 -99.36 10.30 8.06
N GLN C 131 -98.90 11.04 7.06
CA GLN C 131 -99.31 10.78 5.68
C GLN C 131 -98.81 9.43 5.18
N ALA C 132 -97.80 8.85 5.83
CA ALA C 132 -97.24 7.56 5.44
C ALA C 132 -97.97 6.39 6.10
N ASN C 133 -99.16 6.62 6.66
CA ASN C 133 -99.97 5.57 7.27
C ASN C 133 -99.23 4.86 8.40
N LYS C 134 -98.45 5.63 9.16
CA LYS C 134 -97.72 5.07 10.30
C LYS C 134 -97.46 6.17 11.31
N ALA C 135 -97.35 5.77 12.58
CA ALA C 135 -97.05 6.69 13.66
C ALA C 135 -95.90 6.14 14.48
N THR C 136 -94.89 6.97 14.71
CA THR C 136 -93.71 6.57 15.48
C THR C 136 -93.42 7.63 16.53
N LEU C 137 -93.31 7.19 17.79
CA LEU C 137 -92.95 8.06 18.89
C LEU C 137 -91.50 7.81 19.26
N VAL C 138 -90.70 8.88 19.29
CA VAL C 138 -89.27 8.79 19.56
C VAL C 138 -89.02 9.34 20.94
N CYS C 139 -88.45 8.52 21.82
CA CYS C 139 -88.10 8.92 23.18
C CYS C 139 -86.58 9.02 23.27
N LEU C 140 -86.09 10.26 23.36
CA LEU C 140 -84.66 10.53 23.38
C LEU C 140 -84.23 10.84 24.80
N ILE C 141 -83.15 10.18 25.25
CA ILE C 141 -82.62 10.34 26.59
C ILE C 141 -81.14 10.70 26.47
N SER C 142 -80.73 11.76 27.17
CA SER C 142 -79.35 12.23 27.13
C SER C 142 -79.01 12.92 28.45
N ASP C 143 -77.74 13.26 28.59
CA ASP C 143 -77.23 13.98 29.76
C ASP C 143 -77.49 13.20 31.05
N PHE C 144 -76.89 12.02 31.13
CA PHE C 144 -77.02 11.18 32.31
C PHE C 144 -75.75 10.34 32.47
N TYR C 145 -75.52 9.90 33.70
CA TYR C 145 -74.37 9.05 34.02
C TYR C 145 -74.67 8.32 35.31
N PRO C 146 -74.41 7.00 35.40
CA PRO C 146 -73.84 6.15 34.35
C PRO C 146 -74.83 5.82 33.23
N GLY C 147 -74.31 5.33 32.10
CA GLY C 147 -75.15 5.00 30.97
C GLY C 147 -75.89 3.70 31.10
N ALA C 148 -76.66 3.55 32.18
CA ALA C 148 -77.47 2.36 32.42
C ALA C 148 -78.89 2.83 32.74
N VAL C 149 -79.75 2.84 31.73
CA VAL C 149 -81.14 3.29 31.90
C VAL C 149 -82.07 2.23 31.30
N THR C 150 -83.30 2.24 31.80
CA THR C 150 -84.37 1.37 31.30
C THR C 150 -85.51 2.26 30.80
N VAL C 151 -85.91 2.05 29.54
CA VAL C 151 -86.93 2.88 28.90
C VAL C 151 -88.17 2.01 28.66
N ALA C 152 -89.31 2.50 29.14
CA ALA C 152 -90.58 1.81 28.95
C ALA C 152 -91.67 2.82 28.67
N TRP C 153 -92.74 2.34 28.03
CA TRP C 153 -93.89 3.17 27.69
C TRP C 153 -95.10 2.71 28.50
N LYS C 154 -95.87 3.68 28.98
CA LYS C 154 -97.04 3.40 29.81
C LYS C 154 -98.35 3.79 29.14
N ALA C 155 -98.30 4.23 27.87
CA ALA C 155 -99.49 4.65 27.14
C ALA C 155 -100.31 5.66 27.93
N ASP C 156 -101.64 5.51 27.91
CA ASP C 156 -102.50 6.34 28.74
C ASP C 156 -102.22 6.06 30.21
N SER C 157 -102.53 4.84 30.66
CA SER C 157 -102.20 4.41 32.02
C SER C 157 -101.76 2.96 32.10
N SER C 158 -101.65 2.25 30.98
CA SER C 158 -101.30 0.83 30.98
C SER C 158 -100.03 0.62 30.18
N PRO C 159 -99.00 0.02 30.76
CA PRO C 159 -97.76 -0.21 30.00
C PRO C 159 -97.99 -1.09 28.79
N VAL C 160 -97.30 -0.78 27.70
CA VAL C 160 -97.39 -1.51 26.45
C VAL C 160 -95.99 -1.91 26.01
N LYS C 161 -95.84 -3.17 25.58
CA LYS C 161 -94.56 -3.70 25.12
C LYS C 161 -94.58 -4.05 23.65
N ALA C 162 -95.53 -3.51 22.88
CA ALA C 162 -95.66 -3.78 21.47
C ALA C 162 -95.05 -2.64 20.66
N GLY C 163 -94.11 -2.97 19.78
CA GLY C 163 -93.46 -1.96 18.97
C GLY C 163 -92.47 -1.09 19.73
N VAL C 164 -91.97 -1.56 20.86
CA VAL C 164 -91.05 -0.80 21.69
C VAL C 164 -89.63 -1.27 21.40
N GLU C 165 -88.75 -0.33 21.03
CA GLU C 165 -87.36 -0.61 20.74
C GLU C 165 -86.49 0.19 21.70
N THR C 166 -85.58 -0.49 22.39
CA THR C 166 -84.68 0.14 23.36
C THR C 166 -83.28 -0.39 23.13
N THR C 167 -82.29 0.50 23.23
CA THR C 167 -80.90 0.14 22.99
C THR C 167 -80.04 0.63 24.15
N THR C 168 -78.89 -0.01 24.30
CA THR C 168 -77.95 0.35 25.35
C THR C 168 -77.38 1.74 25.07
N PRO C 169 -77.34 2.64 26.06
CA PRO C 169 -76.78 3.97 25.82
C PRO C 169 -75.31 3.91 25.45
N SER C 170 -74.90 4.87 24.63
CA SER C 170 -73.51 5.00 24.19
C SER C 170 -72.94 6.33 24.64
N LYS C 171 -71.63 6.35 24.84
CA LYS C 171 -70.96 7.54 25.36
C LYS C 171 -71.10 8.72 24.39
N GLN C 172 -71.35 9.89 24.95
CA GLN C 172 -71.46 11.12 24.17
C GLN C 172 -70.11 11.83 24.13
N SER C 173 -70.09 13.04 23.58
CA SER C 173 -68.86 13.82 23.52
C SER C 173 -68.48 14.41 24.86
N ASN C 174 -69.47 14.65 25.73
CA ASN C 174 -69.24 15.24 27.05
C ASN C 174 -69.01 14.19 28.13
N ASN C 175 -68.51 13.01 27.77
CA ASN C 175 -68.24 11.89 28.66
C ASN C 175 -69.50 11.32 29.31
N LYS C 176 -70.67 11.76 28.86
CA LYS C 176 -71.93 11.22 29.32
C LYS C 176 -72.47 10.23 28.28
N TYR C 177 -73.69 9.75 28.49
CA TYR C 177 -74.29 8.75 27.62
C TYR C 177 -75.63 9.24 27.09
N ALA C 178 -76.10 8.61 26.03
CA ALA C 178 -77.38 8.93 25.44
C ALA C 178 -78.01 7.67 24.88
N ALA C 179 -79.33 7.58 24.98
CA ALA C 179 -80.09 6.43 24.49
C ALA C 179 -81.27 6.91 23.67
N SER C 180 -81.67 6.09 22.70
CA SER C 180 -82.79 6.39 21.82
C SER C 180 -83.80 5.25 21.89
N SER C 181 -85.08 5.61 21.94
CA SER C 181 -86.16 4.64 22.00
C SER C 181 -87.20 4.97 20.94
N TYR C 182 -87.85 3.92 20.43
CA TYR C 182 -88.84 4.06 19.37
C TYR C 182 -90.09 3.26 19.72
N LEU C 183 -91.25 3.88 19.49
CA LEU C 183 -92.54 3.22 19.64
C LEU C 183 -93.31 3.36 18.34
N SER C 184 -93.67 2.24 17.72
CA SER C 184 -94.36 2.21 16.45
C SER C 184 -95.81 1.79 16.67
N LEU C 185 -96.74 2.62 16.19
CA LEU C 185 -98.17 2.35 16.34
C LEU C 185 -98.89 2.68 15.05
N THR C 186 -99.99 1.98 14.81
CA THR C 186 -100.83 2.26 13.66
C THR C 186 -101.58 3.57 13.89
N PRO C 187 -102.02 4.24 12.81
CA PRO C 187 -102.78 5.49 12.98
C PRO C 187 -104.03 5.32 13.83
N GLU C 188 -104.72 4.18 13.71
CA GLU C 188 -105.89 3.95 14.56
C GLU C 188 -105.49 3.80 16.03
N GLN C 189 -104.38 3.10 16.29
CA GLN C 189 -103.91 2.96 17.66
C GLN C 189 -103.46 4.30 18.24
N TRP C 190 -102.80 5.12 17.43
CA TRP C 190 -102.34 6.42 17.92
C TRP C 190 -103.49 7.32 18.30
N LYS C 191 -104.57 7.33 17.50
CA LYS C 191 -105.73 8.16 17.78
C LYS C 191 -106.66 7.56 18.82
N SER C 192 -106.48 6.29 19.17
CA SER C 192 -107.34 5.63 20.16
C SER C 192 -106.91 5.89 21.59
N HIS C 193 -105.79 6.57 21.81
CA HIS C 193 -105.29 6.87 23.14
C HIS C 193 -105.22 8.37 23.34
N ARG C 194 -105.64 8.83 24.52
CA ARG C 194 -105.68 10.26 24.80
C ARG C 194 -104.29 10.87 24.96
N SER C 195 -103.28 10.05 25.25
CA SER C 195 -101.92 10.55 25.44
C SER C 195 -100.97 9.35 25.42
N TYR C 196 -99.68 9.65 25.51
CA TYR C 196 -98.65 8.62 25.58
C TYR C 196 -97.51 9.13 26.45
N SER C 197 -97.02 8.27 27.33
CA SER C 197 -95.99 8.65 28.30
C SER C 197 -94.78 7.73 28.16
N CYS C 198 -93.59 8.32 28.25
CA CYS C 198 -92.34 7.58 28.22
C CYS C 198 -91.68 7.68 29.58
N GLN C 199 -91.36 6.54 30.17
CA GLN C 199 -90.77 6.47 31.51
C GLN C 199 -89.38 5.87 31.41
N VAL C 200 -88.41 6.55 32.03
CA VAL C 200 -87.02 6.14 32.02
C VAL C 200 -86.51 6.06 33.45
N THR C 201 -85.92 4.93 33.81
CA THR C 201 -85.36 4.71 35.15
C THR C 201 -83.84 4.71 35.05
N HIS C 202 -83.20 5.48 35.93
CA HIS C 202 -81.74 5.64 35.89
C HIS C 202 -81.23 5.54 37.33
N GLU C 203 -80.88 4.32 37.75
CA GLU C 203 -80.42 4.05 39.11
C GLU C 203 -81.35 4.66 40.16
N GLY C 204 -82.65 4.43 39.99
CA GLY C 204 -83.65 4.91 40.92
C GLY C 204 -84.22 6.27 40.60
N SER C 205 -83.65 6.99 39.64
CA SER C 205 -84.19 8.28 39.22
C SER C 205 -85.11 8.07 38.02
N THR C 206 -86.40 8.35 38.21
CA THR C 206 -87.41 8.13 37.19
C THR C 206 -87.86 9.48 36.65
N VAL C 207 -87.78 9.63 35.33
CA VAL C 207 -88.23 10.84 34.63
C VAL C 207 -89.35 10.45 33.69
N GLU C 208 -90.51 11.08 33.85
CA GLU C 208 -91.69 10.78 33.05
C GLU C 208 -92.11 12.01 32.28
N LYS C 209 -92.25 11.87 30.96
CA LYS C 209 -92.72 12.93 30.09
C LYS C 209 -94.01 12.47 29.41
N THR C 210 -95.04 13.31 29.47
CA THR C 210 -96.36 12.98 28.96
C THR C 210 -96.67 13.87 27.76
N VAL C 211 -97.00 13.24 26.64
CA VAL C 211 -97.41 13.96 25.43
C VAL C 211 -98.73 13.38 24.96
N ALA C 212 -99.52 14.22 24.30
CA ALA C 212 -100.86 13.83 23.85
C ALA C 212 -101.05 14.23 22.40
N PRO C 213 -101.87 13.46 21.66
CA PRO C 213 -102.17 13.86 20.28
C PRO C 213 -102.86 15.21 20.16
N THR C 214 -103.66 15.60 21.15
CA THR C 214 -104.35 16.88 21.11
C THR C 214 -103.38 18.04 21.28
N ALA D 27 -17.30 -55.40 -11.65
CA ALA D 27 -16.02 -55.72 -12.28
C ALA D 27 -15.03 -54.58 -12.09
N TYR D 28 -13.74 -54.88 -12.20
CA TYR D 28 -12.70 -53.89 -12.03
C TYR D 28 -11.52 -54.20 -12.94
N THR D 29 -10.76 -53.17 -13.28
CA THR D 29 -9.55 -53.31 -14.06
C THR D 29 -8.58 -52.22 -13.64
N ASN D 30 -7.29 -52.46 -13.87
CA ASN D 30 -6.28 -51.48 -13.55
C ASN D 30 -6.19 -50.44 -14.67
N SER D 31 -6.00 -49.18 -14.27
CA SER D 31 -5.97 -48.09 -15.24
C SER D 31 -4.77 -48.17 -16.17
N PHE D 32 -3.69 -48.83 -15.73
CA PHE D 32 -2.44 -48.92 -16.48
C PHE D 32 -1.93 -47.49 -16.68
N THR D 33 -1.56 -47.09 -17.88
CA THR D 33 -1.08 -45.73 -18.13
C THR D 33 -1.99 -45.02 -19.13
N ARG D 34 -3.30 -45.12 -18.92
CA ARG D 34 -4.29 -44.56 -19.82
C ARG D 34 -4.93 -43.33 -19.20
N GLY D 35 -5.12 -42.29 -20.01
CA GLY D 35 -5.82 -41.11 -19.55
C GLY D 35 -4.96 -39.86 -19.43
N VAL D 36 -3.98 -39.70 -20.31
CA VAL D 36 -3.10 -38.55 -20.32
C VAL D 36 -3.44 -37.69 -21.53
N TYR D 37 -3.65 -36.39 -21.30
CA TYR D 37 -4.08 -35.47 -22.34
C TYR D 37 -3.20 -34.22 -22.32
N TYR D 38 -3.29 -33.45 -23.39
CA TYR D 38 -2.55 -32.21 -23.48
C TYR D 38 -3.17 -31.18 -22.53
N PRO D 39 -2.43 -30.68 -21.56
CA PRO D 39 -3.07 -29.88 -20.49
C PRO D 39 -3.24 -28.40 -20.80
N ASP D 40 -2.37 -27.82 -21.63
CA ASP D 40 -2.35 -26.36 -21.77
C ASP D 40 -2.31 -25.89 -23.21
N LYS D 41 -2.49 -26.79 -24.19
CA LYS D 41 -2.61 -26.45 -25.61
C LYS D 41 -1.51 -25.50 -26.10
N VAL D 42 -0.32 -25.58 -25.50
CA VAL D 42 0.85 -24.87 -25.99
C VAL D 42 1.84 -25.89 -26.52
N PHE D 43 2.74 -25.42 -27.38
CA PHE D 43 3.70 -26.29 -28.06
C PHE D 43 4.98 -26.38 -27.24
N ARG D 44 5.43 -27.62 -27.01
CA ARG D 44 6.68 -27.87 -26.32
C ARG D 44 7.38 -29.05 -26.99
N SER D 45 8.68 -28.91 -27.25
CA SER D 45 9.45 -29.91 -27.96
C SER D 45 10.70 -30.23 -27.17
N SER D 46 10.96 -31.54 -26.97
CA SER D 46 12.16 -32.02 -26.30
C SER D 46 12.30 -31.40 -24.91
N VAL D 47 11.19 -31.31 -24.19
CA VAL D 47 11.16 -30.73 -22.85
C VAL D 47 10.35 -31.63 -21.94
N LEU D 48 10.90 -31.92 -20.76
CA LEU D 48 10.17 -32.61 -19.70
C LEU D 48 9.43 -31.56 -18.88
N HIS D 49 8.10 -31.59 -18.92
CA HIS D 49 7.27 -30.59 -18.28
C HIS D 49 6.51 -31.21 -17.13
N SER D 50 6.52 -30.54 -15.98
CA SER D 50 5.80 -30.97 -14.79
C SER D 50 4.56 -30.11 -14.64
N THR D 51 3.39 -30.74 -14.57
CA THR D 51 2.13 -30.02 -14.48
C THR D 51 1.25 -30.67 -13.42
N GLN D 52 0.39 -29.86 -12.82
CA GLN D 52 -0.63 -30.34 -11.89
C GLN D 52 -1.99 -30.06 -12.48
N ASP D 53 -2.81 -31.11 -12.60
CA ASP D 53 -4.12 -31.01 -13.24
C ASP D 53 -4.92 -32.25 -12.83
N LEU D 54 -6.19 -32.27 -13.18
CA LEU D 54 -7.06 -33.40 -12.87
C LEU D 54 -6.71 -34.54 -13.83
N PHE D 55 -5.95 -35.52 -13.33
CA PHE D 55 -5.52 -36.65 -14.13
C PHE D 55 -6.06 -37.94 -13.52
N LEU D 56 -6.11 -38.97 -14.35
CA LEU D 56 -6.47 -40.30 -13.87
C LEU D 56 -5.21 -40.98 -13.34
N PRO D 57 -5.16 -41.33 -12.05
CA PRO D 57 -3.94 -41.91 -11.48
C PRO D 57 -3.61 -43.25 -12.13
N PHE D 58 -2.32 -43.55 -12.20
CA PHE D 58 -1.87 -44.80 -12.80
C PHE D 58 -2.26 -45.98 -11.95
N PHE D 59 -2.63 -47.09 -12.61
CA PHE D 59 -2.96 -48.35 -11.96
C PHE D 59 -4.10 -48.17 -10.95
N SER D 60 -5.10 -47.38 -11.32
CA SER D 60 -6.27 -47.18 -10.48
C SER D 60 -7.33 -48.22 -10.87
N ASN D 61 -8.45 -48.23 -10.15
CA ASN D 61 -9.52 -49.21 -10.37
C ASN D 61 -10.60 -48.54 -11.22
N VAL D 62 -10.73 -48.99 -12.47
CA VAL D 62 -11.74 -48.49 -13.39
C VAL D 62 -12.83 -49.53 -13.54
N THR D 63 -14.08 -49.12 -13.37
CA THR D 63 -15.20 -50.05 -13.41
C THR D 63 -15.45 -50.50 -14.85
N TRP D 64 -15.70 -51.80 -15.01
CA TRP D 64 -15.92 -52.41 -16.32
C TRP D 64 -17.38 -52.79 -16.48
N PHE D 65 -17.95 -52.40 -17.62
CA PHE D 65 -19.33 -52.75 -17.95
C PHE D 65 -19.38 -53.61 -19.20
N ASN D 81 -26.58 -49.75 -17.97
CA ASN D 81 -26.37 -48.32 -18.07
C ASN D 81 -26.94 -47.60 -16.84
N PRO D 82 -26.27 -47.76 -15.71
CA PRO D 82 -26.78 -47.16 -14.47
C PRO D 82 -26.46 -45.67 -14.37
N VAL D 83 -26.78 -45.06 -13.24
CA VAL D 83 -26.43 -43.68 -12.99
C VAL D 83 -25.06 -43.62 -12.33
N LEU D 84 -24.16 -42.82 -12.90
CA LEU D 84 -22.79 -42.78 -12.44
C LEU D 84 -22.49 -41.43 -11.79
N PRO D 85 -21.89 -41.41 -10.61
CA PRO D 85 -21.60 -40.14 -9.94
C PRO D 85 -20.43 -39.39 -10.56
N PHE D 86 -20.71 -38.61 -11.59
CA PHE D 86 -19.69 -37.76 -12.22
C PHE D 86 -19.03 -36.87 -11.18
N ASN D 87 -17.73 -37.09 -10.96
CA ASN D 87 -16.96 -36.35 -9.96
C ASN D 87 -15.75 -35.74 -10.67
N ASP D 88 -15.79 -34.42 -10.84
CA ASP D 88 -14.70 -33.58 -11.35
C ASP D 88 -13.86 -34.30 -12.41
N GLY D 89 -14.54 -34.80 -13.42
CA GLY D 89 -13.89 -35.46 -14.53
C GLY D 89 -14.08 -36.95 -14.52
N VAL D 90 -14.35 -37.52 -15.69
CA VAL D 90 -14.54 -38.95 -15.86
C VAL D 90 -13.80 -39.40 -17.11
N TYR D 91 -13.01 -40.46 -16.98
CA TYR D 91 -12.33 -41.09 -18.10
C TYR D 91 -13.25 -42.17 -18.65
N PHE D 92 -13.84 -41.92 -19.80
CA PHE D 92 -14.76 -42.85 -20.45
C PHE D 92 -14.05 -43.47 -21.64
N ALA D 93 -13.83 -44.78 -21.58
CA ALA D 93 -13.20 -45.53 -22.65
C ALA D 93 -14.11 -46.66 -23.09
N SER D 94 -14.26 -46.80 -24.41
CA SER D 94 -15.11 -47.84 -24.98
C SER D 94 -14.37 -48.52 -26.12
N THR D 95 -14.75 -49.77 -26.37
CA THR D 95 -14.13 -50.59 -27.40
C THR D 95 -15.08 -50.71 -28.60
N GLU D 96 -14.68 -51.52 -29.57
CA GLU D 96 -15.48 -51.74 -30.77
C GLU D 96 -16.82 -52.39 -30.43
N GLY D 103 -23.84 -42.00 -27.49
CA GLY D 103 -23.79 -40.69 -26.90
C GLY D 103 -23.82 -40.71 -25.38
N TRP D 104 -23.94 -39.53 -24.77
CA TRP D 104 -23.96 -39.40 -23.33
C TRP D 104 -24.93 -38.29 -22.93
N ILE D 105 -25.33 -38.29 -21.65
CA ILE D 105 -26.19 -37.19 -21.14
C ILE D 105 -25.59 -36.69 -19.82
N PHE D 106 -24.93 -35.52 -19.86
CA PHE D 106 -24.25 -34.98 -18.66
C PHE D 106 -25.13 -33.92 -17.99
N GLY D 107 -25.71 -34.24 -16.84
CA GLY D 107 -26.55 -33.25 -16.11
C GLY D 107 -26.31 -33.32 -14.61
N THR D 108 -27.08 -32.56 -13.82
CA THR D 108 -26.96 -32.61 -12.34
C THR D 108 -28.33 -32.85 -11.72
N THR D 109 -29.39 -32.91 -12.55
CA THR D 109 -30.76 -33.06 -12.01
C THR D 109 -31.50 -34.20 -12.75
N LEU D 110 -30.80 -35.29 -13.06
CA LEU D 110 -31.44 -36.47 -13.70
C LEU D 110 -32.11 -36.07 -15.02
N ASP D 111 -33.43 -36.28 -15.15
CA ASP D 111 -34.12 -36.02 -16.44
C ASP D 111 -35.18 -34.93 -16.28
N SER D 112 -35.46 -34.19 -17.36
CA SER D 112 -36.54 -33.16 -17.33
C SER D 112 -36.44 -32.33 -16.04
N LYS D 113 -35.25 -31.85 -15.71
CA LYS D 113 -35.07 -31.02 -14.49
C LYS D 113 -33.90 -30.06 -14.71
N THR D 114 -34.02 -28.81 -14.24
CA THR D 114 -32.93 -27.81 -14.38
C THR D 114 -32.38 -27.88 -15.81
N GLN D 115 -31.09 -28.17 -15.96
CA GLN D 115 -30.46 -28.24 -17.31
C GLN D 115 -29.66 -29.54 -17.42
N SER D 116 -29.96 -30.35 -18.43
CA SER D 116 -29.20 -31.61 -18.66
C SER D 116 -28.48 -31.53 -20.01
N LEU D 117 -27.14 -31.55 -19.99
CA LEU D 117 -26.36 -31.50 -21.25
C LEU D 117 -26.28 -32.89 -21.86
N LEU D 118 -26.26 -33.00 -23.18
CA LEU D 118 -26.11 -34.28 -23.84
C LEU D 118 -25.42 -34.09 -25.19
N ILE D 119 -24.76 -35.15 -25.64
CA ILE D 119 -24.10 -35.19 -26.94
C ILE D 119 -24.53 -36.47 -27.65
N VAL D 120 -24.97 -36.33 -28.89
CA VAL D 120 -25.46 -37.46 -29.67
C VAL D 120 -24.69 -37.53 -30.98
N ASN D 121 -24.14 -38.70 -31.28
CA ASN D 121 -23.40 -38.90 -32.52
C ASN D 121 -24.29 -39.56 -33.56
N ASN D 125 -23.18 -37.29 -38.78
CA ASN D 125 -23.06 -36.03 -38.05
C ASN D 125 -23.08 -36.26 -36.54
N VAL D 126 -22.60 -35.27 -35.80
CA VAL D 126 -22.62 -35.28 -34.34
C VAL D 126 -23.42 -34.08 -33.86
N VAL D 127 -24.32 -34.30 -32.92
CA VAL D 127 -25.24 -33.27 -32.45
C VAL D 127 -24.99 -33.02 -30.97
N ILE D 128 -24.84 -31.75 -30.61
CA ILE D 128 -24.66 -31.32 -29.23
C ILE D 128 -25.73 -30.31 -28.90
N LYS D 129 -26.43 -30.52 -27.78
CA LYS D 129 -27.45 -29.59 -27.32
C LYS D 129 -27.55 -29.68 -25.81
N VAL D 130 -28.05 -28.61 -25.20
CA VAL D 130 -28.26 -28.54 -23.76
C VAL D 130 -29.75 -28.38 -23.52
N CYS D 131 -30.43 -29.51 -23.36
CA CYS D 131 -31.88 -29.52 -23.18
C CYS D 131 -32.25 -30.67 -22.25
N GLU D 132 -33.14 -30.40 -21.30
CA GLU D 132 -33.69 -31.42 -20.43
C GLU D 132 -35.09 -31.75 -20.93
N PHE D 133 -35.37 -33.04 -21.09
CA PHE D 133 -36.64 -33.49 -21.66
C PHE D 133 -36.84 -34.95 -21.31
N GLN D 134 -37.80 -35.58 -21.97
CA GLN D 134 -38.26 -36.93 -21.63
C GLN D 134 -37.17 -37.93 -21.98
N PHE D 135 -36.20 -38.08 -21.06
CA PHE D 135 -35.20 -39.12 -21.21
C PHE D 135 -35.78 -40.51 -21.06
N CYS D 136 -36.83 -40.65 -20.24
CA CYS D 136 -37.47 -41.93 -19.94
C CYS D 136 -36.47 -42.85 -19.26
N ASN D 137 -36.27 -44.08 -19.74
CA ASN D 137 -35.28 -44.98 -19.16
C ASN D 137 -34.57 -45.67 -20.31
N ASP D 138 -33.23 -45.59 -20.30
CA ASP D 138 -32.38 -46.17 -21.34
C ASP D 138 -32.82 -45.74 -22.73
N PRO D 139 -32.58 -44.49 -23.11
CA PRO D 139 -32.94 -44.04 -24.46
C PRO D 139 -32.22 -44.84 -25.53
N PHE D 140 -32.67 -44.68 -26.77
CA PHE D 140 -32.17 -45.46 -27.89
C PHE D 140 -32.02 -44.55 -29.10
N LEU D 141 -31.19 -44.99 -30.03
CA LEU D 141 -30.98 -44.27 -31.28
C LEU D 141 -31.76 -44.93 -32.42
N ARG D 158 -34.68 -43.15 -32.59
CA ARG D 158 -34.31 -41.93 -31.87
C ARG D 158 -35.53 -41.25 -31.28
N VAL D 159 -35.62 -41.22 -29.95
CA VAL D 159 -36.69 -40.53 -29.24
C VAL D 159 -36.07 -39.45 -28.36
N TYR D 160 -36.54 -38.22 -28.54
CA TYR D 160 -35.99 -37.06 -27.84
C TYR D 160 -37.09 -36.01 -27.73
N SER D 161 -36.72 -34.82 -27.24
CA SER D 161 -37.61 -33.68 -27.14
C SER D 161 -36.79 -32.42 -26.92
N SER D 162 -37.44 -31.28 -26.68
CA SER D 162 -36.71 -30.02 -26.51
C SER D 162 -37.08 -29.31 -25.22
N ALA D 163 -38.36 -29.37 -24.84
CA ALA D 163 -38.91 -28.68 -23.68
C ALA D 163 -38.77 -27.17 -23.74
N ASN D 164 -38.30 -26.63 -24.86
CA ASN D 164 -38.31 -25.19 -25.14
C ASN D 164 -37.51 -24.38 -24.14
N ASN D 165 -36.49 -24.96 -23.53
CA ASN D 165 -35.59 -24.25 -22.62
C ASN D 165 -34.14 -24.32 -23.08
N CYS D 166 -33.93 -24.73 -24.34
CA CYS D 166 -32.57 -24.91 -24.85
C CYS D 166 -31.89 -23.56 -25.02
N THR D 167 -30.60 -23.53 -24.68
CA THR D 167 -29.80 -22.30 -24.76
C THR D 167 -28.50 -22.48 -25.53
N PHE D 168 -28.29 -23.64 -26.17
CA PHE D 168 -27.10 -23.86 -26.98
C PHE D 168 -27.41 -24.96 -27.99
N GLU D 169 -26.59 -25.00 -29.05
CA GLU D 169 -26.74 -25.99 -30.10
C GLU D 169 -25.44 -26.05 -30.88
N TYR D 170 -25.04 -27.27 -31.27
CA TYR D 170 -23.81 -27.45 -32.03
C TYR D 170 -23.93 -28.72 -32.84
N VAL D 171 -23.84 -28.59 -34.16
CA VAL D 171 -23.86 -29.71 -35.09
C VAL D 171 -22.60 -29.63 -35.94
N SER D 172 -21.84 -30.72 -35.99
CA SER D 172 -20.61 -30.77 -36.76
C SER D 172 -20.39 -32.20 -37.23
N GLN D 173 -19.17 -32.50 -37.68
CA GLN D 173 -18.83 -33.85 -38.13
C GLN D 173 -17.66 -34.41 -37.34
N ASN D 188 -10.94 -51.34 -32.59
CA ASN D 188 -11.18 -49.91 -32.39
C ASN D 188 -11.28 -49.62 -30.90
N LEU D 189 -10.53 -48.63 -30.44
CA LEU D 189 -10.55 -48.18 -29.04
C LEU D 189 -10.82 -46.68 -29.04
N ARG D 190 -11.86 -46.28 -28.32
CA ARG D 190 -12.21 -44.86 -28.17
C ARG D 190 -12.07 -44.47 -26.71
N GLU D 191 -11.29 -43.44 -26.45
CA GLU D 191 -11.07 -42.92 -25.11
C GLU D 191 -11.50 -41.46 -25.06
N PHE D 192 -12.20 -41.08 -23.98
CA PHE D 192 -12.72 -39.74 -23.83
C PHE D 192 -12.54 -39.26 -22.40
N VAL D 193 -12.30 -37.96 -22.26
CA VAL D 193 -12.20 -37.31 -20.97
C VAL D 193 -13.16 -36.12 -20.96
N PHE D 194 -14.07 -36.11 -19.99
CA PHE D 194 -15.04 -35.03 -19.86
C PHE D 194 -14.71 -34.24 -18.59
N LYS D 195 -14.33 -32.99 -18.77
CA LYS D 195 -13.92 -32.13 -17.67
C LYS D 195 -14.76 -30.87 -17.68
N ASN D 196 -15.36 -30.54 -16.53
CA ASN D 196 -16.23 -29.39 -16.38
C ASN D 196 -15.57 -28.42 -15.39
N ILE D 197 -14.89 -27.41 -15.92
CA ILE D 197 -14.15 -26.47 -15.10
C ILE D 197 -14.43 -25.05 -15.61
N ASP D 198 -14.77 -24.15 -14.68
CA ASP D 198 -14.91 -22.72 -14.98
C ASP D 198 -15.88 -22.47 -16.13
N GLY D 199 -16.96 -23.25 -16.17
CA GLY D 199 -17.96 -23.08 -17.20
C GLY D 199 -17.58 -23.63 -18.56
N TYR D 200 -16.44 -24.30 -18.68
CA TYR D 200 -16.00 -24.92 -19.93
C TYR D 200 -16.14 -26.43 -19.80
N PHE D 201 -16.81 -27.04 -20.77
CA PHE D 201 -16.94 -28.50 -20.83
C PHE D 201 -16.01 -28.99 -21.94
N LYS D 202 -14.79 -29.35 -21.55
CA LYS D 202 -13.77 -29.77 -22.50
C LYS D 202 -13.82 -31.28 -22.67
N ILE D 203 -13.73 -31.74 -23.92
CA ILE D 203 -13.75 -33.15 -24.25
C ILE D 203 -12.48 -33.49 -25.02
N TYR D 204 -11.75 -34.50 -24.55
CA TYR D 204 -10.54 -34.97 -25.20
C TYR D 204 -10.77 -36.37 -25.76
N SER D 205 -10.22 -36.63 -26.94
CA SER D 205 -10.48 -37.87 -27.64
C SER D 205 -9.22 -38.37 -28.33
N LYS D 206 -9.20 -39.68 -28.60
CA LYS D 206 -8.12 -40.30 -29.37
C LYS D 206 -8.66 -41.57 -29.99
N HIS D 207 -8.29 -41.81 -31.26
CA HIS D 207 -8.73 -42.97 -32.02
C HIS D 207 -7.51 -43.86 -32.26
N THR D 208 -7.26 -44.79 -31.34
CA THR D 208 -6.12 -45.68 -31.45
C THR D 208 -6.60 -47.09 -31.81
N PRO D 209 -6.13 -47.66 -32.92
CA PRO D 209 -6.52 -49.02 -33.26
C PRO D 209 -5.92 -50.04 -32.30
N ILE D 210 -6.63 -51.14 -32.13
CA ILE D 210 -6.16 -52.24 -31.27
C ILE D 210 -6.62 -53.59 -31.82
N LEU D 216 -7.82 -53.31 -21.81
CA LEU D 216 -7.00 -52.12 -21.69
C LEU D 216 -5.53 -52.47 -21.80
N PRO D 217 -4.88 -52.05 -22.90
CA PRO D 217 -3.48 -52.42 -23.12
C PRO D 217 -2.51 -51.68 -22.20
N GLN D 218 -1.23 -51.99 -22.32
CA GLN D 218 -0.19 -51.41 -21.49
C GLN D 218 0.47 -50.19 -22.13
N GLY D 219 0.06 -49.80 -23.33
CA GLY D 219 0.73 -48.74 -24.05
C GLY D 219 0.39 -47.36 -23.50
N PHE D 220 1.00 -46.35 -24.13
CA PHE D 220 0.80 -44.97 -23.77
C PHE D 220 0.32 -44.18 -24.97
N SER D 221 -0.72 -43.37 -24.77
CA SER D 221 -1.26 -42.54 -25.84
C SER D 221 -1.83 -41.27 -25.24
N ALA D 222 -1.68 -40.17 -25.97
CA ALA D 222 -2.15 -38.87 -25.52
C ALA D 222 -3.50 -38.52 -26.15
N LEU D 223 -4.32 -37.78 -25.41
CA LEU D 223 -5.67 -37.45 -25.81
C LEU D 223 -5.70 -35.99 -26.29
N GLU D 224 -5.83 -35.80 -27.60
CA GLU D 224 -5.93 -34.46 -28.14
C GLU D 224 -7.26 -33.83 -27.76
N PRO D 225 -7.32 -32.52 -27.54
CA PRO D 225 -8.60 -31.87 -27.30
C PRO D 225 -9.49 -31.95 -28.54
N LEU D 226 -10.80 -32.05 -28.30
CA LEU D 226 -11.77 -32.22 -29.37
C LEU D 226 -12.71 -31.03 -29.51
N VAL D 227 -13.40 -30.65 -28.43
CA VAL D 227 -14.36 -29.56 -28.45
C VAL D 227 -14.24 -28.77 -27.16
N ASP D 228 -14.53 -27.48 -27.24
CA ASP D 228 -14.47 -26.60 -26.08
C ASP D 228 -15.81 -26.40 -25.40
N LEU D 229 -16.88 -26.17 -26.18
CA LEU D 229 -18.23 -25.96 -25.67
C LEU D 229 -18.21 -24.89 -24.60
N PRO D 230 -18.07 -23.62 -24.99
CA PRO D 230 -17.77 -22.56 -24.03
C PRO D 230 -18.94 -22.10 -23.16
N ILE D 231 -20.03 -22.85 -23.10
CA ILE D 231 -21.18 -22.42 -22.29
C ILE D 231 -21.15 -23.09 -20.92
N GLY D 232 -21.24 -24.41 -20.88
CA GLY D 232 -21.12 -25.15 -19.63
C GLY D 232 -22.31 -25.03 -18.70
N ILE D 233 -22.59 -26.09 -17.95
CA ILE D 233 -23.65 -26.12 -16.94
C ILE D 233 -23.17 -26.94 -15.75
N ASN D 234 -23.98 -26.98 -14.70
CA ASN D 234 -23.68 -27.76 -13.52
C ASN D 234 -23.97 -29.23 -13.80
N ILE D 235 -22.97 -30.08 -13.62
CA ILE D 235 -23.07 -31.50 -13.95
C ILE D 235 -22.57 -32.31 -12.75
N THR D 236 -23.36 -33.31 -12.34
CA THR D 236 -23.02 -34.17 -11.23
C THR D 236 -23.16 -35.66 -11.53
N ARG D 237 -24.04 -36.05 -12.44
CA ARG D 237 -24.25 -37.45 -12.80
C ARG D 237 -24.37 -37.55 -14.31
N PHE D 238 -24.20 -38.76 -14.84
CA PHE D 238 -24.26 -38.94 -16.28
C PHE D 238 -24.70 -40.36 -16.63
N GLN D 239 -24.96 -40.56 -17.93
CA GLN D 239 -25.56 -41.79 -18.45
C GLN D 239 -24.76 -42.22 -19.68
N THR D 240 -25.30 -43.19 -20.42
CA THR D 240 -24.69 -43.66 -21.65
C THR D 240 -25.77 -44.24 -22.56
N LEU D 241 -25.65 -43.98 -23.86
CA LEU D 241 -26.61 -44.42 -24.85
C LEU D 241 -25.97 -45.43 -25.80
N LEU D 242 -26.76 -46.45 -26.18
CA LEU D 242 -26.32 -47.48 -27.10
C LEU D 242 -27.33 -47.59 -28.24
N ALA D 243 -26.84 -48.06 -29.38
CA ALA D 243 -27.64 -48.15 -30.60
C ALA D 243 -27.48 -49.53 -31.23
N LEU D 244 -28.34 -49.79 -32.22
CA LEU D 244 -28.32 -51.04 -32.97
C LEU D 244 -28.28 -50.74 -34.46
N HIS D 245 -27.66 -51.64 -35.22
CA HIS D 245 -27.49 -51.41 -36.65
C HIS D 245 -28.84 -51.44 -37.37
N ARG D 246 -29.54 -52.57 -37.31
CA ARG D 246 -30.80 -52.75 -38.04
C ARG D 246 -31.75 -53.53 -37.15
N SER D 247 -32.63 -52.82 -36.46
CA SER D 247 -33.62 -53.43 -35.58
C SER D 247 -34.80 -52.48 -35.44
N TYR D 248 -35.76 -52.85 -34.59
CA TYR D 248 -36.94 -52.01 -34.38
C TYR D 248 -36.56 -50.74 -33.64
N LEU D 249 -37.30 -49.67 -33.93
CA LEU D 249 -37.10 -48.37 -33.32
C LEU D 249 -38.09 -48.11 -32.19
N THR D 250 -38.46 -49.15 -31.45
CA THR D 250 -39.43 -49.00 -30.36
C THR D 250 -38.81 -48.16 -29.24
N PRO D 251 -39.47 -47.11 -28.78
CA PRO D 251 -38.91 -46.26 -27.72
C PRO D 251 -39.26 -46.68 -26.30
N GLY D 252 -39.77 -47.90 -26.09
CA GLY D 252 -40.21 -48.31 -24.77
C GLY D 252 -39.53 -49.55 -24.24
N ASP D 253 -38.95 -50.36 -25.12
CA ASP D 253 -38.31 -51.60 -24.70
C ASP D 253 -37.01 -51.31 -23.94
N SER D 254 -36.69 -52.20 -23.00
CA SER D 254 -35.49 -52.07 -22.18
C SER D 254 -34.40 -53.05 -22.59
N SER D 255 -34.75 -54.30 -22.86
CA SER D 255 -33.78 -55.32 -23.22
C SER D 255 -33.96 -55.87 -24.62
N SER D 256 -35.03 -55.49 -25.33
CA SER D 256 -35.27 -56.01 -26.66
C SER D 256 -34.23 -55.48 -27.65
N GLY D 257 -33.87 -56.33 -28.60
CA GLY D 257 -32.89 -55.95 -29.61
C GLY D 257 -31.87 -57.05 -29.87
N TRP D 258 -30.71 -56.67 -30.41
CA TRP D 258 -29.67 -57.64 -30.69
C TRP D 258 -29.03 -58.15 -29.41
N THR D 259 -28.58 -59.39 -29.45
CA THR D 259 -27.93 -60.01 -28.31
C THR D 259 -26.51 -60.44 -28.64
N ALA D 263 -20.77 -54.66 -26.60
CA ALA D 263 -20.30 -53.30 -26.37
C ALA D 263 -20.09 -53.03 -24.88
N ALA D 264 -18.83 -53.14 -24.45
CA ALA D 264 -18.46 -52.92 -23.06
C ALA D 264 -17.54 -51.71 -22.97
N TYR D 265 -17.76 -50.86 -21.97
CA TYR D 265 -16.99 -49.64 -21.81
C TYR D 265 -16.53 -49.52 -20.36
N TYR D 266 -15.45 -48.76 -20.17
CA TYR D 266 -14.83 -48.58 -18.87
C TYR D 266 -15.00 -47.14 -18.40
N VAL D 267 -15.07 -46.96 -17.09
CA VAL D 267 -15.27 -45.65 -16.49
C VAL D 267 -14.20 -45.43 -15.42
N GLY D 268 -13.48 -44.30 -15.52
CA GLY D 268 -12.52 -43.94 -14.50
C GLY D 268 -12.73 -42.49 -14.09
N TYR D 269 -12.30 -42.19 -12.86
CA TYR D 269 -12.51 -40.88 -12.25
C TYR D 269 -11.21 -40.11 -12.17
N LEU D 270 -11.24 -38.86 -12.63
CA LEU D 270 -10.05 -38.01 -12.58
C LEU D 270 -9.81 -37.51 -11.15
N GLN D 271 -8.54 -37.27 -10.84
CA GLN D 271 -8.12 -36.80 -9.53
C GLN D 271 -7.04 -35.74 -9.70
N PRO D 272 -6.91 -34.83 -8.72
CA PRO D 272 -5.86 -33.79 -8.84
C PRO D 272 -4.47 -34.34 -8.59
N ARG D 273 -3.90 -34.98 -9.61
CA ARG D 273 -2.60 -35.62 -9.49
C ARG D 273 -1.56 -34.82 -10.27
N THR D 274 -0.30 -34.94 -9.84
CA THR D 274 0.80 -34.25 -10.49
C THR D 274 1.49 -35.19 -11.46
N PHE D 275 1.75 -34.71 -12.67
CA PHE D 275 2.33 -35.51 -13.73
C PHE D 275 3.59 -34.85 -14.27
N LEU D 276 4.49 -35.68 -14.80
CA LEU D 276 5.71 -35.22 -15.44
C LEU D 276 5.70 -35.73 -16.87
N LEU D 277 5.31 -34.87 -17.80
CA LEU D 277 5.12 -35.25 -19.19
C LEU D 277 6.40 -35.08 -19.99
N LYS D 278 6.59 -35.96 -20.97
CA LYS D 278 7.76 -35.96 -21.83
C LYS D 278 7.34 -35.65 -23.25
N TYR D 279 7.81 -34.51 -23.78
CA TYR D 279 7.55 -34.10 -25.14
C TYR D 279 8.77 -34.46 -25.99
N ASN D 280 8.55 -35.11 -27.12
CA ASN D 280 9.64 -35.48 -28.01
C ASN D 280 9.94 -34.31 -28.96
N GLU D 281 10.74 -34.56 -29.99
CA GLU D 281 11.12 -33.50 -30.91
C GLU D 281 9.96 -32.98 -31.75
N ASN D 282 8.92 -33.79 -31.94
CA ASN D 282 7.75 -33.38 -32.71
C ASN D 282 6.66 -32.75 -31.85
N GLY D 283 6.88 -32.63 -30.55
CA GLY D 283 5.88 -32.06 -29.67
C GLY D 283 4.82 -33.01 -29.19
N THR D 284 4.97 -34.31 -29.45
CA THR D 284 3.99 -35.30 -29.04
C THR D 284 4.40 -35.90 -27.70
N ILE D 285 3.47 -35.93 -26.75
CA ILE D 285 3.73 -36.51 -25.44
C ILE D 285 3.98 -38.00 -25.59
N THR D 286 5.19 -38.44 -25.28
CA THR D 286 5.59 -39.82 -25.47
C THR D 286 5.50 -40.65 -24.20
N ASP D 287 5.80 -40.07 -23.04
CA ASP D 287 5.69 -40.79 -21.79
C ASP D 287 5.38 -39.82 -20.67
N ALA D 288 4.81 -40.35 -19.59
CA ALA D 288 4.44 -39.54 -18.43
C ALA D 288 4.69 -40.33 -17.17
N VAL D 289 4.96 -39.62 -16.08
CA VAL D 289 5.27 -40.24 -14.79
C VAL D 289 4.33 -39.65 -13.75
N ASP D 290 3.65 -40.53 -13.00
CA ASP D 290 2.75 -40.11 -11.94
C ASP D 290 3.57 -39.87 -10.68
N CYS D 291 3.56 -38.63 -10.19
CA CYS D 291 4.45 -38.25 -9.11
C CYS D 291 4.12 -38.98 -7.81
N ALA D 292 2.86 -38.96 -7.41
CA ALA D 292 2.45 -39.53 -6.12
C ALA D 292 1.95 -40.96 -6.30
N LEU D 293 2.81 -41.82 -6.84
CA LEU D 293 2.48 -43.22 -7.04
C LEU D 293 3.40 -44.14 -6.26
N ASP D 294 4.71 -44.01 -6.44
CA ASP D 294 5.71 -44.84 -5.79
C ASP D 294 6.85 -43.96 -5.32
N PRO D 295 7.63 -44.42 -4.34
CA PRO D 295 8.84 -43.66 -3.96
C PRO D 295 9.79 -43.42 -5.12
N LEU D 296 9.94 -44.41 -6.00
CA LEU D 296 10.76 -44.22 -7.19
C LEU D 296 10.16 -43.17 -8.12
N SER D 297 8.83 -43.15 -8.25
CA SER D 297 8.18 -42.12 -9.05
C SER D 297 8.37 -40.74 -8.44
N GLU D 298 8.30 -40.65 -7.11
CA GLU D 298 8.56 -39.38 -6.44
C GLU D 298 9.99 -38.92 -6.69
N THR D 299 10.95 -39.85 -6.65
CA THR D 299 12.34 -39.50 -6.94
C THR D 299 12.48 -39.00 -8.37
N LYS D 300 11.83 -39.68 -9.33
CA LYS D 300 11.90 -39.24 -10.72
C LYS D 300 11.31 -37.86 -10.88
N CYS D 301 10.19 -37.58 -10.22
CA CYS D 301 9.57 -36.26 -10.30
C CYS D 301 10.47 -35.20 -9.69
N THR D 302 11.10 -35.50 -8.56
CA THR D 302 12.00 -34.54 -7.91
C THR D 302 13.21 -34.23 -8.78
N LEU D 303 13.83 -35.27 -9.35
CA LEU D 303 14.97 -35.05 -10.22
C LEU D 303 14.58 -34.45 -11.56
N LYS D 304 13.29 -34.49 -11.91
CA LYS D 304 12.80 -34.04 -13.21
C LYS D 304 13.52 -34.78 -14.35
N SER D 305 13.68 -36.09 -14.17
CA SER D 305 14.31 -36.93 -15.18
C SER D 305 13.74 -38.33 -15.07
N PHE D 306 13.85 -39.08 -16.16
CA PHE D 306 13.29 -40.43 -16.22
C PHE D 306 14.30 -41.52 -15.87
N THR D 307 15.52 -41.15 -15.50
CA THR D 307 16.55 -42.11 -15.14
C THR D 307 17.21 -41.67 -13.85
N VAL D 308 17.31 -42.59 -12.88
CA VAL D 308 17.82 -42.29 -11.55
C VAL D 308 19.11 -43.07 -11.36
N GLU D 309 20.18 -42.36 -11.01
CA GLU D 309 21.46 -42.99 -10.74
C GLU D 309 21.50 -43.56 -9.33
N LYS D 310 22.53 -44.34 -9.06
CA LYS D 310 22.70 -44.93 -7.74
C LYS D 310 23.00 -43.86 -6.71
N GLY D 311 22.37 -43.96 -5.55
CA GLY D 311 22.61 -43.05 -4.45
C GLY D 311 21.35 -42.83 -3.65
N ILE D 312 21.44 -41.94 -2.66
CA ILE D 312 20.32 -41.57 -1.80
C ILE D 312 19.82 -40.19 -2.23
N TYR D 313 18.51 -40.09 -2.45
CA TYR D 313 17.90 -38.83 -2.86
C TYR D 313 16.82 -38.46 -1.84
N GLN D 314 16.82 -37.20 -1.42
CA GLN D 314 15.80 -36.70 -0.51
C GLN D 314 14.64 -36.17 -1.33
N THR D 315 13.46 -36.78 -1.16
CA THR D 315 12.31 -36.51 -2.02
C THR D 315 11.34 -35.51 -1.39
N SER D 316 10.85 -35.81 -0.18
CA SER D 316 9.84 -34.98 0.44
C SER D 316 10.02 -35.04 1.95
N ASN D 317 9.01 -34.60 2.69
CA ASN D 317 9.02 -34.59 4.14
C ASN D 317 7.87 -35.42 4.67
N PHE D 318 7.97 -35.82 5.93
CA PHE D 318 6.97 -36.63 6.59
C PHE D 318 6.44 -35.88 7.81
N ARG D 319 5.12 -35.85 7.95
CA ARG D 319 4.47 -35.19 9.08
C ARG D 319 3.33 -36.05 9.59
N VAL D 320 3.22 -36.13 10.92
CA VAL D 320 2.11 -36.86 11.54
C VAL D 320 0.91 -35.93 11.58
N GLN D 321 -0.10 -36.23 10.78
CA GLN D 321 -1.27 -35.36 10.69
C GLN D 321 -2.08 -35.41 11.98
N PRO D 322 -2.70 -34.30 12.36
CA PRO D 322 -3.52 -34.30 13.59
C PRO D 322 -4.73 -35.21 13.43
N THR D 323 -5.13 -35.81 14.56
CA THR D 323 -6.25 -36.75 14.58
C THR D 323 -7.54 -36.15 15.13
N GLU D 324 -7.47 -35.04 15.87
CA GLU D 324 -8.64 -34.46 16.49
C GLU D 324 -8.39 -32.99 16.75
N SER D 325 -9.48 -32.25 16.96
CA SER D 325 -9.43 -30.83 17.30
C SER D 325 -10.17 -30.61 18.61
N ILE D 326 -9.53 -29.91 19.55
CA ILE D 326 -10.10 -29.64 20.85
C ILE D 326 -10.11 -28.14 21.07
N VAL D 327 -11.07 -27.67 21.87
CA VAL D 327 -11.18 -26.26 22.23
C VAL D 327 -11.40 -26.16 23.73
N ARG D 328 -10.70 -25.22 24.37
CA ARG D 328 -10.76 -25.05 25.82
C ARG D 328 -10.96 -23.57 26.13
N PHE D 329 -12.20 -23.19 26.39
CA PHE D 329 -12.53 -21.82 26.74
C PHE D 329 -12.98 -21.74 28.19
N PRO D 330 -12.74 -20.63 28.87
CA PRO D 330 -13.20 -20.49 30.25
C PRO D 330 -14.72 -20.48 30.33
N ASN D 331 -15.23 -20.96 31.46
CA ASN D 331 -16.67 -21.02 31.69
C ASN D 331 -17.11 -19.73 32.38
N ILE D 332 -17.87 -18.91 31.66
CA ILE D 332 -18.39 -17.66 32.21
C ILE D 332 -19.91 -17.68 32.12
N THR D 333 -20.43 -17.85 30.91
CA THR D 333 -21.85 -18.03 30.64
C THR D 333 -22.69 -16.87 31.18
N ASN D 334 -22.38 -15.67 30.70
CA ASN D 334 -23.24 -14.52 30.88
C ASN D 334 -22.98 -13.51 29.78
N LEU D 335 -24.04 -12.97 29.20
CA LEU D 335 -23.89 -12.00 28.13
C LEU D 335 -23.57 -10.62 28.73
N CYS D 336 -22.43 -10.08 28.35
CA CYS D 336 -22.16 -8.75 28.88
C CYS D 336 -22.84 -7.68 28.02
N PRO D 337 -23.18 -6.54 28.63
CA PRO D 337 -24.20 -5.67 28.03
C PRO D 337 -23.71 -4.80 26.89
N PHE D 338 -23.69 -5.35 25.68
CA PHE D 338 -23.59 -4.50 24.50
C PHE D 338 -24.90 -3.76 24.25
N GLY D 339 -26.00 -4.28 24.76
CA GLY D 339 -27.29 -3.65 24.50
C GLY D 339 -27.41 -2.28 25.10
N GLU D 340 -26.95 -2.10 26.34
CA GLU D 340 -27.11 -0.82 27.01
C GLU D 340 -26.14 0.24 26.49
N VAL D 341 -25.07 -0.18 25.81
CA VAL D 341 -24.17 0.77 25.18
C VAL D 341 -24.85 1.40 23.97
N PHE D 342 -25.62 0.61 23.21
CA PHE D 342 -26.18 1.07 21.95
C PHE D 342 -27.56 1.70 22.10
N ASN D 343 -28.38 1.25 23.05
CA ASN D 343 -29.74 1.74 23.20
C ASN D 343 -29.85 2.85 24.24
N ALA D 344 -28.72 3.47 24.60
CA ALA D 344 -28.75 4.55 25.57
C ALA D 344 -29.58 5.72 25.06
N THR D 345 -30.34 6.33 25.97
CA THR D 345 -31.26 7.39 25.58
C THR D 345 -30.55 8.69 25.23
N ARG D 346 -29.28 8.83 25.58
CA ARG D 346 -28.56 10.09 25.36
C ARG D 346 -27.07 9.79 25.28
N PHE D 347 -26.50 9.93 24.09
CA PHE D 347 -25.05 9.81 23.95
C PHE D 347 -24.36 11.10 24.35
N ALA D 348 -23.03 11.05 24.39
CA ALA D 348 -22.23 12.19 24.80
C ALA D 348 -21.79 12.99 23.58
N SER D 349 -21.24 14.18 23.85
CA SER D 349 -20.72 15.04 22.80
C SER D 349 -19.46 14.41 22.19
N VAL D 350 -18.97 15.01 21.12
CA VAL D 350 -17.77 14.49 20.47
C VAL D 350 -16.59 14.52 21.44
N TYR D 351 -16.38 15.68 22.07
CA TYR D 351 -15.49 15.78 23.21
C TYR D 351 -16.20 15.21 24.44
N ALA D 352 -15.41 14.88 25.46
CA ALA D 352 -15.93 14.20 26.65
C ALA D 352 -16.68 12.92 26.27
N TRP D 353 -16.12 12.17 25.34
CA TRP D 353 -16.74 10.93 24.90
C TRP D 353 -16.75 9.90 26.01
N ASN D 354 -17.79 9.06 26.02
CA ASN D 354 -17.91 8.05 27.06
C ASN D 354 -16.86 6.95 26.87
N ARG D 355 -16.52 6.30 27.98
CA ARG D 355 -15.52 5.23 27.98
C ARG D 355 -16.00 4.18 28.97
N LYS D 356 -16.46 3.05 28.45
CA LYS D 356 -16.99 1.97 29.28
C LYS D 356 -16.10 0.74 29.15
N ARG D 357 -15.79 0.12 30.28
CA ARG D 357 -14.94 -1.06 30.33
C ARG D 357 -15.79 -2.32 30.40
N ILE D 358 -15.47 -3.30 29.56
CA ILE D 358 -16.20 -4.56 29.48
C ILE D 358 -15.22 -5.70 29.69
N SER D 359 -15.51 -6.56 30.67
CA SER D 359 -14.65 -7.68 30.99
C SER D 359 -15.45 -8.78 31.65
N ASN D 360 -14.90 -9.99 31.63
CA ASN D 360 -15.46 -11.15 32.31
C ASN D 360 -16.89 -11.44 31.83
N CYS D 361 -17.00 -11.77 30.54
CA CYS D 361 -18.30 -12.04 29.95
C CYS D 361 -18.14 -12.98 28.77
N VAL D 362 -19.26 -13.48 28.29
CA VAL D 362 -19.35 -14.16 27.00
C VAL D 362 -19.91 -13.14 26.01
N ALA D 363 -19.08 -12.73 25.05
CA ALA D 363 -19.45 -11.67 24.12
C ALA D 363 -19.87 -12.27 22.79
N ASP D 364 -21.05 -11.88 22.32
CA ASP D 364 -21.55 -12.28 21.02
C ASP D 364 -21.51 -11.07 20.11
N TYR D 365 -20.74 -11.16 19.02
CA TYR D 365 -20.62 -10.07 18.07
C TYR D 365 -21.51 -10.26 16.85
N SER D 366 -22.18 -11.41 16.72
CA SER D 366 -23.10 -11.61 15.61
C SER D 366 -24.38 -10.79 15.76
N VAL D 367 -24.73 -10.41 16.98
CA VAL D 367 -25.93 -9.61 17.18
C VAL D 367 -25.73 -8.21 16.61
N LEU D 368 -24.52 -7.67 16.77
CA LEU D 368 -24.25 -6.28 16.30
C LEU D 368 -24.13 -6.29 14.78
N TYR D 369 -23.36 -7.22 14.22
CA TYR D 369 -23.13 -7.23 12.74
C TYR D 369 -24.45 -7.47 12.02
N ASN D 370 -25.31 -8.34 12.56
CA ASN D 370 -26.59 -8.68 11.89
C ASN D 370 -27.57 -7.51 12.01
N SER D 371 -27.31 -6.56 12.91
CA SER D 371 -28.18 -5.38 13.05
C SER D 371 -28.26 -4.63 11.72
N ALA D 372 -29.47 -4.26 11.28
CA ALA D 372 -29.63 -3.59 9.97
C ALA D 372 -29.40 -2.08 10.12
N SER D 373 -29.69 -1.52 11.30
CA SER D 373 -29.57 -0.05 11.50
C SER D 373 -28.13 0.39 11.23
N PHE D 374 -27.15 -0.31 11.80
CA PHE D 374 -25.72 0.07 11.63
C PHE D 374 -25.46 0.37 10.15
N SER D 375 -25.06 1.61 9.85
CA SER D 375 -24.88 2.02 8.43
C SER D 375 -23.41 1.66 8.19
N THR D 376 -22.54 1.94 9.18
CA THR D 376 -21.09 1.65 9.03
C THR D 376 -20.67 0.61 10.08
N PHE D 377 -19.83 -0.35 9.68
CA PHE D 377 -19.33 -1.37 10.64
C PHE D 377 -17.88 -1.73 10.26
N LYS D 378 -17.06 -0.72 9.95
CA LYS D 378 -15.67 -0.98 9.58
C LYS D 378 -14.92 -1.63 10.72
N CYS D 379 -14.10 -2.63 10.39
CA CYS D 379 -13.27 -3.33 11.35
C CYS D 379 -11.82 -3.25 10.91
N TYR D 380 -10.94 -2.81 11.81
CA TYR D 380 -9.52 -2.66 11.52
C TYR D 380 -8.73 -3.64 12.37
N GLY D 381 -7.87 -4.41 11.73
CA GLY D 381 -7.02 -5.36 12.42
C GLY D 381 -7.69 -6.68 12.75
N VAL D 382 -8.96 -6.85 12.40
CA VAL D 382 -9.69 -8.08 12.70
C VAL D 382 -10.80 -8.24 11.68
N SER D 383 -11.16 -9.48 11.41
CA SER D 383 -12.23 -9.79 10.47
C SER D 383 -13.56 -9.85 11.21
N PRO D 384 -14.58 -9.12 10.76
CA PRO D 384 -15.86 -9.13 11.49
C PRO D 384 -16.49 -10.51 11.60
N THR D 385 -16.32 -11.36 10.58
CA THR D 385 -16.85 -12.71 10.67
C THR D 385 -16.04 -13.56 11.65
N LYS D 386 -14.74 -13.34 11.74
CA LYS D 386 -13.87 -14.07 12.66
C LYS D 386 -13.72 -13.34 13.99
N LEU D 387 -14.86 -13.00 14.61
CA LEU D 387 -14.84 -12.33 15.90
C LEU D 387 -15.42 -13.18 17.02
N ASN D 388 -16.24 -14.18 16.71
CA ASN D 388 -16.77 -15.09 17.71
C ASN D 388 -15.79 -16.19 18.09
N ASP D 389 -14.64 -16.26 17.42
CA ASP D 389 -13.65 -17.30 17.66
C ASP D 389 -12.46 -16.83 18.47
N LEU D 390 -12.44 -15.57 18.88
CA LEU D 390 -11.27 -14.96 19.50
C LEU D 390 -11.50 -14.80 21.00
N CYS D 391 -10.48 -14.28 21.69
CA CYS D 391 -10.55 -14.02 23.12
C CYS D 391 -9.70 -12.80 23.42
N PHE D 392 -10.28 -11.85 24.15
CA PHE D 392 -9.61 -10.60 24.47
C PHE D 392 -9.62 -10.38 25.98
N THR D 393 -8.67 -9.57 26.44
CA THR D 393 -8.54 -9.28 27.87
C THR D 393 -9.47 -8.16 28.31
N ASN D 394 -9.54 -7.07 27.56
CA ASN D 394 -10.41 -5.96 27.88
C ASN D 394 -10.97 -5.36 26.61
N VAL D 395 -12.25 -4.98 26.66
CA VAL D 395 -12.94 -4.36 25.54
C VAL D 395 -13.47 -3.01 26.01
N TYR D 396 -13.13 -1.96 25.26
CA TYR D 396 -13.57 -0.60 25.57
C TYR D 396 -14.56 -0.15 24.52
N ALA D 397 -15.68 0.41 24.97
CA ALA D 397 -16.70 0.95 24.08
C ALA D 397 -16.78 2.45 24.28
N ASP D 398 -16.62 3.21 23.20
CA ASP D 398 -16.68 4.66 23.23
C ASP D 398 -17.87 5.11 22.40
N SER D 399 -18.77 5.88 23.02
CA SER D 399 -20.00 6.31 22.37
C SER D 399 -20.04 7.83 22.30
N PHE D 400 -20.35 8.35 21.12
CA PHE D 400 -20.50 9.80 20.92
C PHE D 400 -21.28 10.00 19.63
N VAL D 401 -21.64 11.26 19.35
CA VAL D 401 -22.42 11.61 18.18
C VAL D 401 -21.68 12.69 17.40
N ILE D 402 -21.53 12.49 16.09
CA ILE D 402 -20.79 13.43 15.24
C ILE D 402 -21.65 13.82 14.05
N ARG D 403 -21.07 14.59 13.14
CA ARG D 403 -21.73 15.05 11.93
C ARG D 403 -21.56 14.01 10.83
N GLY D 404 -22.52 13.95 9.90
CA GLY D 404 -22.53 12.91 8.91
C GLY D 404 -21.30 12.89 8.01
N ASP D 405 -20.86 14.06 7.57
CA ASP D 405 -19.66 14.14 6.73
C ASP D 405 -18.40 13.79 7.51
N GLU D 406 -18.50 13.78 8.84
CA GLU D 406 -17.36 13.68 9.74
C GLU D 406 -17.06 12.24 10.15
N VAL D 407 -17.85 11.27 9.69
CA VAL D 407 -17.66 9.89 10.10
C VAL D 407 -16.37 9.31 9.55
N ARG D 408 -15.98 9.71 8.33
CA ARG D 408 -14.78 9.14 7.72
C ARG D 408 -13.52 9.42 8.52
N GLN D 409 -13.57 10.42 9.40
CA GLN D 409 -12.42 10.76 10.23
C GLN D 409 -12.18 9.75 11.33
N ILE D 410 -13.13 8.86 11.62
CA ILE D 410 -12.98 7.87 12.70
C ILE D 410 -12.31 6.66 12.06
N ALA D 411 -10.99 6.73 11.97
CA ALA D 411 -10.18 5.67 11.37
C ALA D 411 -8.76 5.81 11.86
N PRO D 412 -7.96 4.74 11.83
CA PRO D 412 -6.62 4.81 12.43
C PRO D 412 -5.73 5.90 11.86
N GLY D 413 -5.82 6.20 10.57
CA GLY D 413 -4.88 7.13 9.98
C GLY D 413 -5.49 8.33 9.27
N GLN D 414 -6.61 8.84 9.75
CA GLN D 414 -7.25 9.99 9.15
C GLN D 414 -6.92 11.27 9.92
N THR D 415 -7.15 12.41 9.27
CA THR D 415 -6.84 13.71 9.83
C THR D 415 -8.02 14.65 9.61
N GLY D 416 -8.09 15.69 10.42
CA GLY D 416 -9.14 16.68 10.33
C GLY D 416 -9.40 17.28 11.70
N LYS D 417 -10.56 17.91 11.83
CA LYS D 417 -10.92 18.50 13.12
C LYS D 417 -11.09 17.44 14.19
N ILE D 418 -11.87 16.40 13.90
CA ILE D 418 -12.15 15.39 14.91
C ILE D 418 -10.90 14.60 15.26
N ALA D 419 -10.17 14.12 14.25
CA ALA D 419 -8.99 13.31 14.53
C ALA D 419 -7.94 14.11 15.31
N ASP D 420 -7.74 15.37 14.95
CA ASP D 420 -6.68 16.15 15.59
C ASP D 420 -7.09 16.64 16.97
N TYR D 421 -8.34 17.05 17.15
CA TYR D 421 -8.70 17.82 18.34
C TYR D 421 -9.71 17.14 19.25
N ASN D 422 -10.48 16.18 18.77
CA ASN D 422 -11.58 15.61 19.54
C ASN D 422 -11.35 14.15 19.91
N TYR D 423 -11.15 13.28 18.92
CA TYR D 423 -11.02 11.85 19.16
C TYR D 423 -9.95 11.29 18.23
N LYS D 424 -8.88 10.75 18.80
CA LYS D 424 -7.75 10.23 18.04
C LYS D 424 -7.70 8.72 18.19
N LEU D 425 -7.57 8.02 17.06
CA LEU D 425 -7.40 6.58 17.01
C LEU D 425 -5.96 6.24 16.66
N PRO D 426 -5.30 5.38 17.43
CA PRO D 426 -3.91 5.04 17.12
C PRO D 426 -3.80 4.31 15.78
N ASP D 427 -2.65 4.49 15.14
CA ASP D 427 -2.42 3.87 13.83
C ASP D 427 -2.41 2.35 13.90
N ASP D 428 -2.17 1.78 15.08
CA ASP D 428 -2.19 0.34 15.30
C ASP D 428 -3.50 -0.12 15.90
N PHE D 429 -4.60 0.51 15.50
CA PHE D 429 -5.91 0.19 16.05
C PHE D 429 -6.29 -1.26 15.73
N THR D 430 -6.87 -1.93 16.73
CA THR D 430 -7.36 -3.30 16.60
C THR D 430 -8.78 -3.29 17.16
N GLY D 431 -9.75 -3.04 16.30
CA GLY D 431 -11.12 -2.93 16.75
C GLY D 431 -12.06 -2.66 15.60
N CYS D 432 -13.26 -2.21 15.94
CA CYS D 432 -14.29 -1.94 14.95
C CYS D 432 -14.99 -0.64 15.30
N VAL D 433 -15.48 0.05 14.27
CA VAL D 433 -16.25 1.28 14.42
C VAL D 433 -17.66 1.04 13.91
N ILE D 434 -18.65 1.35 14.74
CA ILE D 434 -20.06 1.13 14.39
C ILE D 434 -20.76 2.48 14.45
N ALA D 435 -21.36 2.88 13.33
CA ALA D 435 -22.07 4.15 13.24
C ALA D 435 -23.39 3.95 12.52
N TRP D 436 -24.41 4.70 12.92
CA TRP D 436 -25.71 4.65 12.28
C TRP D 436 -26.36 6.02 12.34
N ASN D 437 -27.24 6.28 11.38
CA ASN D 437 -27.91 7.58 11.31
C ASN D 437 -29.00 7.65 12.34
N SER D 438 -28.99 8.73 13.15
CA SER D 438 -30.03 8.99 14.14
C SER D 438 -30.48 10.43 13.95
N ASN D 439 -31.42 10.63 13.03
CA ASN D 439 -32.03 11.93 12.79
C ASN D 439 -33.34 12.08 13.54
N ASN D 440 -33.90 10.99 14.06
CA ASN D 440 -35.17 11.01 14.76
C ASN D 440 -35.01 11.13 16.27
N LEU D 441 -33.78 11.25 16.77
CA LEU D 441 -33.54 11.34 18.21
C LEU D 441 -32.63 12.48 18.61
N ASP D 442 -31.86 13.06 17.69
CA ASP D 442 -30.90 14.11 18.03
C ASP D 442 -31.12 15.39 17.23
N SER D 443 -32.22 15.47 16.48
CA SER D 443 -32.48 16.66 15.62
C SER D 443 -33.98 16.96 15.61
N LYS D 444 -34.69 16.59 16.67
CA LYS D 444 -36.16 16.83 16.74
C LYS D 444 -36.41 18.34 16.64
N VAL D 445 -35.67 19.14 17.42
CA VAL D 445 -35.83 20.62 17.39
C VAL D 445 -34.51 21.31 17.78
N GLY D 446 -34.01 22.19 16.91
CA GLY D 446 -32.68 22.81 17.14
C GLY D 446 -31.55 21.83 16.86
N GLY D 447 -31.58 20.66 17.50
CA GLY D 447 -30.57 19.61 17.24
C GLY D 447 -29.32 19.85 18.06
N ASN D 448 -29.16 21.03 18.64
CA ASN D 448 -27.99 21.33 19.50
C ASN D 448 -27.89 20.23 20.56
N TYR D 449 -28.93 20.09 21.40
CA TYR D 449 -28.96 19.00 22.42
C TYR D 449 -27.57 18.84 23.05
N ASN D 450 -26.92 19.95 23.40
CA ASN D 450 -25.58 19.88 24.06
C ASN D 450 -24.63 19.02 23.23
N TYR D 451 -24.74 19.06 21.90
CA TYR D 451 -23.79 18.33 21.04
C TYR D 451 -22.69 19.31 20.60
N LEU D 452 -21.54 19.29 21.27
CA LEU D 452 -20.48 20.29 20.98
C LEU D 452 -19.20 19.61 20.52
N TYR D 453 -18.31 20.36 19.86
CA TYR D 453 -17.03 19.84 19.43
C TYR D 453 -15.99 20.95 19.57
N ARG D 454 -14.75 20.63 19.23
CA ARG D 454 -13.61 21.52 19.48
C ARG D 454 -13.00 21.93 18.15
N LEU D 455 -13.23 23.18 17.74
CA LEU D 455 -12.60 23.69 16.53
C LEU D 455 -11.12 24.00 16.76
N PHE D 456 -10.79 24.62 17.89
CA PHE D 456 -9.47 25.19 18.11
C PHE D 456 -8.76 24.45 19.24
N ARG D 457 -7.50 24.12 18.99
CA ARG D 457 -6.64 23.55 20.02
C ARG D 457 -5.19 23.90 19.69
N LYS D 458 -4.36 23.96 20.73
CA LYS D 458 -2.95 24.31 20.55
C LYS D 458 -2.22 23.27 19.70
N SER D 459 -2.49 21.99 19.93
CA SER D 459 -1.78 20.93 19.23
C SER D 459 -2.68 19.71 19.13
N ASN D 460 -2.30 18.80 18.23
CA ASN D 460 -3.09 17.60 17.98
C ASN D 460 -3.11 16.70 19.22
N LEU D 461 -4.11 15.83 19.27
CA LEU D 461 -4.29 14.95 20.41
C LEU D 461 -3.40 13.70 20.29
N LYS D 462 -3.12 13.10 21.43
CA LYS D 462 -2.52 11.78 21.49
C LYS D 462 -3.61 10.72 21.35
N PRO D 463 -3.24 9.50 20.94
CA PRO D 463 -4.25 8.45 20.81
C PRO D 463 -4.99 8.20 22.12
N PHE D 464 -6.31 8.12 22.03
CA PHE D 464 -7.19 7.86 23.18
C PHE D 464 -6.94 8.86 24.32
N GLU D 465 -6.80 10.14 23.95
CA GLU D 465 -6.60 11.21 24.92
C GLU D 465 -7.79 12.16 24.87
N ARG D 466 -8.32 12.50 26.03
CA ARG D 466 -9.42 13.45 26.15
C ARG D 466 -8.89 14.81 26.56
N ASP D 467 -9.61 15.86 26.15
CA ASP D 467 -9.17 17.23 26.43
C ASP D 467 -10.41 18.10 26.62
N ILE D 468 -10.82 18.30 27.87
CA ILE D 468 -11.93 19.17 28.21
C ILE D 468 -11.35 20.42 28.87
N SER D 469 -11.70 21.59 28.36
CA SER D 469 -11.13 22.84 28.82
C SER D 469 -12.03 24.00 28.41
N THR D 470 -12.27 24.91 29.35
CA THR D 470 -12.97 26.16 29.05
C THR D 470 -12.00 27.29 28.73
N GLU D 471 -10.71 26.99 28.60
CA GLU D 471 -9.71 28.01 28.31
C GLU D 471 -9.95 28.62 26.93
N ILE D 472 -9.66 29.91 26.81
CA ILE D 472 -9.96 30.68 25.62
C ILE D 472 -8.76 30.58 24.67
N TYR D 473 -9.05 30.21 23.41
CA TYR D 473 -8.03 30.04 22.41
C TYR D 473 -7.80 31.36 21.68
N GLN D 474 -6.55 31.61 21.31
CA GLN D 474 -6.13 32.88 20.71
C GLN D 474 -5.75 32.61 19.25
N ALA D 475 -6.73 32.71 18.36
CA ALA D 475 -6.50 32.52 16.93
C ALA D 475 -6.37 33.88 16.24
N GLY D 476 -5.21 34.50 16.45
CA GLY D 476 -4.97 35.80 15.86
C GLY D 476 -3.63 36.35 16.32
N SER D 477 -3.42 37.63 16.01
CA SER D 477 -2.16 38.28 16.33
C SER D 477 -2.12 38.75 17.78
N THR D 478 -3.14 39.49 18.20
CA THR D 478 -3.14 40.10 19.53
C THR D 478 -3.19 39.05 20.63
N PRO D 479 -2.25 39.09 21.57
CA PRO D 479 -2.32 38.20 22.74
C PRO D 479 -3.25 38.76 23.81
N CYS D 480 -4.55 38.49 23.68
CA CYS D 480 -5.51 39.05 24.63
C CYS D 480 -5.22 38.58 26.05
N ASN D 481 -4.89 37.30 26.21
CA ASN D 481 -4.52 36.73 27.50
C ASN D 481 -5.62 36.92 28.55
N GLY D 482 -6.86 37.01 28.09
CA GLY D 482 -8.00 37.19 29.00
C GLY D 482 -9.10 36.17 28.72
N VAL D 483 -10.25 36.62 28.22
CA VAL D 483 -11.37 35.70 27.90
C VAL D 483 -12.01 36.24 26.62
N GLU D 484 -12.26 35.39 25.63
CA GLU D 484 -12.95 35.82 24.40
C GLU D 484 -12.35 36.92 23.54
N GLY D 485 -13.13 38.00 23.33
CA GLY D 485 -12.64 39.17 22.56
C GLY D 485 -12.31 38.87 21.11
N PHE D 486 -11.79 39.87 20.40
CA PHE D 486 -11.36 39.68 18.99
C PHE D 486 -10.17 38.72 18.96
N ASN D 487 -10.06 37.90 17.92
CA ASN D 487 -8.91 36.97 17.77
C ASN D 487 -8.80 36.07 19.02
N CYS D 488 -9.83 36.03 19.86
CA CYS D 488 -9.79 35.13 21.01
C CYS D 488 -11.16 34.49 21.11
N TYR D 489 -11.22 33.17 20.94
CA TYR D 489 -12.47 32.47 20.75
C TYR D 489 -12.62 31.35 21.76
N PHE D 490 -13.86 30.97 22.01
CA PHE D 490 -14.17 29.81 22.82
C PHE D 490 -14.09 28.56 21.95
N PRO D 491 -13.22 27.59 22.28
CA PRO D 491 -13.05 26.44 21.38
C PRO D 491 -14.30 25.59 21.19
N LEU D 492 -15.14 25.49 22.20
CA LEU D 492 -16.28 24.57 22.15
C LEU D 492 -17.39 25.17 21.31
N GLN D 493 -17.57 24.63 20.11
CA GLN D 493 -18.61 25.07 19.19
C GLN D 493 -19.68 23.99 19.10
N SER D 494 -20.94 24.40 19.15
CA SER D 494 -22.05 23.45 19.20
C SER D 494 -22.46 23.04 17.79
N TYR D 495 -22.98 21.82 17.68
CA TYR D 495 -23.51 21.34 16.41
C TYR D 495 -24.91 21.89 16.18
N GLY D 496 -25.13 22.47 15.01
CA GLY D 496 -26.47 22.91 14.65
C GLY D 496 -27.20 21.85 13.85
N PHE D 497 -28.04 21.07 14.52
CA PHE D 497 -28.75 19.96 13.89
C PHE D 497 -30.19 20.36 13.59
N GLN D 498 -30.34 21.19 12.57
CA GLN D 498 -31.67 21.59 12.12
C GLN D 498 -32.44 20.36 11.64
N PRO D 499 -33.72 20.23 11.98
CA PRO D 499 -34.49 19.06 11.53
C PRO D 499 -34.50 18.93 10.02
N THR D 500 -34.00 17.79 9.53
CA THR D 500 -33.93 17.48 8.11
C THR D 500 -33.20 18.59 7.34
N ASN D 501 -31.92 18.77 7.68
CA ASN D 501 -31.06 19.75 7.02
C ASN D 501 -30.23 19.12 5.91
N GLY D 502 -30.73 18.06 5.29
CA GLY D 502 -29.99 17.39 4.23
C GLY D 502 -29.09 16.30 4.75
N VAL D 503 -29.07 15.16 4.06
CA VAL D 503 -28.21 14.06 4.47
C VAL D 503 -26.75 14.48 4.39
N GLY D 504 -25.96 14.04 5.36
CA GLY D 504 -24.57 14.44 5.49
C GLY D 504 -24.32 15.47 6.56
N TYR D 505 -25.36 16.19 6.98
CA TYR D 505 -25.29 17.08 8.14
C TYR D 505 -26.11 16.57 9.30
N GLN D 506 -26.82 15.46 9.14
CA GLN D 506 -27.65 14.89 10.18
C GLN D 506 -26.80 14.20 11.24
N PRO D 507 -27.28 14.14 12.48
CA PRO D 507 -26.48 13.52 13.55
C PRO D 507 -26.24 12.05 13.26
N TYR D 508 -25.01 11.61 13.57
CA TYR D 508 -24.62 10.21 13.43
C TYR D 508 -24.08 9.73 14.76
N ARG D 509 -24.68 8.69 15.32
CA ARG D 509 -24.22 8.10 16.57
C ARG D 509 -23.18 7.03 16.27
N VAL D 510 -22.02 7.15 16.90
CA VAL D 510 -20.87 6.29 16.63
C VAL D 510 -20.47 5.58 17.92
N VAL D 511 -20.28 4.27 17.83
CA VAL D 511 -19.80 3.45 18.94
C VAL D 511 -18.61 2.65 18.43
N VAL D 512 -17.43 2.88 19.01
CA VAL D 512 -16.19 2.24 18.59
C VAL D 512 -15.72 1.31 19.68
N LEU D 513 -15.34 0.10 19.30
CA LEU D 513 -14.88 -0.93 20.22
C LEU D 513 -13.39 -1.17 19.99
N SER D 514 -12.62 -1.18 21.08
CA SER D 514 -11.18 -1.42 21.03
C SER D 514 -10.88 -2.72 21.77
N PHE D 515 -10.18 -3.63 21.10
CA PHE D 515 -9.90 -4.95 21.63
C PHE D 515 -8.47 -5.00 22.16
N GLU D 516 -8.33 -5.19 23.46
CA GLU D 516 -7.01 -5.32 24.08
C GLU D 516 -6.48 -6.73 23.89
N LEU D 517 -5.17 -6.83 23.73
CA LEU D 517 -4.51 -8.11 23.48
C LEU D 517 -3.17 -8.13 24.19
N LEU D 518 -2.64 -9.34 24.36
CA LEU D 518 -1.32 -9.56 24.97
C LEU D 518 -1.25 -8.98 26.38
N HIS D 519 -2.07 -9.56 27.25
CA HIS D 519 -2.18 -9.12 28.64
C HIS D 519 -2.50 -10.33 29.49
N ALA D 520 -3.02 -10.08 30.70
CA ALA D 520 -3.48 -11.12 31.63
C ALA D 520 -4.46 -12.06 30.94
N PRO D 521 -4.73 -13.24 31.49
CA PRO D 521 -5.64 -14.19 30.83
C PRO D 521 -6.93 -13.53 30.38
N ALA D 522 -7.35 -13.87 29.15
CA ALA D 522 -8.48 -13.21 28.52
C ALA D 522 -9.75 -13.40 29.33
N THR D 523 -10.55 -12.33 29.42
CA THR D 523 -11.82 -12.36 30.13
C THR D 523 -13.02 -12.16 29.22
N VAL D 524 -12.85 -11.61 28.03
CA VAL D 524 -13.93 -11.45 27.06
C VAL D 524 -13.69 -12.45 25.94
N CYS D 525 -14.60 -13.40 25.78
CA CYS D 525 -14.44 -14.47 24.80
C CYS D 525 -15.74 -14.68 24.05
N GLY D 526 -15.62 -15.27 22.87
CA GLY D 526 -16.78 -15.53 22.03
C GLY D 526 -17.57 -16.71 22.51
N PRO D 527 -18.76 -16.87 21.94
CA PRO D 527 -19.66 -17.98 22.31
C PRO D 527 -19.26 -19.31 21.68
N LYS D 528 -18.29 -19.98 22.30
CA LYS D 528 -17.79 -21.26 21.84
C LYS D 528 -17.97 -22.31 22.92
N LYS D 529 -18.37 -23.51 22.52
CA LYS D 529 -18.58 -24.61 23.45
C LYS D 529 -17.30 -25.41 23.57
N SER D 530 -16.71 -25.42 24.77
CA SER D 530 -15.47 -26.12 24.99
C SER D 530 -15.68 -27.63 24.91
N THR D 531 -14.68 -28.32 24.39
CA THR D 531 -14.71 -29.77 24.23
C THR D 531 -13.81 -30.44 25.27
N ASN D 532 -13.72 -31.76 25.17
CA ASN D 532 -12.94 -32.53 26.13
C ASN D 532 -11.44 -32.34 25.89
N LEU D 533 -10.66 -32.78 26.87
CA LEU D 533 -9.20 -32.70 26.82
C LEU D 533 -8.65 -34.02 26.33
N VAL D 534 -7.78 -33.97 25.32
CA VAL D 534 -7.16 -35.15 24.74
C VAL D 534 -5.65 -35.03 24.89
N LYS D 535 -5.03 -36.05 25.45
CA LYS D 535 -3.60 -36.05 25.72
C LYS D 535 -2.92 -37.23 25.04
N ASN D 536 -1.62 -37.11 24.85
CA ASN D 536 -0.79 -38.14 24.22
C ASN D 536 -1.24 -38.42 22.80
N LYS D 537 -1.73 -37.39 22.11
CA LYS D 537 -2.17 -37.51 20.73
C LYS D 537 -1.92 -36.21 20.00
N CYS D 538 -1.54 -36.31 18.74
CA CYS D 538 -1.33 -35.13 17.89
C CYS D 538 -2.69 -34.52 17.56
N VAL D 539 -3.04 -33.44 18.25
CA VAL D 539 -4.35 -32.81 18.10
C VAL D 539 -4.15 -31.30 17.93
N ASN D 540 -5.18 -30.67 17.36
CA ASN D 540 -5.22 -29.22 17.19
C ASN D 540 -5.92 -28.63 18.40
N PHE D 541 -5.16 -27.95 19.26
CA PHE D 541 -5.71 -27.37 20.47
C PHE D 541 -6.01 -25.89 20.26
N ASN D 542 -7.00 -25.39 21.01
CA ASN D 542 -7.40 -23.99 20.97
C ASN D 542 -7.64 -23.55 22.42
N PHE D 543 -6.58 -23.06 23.06
CA PHE D 543 -6.65 -22.63 24.46
C PHE D 543 -6.96 -21.14 24.47
N ASN D 544 -8.26 -20.82 24.51
CA ASN D 544 -8.84 -19.48 24.62
C ASN D 544 -8.02 -18.42 23.90
N GLY D 545 -7.80 -18.63 22.60
CA GLY D 545 -7.05 -17.68 21.80
C GLY D 545 -5.76 -18.24 21.24
N LEU D 546 -5.04 -19.01 22.06
CA LEU D 546 -3.79 -19.62 21.63
C LEU D 546 -4.11 -20.86 20.81
N THR D 547 -3.75 -20.82 19.53
CA THR D 547 -4.01 -21.92 18.61
C THR D 547 -2.69 -22.53 18.15
N GLY D 548 -2.63 -23.86 18.13
CA GLY D 548 -1.46 -24.56 17.67
C GLY D 548 -1.79 -26.02 17.43
N THR D 549 -0.80 -26.75 16.93
CA THR D 549 -0.93 -28.18 16.69
C THR D 549 0.22 -28.89 17.40
N GLY D 550 -0.10 -29.92 18.16
CA GLY D 550 0.91 -30.65 18.90
C GLY D 550 0.29 -31.73 19.75
N VAL D 551 1.13 -32.32 20.60
CA VAL D 551 0.73 -33.37 21.52
C VAL D 551 0.85 -32.83 22.94
N LEU D 552 -0.19 -33.06 23.75
CA LEU D 552 -0.26 -32.54 25.11
C LEU D 552 0.00 -33.65 26.10
N THR D 553 0.92 -33.43 27.03
CA THR D 553 1.26 -34.40 28.05
C THR D 553 1.36 -33.69 29.40
N GLU D 554 1.26 -34.48 30.47
CA GLU D 554 1.39 -33.95 31.82
C GLU D 554 2.81 -33.41 32.02
N SER D 555 2.90 -32.25 32.66
CA SER D 555 4.17 -31.56 32.85
C SER D 555 4.46 -31.39 34.33
N ASN D 556 5.75 -31.42 34.66
CA ASN D 556 6.21 -31.21 36.03
C ASN D 556 6.63 -29.77 36.30
N LYS D 557 6.44 -28.87 35.34
CA LYS D 557 6.81 -27.47 35.53
C LYS D 557 6.02 -26.87 36.68
N LYS D 558 6.72 -26.10 37.52
CA LYS D 558 6.12 -25.50 38.71
C LYS D 558 5.81 -24.02 38.41
N PHE D 559 4.67 -23.81 37.76
CA PHE D 559 4.19 -22.44 37.56
C PHE D 559 3.81 -21.81 38.90
N LEU D 560 4.20 -20.56 39.07
CA LEU D 560 3.69 -19.78 40.19
C LEU D 560 2.20 -19.49 39.96
N PRO D 561 1.44 -19.26 41.02
CA PRO D 561 -0.02 -19.17 40.86
C PRO D 561 -0.51 -17.98 40.03
N PHE D 562 0.41 -17.21 39.46
CA PHE D 562 0.03 -16.09 38.61
C PHE D 562 0.56 -16.20 37.19
N GLN D 563 1.19 -17.32 36.82
CA GLN D 563 1.68 -17.53 35.46
C GLN D 563 0.79 -18.52 34.74
N GLN D 564 0.38 -18.16 33.52
CA GLN D 564 -0.47 -19.00 32.70
C GLN D 564 0.27 -19.65 31.54
N PHE D 565 1.21 -18.94 30.92
CA PHE D 565 1.92 -19.44 29.76
C PHE D 565 3.31 -19.94 30.17
N GLY D 566 4.13 -20.31 29.18
CA GLY D 566 5.50 -20.70 29.42
C GLY D 566 6.29 -20.70 28.14
N ARG D 567 7.46 -20.06 28.14
CA ARG D 567 8.28 -19.92 26.95
C ARG D 567 9.60 -20.65 27.13
N ASP D 568 9.90 -21.56 26.20
CA ASP D 568 11.17 -22.24 26.18
C ASP D 568 12.21 -21.34 25.51
N ILE D 569 13.37 -21.90 25.19
CA ILE D 569 14.39 -21.13 24.47
C ILE D 569 13.84 -20.71 23.11
N ALA D 570 14.47 -19.68 22.53
CA ALA D 570 14.07 -19.10 21.24
C ALA D 570 12.66 -18.52 21.29
N ASP D 571 12.13 -18.32 22.50
CA ASP D 571 10.82 -17.69 22.71
C ASP D 571 9.72 -18.45 21.96
N THR D 572 9.51 -19.70 22.37
CA THR D 572 8.44 -20.53 21.85
C THR D 572 7.55 -21.01 22.99
N THR D 573 6.24 -21.06 22.74
CA THR D 573 5.29 -21.47 23.76
C THR D 573 5.26 -22.99 23.83
N ASP D 574 5.77 -23.55 24.92
CA ASP D 574 5.81 -24.99 25.11
C ASP D 574 4.94 -25.51 26.25
N ALA D 575 4.43 -24.62 27.10
CA ALA D 575 3.57 -25.02 28.21
C ALA D 575 2.37 -24.09 28.28
N VAL D 576 1.22 -24.63 28.68
CA VAL D 576 -0.03 -23.89 28.75
C VAL D 576 -0.83 -24.37 29.94
N ARG D 577 -1.73 -23.53 30.41
CA ARG D 577 -2.60 -23.83 31.54
C ARG D 577 -4.03 -23.96 31.05
N ASP D 578 -4.66 -25.09 31.37
CA ASP D 578 -6.06 -25.29 30.98
C ASP D 578 -6.95 -24.29 31.70
N PRO D 579 -7.83 -23.60 31.00
CA PRO D 579 -8.64 -22.54 31.63
C PRO D 579 -9.87 -23.03 32.38
N GLN D 580 -10.01 -24.34 32.62
CA GLN D 580 -11.15 -24.84 33.37
C GLN D 580 -10.71 -25.66 34.56
N THR D 581 -9.58 -26.37 34.43
CA THR D 581 -9.06 -27.19 35.51
C THR D 581 -7.71 -26.71 36.03
N LEU D 582 -7.19 -25.60 35.51
CA LEU D 582 -5.90 -25.03 35.92
C LEU D 582 -4.76 -26.02 35.78
N GLU D 583 -4.94 -27.06 34.95
CA GLU D 583 -3.91 -28.06 34.76
C GLU D 583 -2.73 -27.47 33.98
N ILE D 584 -1.53 -27.93 34.32
CA ILE D 584 -0.30 -27.48 33.67
C ILE D 584 0.03 -28.51 32.59
N LEU D 585 -0.18 -28.14 31.34
CA LEU D 585 0.02 -29.04 30.21
C LEU D 585 1.30 -28.68 29.47
N ASP D 586 1.96 -29.69 28.91
CA ASP D 586 3.18 -29.52 28.15
C ASP D 586 2.88 -29.70 26.67
N ILE D 587 3.32 -28.75 25.85
CA ILE D 587 3.10 -28.78 24.41
C ILE D 587 4.43 -29.08 23.73
N THR D 588 4.44 -30.12 22.91
CA THR D 588 5.59 -30.46 22.08
C THR D 588 5.13 -30.74 20.66
N PRO D 589 5.94 -30.38 19.66
CA PRO D 589 5.51 -30.57 18.27
C PRO D 589 5.39 -32.03 17.92
N CYS D 590 4.48 -32.32 16.99
CA CYS D 590 4.29 -33.68 16.52
C CYS D 590 5.49 -34.14 15.70
N SER D 591 5.61 -35.46 15.56
CA SER D 591 6.77 -36.03 14.90
C SER D 591 6.82 -35.63 13.44
N PHE D 592 8.03 -35.31 12.97
CA PHE D 592 8.23 -34.93 11.58
C PHE D 592 9.67 -35.20 11.20
N GLY D 593 9.93 -35.21 9.90
CA GLY D 593 11.26 -35.46 9.38
C GLY D 593 11.29 -35.59 7.87
N GLY D 594 12.48 -35.67 7.30
CA GLY D 594 12.59 -35.86 5.87
C GLY D 594 12.67 -37.33 5.50
N VAL D 595 12.21 -37.63 4.29
CA VAL D 595 12.26 -38.99 3.76
C VAL D 595 13.33 -39.04 2.67
N SER D 596 13.96 -40.20 2.54
CA SER D 596 15.01 -40.40 1.56
C SER D 596 14.79 -41.73 0.85
N VAL D 597 15.08 -41.74 -0.44
CA VAL D 597 14.89 -42.92 -1.29
C VAL D 597 16.26 -43.44 -1.68
N ILE D 598 16.50 -44.73 -1.44
CA ILE D 598 17.76 -45.38 -1.78
C ILE D 598 17.52 -46.21 -3.03
N THR D 599 18.22 -45.88 -4.10
CA THR D 599 18.01 -46.50 -5.40
C THR D 599 19.30 -47.12 -5.91
N PRO D 600 19.28 -48.38 -6.35
CA PRO D 600 20.46 -48.98 -6.98
C PRO D 600 20.63 -48.65 -8.46
N GLY D 601 19.91 -47.66 -8.98
CA GLY D 601 19.96 -47.31 -10.38
C GLY D 601 18.68 -47.72 -11.10
N THR D 602 18.31 -46.92 -12.09
CA THR D 602 17.10 -47.18 -12.86
C THR D 602 17.24 -48.42 -13.73
N ASN D 603 18.34 -48.53 -14.48
CA ASN D 603 18.49 -49.63 -15.42
C ASN D 603 19.06 -50.87 -14.77
N THR D 604 19.35 -50.85 -13.47
CA THR D 604 19.76 -52.05 -12.76
C THR D 604 18.59 -52.71 -12.03
N SER D 605 17.68 -51.90 -11.47
CA SER D 605 16.53 -52.43 -10.77
C SER D 605 15.47 -51.33 -10.68
N ASN D 606 14.31 -51.70 -10.14
CA ASN D 606 13.20 -50.77 -9.97
C ASN D 606 12.69 -50.71 -8.54
N GLN D 607 13.24 -51.52 -7.63
CA GLN D 607 12.85 -51.49 -6.23
C GLN D 607 13.72 -50.51 -5.47
N VAL D 608 13.14 -49.90 -4.43
CA VAL D 608 13.82 -48.89 -3.63
C VAL D 608 13.55 -49.15 -2.16
N ALA D 609 14.40 -48.56 -1.31
CA ALA D 609 14.21 -48.54 0.12
C ALA D 609 13.97 -47.11 0.57
N VAL D 610 13.11 -46.94 1.57
CA VAL D 610 12.69 -45.63 2.03
C VAL D 610 13.18 -45.45 3.45
N LEU D 611 13.86 -44.34 3.72
CA LEU D 611 14.38 -44.01 5.04
C LEU D 611 13.65 -42.80 5.58
N TYR D 612 13.06 -42.94 6.76
CA TYR D 612 12.37 -41.85 7.45
C TYR D 612 13.32 -41.27 8.49
N GLN D 613 14.01 -40.20 8.13
CA GLN D 613 15.07 -39.67 8.97
C GLN D 613 14.51 -39.08 10.26
N ASP D 614 15.14 -39.42 11.39
CA ASP D 614 14.77 -38.90 12.71
C ASP D 614 13.31 -39.19 13.04
N VAL D 615 12.84 -40.38 12.67
CA VAL D 615 11.48 -40.81 12.97
C VAL D 615 11.55 -42.23 13.54
N ASN D 616 11.01 -42.41 14.74
CA ASN D 616 10.93 -43.73 15.34
C ASN D 616 9.98 -44.61 14.52
N CYS D 617 10.27 -45.91 14.49
CA CYS D 617 9.49 -46.81 13.64
C CYS D 617 8.03 -46.92 14.07
N THR D 618 7.69 -46.50 15.30
CA THR D 618 6.32 -46.57 15.77
C THR D 618 5.36 -45.81 14.86
N GLU D 619 5.81 -44.72 14.25
CA GLU D 619 5.03 -44.01 13.26
C GLU D 619 5.30 -44.59 11.88
N VAL D 620 4.25 -44.71 11.08
CA VAL D 620 4.35 -45.31 9.76
C VAL D 620 5.29 -44.52 8.86
N SER D 640 8.56 -53.39 3.01
CA SER D 640 8.29 -54.76 3.42
C SER D 640 8.88 -55.04 4.80
N ASN D 641 10.21 -54.98 4.90
CA ASN D 641 10.92 -55.27 6.13
C ASN D 641 11.41 -53.98 6.74
N VAL D 642 11.11 -53.77 8.03
CA VAL D 642 11.49 -52.57 8.75
C VAL D 642 12.68 -52.88 9.64
N PHE D 643 13.68 -52.00 9.61
CA PHE D 643 14.90 -52.18 10.39
C PHE D 643 15.30 -50.81 10.95
N GLN D 644 15.57 -50.76 12.25
CA GLN D 644 15.85 -49.51 12.93
C GLN D 644 17.36 -49.26 12.95
N THR D 645 17.76 -48.07 12.50
CA THR D 645 19.14 -47.63 12.53
C THR D 645 19.25 -46.37 13.39
N ARG D 646 20.44 -45.79 13.43
CA ARG D 646 20.68 -44.59 14.22
C ARG D 646 20.14 -43.33 13.56
N ALA D 647 19.85 -43.36 12.26
CA ALA D 647 19.27 -42.23 11.53
C ALA D 647 17.91 -42.66 11.01
N GLY D 648 16.87 -42.55 11.84
CA GLY D 648 15.50 -42.85 11.39
C GLY D 648 15.21 -44.33 11.20
N CYS D 649 14.02 -44.64 10.67
CA CYS D 649 13.60 -46.05 10.45
C CYS D 649 13.73 -46.40 8.96
N LEU D 650 14.14 -47.63 8.64
CA LEU D 650 14.34 -48.03 7.22
C LEU D 650 13.24 -49.03 6.81
N ILE D 651 12.84 -49.00 5.54
CA ILE D 651 11.78 -49.88 5.06
C ILE D 651 12.12 -50.35 3.67
N GLY D 652 12.11 -51.67 3.47
CA GLY D 652 12.38 -52.26 2.17
C GLY D 652 13.78 -52.81 1.98
N ALA D 653 14.62 -52.76 3.00
CA ALA D 653 15.97 -53.30 2.93
C ALA D 653 16.20 -54.22 4.13
N GLU D 654 16.67 -55.43 3.86
CA GLU D 654 16.91 -56.39 4.93
C GLU D 654 18.30 -56.18 5.54
N HIS D 655 18.43 -56.59 6.79
CA HIS D 655 19.67 -56.44 7.54
C HIS D 655 20.52 -57.71 7.40
N VAL D 656 21.82 -57.51 7.23
CA VAL D 656 22.78 -58.60 7.09
C VAL D 656 23.89 -58.40 8.11
N ASN D 657 24.35 -59.50 8.72
CA ASN D 657 25.45 -59.43 9.66
C ASN D 657 26.81 -59.41 8.98
N ASN D 658 26.85 -59.51 7.65
CA ASN D 658 28.11 -59.42 6.92
C ASN D 658 28.56 -57.97 6.82
N SER D 659 29.82 -57.79 6.43
CA SER D 659 30.42 -56.48 6.27
C SER D 659 31.01 -56.36 4.88
N TYR D 660 30.67 -55.30 4.17
CA TYR D 660 31.18 -55.04 2.83
C TYR D 660 31.63 -53.59 2.73
N GLU D 661 32.40 -53.29 1.69
CA GLU D 661 32.79 -51.91 1.44
C GLU D 661 31.55 -51.06 1.15
N CYS D 662 31.57 -49.83 1.63
CA CYS D 662 30.40 -48.97 1.52
C CYS D 662 30.09 -48.67 0.06
N ASP D 663 28.82 -48.80 -0.31
CA ASP D 663 28.35 -48.51 -1.66
C ASP D 663 27.42 -47.29 -1.68
N ILE D 664 26.35 -47.33 -0.89
CA ILE D 664 25.45 -46.20 -0.73
C ILE D 664 25.41 -45.83 0.74
N PRO D 665 26.07 -44.75 1.14
CA PRO D 665 26.21 -44.42 2.57
C PRO D 665 24.93 -43.84 3.15
N ILE D 666 24.32 -44.56 4.08
CA ILE D 666 23.11 -44.07 4.73
C ILE D 666 23.47 -43.11 5.86
N GLY D 667 24.27 -43.57 6.80
CA GLY D 667 24.69 -42.73 7.91
C GLY D 667 25.00 -43.56 9.13
N ALA D 668 25.78 -42.95 10.03
CA ALA D 668 26.19 -43.57 11.29
C ALA D 668 26.93 -44.88 11.05
N GLY D 669 27.73 -44.93 9.99
CA GLY D 669 28.49 -46.12 9.68
C GLY D 669 27.72 -47.23 9.03
N ILE D 670 26.51 -46.96 8.53
CA ILE D 670 25.64 -47.97 7.94
C ILE D 670 25.44 -47.63 6.47
N CYS D 671 25.66 -48.61 5.60
CA CYS D 671 25.53 -48.43 4.17
C CYS D 671 24.51 -49.41 3.62
N ALA D 672 24.17 -49.23 2.34
CA ALA D 672 23.22 -50.09 1.65
C ALA D 672 23.76 -50.41 0.27
N SER D 673 23.36 -51.56 -0.27
CA SER D 673 23.85 -52.01 -1.56
C SER D 673 22.84 -52.99 -2.16
N TYR D 674 23.10 -53.36 -3.42
CA TYR D 674 22.26 -54.27 -4.18
C TYR D 674 23.03 -55.56 -4.42
N GLN D 675 22.68 -56.61 -3.68
CA GLN D 675 23.37 -57.89 -3.79
C GLN D 675 22.34 -59.01 -3.87
N THR D 676 22.78 -60.13 -4.43
CA THR D 676 21.92 -61.31 -4.58
C THR D 676 21.57 -61.90 -3.22
N GLN D 690 19.62 -59.02 -6.24
CA GLN D 690 18.28 -59.55 -6.12
C GLN D 690 17.47 -58.80 -5.07
N SER D 691 18.16 -58.13 -4.16
CA SER D 691 17.50 -57.42 -3.07
C SER D 691 18.44 -56.36 -2.52
N ILE D 692 17.86 -55.43 -1.76
CA ILE D 692 18.60 -54.35 -1.11
C ILE D 692 18.95 -54.80 0.29
N ILE D 693 20.21 -54.65 0.68
CA ILE D 693 20.70 -55.08 1.98
C ILE D 693 21.34 -53.89 2.68
N ALA D 694 21.12 -53.80 3.99
CA ALA D 694 21.72 -52.76 4.83
C ALA D 694 22.64 -53.42 5.84
N TYR D 695 23.88 -52.92 5.90
CA TYR D 695 24.92 -53.53 6.71
C TYR D 695 25.76 -52.43 7.36
N THR D 696 26.73 -52.84 8.17
CA THR D 696 27.73 -51.95 8.73
C THR D 696 28.99 -52.05 7.88
N MET D 697 29.44 -50.91 7.36
CA MET D 697 30.52 -50.92 6.38
C MET D 697 31.81 -51.42 7.01
N SER D 698 32.65 -52.03 6.16
CA SER D 698 33.93 -52.56 6.58
C SER D 698 35.03 -51.57 6.25
N LEU D 699 35.81 -51.18 7.25
CA LEU D 699 36.90 -50.24 7.04
C LEU D 699 37.97 -50.83 6.13
N GLY D 700 38.27 -52.11 6.30
CA GLY D 700 39.26 -52.76 5.46
C GLY D 700 39.59 -54.14 6.01
N ALA D 701 40.71 -54.67 5.53
CA ALA D 701 41.18 -55.97 5.96
C ALA D 701 41.69 -55.88 7.41
N GLU D 702 42.19 -57.00 7.92
CA GLU D 702 42.72 -57.03 9.27
C GLU D 702 44.16 -57.49 9.28
N ASN D 703 44.96 -56.93 8.38
CA ASN D 703 46.38 -57.28 8.29
C ASN D 703 47.09 -56.95 9.59
N SER D 704 47.86 -57.90 10.09
CA SER D 704 48.68 -57.71 11.29
C SER D 704 50.13 -57.99 10.92
N VAL D 705 50.96 -56.94 10.93
CA VAL D 705 52.36 -57.09 10.58
C VAL D 705 53.07 -57.92 11.64
N ALA D 706 53.91 -58.85 11.20
CA ALA D 706 54.62 -59.75 12.11
C ALA D 706 55.88 -59.07 12.61
N TYR D 707 55.68 -58.04 13.43
CA TYR D 707 56.80 -57.28 13.96
C TYR D 707 57.59 -58.09 14.97
N SER D 708 58.90 -58.07 14.81
CA SER D 708 59.82 -58.71 15.75
C SER D 708 61.02 -57.79 15.94
N ASN D 709 61.67 -57.91 17.10
CA ASN D 709 62.74 -56.99 17.44
C ASN D 709 64.05 -57.30 16.73
N ASN D 710 64.11 -58.37 15.94
CA ASN D 710 65.35 -58.71 15.24
C ASN D 710 65.13 -59.16 13.81
N SER D 711 63.93 -58.99 13.24
CA SER D 711 63.64 -59.43 11.89
C SER D 711 63.09 -58.26 11.07
N ILE D 712 63.55 -58.16 9.82
CA ILE D 712 63.08 -57.15 8.88
C ILE D 712 62.75 -57.82 7.56
N ALA D 713 61.94 -57.12 6.76
CA ALA D 713 61.54 -57.58 5.44
C ALA D 713 62.08 -56.61 4.40
N ILE D 714 62.68 -57.14 3.35
CA ILE D 714 63.28 -56.31 2.30
C ILE D 714 62.76 -56.75 0.95
N PRO D 715 62.29 -55.83 0.11
CA PRO D 715 61.77 -56.22 -1.20
C PRO D 715 62.85 -56.80 -2.10
N THR D 716 62.42 -57.70 -2.99
CA THR D 716 63.31 -58.31 -3.96
C THR D 716 62.97 -58.00 -5.40
N ASN D 717 61.86 -57.29 -5.65
CA ASN D 717 61.43 -56.96 -6.99
C ASN D 717 60.55 -55.72 -6.93
N PHE D 718 60.37 -55.07 -8.07
CA PHE D 718 59.58 -53.85 -8.12
C PHE D 718 58.60 -53.91 -9.29
N THR D 719 57.50 -53.19 -9.15
CA THR D 719 56.46 -53.09 -10.19
C THR D 719 56.10 -51.62 -10.34
N ILE D 720 56.81 -50.91 -11.23
CA ILE D 720 56.54 -49.50 -11.41
C ILE D 720 55.11 -49.32 -11.92
N SER D 721 54.44 -48.30 -11.43
CA SER D 721 53.02 -48.09 -11.69
C SER D 721 52.78 -46.67 -12.15
N VAL D 722 51.76 -46.51 -13.00
CA VAL D 722 51.35 -45.20 -13.52
C VAL D 722 49.91 -44.97 -13.08
N THR D 723 49.66 -43.84 -12.43
CA THR D 723 48.33 -43.44 -12.00
C THR D 723 48.00 -42.07 -12.56
N THR D 724 46.76 -41.65 -12.34
CA THR D 724 46.26 -40.38 -12.85
C THR D 724 45.71 -39.54 -11.70
N GLU D 725 45.73 -38.23 -11.89
CA GLU D 725 45.08 -37.32 -10.97
C GLU D 725 44.54 -36.14 -11.76
N ILE D 726 43.24 -35.91 -11.67
CA ILE D 726 42.53 -34.93 -12.49
C ILE D 726 42.14 -33.76 -11.62
N LEU D 727 42.51 -32.54 -12.05
CA LEU D 727 42.28 -31.33 -11.28
C LEU D 727 41.67 -30.27 -12.18
N PRO D 728 40.46 -29.80 -11.91
CA PRO D 728 39.93 -28.66 -12.67
C PRO D 728 40.71 -27.39 -12.37
N VAL D 729 40.81 -26.53 -13.38
CA VAL D 729 41.58 -25.30 -13.23
C VAL D 729 40.77 -24.04 -13.56
N SER D 730 39.72 -24.09 -14.37
CA SER D 730 39.01 -22.88 -14.74
C SER D 730 37.56 -23.20 -15.04
N MET D 731 36.72 -22.17 -14.98
CA MET D 731 35.30 -22.25 -15.27
C MET D 731 35.02 -21.56 -16.61
N THR D 732 33.76 -21.58 -17.02
CA THR D 732 33.33 -20.88 -18.22
C THR D 732 33.17 -19.40 -17.91
N LYS D 733 33.73 -18.56 -18.78
CA LYS D 733 33.69 -17.12 -18.59
C LYS D 733 32.32 -16.60 -19.02
N THR D 734 31.44 -16.36 -18.06
CA THR D 734 30.10 -15.86 -18.35
C THR D 734 29.89 -14.53 -17.64
N SER D 735 29.29 -13.59 -18.37
CA SER D 735 28.94 -12.28 -17.83
C SER D 735 27.49 -11.99 -18.16
N VAL D 736 26.73 -11.59 -17.16
CA VAL D 736 25.29 -11.36 -17.28
C VAL D 736 25.03 -9.87 -17.13
N ASP D 737 24.33 -9.29 -18.10
CA ASP D 737 23.95 -7.89 -18.04
C ASP D 737 22.82 -7.69 -17.04
N CYS D 738 23.03 -6.79 -16.08
CA CYS D 738 22.01 -6.56 -15.05
C CYS D 738 20.77 -5.90 -15.63
N THR D 739 20.95 -4.83 -16.41
CA THR D 739 19.80 -4.06 -16.90
C THR D 739 18.94 -4.89 -17.84
N MET D 740 19.57 -5.59 -18.79
CA MET D 740 18.80 -6.39 -19.74
C MET D 740 18.17 -7.59 -19.06
N TYR D 741 18.79 -8.11 -18.01
CA TYR D 741 18.18 -9.22 -17.27
C TYR D 741 16.94 -8.74 -16.53
N ILE D 742 17.04 -7.62 -15.81
CA ILE D 742 15.91 -7.17 -14.99
C ILE D 742 14.82 -6.56 -15.87
N CYS D 743 15.19 -5.70 -16.81
CA CYS D 743 14.23 -4.96 -17.61
C CYS D 743 14.23 -5.34 -19.08
N GLY D 744 15.40 -5.50 -19.68
CA GLY D 744 15.50 -5.84 -21.09
C GLY D 744 15.46 -4.65 -22.02
N ASP D 745 14.27 -4.11 -22.26
CA ASP D 745 14.14 -2.94 -23.12
C ASP D 745 13.17 -1.89 -22.62
N SER D 746 12.48 -2.11 -21.50
CA SER D 746 11.54 -1.12 -21.00
C SER D 746 12.29 0.05 -20.37
N THR D 747 12.02 1.26 -20.87
CA THR D 747 12.65 2.44 -20.31
C THR D 747 12.07 2.81 -18.96
N GLU D 748 10.78 2.56 -18.75
CA GLU D 748 10.19 2.80 -17.44
C GLU D 748 10.81 1.91 -16.38
N CYS D 749 11.02 0.63 -16.70
CA CYS D 749 11.67 -0.28 -15.76
C CYS D 749 13.09 0.19 -15.46
N SER D 750 13.81 0.65 -16.48
CA SER D 750 15.17 1.15 -16.25
C SER D 750 15.16 2.37 -15.35
N ASN D 751 14.23 3.30 -15.58
CA ASN D 751 14.16 4.49 -14.76
C ASN D 751 13.79 4.16 -13.32
N LEU D 752 12.97 3.13 -13.13
CA LEU D 752 12.71 2.64 -11.77
C LEU D 752 13.97 2.00 -11.18
N LEU D 753 14.77 1.33 -12.02
CA LEU D 753 15.96 0.65 -11.54
C LEU D 753 17.04 1.63 -11.09
N LEU D 754 17.15 2.78 -11.76
CA LEU D 754 18.10 3.80 -11.30
C LEU D 754 17.84 4.25 -9.88
N GLN D 755 16.59 4.17 -9.40
CA GLN D 755 16.27 4.58 -8.04
C GLN D 755 16.88 3.66 -6.98
N TYR D 756 17.30 2.45 -7.36
CA TYR D 756 17.83 1.49 -6.41
C TYR D 756 19.30 1.69 -6.10
N GLY D 757 20.00 2.56 -6.83
CA GLY D 757 21.39 2.83 -6.54
C GLY D 757 22.34 2.32 -7.60
N SER D 758 23.37 1.57 -7.18
CA SER D 758 24.42 1.10 -8.07
C SER D 758 24.70 -0.38 -7.82
N PHE D 759 23.64 -1.19 -7.77
CA PHE D 759 23.83 -2.63 -7.58
C PHE D 759 24.35 -3.30 -8.86
N CYS D 760 23.82 -2.89 -10.01
CA CYS D 760 24.16 -3.55 -11.26
C CYS D 760 25.64 -3.36 -11.60
N THR D 761 26.18 -2.17 -11.31
CA THR D 761 27.60 -1.94 -11.53
C THR D 761 28.45 -2.88 -10.69
N GLN D 762 28.07 -3.07 -9.42
CA GLN D 762 28.80 -4.00 -8.57
C GLN D 762 28.74 -5.43 -9.10
N LEU D 763 27.56 -5.86 -9.56
CA LEU D 763 27.44 -7.22 -10.07
C LEU D 763 28.28 -7.42 -11.33
N ASN D 764 28.26 -6.44 -12.23
CA ASN D 764 29.08 -6.54 -13.44
C ASN D 764 30.57 -6.55 -13.09
N ARG D 765 30.97 -5.73 -12.12
CA ARG D 765 32.36 -5.72 -11.69
C ARG D 765 32.79 -7.07 -11.14
N ALA D 766 31.92 -7.70 -10.33
CA ALA D 766 32.24 -9.01 -9.77
C ALA D 766 32.38 -10.05 -10.87
N LEU D 767 31.45 -10.06 -11.84
CA LEU D 767 31.54 -11.05 -12.91
C LEU D 767 32.78 -10.85 -13.77
N THR D 768 33.14 -9.59 -14.05
CA THR D 768 34.36 -9.31 -14.79
C THR D 768 35.58 -9.82 -14.03
N GLY D 769 35.62 -9.58 -12.72
CA GLY D 769 36.71 -10.10 -11.92
C GLY D 769 36.81 -11.61 -11.97
N ILE D 770 35.67 -12.30 -11.92
CA ILE D 770 35.67 -13.76 -12.00
C ILE D 770 36.25 -14.23 -13.32
N ALA D 771 35.85 -13.59 -14.42
CA ALA D 771 36.35 -14.01 -15.74
C ALA D 771 37.86 -13.81 -15.86
N VAL D 772 38.34 -12.65 -15.42
CA VAL D 772 39.78 -12.40 -15.46
C VAL D 772 40.52 -13.40 -14.56
N GLU D 773 39.91 -13.76 -13.43
CA GLU D 773 40.51 -14.74 -12.54
C GLU D 773 40.64 -16.10 -13.22
N GLN D 774 39.61 -16.50 -13.98
CA GLN D 774 39.70 -17.78 -14.68
C GLN D 774 40.82 -17.78 -15.71
N ASP D 775 40.96 -16.67 -16.45
CA ASP D 775 42.06 -16.58 -17.41
C ASP D 775 43.41 -16.67 -16.70
N LYS D 776 43.54 -15.98 -15.57
CA LYS D 776 44.80 -16.02 -14.82
C LYS D 776 45.09 -17.43 -14.29
N ASN D 777 44.05 -18.14 -13.86
CA ASN D 777 44.22 -19.51 -13.38
C ASN D 777 44.80 -20.39 -14.48
N THR D 778 44.19 -20.34 -15.66
CA THR D 778 44.69 -21.18 -16.76
C THR D 778 46.12 -20.81 -17.11
N GLN D 779 46.41 -19.50 -17.20
CA GLN D 779 47.76 -19.08 -17.56
C GLN D 779 48.79 -19.54 -16.53
N GLU D 780 48.47 -19.41 -15.25
CA GLU D 780 49.40 -19.84 -14.21
C GLU D 780 49.63 -21.34 -14.24
N VAL D 781 48.58 -22.11 -14.46
CA VAL D 781 48.73 -23.57 -14.47
C VAL D 781 49.60 -24.00 -15.64
N PHE D 782 49.33 -23.50 -16.84
CA PHE D 782 49.96 -24.05 -18.03
C PHE D 782 51.17 -23.26 -18.51
N ALA D 783 51.07 -21.93 -18.57
CA ALA D 783 52.16 -21.11 -19.10
C ALA D 783 53.29 -21.05 -18.08
N GLN D 784 54.10 -22.09 -18.06
CA GLN D 784 55.26 -22.18 -17.18
C GLN D 784 56.56 -22.42 -17.92
N VAL D 785 56.54 -22.58 -19.23
CA VAL D 785 57.71 -22.98 -20.01
C VAL D 785 58.19 -21.77 -20.81
N LYS D 786 59.50 -21.55 -20.81
CA LYS D 786 60.06 -20.39 -21.49
C LYS D 786 60.01 -20.55 -23.01
N GLN D 787 60.41 -21.72 -23.51
CA GLN D 787 60.50 -21.97 -24.94
C GLN D 787 59.69 -23.20 -25.29
N ILE D 788 59.08 -23.20 -26.46
CA ILE D 788 58.27 -24.33 -26.91
C ILE D 788 59.23 -25.41 -27.42
N TYR D 789 59.56 -26.36 -26.55
CA TYR D 789 60.46 -27.44 -26.92
C TYR D 789 59.76 -28.39 -27.89
N LYS D 790 60.57 -29.21 -28.55
CA LYS D 790 60.06 -30.17 -29.52
C LYS D 790 60.84 -31.46 -29.44
N THR D 791 60.12 -32.59 -29.45
CA THR D 791 60.76 -33.88 -29.37
C THR D 791 61.52 -34.20 -30.66
N PRO D 792 62.74 -34.71 -30.56
CA PRO D 792 63.50 -35.03 -31.75
C PRO D 792 62.80 -36.09 -32.57
N PRO D 793 62.98 -36.09 -33.90
CA PRO D 793 62.26 -37.07 -34.74
C PRO D 793 62.60 -38.52 -34.41
N ILE D 794 63.81 -38.80 -33.97
CA ILE D 794 64.21 -40.15 -33.58
C ILE D 794 63.70 -40.43 -32.17
N LYS D 795 63.14 -41.62 -31.97
CA LYS D 795 62.50 -42.01 -30.71
C LYS D 795 63.30 -43.07 -29.97
N ASP D 796 64.63 -42.96 -29.97
CA ASP D 796 65.49 -43.91 -29.27
C ASP D 796 65.57 -43.51 -27.79
N PHE D 797 64.46 -43.78 -27.08
CA PHE D 797 64.34 -43.45 -25.67
C PHE D 797 64.70 -44.61 -24.76
N GLY D 798 65.54 -45.53 -25.21
CA GLY D 798 65.97 -46.64 -24.38
C GLY D 798 64.85 -47.61 -24.02
N GLY D 799 63.98 -47.93 -24.97
CA GLY D 799 62.94 -48.91 -24.76
C GLY D 799 61.63 -48.37 -24.24
N PHE D 800 61.57 -47.10 -23.83
CA PHE D 800 60.34 -46.50 -23.36
C PHE D 800 59.55 -45.95 -24.54
N ASN D 801 58.23 -46.17 -24.50
CA ASN D 801 57.35 -45.83 -25.61
C ASN D 801 56.42 -44.70 -25.15
N PHE D 802 56.59 -43.51 -25.73
CA PHE D 802 55.79 -42.35 -25.39
C PHE D 802 54.82 -41.95 -26.49
N SER D 803 54.48 -42.89 -27.38
CA SER D 803 53.62 -42.55 -28.52
C SER D 803 52.21 -42.23 -28.07
N GLN D 804 51.75 -42.82 -26.96
CA GLN D 804 50.37 -42.58 -26.52
C GLN D 804 50.20 -41.16 -26.00
N ILE D 805 51.23 -40.56 -25.42
CA ILE D 805 51.12 -39.25 -24.81
C ILE D 805 51.71 -38.14 -25.69
N LEU D 806 52.65 -38.43 -26.57
CA LEU D 806 53.21 -37.41 -27.43
C LEU D 806 52.20 -37.04 -28.53
N PRO D 807 52.27 -35.80 -29.04
CA PRO D 807 51.32 -35.39 -30.07
C PRO D 807 51.54 -36.14 -31.37
N ASP D 808 50.46 -36.25 -32.15
CA ASP D 808 50.49 -36.90 -33.44
C ASP D 808 50.12 -35.88 -34.54
N PRO D 809 50.92 -35.76 -35.59
CA PRO D 809 50.60 -34.78 -36.64
C PRO D 809 49.27 -35.03 -37.33
N SER D 810 48.86 -36.30 -37.50
CA SER D 810 47.60 -36.59 -38.16
C SER D 810 46.42 -36.15 -37.31
N LYS D 811 46.52 -36.26 -36.00
CA LYS D 811 45.44 -35.87 -35.10
C LYS D 811 45.31 -34.35 -35.08
N PRO D 812 44.11 -33.84 -34.74
CA PRO D 812 43.90 -32.38 -34.73
C PRO D 812 44.90 -31.62 -33.88
N SER D 813 45.68 -30.76 -34.51
CA SER D 813 46.65 -29.88 -33.85
C SER D 813 47.66 -30.76 -33.10
N LYS D 814 48.00 -30.44 -31.86
CA LYS D 814 48.95 -31.23 -31.07
C LYS D 814 48.26 -32.13 -30.07
N ARG D 815 46.96 -32.37 -30.24
CA ARG D 815 46.24 -33.22 -29.31
C ARG D 815 46.68 -34.67 -29.45
N SER D 816 47.03 -35.29 -28.34
CA SER D 816 47.53 -36.66 -28.34
C SER D 816 46.36 -37.65 -28.29
N PHE D 817 46.70 -38.94 -28.17
CA PHE D 817 45.67 -39.97 -28.10
C PHE D 817 44.90 -39.90 -26.79
N ILE D 818 45.62 -39.81 -25.67
CA ILE D 818 44.96 -39.73 -24.37
C ILE D 818 44.21 -38.41 -24.23
N GLU D 819 44.77 -37.33 -24.77
CA GLU D 819 44.06 -36.05 -24.75
C GLU D 819 42.78 -36.14 -25.57
N ASP D 820 42.82 -36.84 -26.72
CA ASP D 820 41.60 -37.06 -27.50
C ASP D 820 40.58 -37.86 -26.71
N LEU D 821 41.02 -38.91 -26.01
CA LEU D 821 40.09 -39.69 -25.21
C LEU D 821 39.46 -38.84 -24.12
N LEU D 822 40.24 -37.99 -23.46
CA LEU D 822 39.71 -37.11 -22.42
C LEU D 822 38.73 -36.09 -23.00
N PHE D 823 39.06 -35.51 -24.15
CA PHE D 823 38.18 -34.50 -24.74
C PHE D 823 36.88 -35.10 -25.26
N ASN D 824 36.92 -36.37 -25.68
CA ASN D 824 35.70 -37.05 -26.09
C ASN D 824 34.92 -37.64 -24.93
N LYS D 825 35.57 -37.86 -23.79
CA LYS D 825 34.90 -38.51 -22.67
C LYS D 825 33.86 -37.58 -22.02
N VAL D 826 34.12 -36.27 -22.02
CA VAL D 826 33.19 -35.34 -21.39
C VAL D 826 31.89 -35.31 -22.18
N THR D 827 30.78 -35.36 -21.45
CA THR D 827 29.45 -35.39 -22.08
C THR D 827 28.63 -34.17 -21.65
N LYS D 854 19.76 -16.05 -28.44
CA LYS D 854 20.57 -16.52 -27.32
C LYS D 854 19.75 -16.58 -26.05
N PHE D 855 20.04 -15.68 -25.12
CA PHE D 855 19.35 -15.63 -23.83
C PHE D 855 19.09 -14.17 -23.45
N ASN D 856 18.68 -13.97 -22.19
CA ASN D 856 18.28 -12.65 -21.71
C ASN D 856 19.48 -11.99 -21.03
N GLY D 857 20.31 -11.36 -21.84
CA GLY D 857 21.49 -10.69 -21.35
C GLY D 857 22.67 -11.59 -21.07
N LEU D 858 22.53 -12.90 -21.28
CA LEU D 858 23.57 -13.86 -20.97
C LEU D 858 24.58 -13.93 -22.11
N THR D 859 25.86 -13.83 -21.75
CA THR D 859 26.95 -14.00 -22.70
C THR D 859 27.97 -14.96 -22.10
N VAL D 860 28.57 -15.78 -22.95
CA VAL D 860 29.63 -16.69 -22.56
C VAL D 860 30.89 -16.22 -23.28
N LEU D 861 31.85 -15.75 -22.50
CA LEU D 861 33.07 -15.21 -23.10
C LEU D 861 34.00 -16.35 -23.50
N PRO D 862 34.78 -16.19 -24.57
CA PRO D 862 35.72 -17.23 -24.97
C PRO D 862 37.02 -17.09 -24.21
N PRO D 863 37.66 -18.21 -23.84
CA PRO D 863 38.92 -18.12 -23.10
C PRO D 863 40.03 -17.55 -23.96
N LEU D 864 40.97 -16.87 -23.31
CA LEU D 864 42.08 -16.26 -24.02
C LEU D 864 43.00 -17.32 -24.63
N LEU D 865 43.23 -18.41 -23.90
CA LEU D 865 44.07 -19.51 -24.37
C LEU D 865 43.17 -20.60 -24.94
N THR D 866 43.22 -20.78 -26.26
CA THR D 866 42.44 -21.82 -26.90
C THR D 866 42.99 -23.20 -26.53
N ASP D 867 42.19 -24.23 -26.81
CA ASP D 867 42.63 -25.59 -26.53
C ASP D 867 43.88 -25.96 -27.33
N GLU D 868 44.03 -25.39 -28.53
CA GLU D 868 45.22 -25.65 -29.32
C GLU D 868 46.47 -25.14 -28.64
N MET D 869 46.41 -23.93 -28.08
CA MET D 869 47.58 -23.38 -27.40
C MET D 869 47.88 -24.11 -26.10
N ILE D 870 46.83 -24.55 -25.39
CA ILE D 870 47.04 -25.33 -24.17
C ILE D 870 47.70 -26.66 -24.50
N ALA D 871 47.24 -27.31 -25.56
CA ALA D 871 47.86 -28.56 -26.00
C ALA D 871 49.30 -28.34 -26.43
N GLN D 872 49.58 -27.20 -27.06
CA GLN D 872 50.95 -26.89 -27.45
C GLN D 872 51.84 -26.70 -26.22
N TYR D 873 51.34 -26.01 -25.20
CA TYR D 873 52.07 -25.88 -23.95
C TYR D 873 52.36 -27.24 -23.32
N THR D 874 51.34 -28.12 -23.32
CA THR D 874 51.51 -29.44 -22.75
C THR D 874 52.55 -30.26 -23.51
N SER D 875 52.52 -30.18 -24.85
CA SER D 875 53.52 -30.89 -25.64
C SER D 875 54.91 -30.34 -25.41
N ALA D 876 55.03 -29.02 -25.26
CA ALA D 876 56.33 -28.44 -24.93
C ALA D 876 56.85 -28.96 -23.61
N LEU D 877 55.99 -29.03 -22.60
CA LEU D 877 56.41 -29.56 -21.30
C LEU D 877 56.85 -31.02 -21.42
N LEU D 878 56.09 -31.82 -22.17
CA LEU D 878 56.42 -33.22 -22.33
C LEU D 878 57.77 -33.40 -23.03
N ALA D 879 58.00 -32.64 -24.11
CA ALA D 879 59.26 -32.73 -24.82
C ALA D 879 60.43 -32.30 -23.93
N GLY D 880 60.24 -31.23 -23.16
CA GLY D 880 61.30 -30.78 -22.28
C GLY D 880 61.65 -31.81 -21.22
N THR D 881 60.63 -32.37 -20.56
CA THR D 881 60.90 -33.33 -19.49
C THR D 881 61.46 -34.65 -20.03
N ILE D 882 61.07 -35.03 -21.25
CA ILE D 882 61.62 -36.25 -21.83
C ILE D 882 63.07 -36.05 -22.23
N THR D 883 63.38 -34.91 -22.85
CA THR D 883 64.73 -34.69 -23.38
C THR D 883 65.71 -34.28 -22.28
N SER D 884 65.45 -33.17 -21.60
CA SER D 884 66.41 -32.58 -20.68
C SER D 884 66.15 -32.94 -19.22
N GLY D 885 65.17 -33.77 -18.93
CA GLY D 885 64.92 -34.15 -17.54
C GLY D 885 64.35 -32.98 -16.76
N TRP D 886 64.90 -32.75 -15.58
CA TRP D 886 64.47 -31.63 -14.74
C TRP D 886 65.33 -30.39 -14.92
N THR D 887 66.30 -30.43 -15.84
CA THR D 887 67.21 -29.30 -16.00
C THR D 887 66.52 -28.08 -16.59
N PHE D 888 65.57 -28.29 -17.51
CA PHE D 888 64.91 -27.17 -18.16
C PHE D 888 64.04 -26.37 -17.20
N GLY D 889 63.67 -26.93 -16.06
CA GLY D 889 62.88 -26.20 -15.09
C GLY D 889 63.65 -25.20 -14.26
N ALA D 890 64.99 -25.23 -14.32
CA ALA D 890 65.82 -24.33 -13.55
C ALA D 890 66.59 -23.36 -14.44
N GLY D 891 67.35 -23.88 -15.41
CA GLY D 891 68.10 -23.03 -16.31
C GLY D 891 67.82 -23.32 -17.77
N ALA D 892 68.86 -23.66 -18.52
CA ALA D 892 68.70 -24.02 -19.92
C ALA D 892 68.37 -25.51 -20.05
N ALA D 893 68.05 -25.94 -21.27
CA ALA D 893 67.70 -27.32 -21.53
C ALA D 893 68.98 -28.11 -21.79
N LEU D 894 69.46 -28.80 -20.76
CA LEU D 894 70.66 -29.64 -20.86
C LEU D 894 70.21 -31.05 -21.19
N GLN D 895 70.55 -31.51 -22.38
CA GLN D 895 70.09 -32.82 -22.84
C GLN D 895 70.70 -33.95 -22.03
N ILE D 896 69.99 -35.06 -21.97
CA ILE D 896 70.44 -36.26 -21.25
C ILE D 896 69.71 -37.46 -21.85
N PRO D 897 70.40 -38.57 -22.12
CA PRO D 897 69.69 -39.78 -22.53
C PRO D 897 68.74 -40.26 -21.45
N PHE D 898 67.62 -40.84 -21.89
CA PHE D 898 66.55 -41.16 -20.94
C PHE D 898 66.98 -42.20 -19.93
N ALA D 899 67.86 -43.12 -20.33
CA ALA D 899 68.32 -44.15 -19.40
C ALA D 899 69.09 -43.54 -18.24
N MET D 900 70.01 -42.61 -18.53
CA MET D 900 70.75 -41.97 -17.44
C MET D 900 69.84 -41.09 -16.59
N GLN D 901 68.83 -40.49 -17.21
CA GLN D 901 67.85 -39.70 -16.44
C GLN D 901 67.10 -40.59 -15.47
N MET D 902 66.63 -41.74 -15.92
CA MET D 902 65.98 -42.68 -15.01
C MET D 902 66.95 -43.23 -13.96
N ALA D 903 68.22 -43.35 -14.30
CA ALA D 903 69.20 -43.75 -13.29
C ALA D 903 69.31 -42.71 -12.20
N TYR D 904 69.36 -41.43 -12.58
CA TYR D 904 69.37 -40.36 -11.58
C TYR D 904 68.10 -40.39 -10.74
N ARG D 905 66.96 -40.64 -11.37
CA ARG D 905 65.69 -40.63 -10.64
C ARG D 905 65.60 -41.82 -9.68
N PHE D 906 66.19 -42.97 -10.04
CA PHE D 906 66.32 -44.05 -9.07
C PHE D 906 67.23 -43.66 -7.92
N ASN D 907 68.36 -43.01 -8.24
CA ASN D 907 69.23 -42.52 -7.17
C ASN D 907 68.51 -41.56 -6.24
N GLY D 908 67.49 -40.87 -6.74
CA GLY D 908 66.73 -39.96 -5.90
C GLY D 908 65.95 -40.68 -4.81
N ILE D 909 65.43 -41.87 -5.13
CA ILE D 909 64.55 -42.57 -4.20
C ILE D 909 65.34 -43.60 -3.39
N GLY D 910 66.66 -43.53 -3.45
CA GLY D 910 67.50 -44.37 -2.63
C GLY D 910 67.83 -45.74 -3.19
N VAL D 911 67.71 -45.94 -4.51
CA VAL D 911 68.06 -47.19 -5.15
C VAL D 911 69.17 -46.91 -6.15
N THR D 912 70.22 -47.73 -6.12
CA THR D 912 71.37 -47.49 -6.96
C THR D 912 71.01 -47.60 -8.43
N GLN D 913 71.84 -46.99 -9.28
CA GLN D 913 71.55 -46.94 -10.71
C GLN D 913 71.78 -48.26 -11.43
N ASN D 914 72.61 -49.14 -10.87
CA ASN D 914 72.81 -50.44 -11.50
C ASN D 914 71.52 -51.25 -11.51
N VAL D 915 70.62 -50.98 -10.57
CA VAL D 915 69.33 -51.66 -10.55
C VAL D 915 68.55 -51.35 -11.83
N LEU D 916 68.55 -50.08 -12.24
CA LEU D 916 67.94 -49.73 -13.52
C LEU D 916 68.73 -50.30 -14.69
N TYR D 917 70.05 -50.09 -14.69
CA TYR D 917 70.84 -50.46 -15.85
C TYR D 917 70.82 -51.95 -16.12
N GLU D 918 70.58 -52.77 -15.11
CA GLU D 918 70.48 -54.22 -15.28
C GLU D 918 69.05 -54.69 -15.53
N ASN D 919 68.05 -53.85 -15.28
CA ASN D 919 66.66 -54.16 -15.54
C ASN D 919 66.00 -53.11 -16.43
N GLN D 920 66.73 -52.61 -17.43
CA GLN D 920 66.18 -51.56 -18.28
C GLN D 920 65.01 -52.09 -19.12
N LYS D 921 65.17 -53.28 -19.70
CA LYS D 921 64.12 -53.83 -20.55
C LYS D 921 62.88 -54.14 -19.74
N LEU D 922 63.04 -54.73 -18.55
CA LEU D 922 61.88 -55.05 -17.73
C LEU D 922 61.14 -53.79 -17.29
N ILE D 923 61.88 -52.75 -16.91
CA ILE D 923 61.26 -51.50 -16.50
C ILE D 923 60.53 -50.86 -17.68
N ALA D 924 61.12 -50.89 -18.87
CA ALA D 924 60.46 -50.35 -20.04
C ALA D 924 59.17 -51.11 -20.35
N ASN D 925 59.20 -52.43 -20.25
CA ASN D 925 58.00 -53.23 -20.48
C ASN D 925 56.92 -52.90 -19.46
N GLN D 926 57.30 -52.77 -18.19
CA GLN D 926 56.33 -52.42 -17.16
C GLN D 926 55.72 -51.05 -17.42
N PHE D 927 56.53 -50.07 -17.81
CA PHE D 927 56.00 -48.74 -18.08
C PHE D 927 55.04 -48.74 -19.26
N ASN D 928 55.40 -49.46 -20.33
CA ASN D 928 54.52 -49.54 -21.48
C ASN D 928 53.20 -50.23 -21.13
N SER D 929 53.27 -51.30 -20.33
CA SER D 929 52.05 -51.98 -19.89
C SER D 929 51.18 -51.07 -19.04
N ALA D 930 51.82 -50.27 -18.16
CA ALA D 930 51.06 -49.34 -17.34
C ALA D 930 50.36 -48.28 -18.19
N ILE D 931 51.05 -47.77 -19.21
CA ILE D 931 50.44 -46.79 -20.10
C ILE D 931 49.25 -47.43 -20.84
N GLY D 932 49.41 -48.66 -21.29
CA GLY D 932 48.30 -49.36 -21.92
C GLY D 932 47.12 -49.53 -20.99
N LYS D 933 47.38 -49.87 -19.72
CA LYS D 933 46.30 -50.01 -18.76
C LYS D 933 45.59 -48.68 -18.53
N ILE D 934 46.36 -47.58 -18.47
CA ILE D 934 45.76 -46.26 -18.29
C ILE D 934 44.85 -45.93 -19.46
N GLN D 935 45.32 -46.17 -20.69
CA GLN D 935 44.49 -45.83 -21.84
C GLN D 935 43.24 -46.71 -21.89
N ASP D 936 43.38 -47.99 -21.52
CA ASP D 936 42.21 -48.88 -21.49
C ASP D 936 41.19 -48.43 -20.45
N SER D 937 41.67 -48.07 -19.25
CA SER D 937 40.74 -47.64 -18.20
C SER D 937 40.10 -46.30 -18.51
N LEU D 938 40.80 -45.44 -19.25
CA LEU D 938 40.20 -44.17 -19.65
C LEU D 938 39.18 -44.38 -20.76
N SER D 939 39.46 -45.27 -21.71
CA SER D 939 38.54 -45.47 -22.82
C SER D 939 37.31 -46.26 -22.41
N SER D 940 37.47 -47.20 -21.47
CA SER D 940 36.34 -48.06 -21.10
C SER D 940 35.41 -47.37 -20.11
N THR D 941 35.92 -47.02 -18.93
CA THR D 941 35.10 -46.40 -17.90
C THR D 941 34.93 -44.91 -18.18
N ALA D 942 33.74 -44.39 -17.87
CA ALA D 942 33.41 -42.99 -18.10
C ALA D 942 33.34 -42.19 -16.81
N SER D 943 33.69 -42.78 -15.67
CA SER D 943 33.60 -42.12 -14.38
C SER D 943 34.89 -41.45 -13.96
N ALA D 944 35.91 -41.43 -14.82
CA ALA D 944 37.19 -40.84 -14.46
C ALA D 944 37.08 -39.34 -14.22
N LEU D 945 36.41 -38.62 -15.12
CA LEU D 945 36.34 -37.16 -15.04
C LEU D 945 35.14 -36.72 -14.21
N GLY D 946 35.14 -37.13 -12.95
CA GLY D 946 34.06 -36.74 -12.05
C GLY D 946 34.06 -35.27 -11.74
N LYS D 947 35.24 -34.69 -11.45
CA LYS D 947 35.31 -33.31 -10.99
C LYS D 947 34.94 -32.33 -12.11
N LEU D 948 35.45 -32.57 -13.31
CA LEU D 948 35.15 -31.67 -14.43
C LEU D 948 33.67 -31.68 -14.76
N GLN D 949 33.06 -32.87 -14.81
CA GLN D 949 31.63 -32.96 -15.04
C GLN D 949 30.85 -32.30 -13.91
N ASP D 950 31.30 -32.45 -12.67
CA ASP D 950 30.64 -31.80 -11.55
C ASP D 950 30.65 -30.30 -11.70
N VAL D 951 31.79 -29.72 -12.09
CA VAL D 951 31.89 -28.28 -12.25
C VAL D 951 30.97 -27.80 -13.37
N VAL D 952 30.98 -28.51 -14.50
CA VAL D 952 30.12 -28.14 -15.62
C VAL D 952 28.66 -28.18 -15.21
N ASN D 953 28.26 -29.23 -14.49
CA ASN D 953 26.88 -29.37 -14.06
C ASN D 953 26.49 -28.27 -13.10
N GLN D 954 27.39 -27.90 -12.18
CA GLN D 954 27.08 -26.83 -11.24
C GLN D 954 26.85 -25.51 -11.95
N ASN D 955 27.73 -25.17 -12.90
CA ASN D 955 27.55 -23.91 -13.63
C ASN D 955 26.26 -23.92 -14.44
N ALA D 956 25.97 -25.04 -15.12
CA ALA D 956 24.74 -25.13 -15.90
C ALA D 956 23.51 -25.03 -15.01
N GLN D 957 23.55 -25.65 -13.83
CA GLN D 957 22.44 -25.55 -12.89
C GLN D 957 22.20 -24.11 -12.45
N ALA D 958 23.27 -23.39 -12.15
CA ALA D 958 23.12 -21.98 -11.75
C ALA D 958 22.48 -21.16 -12.86
N LEU D 959 22.97 -21.33 -14.09
CA LEU D 959 22.40 -20.56 -15.20
C LEU D 959 20.94 -20.93 -15.44
N ASN D 960 20.61 -22.22 -15.39
CA ASN D 960 19.23 -22.63 -15.59
C ASN D 960 18.32 -22.08 -14.50
N THR D 961 18.81 -22.06 -13.26
CA THR D 961 18.03 -21.51 -12.17
C THR D 961 17.76 -20.03 -12.38
N LEU D 962 18.76 -19.28 -12.85
CA LEU D 962 18.55 -17.85 -13.13
C LEU D 962 17.51 -17.65 -14.23
N VAL D 963 17.64 -18.40 -15.33
CA VAL D 963 16.70 -18.25 -16.43
C VAL D 963 15.29 -18.62 -15.99
N LYS D 964 15.13 -19.65 -15.17
CA LYS D 964 13.80 -20.00 -14.68
C LYS D 964 13.28 -18.98 -13.68
N GLN D 965 14.16 -18.35 -12.90
CA GLN D 965 13.74 -17.28 -12.00
C GLN D 965 13.24 -16.07 -12.76
N LEU D 966 13.63 -15.91 -14.03
CA LEU D 966 13.01 -14.87 -14.85
C LEU D 966 11.49 -15.01 -14.98
N SER D 967 10.89 -16.09 -14.49
CA SER D 967 9.47 -16.35 -14.74
C SER D 967 8.77 -16.82 -13.46
N SER D 968 8.76 -15.90 -12.48
CA SER D 968 8.00 -16.09 -11.23
C SER D 968 7.30 -14.75 -11.01
N ASN D 969 6.03 -14.74 -10.62
CA ASN D 969 5.26 -13.48 -10.53
C ASN D 969 5.90 -12.48 -9.55
N PHE D 970 6.41 -12.96 -8.42
CA PHE D 970 7.01 -12.10 -7.37
C PHE D 970 5.91 -11.24 -6.76
N GLY D 971 4.65 -11.63 -6.97
CA GLY D 971 3.51 -10.91 -6.38
C GLY D 971 2.81 -10.01 -7.39
N ALA D 972 3.49 -9.68 -8.49
CA ALA D 972 2.91 -8.74 -9.47
C ALA D 972 1.71 -9.40 -10.18
N ILE D 973 1.01 -8.64 -11.02
CA ILE D 973 -0.18 -9.18 -11.74
C ILE D 973 0.30 -10.25 -12.73
N SER D 974 1.46 -10.05 -13.35
CA SER D 974 1.96 -11.01 -14.37
C SER D 974 3.48 -11.12 -14.32
N SER D 975 4.04 -12.23 -14.80
CA SER D 975 5.48 -12.43 -14.83
C SER D 975 6.16 -11.87 -16.06
N VAL D 976 5.41 -11.21 -16.95
CA VAL D 976 5.96 -10.60 -18.16
C VAL D 976 5.81 -9.09 -18.06
N LEU D 977 6.86 -8.37 -18.41
CA LEU D 977 6.88 -6.92 -18.24
C LEU D 977 6.06 -6.22 -19.31
N ASN D 978 6.06 -6.73 -20.54
CA ASN D 978 5.38 -6.05 -21.63
C ASN D 978 3.88 -5.96 -21.39
N ASP D 979 3.27 -7.04 -20.89
CA ASP D 979 1.84 -7.00 -20.60
C ASP D 979 1.53 -6.05 -19.45
N ILE D 980 2.42 -5.99 -18.44
CA ILE D 980 2.22 -5.04 -17.36
C ILE D 980 2.22 -3.62 -17.89
N LEU D 981 3.16 -3.30 -18.80
CA LEU D 981 3.19 -1.96 -19.36
C LEU D 981 1.97 -1.70 -20.24
N SER D 982 1.50 -2.70 -20.98
CA SER D 982 0.40 -2.48 -21.92
C SER D 982 -0.94 -2.38 -21.23
N ARG D 983 -1.13 -3.05 -20.09
CA ARG D 983 -2.44 -3.11 -19.47
C ARG D 983 -2.72 -1.99 -18.47
N LEU D 984 -1.68 -1.39 -17.89
CA LEU D 984 -1.86 -0.44 -16.81
C LEU D 984 -1.15 0.87 -17.10
N ASP D 985 -1.68 1.95 -16.52
CA ASP D 985 -1.03 3.25 -16.58
C ASP D 985 0.18 3.28 -15.67
N PRO D 986 1.14 4.16 -15.94
CA PRO D 986 2.39 4.18 -15.16
C PRO D 986 2.18 4.30 -13.67
N PRO D 987 1.24 5.16 -13.18
CA PRO D 987 1.03 5.21 -11.73
C PRO D 987 0.61 3.89 -11.12
N GLU D 988 -0.20 3.10 -11.84
CA GLU D 988 -0.64 1.81 -11.34
C GLU D 988 0.25 0.66 -11.78
N ALA D 989 1.16 0.90 -12.73
CA ALA D 989 2.09 -0.13 -13.18
C ALA D 989 3.41 -0.10 -12.43
N GLU D 990 3.75 1.03 -11.80
CA GLU D 990 5.01 1.13 -11.08
C GLU D 990 5.10 0.12 -9.95
N VAL D 991 3.98 -0.22 -9.32
CA VAL D 991 3.99 -1.16 -8.21
C VAL D 991 4.40 -2.55 -8.69
N GLN D 992 3.77 -3.04 -9.76
CA GLN D 992 4.12 -4.34 -10.31
C GLN D 992 5.55 -4.35 -10.86
N ILE D 993 5.95 -3.27 -11.55
CA ILE D 993 7.31 -3.19 -12.05
C ILE D 993 8.32 -3.25 -10.90
N ASP D 994 8.01 -2.58 -9.79
CA ASP D 994 8.91 -2.60 -8.64
C ASP D 994 8.97 -3.96 -8.00
N ARG D 995 7.84 -4.67 -7.92
CA ARG D 995 7.86 -6.04 -7.40
C ARG D 995 8.76 -6.94 -8.25
N LEU D 996 8.59 -6.86 -9.58
CA LEU D 996 9.43 -7.66 -10.46
C LEU D 996 10.90 -7.27 -10.33
N ILE D 997 11.17 -5.98 -10.22
CA ILE D 997 12.55 -5.51 -10.09
C ILE D 997 13.18 -6.05 -8.82
N THR D 998 12.46 -5.98 -7.70
CA THR D 998 12.98 -6.50 -6.44
C THR D 998 13.30 -7.98 -6.55
N GLY D 999 12.36 -8.77 -7.08
CA GLY D 999 12.60 -10.20 -7.17
C GLY D 999 13.80 -10.54 -8.06
N ARG D 1000 13.86 -9.91 -9.24
CA ARG D 1000 14.94 -10.21 -10.17
C ARG D 1000 16.29 -9.75 -9.64
N LEU D 1001 16.32 -8.61 -8.96
CA LEU D 1001 17.57 -8.15 -8.35
C LEU D 1001 18.04 -9.10 -7.27
N GLN D 1002 17.13 -9.60 -6.44
CA GLN D 1002 17.52 -10.56 -5.40
C GLN D 1002 18.07 -11.84 -6.02
N SER D 1003 17.42 -12.34 -7.07
CA SER D 1003 17.91 -13.55 -7.72
C SER D 1003 19.30 -13.34 -8.33
N LEU D 1004 19.51 -12.19 -8.97
CA LEU D 1004 20.82 -11.90 -9.55
C LEU D 1004 21.89 -11.82 -8.48
N GLN D 1005 21.58 -11.19 -7.33
CA GLN D 1005 22.54 -11.10 -6.25
C GLN D 1005 22.91 -12.48 -5.72
N THR D 1006 21.92 -13.36 -5.57
CA THR D 1006 22.19 -14.72 -5.14
C THR D 1006 23.12 -15.43 -6.12
N TYR D 1007 22.84 -15.29 -7.41
CA TYR D 1007 23.68 -15.92 -8.42
C TYR D 1007 25.12 -15.41 -8.33
N VAL D 1008 25.30 -14.10 -8.18
CA VAL D 1008 26.64 -13.53 -8.13
C VAL D 1008 27.40 -14.05 -6.91
N THR D 1009 26.74 -14.11 -5.75
CA THR D 1009 27.42 -14.60 -4.55
C THR D 1009 27.85 -16.06 -4.70
N GLN D 1010 26.96 -16.91 -5.22
CA GLN D 1010 27.32 -18.30 -5.42
C GLN D 1010 28.47 -18.43 -6.40
N GLN D 1011 28.47 -17.63 -7.47
CA GLN D 1011 29.56 -17.65 -8.43
C GLN D 1011 30.88 -17.23 -7.79
N LEU D 1012 30.83 -16.24 -6.90
CA LEU D 1012 32.06 -15.80 -6.23
C LEU D 1012 32.64 -16.92 -5.37
N ILE D 1013 31.79 -17.63 -4.62
CA ILE D 1013 32.30 -18.72 -3.79
C ILE D 1013 32.86 -19.84 -4.66
N ARG D 1014 32.16 -20.18 -5.74
CA ARG D 1014 32.65 -21.21 -6.66
C ARG D 1014 33.99 -20.81 -7.28
N ALA D 1015 34.13 -19.53 -7.63
CA ALA D 1015 35.38 -19.05 -8.19
C ALA D 1015 36.51 -19.16 -7.19
N ALA D 1016 36.25 -18.89 -5.91
CA ALA D 1016 37.27 -19.07 -4.88
C ALA D 1016 37.72 -20.52 -4.81
N GLU D 1017 36.76 -21.46 -4.83
CA GLU D 1017 37.12 -22.87 -4.78
C GLU D 1017 37.94 -23.28 -6.00
N ILE D 1018 37.55 -22.82 -7.18
CA ILE D 1018 38.28 -23.16 -8.41
C ILE D 1018 39.66 -22.55 -8.39
N ARG D 1019 39.81 -21.34 -7.83
CA ARG D 1019 41.13 -20.73 -7.73
C ARG D 1019 42.04 -21.54 -6.81
N ALA D 1020 41.51 -22.03 -5.69
CA ALA D 1020 42.30 -22.91 -4.84
C ALA D 1020 42.73 -24.16 -5.59
N SER D 1021 41.82 -24.76 -6.35
CA SER D 1021 42.17 -25.96 -7.13
C SER D 1021 43.24 -25.65 -8.16
N ALA D 1022 43.14 -24.50 -8.83
CA ALA D 1022 44.11 -24.14 -9.85
C ALA D 1022 45.48 -23.86 -9.25
N ASN D 1023 45.51 -23.25 -8.06
CA ASN D 1023 46.78 -23.07 -7.36
C ASN D 1023 47.41 -24.40 -7.03
N LEU D 1024 46.62 -25.35 -6.54
CA LEU D 1024 47.15 -26.69 -6.28
C LEU D 1024 47.68 -27.34 -7.55
N ALA D 1025 46.96 -27.19 -8.65
CA ALA D 1025 47.38 -27.79 -9.91
C ALA D 1025 48.70 -27.18 -10.39
N ALA D 1026 48.84 -25.86 -10.27
CA ALA D 1026 50.09 -25.21 -10.65
C ALA D 1026 51.25 -25.68 -9.79
N THR D 1027 51.02 -25.81 -8.48
CA THR D 1027 52.07 -26.31 -7.60
C THR D 1027 52.46 -27.73 -7.96
N LYS D 1028 51.48 -28.59 -8.23
CA LYS D 1028 51.76 -29.97 -8.62
C LYS D 1028 52.56 -30.02 -9.91
N MET D 1029 52.18 -29.20 -10.90
CA MET D 1029 52.95 -29.14 -12.14
C MET D 1029 54.39 -28.76 -11.87
N SER D 1030 54.60 -27.67 -11.12
CA SER D 1030 55.95 -27.17 -10.89
C SER D 1030 56.80 -28.19 -10.16
N GLU D 1031 56.26 -28.85 -9.15
CA GLU D 1031 57.06 -29.71 -8.28
C GLU D 1031 57.02 -31.19 -8.65
N CYS D 1032 56.28 -31.58 -9.70
CA CYS D 1032 56.26 -32.99 -10.07
C CYS D 1032 56.61 -33.18 -11.54
N VAL D 1033 56.23 -32.23 -12.39
CA VAL D 1033 56.60 -32.34 -13.79
C VAL D 1033 57.98 -31.76 -14.03
N LEU D 1034 58.27 -30.61 -13.43
CA LEU D 1034 59.56 -29.93 -13.57
C LEU D 1034 60.57 -30.39 -12.53
N GLY D 1035 60.36 -31.56 -11.92
CA GLY D 1035 61.29 -32.06 -10.93
C GLY D 1035 60.77 -33.37 -10.35
N GLN D 1036 61.44 -33.81 -9.29
CA GLN D 1036 61.05 -35.01 -8.57
C GLN D 1036 60.85 -34.66 -7.11
N SER D 1037 59.66 -34.95 -6.59
CA SER D 1037 59.25 -34.52 -5.26
C SER D 1037 59.49 -35.62 -4.25
N LYS D 1038 60.07 -35.26 -3.10
CA LYS D 1038 60.25 -36.19 -2.01
C LYS D 1038 59.07 -36.22 -1.05
N ARG D 1039 58.04 -35.40 -1.30
CA ARG D 1039 56.86 -35.40 -0.46
C ARG D 1039 56.14 -36.74 -0.57
N VAL D 1040 55.61 -37.22 0.56
CA VAL D 1040 55.31 -38.64 0.70
C VAL D 1040 54.23 -39.09 -0.27
N ASP D 1041 53.15 -38.32 -0.39
CA ASP D 1041 52.02 -38.71 -1.23
C ASP D 1041 51.50 -37.54 -2.03
N PHE D 1042 52.37 -36.58 -2.36
CA PHE D 1042 51.95 -35.45 -3.17
C PHE D 1042 51.55 -35.90 -4.58
N CYS D 1043 52.33 -36.79 -5.17
CA CYS D 1043 52.15 -37.22 -6.55
C CYS D 1043 52.15 -38.74 -6.60
N GLY D 1044 50.97 -39.34 -6.48
CA GLY D 1044 50.83 -40.78 -6.52
C GLY D 1044 51.20 -41.44 -5.21
N LYS D 1045 50.93 -42.74 -5.13
CA LYS D 1045 51.27 -43.53 -3.97
C LYS D 1045 52.53 -44.33 -4.26
N GLY D 1046 53.49 -44.26 -3.35
CA GLY D 1046 54.79 -44.86 -3.54
C GLY D 1046 55.89 -43.83 -3.60
N TYR D 1047 56.98 -44.19 -4.27
CA TYR D 1047 58.13 -43.32 -4.42
C TYR D 1047 58.11 -42.69 -5.81
N HIS D 1048 58.08 -41.36 -5.85
CA HIS D 1048 57.91 -40.63 -7.10
C HIS D 1048 59.10 -40.83 -8.03
N LEU D 1049 58.83 -41.02 -9.31
CA LEU D 1049 59.86 -41.05 -10.34
C LEU D 1049 59.72 -39.88 -11.30
N MET D 1050 58.58 -39.74 -11.96
CA MET D 1050 58.30 -38.60 -12.82
C MET D 1050 56.80 -38.53 -13.08
N SER D 1051 56.37 -37.41 -13.65
CA SER D 1051 54.98 -37.20 -13.99
C SER D 1051 54.88 -36.59 -15.37
N PHE D 1052 53.76 -36.81 -16.04
CA PHE D 1052 53.52 -36.29 -17.38
C PHE D 1052 52.19 -35.54 -17.39
N PRO D 1053 52.15 -34.33 -17.94
CA PRO D 1053 50.89 -33.60 -18.01
C PRO D 1053 50.13 -33.87 -19.31
N GLN D 1054 48.81 -33.87 -19.20
CA GLN D 1054 47.93 -33.95 -20.36
C GLN D 1054 46.81 -32.95 -20.17
N SER D 1055 46.34 -32.39 -21.28
CA SER D 1055 45.29 -31.39 -21.23
C SER D 1055 43.94 -32.02 -20.97
N ALA D 1056 42.97 -31.17 -20.65
CA ALA D 1056 41.60 -31.59 -20.39
C ALA D 1056 40.69 -30.40 -20.68
N PRO D 1057 39.38 -30.63 -20.92
CA PRO D 1057 38.48 -29.54 -21.28
C PRO D 1057 38.59 -28.31 -20.38
N HIS D 1058 38.49 -28.49 -19.07
CA HIS D 1058 38.63 -27.40 -18.11
C HIS D 1058 39.50 -27.85 -16.94
N GLY D 1059 40.59 -28.53 -17.24
CA GLY D 1059 41.45 -29.04 -16.21
C GLY D 1059 42.74 -29.59 -16.79
N VAL D 1060 43.46 -30.32 -15.97
CA VAL D 1060 44.73 -30.94 -16.34
C VAL D 1060 44.86 -32.26 -15.60
N VAL D 1061 45.36 -33.28 -16.29
CA VAL D 1061 45.55 -34.60 -15.69
C VAL D 1061 47.04 -34.89 -15.66
N PHE D 1062 47.51 -35.47 -14.56
CA PHE D 1062 48.91 -35.83 -14.38
C PHE D 1062 49.02 -37.34 -14.35
N LEU D 1063 49.95 -37.89 -15.13
CA LEU D 1063 50.23 -39.32 -15.12
C LEU D 1063 51.47 -39.55 -14.25
N HIS D 1064 51.26 -40.01 -13.04
CA HIS D 1064 52.33 -40.15 -12.05
C HIS D 1064 52.97 -41.53 -12.18
N VAL D 1065 54.20 -41.56 -12.66
CA VAL D 1065 54.99 -42.79 -12.72
C VAL D 1065 55.68 -42.98 -11.37
N THR D 1066 55.47 -44.14 -10.76
CA THR D 1066 55.88 -44.35 -9.38
C THR D 1066 56.52 -45.72 -9.23
N TYR D 1067 57.58 -45.77 -8.44
CA TYR D 1067 58.28 -47.01 -8.10
C TYR D 1067 57.73 -47.53 -6.77
N VAL D 1068 57.09 -48.70 -6.81
CA VAL D 1068 56.57 -49.34 -5.61
C VAL D 1068 57.24 -50.68 -5.44
N PRO D 1069 57.84 -50.97 -4.28
CA PRO D 1069 58.51 -52.26 -4.10
C PRO D 1069 57.52 -53.40 -3.94
N ALA D 1070 57.98 -54.59 -4.30
CA ALA D 1070 57.14 -55.79 -4.25
C ALA D 1070 58.01 -56.98 -3.84
N GLN D 1071 57.36 -58.11 -3.59
CA GLN D 1071 58.02 -59.38 -3.33
C GLN D 1071 58.99 -59.28 -2.15
N GLU D 1072 58.40 -59.01 -0.99
CA GLU D 1072 59.19 -58.91 0.23
C GLU D 1072 59.81 -60.25 0.58
N LYS D 1073 60.73 -60.22 1.56
CA LYS D 1073 61.42 -61.43 1.99
C LYS D 1073 61.88 -61.26 3.43
N ASN D 1074 61.55 -62.23 4.28
CA ASN D 1074 61.94 -62.18 5.68
C ASN D 1074 63.45 -62.31 5.81
N PHE D 1075 63.99 -61.59 6.80
CA PHE D 1075 65.42 -61.64 7.08
C PHE D 1075 65.65 -61.36 8.56
N THR D 1076 66.81 -61.76 9.04
CA THR D 1076 67.25 -61.45 10.39
C THR D 1076 68.33 -60.38 10.33
N THR D 1077 68.19 -59.35 11.15
CA THR D 1077 69.04 -58.17 11.09
C THR D 1077 69.80 -58.00 12.39
N ALA D 1078 70.67 -56.98 12.41
CA ALA D 1078 71.47 -56.64 13.57
C ALA D 1078 71.88 -55.17 13.50
N PRO D 1079 71.82 -54.44 14.61
CA PRO D 1079 72.21 -53.02 14.57
C PRO D 1079 73.67 -52.80 14.18
N ALA D 1080 74.57 -53.68 14.60
CA ALA D 1080 75.99 -53.48 14.35
C ALA D 1080 76.69 -54.83 14.31
N ILE D 1081 78.00 -54.79 14.09
CA ILE D 1081 78.83 -55.98 14.00
C ILE D 1081 80.04 -55.79 14.90
N CYS D 1082 80.33 -56.79 15.73
CA CYS D 1082 81.47 -56.76 16.63
C CYS D 1082 82.66 -57.47 15.98
N HIS D 1083 83.77 -56.74 15.84
CA HIS D 1083 84.97 -57.28 15.20
C HIS D 1083 86.17 -56.73 15.94
N ASP D 1084 86.96 -57.62 16.56
CA ASP D 1084 88.12 -57.24 17.35
C ASP D 1084 87.74 -56.26 18.47
N GLY D 1085 86.53 -56.37 18.98
CA GLY D 1085 86.05 -55.45 19.99
C GLY D 1085 85.52 -54.13 19.45
N LYS D 1086 85.55 -53.93 18.14
CA LYS D 1086 85.07 -52.70 17.53
C LYS D 1086 83.63 -52.88 17.06
N ALA D 1087 82.91 -51.77 17.01
CA ALA D 1087 81.53 -51.74 16.54
C ALA D 1087 81.49 -51.19 15.12
N HIS D 1088 80.96 -51.98 14.19
CA HIS D 1088 80.86 -51.59 12.79
C HIS D 1088 79.41 -51.33 12.45
N PHE D 1089 79.13 -50.13 11.94
CA PHE D 1089 77.83 -49.74 11.43
C PHE D 1089 77.88 -49.62 9.91
N PRO D 1090 76.77 -49.91 9.22
CA PRO D 1090 76.79 -49.83 7.75
C PRO D 1090 76.86 -48.38 7.29
N ARG D 1091 77.71 -48.13 6.30
CA ARG D 1091 77.81 -46.79 5.71
C ARG D 1091 76.49 -46.37 5.09
N GLU D 1092 75.95 -47.23 4.23
CA GLU D 1092 74.60 -47.07 3.70
C GLU D 1092 74.02 -48.47 3.48
N GLY D 1093 72.81 -48.68 3.99
CA GLY D 1093 72.17 -49.98 3.92
C GLY D 1093 71.81 -50.50 5.29
N VAL D 1094 71.77 -51.83 5.42
CA VAL D 1094 71.39 -52.49 6.65
C VAL D 1094 71.99 -53.88 6.66
N PHE D 1095 72.31 -54.38 7.85
CA PHE D 1095 72.85 -55.72 8.00
C PHE D 1095 71.72 -56.74 7.98
N VAL D 1096 71.87 -57.80 7.16
CA VAL D 1096 70.89 -58.87 7.07
C VAL D 1096 71.62 -60.20 7.07
N SER D 1097 70.88 -61.26 7.38
CA SER D 1097 71.42 -62.61 7.41
C SER D 1097 70.43 -63.57 6.77
N ASN D 1098 70.93 -64.49 5.95
CA ASN D 1098 70.10 -65.52 5.35
C ASN D 1098 69.97 -66.78 6.20
N GLY D 1099 70.63 -66.82 7.36
CA GLY D 1099 70.52 -67.93 8.27
C GLY D 1099 71.86 -68.38 8.82
N THR D 1100 72.91 -68.28 8.02
CA THR D 1100 74.26 -68.63 8.45
C THR D 1100 75.26 -67.52 8.20
N HIS D 1101 75.13 -66.78 7.10
CA HIS D 1101 76.06 -65.72 6.74
C HIS D 1101 75.40 -64.36 6.96
N TRP D 1102 76.25 -63.33 7.04
CA TRP D 1102 75.79 -61.95 7.20
C TRP D 1102 76.26 -61.12 6.01
N PHE D 1103 75.36 -60.28 5.50
CA PHE D 1103 75.64 -59.49 4.31
C PHE D 1103 75.18 -58.06 4.54
N VAL D 1104 75.55 -57.19 3.61
CA VAL D 1104 75.12 -55.80 3.59
C VAL D 1104 74.29 -55.57 2.34
N THR D 1105 73.10 -55.01 2.51
CA THR D 1105 72.23 -54.71 1.37
C THR D 1105 71.59 -53.35 1.59
N GLN D 1106 71.26 -52.69 0.49
CA GLN D 1106 70.54 -51.42 0.58
C GLN D 1106 69.13 -51.65 1.09
N ARG D 1107 68.55 -50.63 1.71
CA ARG D 1107 67.27 -50.79 2.39
C ARG D 1107 66.12 -51.05 1.42
N ASN D 1108 66.22 -50.57 0.19
CA ASN D 1108 65.10 -50.61 -0.75
C ASN D 1108 65.23 -51.71 -1.79
N PHE D 1109 66.19 -52.62 -1.63
CA PHE D 1109 66.38 -53.70 -2.59
C PHE D 1109 67.16 -54.81 -1.92
N TYR D 1110 67.15 -55.99 -2.53
CA TYR D 1110 67.90 -57.14 -2.03
C TYR D 1110 69.09 -57.35 -2.95
N GLU D 1111 70.20 -56.70 -2.63
CA GLU D 1111 71.46 -56.85 -3.35
C GLU D 1111 72.56 -57.08 -2.32
N PRO D 1112 72.60 -58.25 -1.70
CA PRO D 1112 73.54 -58.48 -0.60
C PRO D 1112 74.99 -58.41 -1.06
N GLN D 1113 75.84 -57.91 -0.17
CA GLN D 1113 77.26 -57.80 -0.42
C GLN D 1113 78.00 -58.31 0.81
N ILE D 1114 79.25 -58.76 0.58
CA ILE D 1114 80.08 -59.22 1.69
C ILE D 1114 80.49 -58.03 2.54
N ILE D 1115 80.36 -58.17 3.86
CA ILE D 1115 80.72 -57.09 4.77
C ILE D 1115 82.19 -56.76 4.59
N THR D 1116 82.48 -55.46 4.46
CA THR D 1116 83.83 -54.99 4.18
C THR D 1116 84.04 -53.67 4.91
N THR D 1117 85.30 -53.34 5.19
CA THR D 1117 85.60 -52.05 5.80
C THR D 1117 85.31 -50.89 4.84
N ASP D 1118 85.10 -51.16 3.56
CA ASP D 1118 84.83 -50.12 2.59
C ASP D 1118 83.36 -49.74 2.51
N ASN D 1119 82.46 -50.53 3.10
CA ASN D 1119 81.04 -50.17 3.15
C ASN D 1119 80.51 -50.11 4.58
N THR D 1120 81.37 -50.18 5.58
CA THR D 1120 81.00 -50.00 6.97
C THR D 1120 81.98 -49.03 7.63
N PHE D 1121 81.52 -48.35 8.66
CA PHE D 1121 82.35 -47.43 9.42
C PHE D 1121 82.35 -47.81 10.89
N VAL D 1122 83.51 -47.69 11.52
CA VAL D 1122 83.72 -48.13 12.89
C VAL D 1122 83.61 -46.95 13.82
N SER D 1123 82.90 -47.13 14.94
CA SER D 1123 82.78 -46.10 15.96
C SER D 1123 82.35 -46.76 17.26
N GLY D 1124 83.23 -46.76 18.25
CA GLY D 1124 82.91 -47.24 19.57
C GLY D 1124 83.36 -48.67 19.82
N ASN D 1125 82.69 -49.29 20.79
CA ASN D 1125 83.00 -50.66 21.20
C ASN D 1125 81.74 -51.52 21.18
N CYS D 1126 81.85 -52.76 21.68
CA CYS D 1126 80.75 -53.71 21.69
C CYS D 1126 80.08 -53.81 23.05
N ASP D 1127 80.03 -52.71 23.81
CA ASP D 1127 79.44 -52.73 25.15
C ASP D 1127 78.20 -51.86 25.28
N VAL D 1128 78.03 -50.85 24.43
CA VAL D 1128 76.91 -49.92 24.54
C VAL D 1128 75.77 -50.31 23.61
N VAL D 1129 76.10 -50.72 22.38
CA VAL D 1129 75.06 -51.07 21.40
C VAL D 1129 74.33 -52.32 21.87
N ILE D 1130 73.01 -52.31 21.74
CA ILE D 1130 72.17 -53.42 22.15
C ILE D 1130 71.82 -54.24 20.91
N GLY D 1131 72.21 -55.50 20.89
CA GLY D 1131 71.94 -56.38 19.77
C GLY D 1131 73.11 -56.60 18.83
N ILE D 1132 74.29 -56.07 19.16
CA ILE D 1132 75.46 -56.28 18.32
C ILE D 1132 75.86 -57.76 18.36
N VAL D 1133 76.14 -58.33 17.19
CA VAL D 1133 76.35 -59.77 17.06
C VAL D 1133 77.78 -60.06 16.64
N ASN D 1134 78.21 -61.29 16.91
CA ASN D 1134 79.53 -61.75 16.50
C ASN D 1134 79.60 -61.83 14.98
N ASN D 1135 80.73 -61.44 14.41
CA ASN D 1135 80.98 -61.59 12.98
C ASN D 1135 82.38 -61.11 12.66
N THR D 1136 82.81 -61.37 11.42
CA THR D 1136 84.11 -60.97 10.91
C THR D 1136 83.94 -60.07 9.69
N VAL D 1137 84.85 -59.10 9.56
CA VAL D 1137 84.82 -58.13 8.46
C VAL D 1137 86.10 -58.28 7.67
N TYR D 1138 85.97 -58.47 6.35
CA TYR D 1138 87.11 -58.66 5.48
C TYR D 1138 87.57 -57.31 4.93
N ASP D 1139 88.89 -57.07 4.96
CA ASP D 1139 89.48 -55.88 4.38
C ASP D 1139 90.39 -56.27 3.24
N PRO D 1140 90.26 -55.65 2.06
CA PRO D 1140 91.09 -56.06 0.91
C PRO D 1140 92.57 -55.77 1.09
N LEU D 1141 92.96 -54.94 2.05
CA LEU D 1141 94.36 -54.55 2.18
C LEU D 1141 95.25 -55.74 2.52
N GLN D 1142 94.80 -56.60 3.44
CA GLN D 1142 95.62 -57.74 3.87
C GLN D 1142 95.90 -58.72 2.73
N PRO D 1143 94.91 -59.20 1.97
CA PRO D 1143 95.24 -60.08 0.83
C PRO D 1143 96.10 -59.41 -0.22
N GLU D 1144 95.93 -58.09 -0.43
CA GLU D 1144 96.69 -57.42 -1.47
C GLU D 1144 98.15 -57.26 -1.09
N LEU D 1145 98.42 -56.89 0.17
CA LEU D 1145 99.80 -56.72 0.61
C LEU D 1145 100.54 -58.06 0.69
N ASP D 1146 99.81 -59.15 0.84
CA ASP D 1146 100.42 -60.47 0.94
C ASP D 1146 101.01 -60.90 -0.41
N GLN E 1 -35.52 35.43 5.37
CA GLN E 1 -34.28 34.87 5.92
C GLN E 1 -34.12 35.19 7.41
N VAL E 2 -33.03 35.85 7.77
CA VAL E 2 -32.77 36.15 9.18
C VAL E 2 -33.83 37.09 9.71
N GLN E 3 -34.41 36.74 10.86
CA GLN E 3 -35.41 37.55 11.51
C GLN E 3 -35.38 37.26 13.01
N LEU E 4 -35.51 38.32 13.81
CA LEU E 4 -35.41 38.22 15.26
C LEU E 4 -36.70 38.77 15.88
N VAL E 5 -37.21 38.07 16.88
CA VAL E 5 -38.45 38.45 17.55
C VAL E 5 -38.15 38.73 19.01
N GLN E 6 -38.56 39.90 19.49
CA GLN E 6 -38.38 40.28 20.87
C GLN E 6 -39.61 39.90 21.70
N SER E 7 -39.58 40.27 22.98
CA SER E 7 -40.71 40.04 23.86
C SER E 7 -41.73 41.18 23.70
N GLY E 8 -42.88 41.02 24.36
CA GLY E 8 -43.88 42.06 24.33
C GLY E 8 -43.47 43.28 25.13
N ALA E 9 -44.17 44.39 24.88
CA ALA E 9 -43.88 45.64 25.57
C ALA E 9 -44.01 45.46 27.08
N GLU E 10 -43.03 46.00 27.81
CA GLU E 10 -42.94 45.80 29.24
C GLU E 10 -43.45 47.02 29.99
N VAL E 11 -44.39 46.80 30.90
CA VAL E 11 -44.90 47.83 31.79
C VAL E 11 -44.63 47.40 33.22
N LYS E 12 -43.95 48.24 33.99
CA LYS E 12 -43.52 47.87 35.33
C LYS E 12 -43.49 49.11 36.21
N LYS E 13 -43.21 48.88 37.49
CA LYS E 13 -43.09 49.93 38.50
C LYS E 13 -41.64 50.00 39.00
N PRO E 14 -41.19 51.18 39.45
CA PRO E 14 -39.81 51.31 39.91
C PRO E 14 -39.50 50.38 41.07
N GLY E 15 -38.27 49.89 41.10
CA GLY E 15 -37.81 48.95 42.10
C GLY E 15 -37.98 47.50 41.75
N ALA E 16 -38.58 47.19 40.60
CA ALA E 16 -38.80 45.82 40.17
C ALA E 16 -37.71 45.41 39.18
N SER E 17 -37.86 44.21 38.61
CA SER E 17 -36.91 43.67 37.65
C SER E 17 -37.65 43.17 36.41
N VAL E 18 -36.98 43.24 35.27
CA VAL E 18 -37.58 42.88 33.99
C VAL E 18 -36.66 41.91 33.25
N LYS E 19 -37.25 41.11 32.37
CA LYS E 19 -36.53 40.16 31.55
C LYS E 19 -36.87 40.39 30.09
N VAL E 20 -35.85 40.50 29.24
CA VAL E 20 -36.02 40.75 27.82
C VAL E 20 -35.48 39.54 27.06
N SER E 21 -36.29 39.01 26.13
CA SER E 21 -35.96 37.81 25.38
C SER E 21 -35.92 38.11 23.89
N CYS E 22 -34.92 37.56 23.22
CA CYS E 22 -34.81 37.65 21.76
C CYS E 22 -34.78 36.25 21.19
N LYS E 23 -35.76 35.93 20.35
CA LYS E 23 -35.87 34.64 19.68
C LYS E 23 -35.53 34.84 18.21
N ALA E 24 -34.50 34.14 17.74
CA ALA E 24 -34.00 34.30 16.38
C ALA E 24 -34.42 33.12 15.51
N SER E 25 -34.38 33.33 14.21
CA SER E 25 -34.74 32.31 13.24
C SER E 25 -34.06 32.61 11.91
N GLY E 26 -33.99 31.59 11.06
CA GLY E 26 -33.42 31.75 9.74
C GLY E 26 -31.92 31.64 9.66
N TYR E 27 -31.24 31.34 10.76
CA TYR E 27 -29.79 31.19 10.74
C TYR E 27 -29.38 30.33 11.93
N THR E 28 -28.13 29.85 11.88
CA THR E 28 -27.59 29.02 12.95
C THR E 28 -27.41 29.87 14.20
N PHE E 29 -28.24 29.63 15.22
CA PHE E 29 -28.28 30.52 16.36
C PHE E 29 -26.96 30.55 17.12
N THR E 30 -26.20 29.45 17.10
CA THR E 30 -24.94 29.38 17.81
C THR E 30 -23.74 29.66 16.91
N GLY E 31 -23.94 30.37 15.81
CA GLY E 31 -22.84 30.68 14.92
C GLY E 31 -22.41 32.13 14.95
N TYR E 32 -23.21 32.98 15.58
CA TYR E 32 -22.96 34.41 15.63
C TYR E 32 -23.22 34.94 17.03
N TYR E 33 -22.46 35.96 17.42
CA TYR E 33 -22.66 36.62 18.70
C TYR E 33 -24.01 37.34 18.71
N MET E 34 -24.63 37.38 19.89
CA MET E 34 -25.87 38.11 20.10
C MET E 34 -25.58 39.31 20.98
N HIS E 35 -25.94 40.50 20.50
CA HIS E 35 -25.65 41.75 21.20
C HIS E 35 -26.92 42.40 21.71
N TRP E 36 -26.80 43.01 22.89
CA TRP E 36 -27.88 43.75 23.54
C TRP E 36 -27.50 45.23 23.57
N VAL E 37 -28.41 46.08 23.11
CA VAL E 37 -28.18 47.53 23.06
C VAL E 37 -29.42 48.24 23.57
N ARG E 38 -29.23 49.51 23.96
CA ARG E 38 -30.31 50.34 24.47
C ARG E 38 -30.28 51.69 23.78
N GLN E 39 -31.45 52.33 23.71
CA GLN E 39 -31.58 53.62 23.06
C GLN E 39 -32.65 54.43 23.76
N ALA E 40 -32.26 55.54 24.38
CA ALA E 40 -33.22 56.44 25.00
C ALA E 40 -34.02 57.19 23.93
N PRO E 41 -35.27 57.57 24.23
CA PRO E 41 -36.09 58.27 23.24
C PRO E 41 -35.51 59.63 22.87
N GLY E 42 -35.07 59.76 21.62
CA GLY E 42 -34.51 61.00 21.13
C GLY E 42 -33.03 61.19 21.39
N GLN E 43 -32.40 60.28 22.14
CA GLN E 43 -30.99 60.38 22.47
C GLN E 43 -30.18 59.46 21.56
N GLY E 44 -28.88 59.34 21.85
CA GLY E 44 -28.01 58.47 21.09
C GLY E 44 -28.13 57.03 21.50
N LEU E 45 -27.38 56.18 20.81
CA LEU E 45 -27.40 54.74 21.05
C LEU E 45 -26.37 54.37 22.12
N GLU E 46 -26.62 53.24 22.77
CA GLU E 46 -25.75 52.75 23.84
C GLU E 46 -25.71 51.23 23.76
N TRP E 47 -24.64 50.66 24.33
CA TRP E 47 -24.34 49.25 24.23
C TRP E 47 -24.43 48.60 25.60
N MET E 48 -25.08 47.43 25.67
CA MET E 48 -25.27 46.72 26.94
C MET E 48 -24.26 45.60 27.11
N GLY E 49 -24.22 44.66 26.16
CA GLY E 49 -23.30 43.54 26.26
C GLY E 49 -23.55 42.55 25.14
N TRP E 50 -22.79 41.47 25.15
CA TRP E 50 -23.00 40.39 24.19
C TRP E 50 -22.92 39.05 24.92
N ILE E 51 -23.53 38.04 24.30
CA ILE E 51 -23.61 36.70 24.87
C ILE E 51 -23.15 35.68 23.82
N ASN E 52 -22.33 34.68 24.19
CA ASN E 52 -21.78 33.64 23.24
C ASN E 52 -22.60 32.34 23.32
N PRO E 53 -23.64 32.14 22.46
CA PRO E 53 -24.68 31.11 22.60
C PRO E 53 -24.09 29.74 22.96
N ASN E 54 -22.85 29.48 22.55
CA ASN E 54 -22.21 28.22 22.88
C ASN E 54 -22.11 27.74 24.33
N SER E 55 -21.75 28.63 25.25
CA SER E 55 -21.58 28.26 26.66
C SER E 55 -22.29 29.18 27.62
N GLY E 56 -22.54 30.44 27.28
CA GLY E 56 -23.11 31.39 28.20
C GLY E 56 -22.15 32.46 28.68
N GLY E 57 -20.98 32.61 28.07
CA GLY E 57 -20.04 33.66 28.44
C GLY E 57 -20.63 35.05 28.26
N THR E 58 -20.44 35.91 29.25
CA THR E 58 -21.04 37.23 29.26
C THR E 58 -19.97 38.30 29.42
N ASN E 59 -20.16 39.41 28.71
CA ASN E 59 -19.33 40.61 28.88
C ASN E 59 -20.27 41.80 28.99
N TYR E 60 -20.00 42.67 29.97
CA TYR E 60 -20.85 43.81 30.24
C TYR E 60 -20.06 45.11 30.11
N ALA E 61 -20.79 46.19 29.84
CA ALA E 61 -20.17 47.50 29.75
C ALA E 61 -19.75 47.98 31.14
N GLN E 62 -18.91 49.01 31.16
CA GLN E 62 -18.39 49.52 32.43
C GLN E 62 -19.50 50.07 33.31
N LYS E 63 -20.47 50.76 32.71
CA LYS E 63 -21.52 51.44 33.45
C LYS E 63 -22.75 50.57 33.70
N PHE E 64 -22.74 49.31 33.27
CA PHE E 64 -23.87 48.41 33.44
C PHE E 64 -23.42 47.09 34.08
N GLN E 65 -22.64 47.19 35.15
CA GLN E 65 -22.19 46.02 35.90
C GLN E 65 -22.97 45.94 37.21
N GLY E 66 -23.48 44.75 37.51
CA GLY E 66 -24.18 44.53 38.76
C GLY E 66 -25.66 44.22 38.59
N TRP E 67 -26.32 44.93 37.69
CA TRP E 67 -27.75 44.76 37.44
C TRP E 67 -28.06 44.22 36.05
N VAL E 68 -27.06 43.68 35.36
CA VAL E 68 -27.24 43.11 34.02
C VAL E 68 -26.82 41.65 34.07
N THR E 69 -27.72 40.76 33.66
CA THR E 69 -27.45 39.33 33.61
C THR E 69 -27.81 38.81 32.22
N MET E 70 -26.90 38.07 31.62
CA MET E 70 -27.07 37.57 30.26
C MET E 70 -27.20 36.05 30.30
N THR E 71 -28.32 35.55 29.78
CA THR E 71 -28.55 34.08 29.70
C THR E 71 -29.19 33.79 28.36
N ARG E 72 -29.50 32.52 28.08
CA ARG E 72 -30.19 32.17 26.81
C ARG E 72 -30.59 30.68 26.81
N ASP E 73 -31.75 30.37 26.23
CA ASP E 73 -32.19 28.95 26.12
C ASP E 73 -31.98 28.53 24.66
N THR E 74 -30.90 27.81 24.37
CA THR E 74 -30.63 27.48 22.98
C THR E 74 -31.56 26.40 22.43
N SER E 75 -32.18 25.61 23.30
CA SER E 75 -33.09 24.55 22.82
C SER E 75 -34.24 25.15 22.02
N ILE E 76 -34.69 26.34 22.41
CA ILE E 76 -35.72 27.06 21.67
C ILE E 76 -35.13 28.29 20.98
N SER E 77 -33.81 28.46 21.09
CA SER E 77 -33.08 29.56 20.44
C SER E 77 -33.60 30.92 20.90
N THR E 78 -33.44 31.17 22.20
CA THR E 78 -33.82 32.44 22.80
C THR E 78 -32.66 32.97 23.62
N ALA E 79 -32.46 34.29 23.56
CA ALA E 79 -31.45 34.98 24.35
C ALA E 79 -32.13 35.86 25.38
N TYR E 80 -31.73 35.73 26.64
CA TYR E 80 -32.38 36.40 27.75
C TYR E 80 -31.48 37.48 28.32
N MET E 81 -32.07 38.62 28.68
CA MET E 81 -31.38 39.68 29.40
C MET E 81 -32.19 40.02 30.63
N GLU E 82 -31.53 40.07 31.78
CA GLU E 82 -32.19 40.34 33.06
C GLU E 82 -31.72 41.68 33.59
N LEU E 83 -32.67 42.58 33.84
CA LEU E 83 -32.40 43.90 34.39
C LEU E 83 -33.02 44.00 35.78
N SER E 84 -32.22 44.34 36.77
CA SER E 84 -32.66 44.40 38.16
C SER E 84 -32.59 45.82 38.68
N ARG E 85 -33.44 46.12 39.66
CA ARG E 85 -33.52 47.45 40.28
C ARG E 85 -33.84 48.51 39.23
N LEU E 86 -34.99 48.34 38.59
CA LEU E 86 -35.41 49.24 37.52
C LEU E 86 -35.67 50.64 38.06
N ARG E 87 -35.34 51.65 37.25
CA ARG E 87 -35.57 53.04 37.60
C ARG E 87 -36.24 53.74 36.42
N SER E 88 -36.90 54.86 36.73
CA SER E 88 -37.63 55.60 35.70
C SER E 88 -36.72 56.13 34.60
N ASP E 89 -35.42 56.29 34.88
CA ASP E 89 -34.48 56.77 33.86
C ASP E 89 -34.17 55.73 32.80
N ASP E 90 -34.55 54.47 33.01
CA ASP E 90 -34.27 53.39 32.07
C ASP E 90 -35.43 53.12 31.13
N THR E 91 -36.46 53.96 31.14
CA THR E 91 -37.55 53.82 30.18
C THR E 91 -37.02 54.13 28.78
N ALA E 92 -36.83 53.10 27.98
CA ALA E 92 -36.23 53.25 26.66
C ALA E 92 -36.64 52.05 25.81
N VAL E 93 -35.96 51.88 24.68
CA VAL E 93 -36.21 50.78 23.76
C VAL E 93 -34.94 49.94 23.68
N TYR E 94 -35.10 48.62 23.76
CA TYR E 94 -33.97 47.69 23.78
C TYR E 94 -34.01 46.80 22.55
N TYR E 95 -32.84 46.61 21.94
CA TYR E 95 -32.70 45.84 20.70
C TYR E 95 -31.76 44.67 20.92
N CYS E 96 -32.09 43.55 20.28
CA CYS E 96 -31.19 42.41 20.16
C CYS E 96 -30.56 42.42 18.78
N ALA E 97 -29.23 42.33 18.74
CA ALA E 97 -28.49 42.51 17.50
C ALA E 97 -27.49 41.36 17.31
N ARG E 98 -27.22 41.05 16.06
CA ARG E 98 -26.33 39.95 15.69
C ARG E 98 -24.93 40.48 15.43
N GLY E 99 -23.94 39.85 16.05
CA GLY E 99 -22.55 40.21 15.87
C GLY E 99 -21.88 39.43 14.76
N TRP E 100 -20.56 39.30 14.88
CA TRP E 100 -19.79 38.54 13.91
C TRP E 100 -19.85 37.05 14.28
N ALA E 101 -19.09 36.23 13.55
CA ALA E 101 -19.14 34.79 13.77
C ALA E 101 -18.44 34.41 15.06
N THR E 102 -19.00 33.44 15.79
CA THR E 102 -18.39 32.98 17.06
C THR E 102 -17.17 32.12 16.73
N TYR E 103 -17.02 31.72 15.47
CA TYR E 103 -15.88 30.87 15.05
C TYR E 103 -14.94 31.68 14.16
N TYR E 104 -13.65 31.36 14.17
CA TYR E 104 -12.70 32.05 13.28
C TYR E 104 -12.94 31.61 11.84
N ASP E 105 -12.99 32.55 10.90
CA ASP E 105 -13.17 32.20 9.50
C ASP E 105 -12.62 33.27 8.52
N ILE E 106 -11.96 32.84 7.46
CA ILE E 106 -11.24 33.77 6.53
C ILE E 106 -12.21 34.22 5.40
N LEU E 107 -13.23 33.40 5.10
CA LEU E 107 -14.22 33.76 4.05
C LEU E 107 -15.32 34.63 4.67
N THR E 108 -15.24 34.89 5.97
CA THR E 108 -16.24 35.76 6.65
C THR E 108 -15.56 37.06 7.10
N GLY E 109 -16.33 38.15 7.19
CA GLY E 109 -15.76 39.45 7.60
C GLY E 109 -16.04 39.75 9.07
N TYR E 110 -16.38 40.99 9.39
CA TYR E 110 -16.64 41.38 10.78
C TYR E 110 -17.77 42.40 10.83
N SER E 111 -18.87 42.10 10.15
CA SER E 111 -20.02 42.98 10.11
C SER E 111 -20.75 42.99 11.44
N LEU E 112 -20.44 43.95 12.31
CA LEU E 112 -21.06 44.05 13.61
C LEU E 112 -22.45 44.68 13.50
N PHE E 113 -23.38 44.18 14.31
CA PHE E 113 -24.76 44.68 14.34
C PHE E 113 -25.40 44.61 12.97
N ASP E 114 -25.18 43.49 12.28
CA ASP E 114 -25.68 43.33 10.92
C ASP E 114 -27.20 43.32 10.89
N TYR E 115 -27.82 42.59 11.82
CA TYR E 115 -29.27 42.45 11.86
C TYR E 115 -29.79 42.84 13.24
N TRP E 116 -30.92 43.56 13.24
CA TRP E 116 -31.55 44.01 14.47
C TRP E 116 -32.97 43.46 14.54
N GLY E 117 -33.57 43.61 15.72
CA GLY E 117 -34.95 43.20 15.95
C GLY E 117 -35.88 44.40 16.07
N GLN E 118 -37.17 44.07 16.21
CA GLN E 118 -38.19 45.10 16.35
C GLN E 118 -37.98 45.91 17.63
N GLY E 119 -37.64 45.24 18.72
CA GLY E 119 -37.36 45.93 19.96
C GLY E 119 -38.53 45.88 20.92
N THR E 120 -38.21 46.01 22.21
CA THR E 120 -39.21 46.02 23.27
C THR E 120 -39.27 47.40 23.90
N LEU E 121 -40.47 47.97 23.94
CA LEU E 121 -40.70 49.28 24.55
C LEU E 121 -41.01 49.08 26.03
N VAL E 122 -40.02 49.29 26.89
CA VAL E 122 -40.18 49.17 28.33
C VAL E 122 -40.57 50.53 28.89
N THR E 123 -41.63 50.56 29.69
CA THR E 123 -42.12 51.79 30.31
C THR E 123 -42.28 51.54 31.80
N VAL E 124 -41.55 52.30 32.61
CA VAL E 124 -41.61 52.19 34.06
C VAL E 124 -41.90 53.56 34.64
N SER E 125 -42.88 53.62 35.54
CA SER E 125 -43.30 54.86 36.19
C SER E 125 -44.24 54.50 37.33
N SER E 126 -44.67 55.51 38.07
CA SER E 126 -45.61 55.32 39.17
C SER E 126 -47.07 55.40 38.73
N ALA E 127 -47.32 55.70 37.45
CA ALA E 127 -48.69 55.78 36.95
C ALA E 127 -49.24 54.38 36.72
N SER E 128 -50.45 54.12 37.24
CA SER E 128 -51.07 52.82 37.09
C SER E 128 -51.73 52.69 35.72
N THR E 129 -52.02 51.45 35.34
CA THR E 129 -52.68 51.19 34.07
C THR E 129 -54.13 51.65 34.12
N LYS E 130 -54.55 52.37 33.09
CA LYS E 130 -55.90 52.90 33.01
C LYS E 130 -56.59 52.39 31.74
N GLY E 131 -57.84 51.96 31.88
CA GLY E 131 -58.62 51.52 30.75
C GLY E 131 -58.89 52.63 29.77
N PRO E 132 -58.49 52.43 28.52
CA PRO E 132 -58.63 53.51 27.52
C PRO E 132 -60.09 53.87 27.28
N SER E 133 -60.32 55.16 27.07
CA SER E 133 -61.63 55.69 26.73
C SER E 133 -61.58 56.20 25.29
N VAL E 134 -62.52 55.72 24.47
CA VAL E 134 -62.54 56.01 23.03
C VAL E 134 -63.82 56.76 22.71
N PHE E 135 -63.69 57.84 21.96
CA PHE E 135 -64.82 58.67 21.54
C PHE E 135 -64.70 58.98 20.06
N PRO E 136 -65.84 59.18 19.38
CA PRO E 136 -65.78 59.51 17.95
C PRO E 136 -65.68 61.01 17.70
N LEU E 137 -65.57 61.40 16.44
CA LEU E 137 -65.50 62.81 16.04
C LEU E 137 -66.32 62.97 14.76
N ALA E 138 -67.46 63.63 14.86
CA ALA E 138 -68.31 63.84 13.70
C ALA E 138 -67.63 64.80 12.74
N PRO E 139 -67.49 64.44 11.46
CA PRO E 139 -66.87 65.37 10.49
C PRO E 139 -67.72 66.61 10.29
N SER E 140 -67.04 67.71 10.00
CA SER E 140 -67.71 68.98 9.77
C SER E 140 -68.47 68.98 8.45
N GLY E 152 -63.32 61.66 12.88
CA GLY E 152 -62.12 61.13 13.50
C GLY E 152 -62.40 60.28 14.72
N CYS E 153 -61.34 59.75 15.33
CA CYS E 153 -61.46 58.92 16.52
C CYS E 153 -60.29 59.22 17.45
N LEU E 154 -60.59 59.35 18.75
CA LEU E 154 -59.58 59.66 19.76
C LEU E 154 -59.64 58.64 20.88
N VAL E 155 -58.48 58.37 21.48
CA VAL E 155 -58.35 57.43 22.59
C VAL E 155 -57.81 58.19 23.78
N LYS E 156 -58.43 57.99 24.94
CA LYS E 156 -58.13 58.76 26.14
C LYS E 156 -57.96 57.82 27.33
N ASP E 157 -57.12 58.25 28.28
CA ASP E 157 -56.93 57.57 29.56
C ASP E 157 -56.41 56.14 29.38
N TYR E 158 -55.22 56.03 28.80
CA TYR E 158 -54.56 54.74 28.62
C TYR E 158 -53.08 54.91 28.94
N PHE E 159 -52.63 54.26 30.02
CA PHE E 159 -51.23 54.39 30.42
C PHE E 159 -50.27 53.77 29.40
N PRO E 160 -50.47 52.54 28.91
CA PRO E 160 -49.51 51.99 27.95
C PRO E 160 -49.53 52.76 26.63
N GLU E 161 -48.36 52.81 25.99
CA GLU E 161 -48.17 53.54 24.74
C GLU E 161 -48.73 52.80 23.52
N PRO E 162 -48.36 51.55 23.26
CA PRO E 162 -48.76 50.93 21.99
C PRO E 162 -50.27 50.68 21.95
N VAL E 163 -50.91 51.23 20.92
CA VAL E 163 -52.34 51.05 20.70
C VAL E 163 -52.58 50.76 19.23
N THR E 164 -53.38 49.74 18.95
CA THR E 164 -53.76 49.40 17.59
C THR E 164 -55.10 50.03 17.26
N VAL E 165 -55.17 50.74 16.14
CA VAL E 165 -56.36 51.45 15.72
C VAL E 165 -56.72 51.05 14.29
N SER E 166 -58.01 50.91 14.03
CA SER E 166 -58.51 50.57 12.71
C SER E 166 -59.88 51.23 12.52
N TRP E 167 -60.51 50.94 11.38
CA TRP E 167 -61.83 51.48 11.09
C TRP E 167 -62.69 50.38 10.49
N ASN E 168 -63.92 50.26 10.99
CA ASN E 168 -64.89 49.25 10.55
C ASN E 168 -64.29 47.84 10.65
N SER E 169 -63.79 47.52 11.84
CA SER E 169 -63.18 46.23 12.13
C SER E 169 -62.03 45.93 11.15
N GLY E 170 -61.22 46.93 10.89
CA GLY E 170 -60.08 46.77 9.99
C GLY E 170 -60.46 46.51 8.54
N ALA E 171 -61.52 47.15 8.06
CA ALA E 171 -61.95 47.03 6.68
C ALA E 171 -61.81 48.32 5.88
N LEU E 172 -62.12 49.46 6.49
CA LEU E 172 -61.99 50.76 5.82
C LEU E 172 -60.59 51.31 6.11
N THR E 173 -59.63 50.86 5.30
CA THR E 173 -58.25 51.29 5.44
C THR E 173 -57.87 52.38 4.43
N SER E 174 -58.86 53.02 3.82
CA SER E 174 -58.65 54.05 2.82
C SER E 174 -58.90 55.42 3.43
N GLY E 175 -57.93 56.33 3.27
CA GLY E 175 -58.05 57.66 3.80
C GLY E 175 -57.83 57.78 5.29
N VAL E 176 -57.30 56.75 5.94
CA VAL E 176 -57.09 56.73 7.38
C VAL E 176 -55.64 57.04 7.67
N HIS E 177 -55.40 58.05 8.50
CA HIS E 177 -54.05 58.43 8.92
C HIS E 177 -54.00 58.46 10.43
N THR E 178 -52.90 57.97 10.99
CA THR E 178 -52.71 57.90 12.43
C THR E 178 -51.79 59.02 12.88
N PHE E 179 -52.20 59.75 13.92
CA PHE E 179 -51.41 60.85 14.46
C PHE E 179 -50.63 60.40 15.69
N PRO E 180 -49.44 60.95 15.90
CA PRO E 180 -48.64 60.56 17.08
C PRO E 180 -49.37 60.92 18.38
N ALA E 181 -49.19 60.06 19.38
CA ALA E 181 -49.80 60.28 20.67
C ALA E 181 -49.07 61.37 21.45
N VAL E 182 -49.81 62.04 22.33
CA VAL E 182 -49.28 63.10 23.18
C VAL E 182 -49.47 62.69 24.63
N LEU E 183 -48.40 62.74 25.41
CA LEU E 183 -48.45 62.34 26.81
C LEU E 183 -49.04 63.46 27.66
N GLN E 184 -49.91 63.08 28.59
CA GLN E 184 -50.49 64.02 29.54
C GLN E 184 -49.76 63.94 30.87
N SER E 185 -49.93 64.99 31.68
CA SER E 185 -49.21 65.10 32.94
C SER E 185 -49.65 64.05 33.96
N SER E 186 -50.80 63.43 33.77
CA SER E 186 -51.32 62.44 34.72
C SER E 186 -50.77 61.04 34.47
N GLY E 187 -49.93 60.86 33.46
CA GLY E 187 -49.36 59.58 33.12
C GLY E 187 -50.05 58.85 32.00
N LEU E 188 -51.28 59.23 31.67
CA LEU E 188 -51.99 58.63 30.56
C LEU E 188 -51.68 59.37 29.26
N TYR E 189 -52.01 58.74 28.14
CA TYR E 189 -51.68 59.25 26.82
C TYR E 189 -52.97 59.67 26.10
N SER E 190 -52.80 60.18 24.88
CA SER E 190 -53.92 60.59 24.06
C SER E 190 -53.50 60.55 22.59
N LEU E 191 -54.26 59.84 21.76
CA LEU E 191 -53.96 59.72 20.35
C LEU E 191 -55.19 60.10 19.54
N SER E 192 -54.94 60.49 18.29
CA SER E 192 -56.00 60.85 17.35
C SER E 192 -55.85 60.05 16.07
N SER E 193 -56.97 59.55 15.57
CA SER E 193 -57.00 58.81 14.31
C SER E 193 -58.21 59.27 13.51
N VAL E 194 -57.97 59.89 12.37
CA VAL E 194 -59.02 60.51 11.56
C VAL E 194 -59.01 59.88 10.17
N VAL E 195 -60.20 59.63 9.64
CA VAL E 195 -60.37 59.18 8.26
C VAL E 195 -60.73 60.38 7.39
N THR E 196 -60.05 60.50 6.26
CA THR E 196 -60.22 61.66 5.37
C THR E 196 -61.20 61.28 4.26
N VAL E 197 -62.44 61.73 4.40
CA VAL E 197 -63.47 61.54 3.38
C VAL E 197 -64.09 62.89 3.06
N PRO E 198 -63.40 63.76 2.33
CA PRO E 198 -63.95 65.07 2.01
C PRO E 198 -64.71 65.07 0.69
N SER E 199 -65.49 66.14 0.50
CA SER E 199 -66.30 66.33 -0.70
C SER E 199 -67.20 65.13 -0.95
N SER E 200 -67.80 64.61 0.11
CA SER E 200 -68.69 63.47 0.03
C SER E 200 -69.89 63.71 0.93
N SER E 201 -70.95 62.93 0.69
CA SER E 201 -72.19 63.07 1.47
C SER E 201 -72.07 62.50 2.87
N LEU E 202 -71.02 61.74 3.17
CA LEU E 202 -70.82 61.10 4.47
C LEU E 202 -71.99 60.19 4.84
N GLY E 203 -72.60 59.55 3.84
CA GLY E 203 -73.74 58.69 4.10
C GLY E 203 -73.73 57.42 3.27
N THR E 204 -72.69 57.23 2.45
CA THR E 204 -72.60 56.01 1.65
C THR E 204 -72.44 54.78 2.54
N GLN E 205 -71.59 54.87 3.56
CA GLN E 205 -71.38 53.78 4.50
C GLN E 205 -71.31 54.35 5.91
N THR E 206 -71.68 53.53 6.88
CA THR E 206 -71.58 53.92 8.28
C THR E 206 -70.13 53.79 8.75
N TYR E 207 -69.61 54.85 9.35
CA TYR E 207 -68.21 54.90 9.75
C TYR E 207 -68.09 54.52 11.22
N ILE E 208 -67.30 53.48 11.49
CA ILE E 208 -67.03 53.01 12.85
C ILE E 208 -65.53 52.96 13.04
N CYS E 209 -65.04 53.61 14.09
CA CYS E 209 -63.63 53.59 14.43
C CYS E 209 -63.40 52.55 15.52
N ASN E 210 -62.32 51.78 15.37
CA ASN E 210 -62.02 50.67 16.28
C ASN E 210 -60.70 50.93 16.99
N VAL E 211 -60.67 50.63 18.28
CA VAL E 211 -59.46 50.72 19.09
C VAL E 211 -59.16 49.34 19.66
N ASN E 212 -57.90 48.92 19.57
CA ASN E 212 -57.47 47.62 20.08
C ASN E 212 -56.23 47.85 20.95
N HIS E 213 -56.44 48.00 22.25
CA HIS E 213 -55.36 48.23 23.21
C HIS E 213 -55.01 46.90 23.86
N LYS E 214 -54.04 46.20 23.27
CA LYS E 214 -53.67 44.88 23.78
C LYS E 214 -53.15 44.89 25.21
N PRO E 215 -52.27 45.80 25.64
CA PRO E 215 -51.84 45.77 27.04
C PRO E 215 -52.98 45.88 28.04
N SER E 216 -54.00 46.68 27.73
CA SER E 216 -55.19 46.76 28.57
C SER E 216 -56.26 45.74 28.17
N ASN E 217 -56.06 45.03 27.06
CA ASN E 217 -56.99 43.99 26.59
C ASN E 217 -58.40 44.55 26.41
N THR E 218 -58.48 45.66 25.67
CA THR E 218 -59.75 46.32 25.40
C THR E 218 -59.95 46.46 23.90
N LYS E 219 -61.21 46.31 23.46
CA LYS E 219 -61.57 46.48 22.06
C LYS E 219 -62.97 47.09 22.02
N VAL E 220 -63.05 48.38 21.76
CA VAL E 220 -64.31 49.12 21.76
C VAL E 220 -64.49 49.79 20.40
N ASP E 221 -65.69 49.67 19.84
CA ASP E 221 -66.02 50.26 18.56
C ASP E 221 -66.98 51.43 18.76
N LYS E 222 -66.68 52.55 18.11
CA LYS E 222 -67.49 53.75 18.22
C LYS E 222 -68.00 54.16 16.85
N ARG E 223 -69.28 54.51 16.78
CA ARG E 223 -69.91 54.94 15.53
C ARG E 223 -69.62 56.42 15.29
N VAL E 224 -69.43 56.76 14.01
CA VAL E 224 -69.17 58.14 13.60
C VAL E 224 -70.31 58.58 12.70
N GLU E 225 -70.98 59.67 13.08
CA GLU E 225 -72.10 60.18 12.31
C GLU E 225 -71.97 61.68 12.08
N SER F 1 -16.64 55.21 27.30
CA SER F 1 -17.76 56.14 27.18
C SER F 1 -18.36 56.12 25.78
N ALA F 2 -17.93 57.05 24.94
CA ALA F 2 -18.44 57.16 23.57
C ALA F 2 -17.38 57.84 22.72
N LEU F 3 -17.76 58.22 21.50
CA LEU F 3 -16.89 58.91 20.57
C LEU F 3 -17.52 60.23 20.15
N THR F 4 -16.70 61.28 20.06
CA THR F 4 -17.19 62.61 19.73
C THR F 4 -17.61 62.66 18.27
N GLN F 5 -18.87 63.04 18.03
CA GLN F 5 -19.42 63.15 16.70
C GLN F 5 -20.17 64.48 16.58
N PRO F 6 -20.09 65.16 15.44
CA PRO F 6 -20.83 66.41 15.28
C PRO F 6 -22.32 66.21 15.47
N ALA F 7 -22.92 67.12 16.23
CA ALA F 7 -24.33 66.96 16.61
C ALA F 7 -25.26 67.24 15.43
N SER F 8 -25.01 68.31 14.70
CA SER F 8 -25.90 68.74 13.62
C SER F 8 -25.11 68.92 12.34
N VAL F 9 -25.62 68.34 11.25
CA VAL F 9 -25.03 68.46 9.93
C VAL F 9 -26.15 68.74 8.94
N SER F 10 -26.02 69.82 8.16
CA SER F 10 -27.00 70.20 7.17
C SER F 10 -26.37 70.09 5.78
N GLY F 11 -27.09 69.46 4.85
CA GLY F 11 -26.56 69.26 3.52
C GLY F 11 -27.56 69.55 2.41
N SER F 12 -27.21 70.47 1.52
CA SER F 12 -28.03 70.76 0.37
C SER F 12 -27.85 69.68 -0.70
N PRO F 13 -28.86 69.49 -1.55
CA PRO F 13 -28.74 68.47 -2.60
C PRO F 13 -27.62 68.80 -3.59
N GLY F 14 -26.95 67.76 -4.08
CA GLY F 14 -25.94 67.89 -5.10
C GLY F 14 -24.52 68.09 -4.60
N GLN F 15 -24.32 68.22 -3.30
CA GLN F 15 -22.99 68.39 -2.74
C GLN F 15 -22.57 67.17 -1.93
N SER F 16 -21.30 67.15 -1.55
CA SER F 16 -20.73 66.06 -0.77
C SER F 16 -20.72 66.43 0.71
N ILE F 17 -21.21 65.52 1.54
CA ILE F 17 -21.31 65.74 2.98
C ILE F 17 -20.48 64.68 3.69
N THR F 18 -19.60 65.13 4.59
CA THR F 18 -18.70 64.26 5.33
C THR F 18 -19.02 64.36 6.82
N ILE F 19 -19.17 63.21 7.47
CA ILE F 19 -19.44 63.13 8.90
C ILE F 19 -18.22 62.55 9.59
N SER F 20 -17.74 63.23 10.62
CA SER F 20 -16.53 62.82 11.33
C SER F 20 -16.89 62.01 12.58
N CYS F 21 -15.90 61.27 13.07
CA CYS F 21 -16.07 60.44 14.26
C CYS F 21 -14.70 60.25 14.89
N THR F 22 -14.42 61.02 15.93
CA THR F 22 -13.09 61.05 16.55
C THR F 22 -13.05 60.10 17.74
N GLY F 23 -11.99 59.30 17.82
CA GLY F 23 -11.83 58.35 18.90
C GLY F 23 -10.48 58.40 19.57
N THR F 24 -10.09 57.33 20.24
CA THR F 24 -8.84 57.24 20.95
C THR F 24 -7.87 56.32 20.21
N SER F 25 -6.68 56.13 20.79
CA SER F 25 -5.66 55.31 20.15
C SER F 25 -6.05 53.84 20.14
N SER F 26 -6.52 53.32 21.27
CA SER F 26 -6.88 51.92 21.37
C SER F 26 -8.26 51.61 20.82
N ASP F 27 -9.02 52.62 20.41
CA ASP F 27 -10.35 52.42 19.87
C ASP F 27 -10.35 52.36 18.34
N VAL F 28 -9.81 53.40 17.70
CA VAL F 28 -9.80 53.49 16.25
C VAL F 28 -8.38 53.40 15.67
N GLY F 29 -7.35 53.75 16.43
CA GLY F 29 -6.00 53.75 15.90
C GLY F 29 -5.40 52.37 15.74
N SER F 30 -6.04 51.34 16.27
CA SER F 30 -5.53 49.98 16.17
C SER F 30 -6.50 48.98 15.59
N TYR F 31 -7.81 49.14 15.82
CA TYR F 31 -8.81 48.20 15.36
C TYR F 31 -9.64 48.87 14.27
N ASN F 32 -9.47 48.42 13.03
CA ASN F 32 -10.21 48.98 11.90
C ASN F 32 -11.57 48.31 11.74
N LEU F 33 -12.36 48.27 12.82
CA LEU F 33 -13.66 47.64 12.82
C LEU F 33 -14.77 48.65 13.07
N VAL F 34 -14.58 49.88 12.58
CA VAL F 34 -15.59 50.91 12.73
C VAL F 34 -16.73 50.66 11.74
N SER F 35 -17.91 51.17 12.07
CA SER F 35 -19.09 50.95 11.24
C SER F 35 -20.01 52.16 11.33
N TRP F 36 -20.89 52.28 10.35
CA TRP F 36 -21.84 53.39 10.27
C TRP F 36 -23.23 52.84 9.99
N TYR F 37 -24.23 53.39 10.67
CA TYR F 37 -25.61 52.93 10.56
C TYR F 37 -26.53 54.11 10.31
N GLN F 38 -27.51 53.92 9.44
CA GLN F 38 -28.55 54.91 9.17
C GLN F 38 -29.83 54.49 9.88
N GLN F 39 -30.36 55.39 10.71
CA GLN F 39 -31.56 55.10 11.50
C GLN F 39 -32.70 55.96 10.97
N HIS F 40 -33.62 55.33 10.24
CA HIS F 40 -34.80 56.03 9.77
C HIS F 40 -35.69 56.43 10.95
N PRO F 41 -36.42 57.53 10.83
CA PRO F 41 -37.33 57.94 11.91
C PRO F 41 -38.42 56.92 12.17
N GLY F 42 -38.43 56.35 13.37
CA GLY F 42 -39.40 55.34 13.73
C GLY F 42 -39.07 53.92 13.31
N LYS F 43 -37.88 53.70 12.74
CA LYS F 43 -37.46 52.39 12.29
C LYS F 43 -36.11 52.05 12.89
N ALA F 44 -35.88 50.76 13.10
CA ALA F 44 -34.63 50.30 13.71
C ALA F 44 -33.46 50.57 12.77
N PRO F 45 -32.27 50.83 13.33
CA PRO F 45 -31.11 51.14 12.47
C PRO F 45 -30.77 50.00 11.53
N LYS F 46 -30.33 50.37 10.33
CA LYS F 46 -29.97 49.41 9.28
C LYS F 46 -28.50 49.59 8.94
N LEU F 47 -27.77 48.48 8.87
CA LEU F 47 -26.33 48.53 8.64
C LEU F 47 -26.03 49.16 7.28
N MET F 48 -25.09 50.10 7.26
CA MET F 48 -24.73 50.81 6.01
C MET F 48 -23.28 50.48 5.62
N ILE F 49 -22.33 50.75 6.52
CA ILE F 49 -20.89 50.43 6.26
C ILE F 49 -20.38 49.58 7.42
N TYR F 50 -20.13 48.28 7.19
CA TYR F 50 -19.72 47.37 8.29
C TYR F 50 -18.29 47.69 8.76
N GLU F 51 -17.40 48.03 7.83
CA GLU F 51 -16.01 48.39 8.20
C GLU F 51 -15.80 49.76 7.56
N VAL F 52 -14.53 50.18 7.39
CA VAL F 52 -14.17 51.58 7.08
C VAL F 52 -15.02 52.07 5.89
N SER F 53 -14.93 51.38 4.75
CA SER F 53 -15.66 51.82 3.53
C SER F 53 -16.45 50.66 2.93
N LYS F 54 -15.85 49.46 2.90
CA LYS F 54 -16.52 48.27 2.30
C LYS F 54 -18.00 48.28 2.67
N ARG F 55 -18.88 47.93 1.73
CA ARG F 55 -20.34 48.03 1.99
C ARG F 55 -21.04 46.68 1.82
N PRO F 56 -22.13 46.41 2.58
CA PRO F 56 -22.93 45.20 2.43
C PRO F 56 -23.75 45.24 1.15
N SER F 57 -24.57 44.21 0.97
CA SER F 57 -25.48 44.16 -0.17
C SER F 57 -26.63 45.14 0.04
N GLY F 58 -27.19 45.61 -1.08
CA GLY F 58 -28.28 46.57 -1.01
C GLY F 58 -27.86 47.98 -0.67
N VAL F 59 -26.56 48.29 -0.73
CA VAL F 59 -26.05 49.62 -0.44
C VAL F 59 -25.45 50.18 -1.72
N SER F 60 -25.85 51.41 -2.07
CA SER F 60 -25.40 52.02 -3.31
C SER F 60 -23.92 52.36 -3.24
N ASN F 61 -23.30 52.47 -4.42
CA ASN F 61 -21.89 52.84 -4.54
C ASN F 61 -21.63 54.30 -4.18
N ARG F 62 -22.68 55.10 -4.00
CA ARG F 62 -22.51 56.48 -3.58
C ARG F 62 -21.80 56.56 -2.23
N PHE F 63 -22.16 55.68 -1.31
CA PHE F 63 -21.66 55.75 0.06
C PHE F 63 -20.21 55.30 0.12
N SER F 64 -19.45 55.91 1.02
CA SER F 64 -18.05 55.57 1.19
C SER F 64 -17.60 55.95 2.59
N GLY F 65 -16.50 55.35 3.01
CA GLY F 65 -15.93 55.63 4.32
C GLY F 65 -14.43 55.60 4.28
N SER F 66 -13.81 56.24 5.27
CA SER F 66 -12.36 56.32 5.33
C SER F 66 -11.92 56.43 6.78
N LYS F 67 -10.64 56.11 7.01
CA LYS F 67 -10.03 56.16 8.33
C LYS F 67 -8.72 56.93 8.25
N SER F 68 -8.51 57.83 9.21
CA SER F 68 -7.29 58.62 9.26
C SER F 68 -7.02 59.02 10.70
N GLY F 69 -5.81 58.71 11.18
CA GLY F 69 -5.47 59.04 12.55
C GLY F 69 -6.39 58.36 13.54
N ASN F 70 -6.94 59.14 14.47
CA ASN F 70 -7.87 58.64 15.48
C ASN F 70 -9.31 59.07 15.16
N THR F 71 -9.62 59.16 13.87
CA THR F 71 -10.95 59.57 13.45
C THR F 71 -11.32 58.85 12.15
N ALA F 72 -12.62 58.84 11.86
CA ALA F 72 -13.15 58.22 10.66
C ALA F 72 -14.15 59.17 10.01
N SER F 73 -14.32 59.01 8.70
CA SER F 73 -15.19 59.87 7.91
C SER F 73 -16.12 59.03 7.06
N LEU F 74 -17.39 59.43 7.02
CA LEU F 74 -18.38 58.83 6.14
C LEU F 74 -18.78 59.85 5.09
N THR F 75 -18.66 59.48 3.82
CA THR F 75 -18.84 60.40 2.71
C THR F 75 -20.12 60.08 1.96
N ILE F 76 -20.96 61.08 1.77
CA ILE F 76 -22.16 60.98 0.94
C ILE F 76 -22.18 62.17 -0.02
N SER F 77 -22.45 61.88 -1.29
CA SER F 77 -22.49 62.90 -2.34
C SER F 77 -23.76 62.73 -3.15
N GLY F 78 -24.40 63.85 -3.48
CA GLY F 78 -25.66 63.79 -4.19
C GLY F 78 -26.77 63.26 -3.32
N LEU F 79 -27.15 64.03 -2.30
CA LEU F 79 -28.14 63.57 -1.33
C LEU F 79 -29.50 63.37 -1.98
N GLN F 80 -30.28 62.46 -1.42
CA GLN F 80 -31.61 62.14 -1.90
C GLN F 80 -32.61 62.31 -0.76
N ALA F 81 -33.89 62.27 -1.09
CA ALA F 81 -34.94 62.48 -0.10
C ALA F 81 -34.94 61.40 0.99
N GLU F 82 -34.39 60.23 0.71
CA GLU F 82 -34.34 59.15 1.69
C GLU F 82 -33.24 59.34 2.73
N ASP F 83 -32.39 60.35 2.57
CA ASP F 83 -31.25 60.54 3.45
C ASP F 83 -31.59 61.30 4.73
N GLU F 84 -32.84 61.71 4.91
CA GLU F 84 -33.26 62.45 6.11
C GLU F 84 -33.44 61.48 7.27
N ALA F 85 -32.33 60.94 7.74
CA ALA F 85 -32.33 59.98 8.83
C ALA F 85 -31.09 60.18 9.69
N ASP F 86 -31.17 59.69 10.92
CA ASP F 86 -30.05 59.80 11.84
C ASP F 86 -28.91 58.88 11.41
N TYR F 87 -27.68 59.27 11.78
CA TYR F 87 -26.49 58.51 11.43
C TYR F 87 -25.64 58.32 12.68
N TYR F 88 -25.11 57.11 12.85
CA TYR F 88 -24.38 56.75 14.05
C TYR F 88 -23.03 56.12 13.70
N CYS F 89 -22.09 56.25 14.64
CA CYS F 89 -20.73 55.74 14.49
C CYS F 89 -20.40 54.83 15.67
N CYS F 90 -19.79 53.69 15.37
CA CYS F 90 -19.45 52.70 16.40
C CYS F 90 -18.07 52.12 16.13
N SER F 91 -17.45 51.60 17.18
CA SER F 91 -16.13 50.99 17.09
C SER F 91 -15.95 49.99 18.22
N TYR F 92 -14.88 49.21 18.13
CA TYR F 92 -14.58 48.16 19.09
C TYR F 92 -13.38 48.56 19.94
N ALA F 93 -13.51 48.42 21.25
CA ALA F 93 -12.47 48.84 22.20
C ALA F 93 -11.86 47.62 22.86
N GLY F 94 -10.53 47.53 22.83
CA GLY F 94 -9.82 46.42 23.43
C GLY F 94 -8.97 46.82 24.61
N SER F 95 -7.70 46.41 24.59
CA SER F 95 -6.72 46.73 25.65
C SER F 95 -7.21 46.23 27.01
N SER F 96 -7.34 44.91 27.10
CA SER F 96 -7.72 44.16 28.30
C SER F 96 -9.15 44.42 28.74
N THR F 97 -9.90 45.27 28.05
CA THR F 97 -11.31 45.53 28.36
C THR F 97 -12.11 45.40 27.08
N PRO F 98 -12.40 44.17 26.65
CA PRO F 98 -13.12 43.98 25.38
C PRO F 98 -14.57 44.43 25.46
N HIS F 99 -14.87 45.56 24.82
CA HIS F 99 -16.22 46.08 24.73
C HIS F 99 -16.28 47.01 23.53
N VAL F 100 -17.47 47.51 23.21
CA VAL F 100 -17.65 48.41 22.08
C VAL F 100 -18.35 49.67 22.58
N VAL F 101 -18.17 50.75 21.82
CA VAL F 101 -18.73 52.05 22.14
C VAL F 101 -19.38 52.63 20.89
N PHE F 102 -20.22 53.63 21.10
CA PHE F 102 -20.94 54.31 20.03
C PHE F 102 -20.51 55.77 19.96
N GLY F 103 -21.15 56.51 19.06
CA GLY F 103 -20.88 57.92 18.88
C GLY F 103 -22.00 58.80 19.42
N GLY F 104 -21.78 60.11 19.27
CA GLY F 104 -22.74 61.09 19.75
C GLY F 104 -23.94 61.30 18.85
N GLY F 105 -23.96 60.70 17.67
CA GLY F 105 -25.06 60.85 16.75
C GLY F 105 -24.96 62.12 15.91
N THR F 106 -25.77 62.16 14.85
CA THR F 106 -25.80 63.31 13.96
C THR F 106 -27.16 63.32 13.25
N LYS F 107 -27.76 64.50 13.16
CA LYS F 107 -29.02 64.69 12.46
C LYS F 107 -28.74 65.32 11.10
N LEU F 108 -29.11 64.62 10.04
CA LEU F 108 -28.94 65.11 8.67
C LEU F 108 -30.30 65.51 8.10
N THR F 109 -30.39 66.73 7.60
CA THR F 109 -31.63 67.26 7.03
C THR F 109 -31.38 67.56 5.56
N VAL F 110 -31.85 66.69 4.67
CA VAL F 110 -31.68 66.87 3.24
C VAL F 110 -32.71 67.89 2.74
N LEU F 111 -32.25 68.85 1.96
CA LEU F 111 -33.13 69.86 1.39
C LEU F 111 -33.62 69.41 0.02
N GLY F 112 -34.23 70.33 -0.73
CA GLY F 112 -34.71 70.01 -2.07
C GLY F 112 -36.20 69.76 -2.11
N GLN F 113 -36.75 69.22 -1.04
CA GLN F 113 -38.20 68.97 -0.99
C GLN F 113 -38.94 70.31 -0.93
N PRO F 114 -39.90 70.55 -1.81
CA PRO F 114 -40.61 71.84 -1.80
C PRO F 114 -41.39 72.04 -0.52
N LYS F 115 -41.45 73.29 -0.09
CA LYS F 115 -42.21 73.65 1.10
C LYS F 115 -43.69 73.74 0.78
N ALA F 116 -44.51 73.17 1.68
CA ALA F 116 -45.95 73.15 1.51
C ALA F 116 -46.63 73.77 2.72
N ALA F 117 -47.67 74.56 2.47
CA ALA F 117 -48.40 75.19 3.55
C ALA F 117 -49.10 74.13 4.39
N PRO F 118 -48.98 74.18 5.72
CA PRO F 118 -49.63 73.17 6.56
C PRO F 118 -51.15 73.22 6.43
N SER F 119 -51.76 72.04 6.49
CA SER F 119 -53.21 71.91 6.46
C SER F 119 -53.71 71.72 7.88
N VAL F 120 -54.60 72.61 8.33
CA VAL F 120 -55.09 72.62 9.71
C VAL F 120 -56.57 72.25 9.69
N THR F 121 -56.93 71.24 10.46
CA THR F 121 -58.31 70.81 10.61
C THR F 121 -58.70 70.83 12.08
N LEU F 122 -59.88 71.36 12.37
CA LEU F 122 -60.38 71.49 13.73
C LEU F 122 -61.58 70.56 13.93
N PHE F 123 -61.52 69.74 14.98
CA PHE F 123 -62.60 68.82 15.30
C PHE F 123 -63.21 69.20 16.64
N PRO F 124 -64.46 69.63 16.68
CA PRO F 124 -65.10 69.99 17.96
C PRO F 124 -65.43 68.75 18.76
N PRO F 125 -65.67 68.89 20.07
CA PRO F 125 -66.05 67.73 20.88
C PRO F 125 -67.35 67.12 20.39
N SER F 126 -67.43 65.80 20.45
CA SER F 126 -68.60 65.07 19.99
C SER F 126 -69.67 65.01 21.08
N SER F 127 -70.81 64.43 20.72
CA SER F 127 -71.90 64.28 21.68
C SER F 127 -71.49 63.37 22.83
N GLU F 128 -70.78 62.29 22.52
CA GLU F 128 -70.30 61.39 23.57
C GLU F 128 -69.34 62.09 24.51
N GLU F 129 -68.43 62.90 23.96
CA GLU F 129 -67.49 63.64 24.80
C GLU F 129 -68.21 64.68 25.65
N LEU F 130 -69.19 65.37 25.08
CA LEU F 130 -69.96 66.36 25.84
C LEU F 130 -70.71 65.69 26.98
N GLN F 131 -71.26 64.49 26.73
CA GLN F 131 -71.94 63.75 27.79
C GLN F 131 -70.98 63.30 28.88
N ALA F 132 -69.68 63.27 28.60
CA ALA F 132 -68.67 62.87 29.58
C ALA F 132 -68.18 64.03 30.44
N ASN F 133 -68.90 65.16 30.44
CA ASN F 133 -68.57 66.31 31.27
C ASN F 133 -67.18 66.84 30.96
N LYS F 134 -66.80 66.81 29.69
CA LYS F 134 -65.50 67.34 29.27
C LYS F 134 -65.59 67.74 27.80
N ALA F 135 -64.75 68.71 27.43
CA ALA F 135 -64.68 69.19 26.06
C ALA F 135 -63.22 69.21 25.62
N THR F 136 -62.94 68.61 24.47
CA THR F 136 -61.59 68.55 23.94
C THR F 136 -61.60 68.98 22.48
N LEU F 137 -60.75 69.95 22.15
CA LEU F 137 -60.58 70.42 20.78
C LEU F 137 -59.29 69.85 20.22
N VAL F 138 -59.39 69.18 19.07
CA VAL F 138 -58.26 68.52 18.44
C VAL F 138 -57.85 69.32 17.22
N CYS F 139 -56.61 69.79 17.20
CA CYS F 139 -56.06 70.55 16.09
C CYS F 139 -55.05 69.66 15.36
N LEU F 140 -55.43 69.20 14.16
CA LEU F 140 -54.62 68.28 13.38
C LEU F 140 -53.93 69.05 12.26
N ILE F 141 -52.62 68.84 12.12
CA ILE F 141 -51.81 69.51 11.12
C ILE F 141 -51.07 68.44 10.33
N SER F 142 -51.15 68.54 9.00
CA SER F 142 -50.51 67.56 8.12
C SER F 142 -50.17 68.24 6.79
N ASP F 143 -49.45 67.50 5.95
CA ASP F 143 -49.07 67.94 4.61
C ASP F 143 -48.25 69.24 4.67
N PHE F 144 -47.09 69.14 5.32
CA PHE F 144 -46.18 70.28 5.41
C PHE F 144 -44.74 69.77 5.50
N TYR F 145 -43.81 70.65 5.12
CA TYR F 145 -42.39 70.33 5.17
C TYR F 145 -41.62 71.63 5.20
N PRO F 146 -40.60 71.78 6.07
CA PRO F 146 -40.13 70.78 7.03
C PRO F 146 -41.05 70.60 8.23
N GLY F 147 -40.86 69.50 8.97
CA GLY F 147 -41.69 69.21 10.12
C GLY F 147 -41.35 70.01 11.35
N ALA F 148 -41.35 71.33 11.24
CA ALA F 148 -41.08 72.24 12.35
C ALA F 148 -42.19 73.28 12.38
N VAL F 149 -43.21 73.03 13.21
CA VAL F 149 -44.35 73.93 13.33
C VAL F 149 -44.58 74.25 14.80
N THR F 150 -45.23 75.39 15.04
CA THR F 150 -45.63 75.82 16.38
C THR F 150 -47.15 75.98 16.39
N VAL F 151 -47.81 75.31 17.33
CA VAL F 151 -49.27 75.30 17.42
C VAL F 151 -49.68 76.03 18.68
N ALA F 152 -50.57 77.02 18.54
CA ALA F 152 -51.08 77.78 19.65
C ALA F 152 -52.55 78.06 19.44
N TRP F 153 -53.25 78.32 20.55
CA TRP F 153 -54.67 78.61 20.53
C TRP F 153 -54.89 80.06 20.95
N LYS F 154 -55.81 80.74 20.27
CA LYS F 154 -56.11 82.14 20.53
C LYS F 154 -57.51 82.36 21.08
N ALA F 155 -58.25 81.29 21.35
CA ALA F 155 -59.62 81.38 21.86
C ALA F 155 -60.47 82.33 21.01
N ASP F 156 -61.29 83.15 21.66
CA ASP F 156 -62.05 84.17 20.94
C ASP F 156 -61.09 85.17 20.31
N SER F 157 -60.38 85.93 21.14
CA SER F 157 -59.34 86.83 20.67
C SER F 157 -58.12 86.89 21.57
N SER F 158 -58.07 86.10 22.64
CA SER F 158 -56.97 86.14 23.60
C SER F 158 -56.30 84.78 23.67
N PRO F 159 -54.99 84.70 23.43
CA PRO F 159 -54.31 83.40 23.50
C PRO F 159 -54.43 82.77 24.88
N VAL F 160 -54.59 81.45 24.90
CA VAL F 160 -54.71 80.69 26.14
C VAL F 160 -53.70 79.55 26.12
N LYS F 161 -53.00 79.37 27.25
CA LYS F 161 -52.00 78.31 27.38
C LYS F 161 -52.39 77.25 28.40
N ALA F 162 -53.68 77.17 28.73
CA ALA F 162 -54.17 76.20 29.71
C ALA F 162 -54.78 75.01 28.99
N GLY F 163 -54.30 73.81 29.31
CA GLY F 163 -54.79 72.61 28.68
C GLY F 163 -54.35 72.42 27.25
N VAL F 164 -53.26 73.07 26.84
CA VAL F 164 -52.76 73.00 25.47
C VAL F 164 -51.62 71.98 25.43
N GLU F 165 -51.75 70.98 24.55
CA GLU F 165 -50.74 69.96 24.36
C GLU F 165 -50.25 70.01 22.92
N THR F 166 -48.93 70.10 22.75
CA THR F 166 -48.32 70.16 21.43
C THR F 166 -47.13 69.22 21.40
N THR F 167 -46.95 68.52 20.28
CA THR F 167 -45.89 67.55 20.12
C THR F 167 -45.13 67.81 18.83
N THR F 168 -43.89 67.33 18.80
CA THR F 168 -43.04 67.49 17.62
C THR F 168 -43.62 66.67 16.47
N PRO F 169 -43.74 67.24 15.26
CA PRO F 169 -44.26 66.47 14.13
C PRO F 169 -43.38 65.29 13.78
N SER F 170 -44.01 64.23 13.30
CA SER F 170 -43.33 63.01 12.88
C SER F 170 -43.56 62.77 11.39
N LYS F 171 -42.60 62.10 10.76
CA LYS F 171 -42.66 61.87 9.33
C LYS F 171 -43.86 61.01 8.96
N GLN F 172 -44.52 61.38 7.86
CA GLN F 172 -45.66 60.63 7.35
C GLN F 172 -45.19 59.63 6.30
N SER F 173 -46.14 58.97 5.63
CA SER F 173 -45.80 58.02 4.58
C SER F 173 -45.35 58.72 3.30
N ASN F 174 -45.82 59.95 3.06
CA ASN F 174 -45.48 60.71 1.86
C ASN F 174 -44.25 61.59 2.04
N ASN F 175 -43.34 61.21 2.94
CA ASN F 175 -42.11 61.93 3.24
C ASN F 175 -42.37 63.30 3.85
N LYS F 176 -43.61 63.61 4.21
CA LYS F 176 -43.95 64.84 4.89
C LYS F 176 -44.15 64.55 6.38
N TYR F 177 -44.59 65.55 7.13
CA TYR F 177 -44.75 65.43 8.57
C TYR F 177 -46.17 65.78 8.98
N ALA F 178 -46.54 65.37 10.18
CA ALA F 178 -47.85 65.65 10.73
C ALA F 178 -47.74 65.84 12.23
N ALA F 179 -48.54 66.75 12.77
CA ALA F 179 -48.56 67.05 14.19
C ALA F 179 -49.98 67.07 14.70
N SER F 180 -50.15 66.72 15.98
CA SER F 180 -51.46 66.69 16.62
C SER F 180 -51.43 67.56 17.87
N SER F 181 -52.49 68.33 18.06
CA SER F 181 -52.61 69.22 19.21
C SER F 181 -53.95 68.99 19.90
N TYR F 182 -53.97 69.20 21.22
CA TYR F 182 -55.16 68.97 22.02
C TYR F 182 -55.38 70.15 22.95
N LEU F 183 -56.64 70.58 23.05
CA LEU F 183 -57.05 71.61 23.99
C LEU F 183 -58.20 71.07 24.83
N SER F 184 -58.00 71.03 26.14
CA SER F 184 -58.97 70.49 27.07
C SER F 184 -59.62 71.62 27.86
N LEU F 185 -60.95 71.69 27.83
CA LEU F 185 -61.70 72.72 28.51
C LEU F 185 -62.92 72.12 29.18
N THR F 186 -63.34 72.75 30.28
CA THR F 186 -64.55 72.34 30.96
C THR F 186 -65.77 72.74 30.13
N PRO F 187 -66.91 72.07 30.34
CA PRO F 187 -68.12 72.44 29.59
C PRO F 187 -68.52 73.89 29.79
N GLU F 188 -68.35 74.44 30.99
CA GLU F 188 -68.66 75.84 31.20
C GLU F 188 -67.70 76.74 30.43
N GLN F 189 -66.41 76.39 30.40
CA GLN F 189 -65.45 77.17 29.64
C GLN F 189 -65.73 77.09 28.14
N TRP F 190 -66.10 75.92 27.64
CA TRP F 190 -66.38 75.76 26.22
C TRP F 190 -67.56 76.61 25.79
N LYS F 191 -68.62 76.67 26.60
CA LYS F 191 -69.81 77.44 26.27
C LYS F 191 -69.65 78.93 26.59
N SER F 192 -68.61 79.32 27.31
CA SER F 192 -68.41 80.71 27.67
C SER F 192 -67.67 81.50 26.59
N HIS F 193 -67.25 80.85 25.51
CA HIS F 193 -66.54 81.51 24.42
C HIS F 193 -67.33 81.35 23.13
N ARG F 194 -67.42 82.42 22.35
CA ARG F 194 -68.20 82.41 21.12
C ARG F 194 -67.57 81.55 20.04
N SER F 195 -66.26 81.30 20.12
CA SER F 195 -65.55 80.52 19.11
C SER F 195 -64.19 80.12 19.67
N TYR F 196 -63.46 79.34 18.89
CA TYR F 196 -62.10 78.94 19.24
C TYR F 196 -61.27 78.83 17.97
N SER F 197 -60.06 79.35 18.00
CA SER F 197 -59.20 79.39 16.82
C SER F 197 -57.88 78.70 17.12
N CYS F 198 -57.38 77.92 16.16
CA CYS F 198 -56.09 77.26 16.25
C CYS F 198 -55.15 77.88 15.24
N GLN F 199 -53.99 78.35 15.70
CA GLN F 199 -53.02 79.01 14.86
C GLN F 199 -51.74 78.19 14.81
N VAL F 200 -51.24 77.94 13.60
CA VAL F 200 -50.04 77.14 13.38
C VAL F 200 -49.07 77.95 12.52
N THR F 201 -47.83 78.06 12.98
CA THR F 201 -46.78 78.77 12.27
C THR F 201 -45.78 77.76 11.72
N HIS F 202 -45.46 77.89 10.43
CA HIS F 202 -44.57 76.94 9.75
C HIS F 202 -43.58 77.74 8.91
N GLU F 203 -42.43 78.07 9.50
CA GLU F 203 -41.40 78.88 8.85
C GLU F 203 -41.98 80.14 8.23
N GLY F 204 -42.79 80.86 9.00
CA GLY F 204 -43.39 82.09 8.56
C GLY F 204 -44.74 81.95 7.89
N SER F 205 -45.18 80.74 7.59
CA SER F 205 -46.50 80.51 7.01
C SER F 205 -47.49 80.20 8.14
N THR F 206 -48.45 81.10 8.33
CA THR F 206 -49.42 80.98 9.40
C THR F 206 -50.78 80.60 8.82
N VAL F 207 -51.35 79.51 9.33
CA VAL F 207 -52.67 79.04 8.92
C VAL F 207 -53.58 79.09 10.13
N GLU F 208 -54.69 79.80 10.01
CA GLU F 208 -55.63 79.98 11.11
C GLU F 208 -56.99 79.43 10.71
N LYS F 209 -57.53 78.53 11.54
CA LYS F 209 -58.85 77.96 11.34
C LYS F 209 -59.73 78.32 12.53
N THR F 210 -60.91 78.85 12.25
CA THR F 210 -61.82 79.33 13.28
C THR F 210 -63.05 78.45 13.32
N VAL F 211 -63.36 77.90 14.50
CA VAL F 211 -64.56 77.11 14.71
C VAL F 211 -65.30 77.66 15.92
N ALA F 212 -66.62 77.50 15.91
CA ALA F 212 -67.48 78.04 16.95
C ALA F 212 -68.43 76.99 17.45
N PRO F 213 -68.83 77.06 18.73
CA PRO F 213 -69.84 76.12 19.24
C PRO F 213 -71.18 76.21 18.52
N THR F 214 -71.56 77.39 18.04
CA THR F 214 -72.82 77.56 17.34
C THR F 214 -72.80 76.87 15.98
N ALA G 27 17.23 11.84 55.38
CA ALA G 27 18.03 10.62 55.45
C ALA G 27 18.09 9.94 54.08
N TYR G 28 19.11 9.12 53.87
CA TYR G 28 19.28 8.43 52.60
C TYR G 28 19.90 7.06 52.84
N THR G 29 19.66 6.14 51.91
CA THR G 29 20.24 4.82 51.94
C THR G 29 20.42 4.35 50.50
N ASN G 30 21.35 3.42 50.31
CA ASN G 30 21.57 2.85 48.99
C ASN G 30 20.54 1.76 48.71
N SER G 31 20.07 1.72 47.46
CA SER G 31 19.03 0.76 47.10
C SER G 31 19.52 -0.67 47.15
N PHE G 32 20.83 -0.89 47.01
CA PHE G 32 21.44 -2.21 46.98
C PHE G 32 20.85 -2.94 45.77
N THR G 33 20.35 -4.17 45.92
CA THR G 33 19.76 -4.90 44.80
C THR G 33 18.30 -5.23 45.10
N ARG G 34 17.55 -4.24 45.59
CA ARG G 34 16.16 -4.42 46.01
C ARG G 34 15.23 -3.78 44.99
N GLY G 35 14.14 -4.47 44.66
CA GLY G 35 13.14 -3.90 43.80
C GLY G 35 13.01 -4.55 42.44
N VAL G 36 13.23 -5.86 42.38
CA VAL G 36 13.12 -6.63 41.14
C VAL G 36 11.87 -7.50 41.22
N TYR G 37 11.03 -7.43 40.18
CA TYR G 37 9.76 -8.13 40.16
C TYR G 37 9.60 -8.87 38.85
N TYR G 38 8.64 -9.79 38.82
CA TYR G 38 8.35 -10.54 37.60
C TYR G 38 7.69 -9.62 36.59
N PRO G 39 8.28 -9.42 35.41
CA PRO G 39 7.79 -8.35 34.52
C PRO G 39 6.65 -8.75 33.59
N ASP G 40 6.54 -10.03 33.22
CA ASP G 40 5.62 -10.42 32.16
C ASP G 40 4.77 -11.63 32.51
N LYS G 41 4.80 -12.10 33.75
CA LYS G 41 3.93 -13.18 34.25
C LYS G 41 3.91 -14.41 33.33
N VAL G 42 5.01 -14.66 32.63
CA VAL G 42 5.18 -15.89 31.86
C VAL G 42 6.26 -16.73 32.53
N PHE G 43 6.23 -18.02 32.24
CA PHE G 43 7.14 -18.97 32.87
C PHE G 43 8.41 -19.13 32.04
N ARG G 44 9.56 -19.01 32.71
CA ARG G 44 10.85 -19.20 32.06
C ARG G 44 11.77 -19.93 33.03
N SER G 45 12.46 -20.96 32.54
CA SER G 45 13.32 -21.79 33.37
C SER G 45 14.68 -21.90 32.73
N SER G 46 15.73 -21.68 33.53
CA SER G 46 17.12 -21.81 33.10
C SER G 46 17.40 -20.95 31.87
N VAL G 47 16.87 -19.73 31.87
CA VAL G 47 17.05 -18.80 30.77
C VAL G 47 17.42 -17.43 31.34
N LEU G 48 18.44 -16.82 30.74
CA LEU G 48 18.79 -15.43 31.04
C LEU G 48 17.98 -14.54 30.10
N HIS G 49 17.08 -13.74 30.68
CA HIS G 49 16.16 -12.92 29.90
C HIS G 49 16.50 -11.45 30.11
N SER G 50 16.56 -10.71 29.01
CA SER G 50 16.81 -9.27 29.04
C SER G 50 15.50 -8.54 28.77
N THR G 51 15.12 -7.67 29.70
CA THR G 51 13.86 -6.94 29.60
C THR G 51 14.08 -5.47 29.90
N GLN G 52 13.25 -4.62 29.32
CA GLN G 52 13.22 -3.20 29.61
C GLN G 52 11.89 -2.86 30.24
N ASP G 53 11.92 -2.26 31.42
CA ASP G 53 10.70 -1.95 32.18
C ASP G 53 11.08 -0.92 33.24
N LEU G 54 10.09 -0.40 33.94
CA LEU G 54 10.31 0.58 35.00
C LEU G 54 10.85 -0.16 36.22
N PHE G 55 12.16 -0.08 36.42
CA PHE G 55 12.83 -0.74 37.53
C PHE G 55 13.49 0.29 38.43
N LEU G 56 13.75 -0.12 39.67
CA LEU G 56 14.51 0.70 40.59
C LEU G 56 16.00 0.47 40.36
N PRO G 57 16.76 1.48 39.95
CA PRO G 57 18.18 1.26 39.66
C PRO G 57 18.95 0.80 40.88
N PHE G 58 20.00 0.01 40.64
CA PHE G 58 20.81 -0.51 41.72
C PHE G 58 21.61 0.61 42.37
N PHE G 59 21.76 0.52 43.69
CA PHE G 59 22.57 1.46 44.47
C PHE G 59 22.10 2.91 44.28
N SER G 60 20.79 3.09 44.24
CA SER G 60 20.21 4.43 44.14
C SER G 60 19.97 4.98 45.54
N ASN G 61 19.49 6.21 45.63
CA ASN G 61 19.27 6.88 46.90
C ASN G 61 17.79 6.79 47.26
N VAL G 62 17.46 5.98 48.27
CA VAL G 62 16.10 5.81 48.74
C VAL G 62 15.93 6.57 50.05
N THR G 63 14.89 7.39 50.14
CA THR G 63 14.68 8.22 51.31
C THR G 63 14.20 7.36 52.48
N TRP G 64 14.76 7.62 53.66
CA TRP G 64 14.45 6.87 54.87
C TRP G 64 13.62 7.71 55.82
N PHE G 65 12.53 7.13 56.31
CA PHE G 65 11.67 7.80 57.29
C PHE G 65 11.65 7.02 58.60
N ASN G 81 4.89 11.72 57.83
CA ASN G 81 4.12 11.24 56.69
C ASN G 81 3.79 12.39 55.74
N PRO G 82 4.81 12.89 55.03
CA PRO G 82 4.60 14.04 54.15
C PRO G 82 3.95 13.65 52.84
N VAL G 83 3.82 14.60 51.91
CA VAL G 83 3.31 14.32 50.59
C VAL G 83 4.48 13.98 49.67
N LEU G 84 4.38 12.84 48.98
CA LEU G 84 5.47 12.33 48.18
C LEU G 84 5.12 12.40 46.71
N PRO G 85 6.00 12.93 45.86
CA PRO G 85 5.69 13.04 44.43
C PRO G 85 5.77 11.70 43.70
N PHE G 86 4.69 10.94 43.73
CA PHE G 86 4.61 9.67 42.99
C PHE G 86 4.94 9.90 41.52
N ASN G 87 6.06 9.30 41.08
CA ASN G 87 6.54 9.46 39.70
C ASN G 87 6.71 8.06 39.10
N ASP G 88 5.80 7.72 38.20
CA ASP G 88 5.83 6.50 37.37
C ASP G 88 6.41 5.30 38.13
N GLY G 89 5.84 5.04 39.28
CA GLY G 89 6.23 3.90 40.09
C GLY G 89 7.02 4.31 41.32
N VAL G 90 6.70 3.67 42.44
CA VAL G 90 7.38 3.93 43.71
C VAL G 90 7.65 2.60 44.39
N TYR G 91 8.89 2.40 44.83
CA TYR G 91 9.28 1.23 45.61
C TYR G 91 9.09 1.58 47.08
N PHE G 92 8.06 1.01 47.70
CA PHE G 92 7.74 1.26 49.10
C PHE G 92 8.11 0.02 49.90
N ALA G 93 9.09 0.17 50.79
CA ALA G 93 9.54 -0.91 51.65
C ALA G 93 9.43 -0.48 53.10
N SER G 94 8.87 -1.36 53.94
CA SER G 94 8.70 -1.08 55.35
C SER G 94 9.16 -2.29 56.16
N THR G 95 9.56 -2.02 57.40
CA THR G 95 10.06 -3.05 58.30
C THR G 95 9.01 -3.35 59.37
N GLU G 96 9.37 -4.20 60.32
CA GLU G 96 8.47 -4.58 61.40
C GLU G 96 8.10 -3.37 62.26
N GLY G 103 -1.82 1.32 55.53
CA GLY G 103 -2.35 1.51 54.19
C GLY G 103 -1.74 2.69 53.46
N TRP G 104 -2.29 3.02 52.30
CA TRP G 104 -1.80 4.12 51.49
C TRP G 104 -2.98 4.81 50.81
N ILE G 105 -2.73 6.04 50.32
CA ILE G 105 -3.78 6.77 49.56
C ILE G 105 -3.15 7.31 48.27
N PHE G 106 -3.42 6.66 47.13
CA PHE G 106 -2.79 7.07 45.86
C PHE G 106 -3.77 7.92 45.04
N GLY G 107 -3.50 9.23 44.93
CA GLY G 107 -4.38 10.12 44.14
C GLY G 107 -3.56 11.14 43.35
N THR G 108 -4.23 12.08 42.68
CA THR G 108 -3.52 13.13 41.92
C THR G 108 -4.06 14.51 42.34
N THR G 109 -5.07 14.54 43.21
CA THR G 109 -5.71 15.82 43.60
C THR G 109 -5.81 15.92 45.13
N LEU G 110 -4.80 15.44 45.86
CA LEU G 110 -4.78 15.57 47.34
C LEU G 110 -6.02 14.90 47.95
N ASP G 111 -6.84 15.65 48.70
CA ASP G 111 -7.99 15.05 49.42
C ASP G 111 -9.31 15.62 48.91
N SER G 112 -10.39 14.84 48.98
CA SER G 112 -11.74 15.34 48.60
C SER G 112 -11.66 16.12 47.28
N LYS G 113 -11.00 15.54 46.27
CA LYS G 113 -10.88 16.21 44.95
C LYS G 113 -10.76 15.15 43.85
N THR G 114 -11.42 15.36 42.71
CA THR G 114 -11.33 14.40 41.58
C THR G 114 -11.50 12.97 42.13
N GLN G 115 -10.50 12.12 41.92
CA GLN G 115 -10.58 10.71 42.40
C GLN G 115 -9.29 10.36 43.15
N SER G 116 -9.42 9.92 44.41
CA SER G 116 -8.22 9.50 45.19
C SER G 116 -8.33 8.01 45.52
N LEU G 117 -7.39 7.21 45.00
CA LEU G 117 -7.41 5.75 45.28
C LEU G 117 -6.75 5.49 46.64
N LEU G 118 -7.21 4.48 47.37
CA LEU G 118 -6.60 4.11 48.64
C LEU G 118 -6.78 2.63 48.88
N ILE G 119 -5.87 2.07 49.68
CA ILE G 119 -5.92 0.67 50.09
C ILE G 119 -5.73 0.63 51.60
N VAL G 120 -6.62 -0.08 52.30
CA VAL G 120 -6.58 -0.17 53.75
C VAL G 120 -6.54 -1.63 54.15
N ASN G 121 -5.57 -1.99 54.98
CA ASN G 121 -5.46 -3.36 55.48
C ASN G 121 -6.08 -3.49 56.86
N ASN G 125 -8.83 -8.58 57.27
CA ASN G 125 -9.22 -8.32 55.90
C ASN G 125 -8.48 -7.12 55.32
N VAL G 126 -8.45 -7.01 54.00
CA VAL G 126 -7.86 -5.89 53.29
C VAL G 126 -8.95 -5.25 52.43
N VAL G 127 -9.04 -3.92 52.48
CA VAL G 127 -10.11 -3.18 51.81
C VAL G 127 -9.49 -2.25 50.78
N ILE G 128 -10.01 -2.30 49.56
CA ILE G 128 -9.58 -1.43 48.47
C ILE G 128 -10.81 -0.70 47.95
N LYS G 129 -10.70 0.62 47.82
CA LYS G 129 -11.78 1.44 47.27
C LYS G 129 -11.18 2.67 46.62
N VAL G 130 -11.92 3.24 45.69
CA VAL G 130 -11.52 4.46 45.00
C VAL G 130 -12.54 5.55 45.35
N CYS G 131 -12.25 6.29 46.41
CA CYS G 131 -13.15 7.33 46.88
C CYS G 131 -12.32 8.48 47.46
N GLU G 132 -12.71 9.70 47.12
CA GLU G 132 -12.12 10.90 47.68
C GLU G 132 -13.07 11.43 48.75
N PHE G 133 -12.53 11.72 49.93
CA PHE G 133 -13.36 12.16 51.05
C PHE G 133 -12.47 12.81 52.09
N GLN G 134 -13.00 13.01 53.29
CA GLN G 134 -12.36 13.80 54.33
C GLN G 134 -11.15 13.03 54.86
N PHE G 135 -10.03 13.17 54.14
CA PHE G 135 -8.77 12.62 54.60
C PHE G 135 -8.26 13.36 55.85
N CYS G 136 -8.56 14.65 55.95
CA CYS G 136 -8.10 15.51 57.05
C CYS G 136 -6.57 15.58 57.02
N ASN G 137 -5.88 15.31 58.12
CA ASN G 137 -4.42 15.31 58.14
C ASN G 137 -3.99 14.11 58.98
N ASP G 138 -3.12 13.29 58.40
CA ASP G 138 -2.60 12.07 59.02
C ASP G 138 -3.73 11.20 59.56
N PRO G 139 -4.48 10.53 58.68
CA PRO G 139 -5.56 9.63 59.16
C PRO G 139 -5.01 8.52 60.03
N PHE G 140 -5.92 7.82 60.69
CA PHE G 140 -5.56 6.80 61.66
C PHE G 140 -6.50 5.61 61.51
N LEU G 141 -6.04 4.46 61.99
CA LEU G 141 -6.85 3.24 61.97
C LEU G 141 -7.44 2.98 63.35
N ARG G 158 -10.58 4.33 63.21
CA ARG G 158 -10.78 4.43 61.77
C ARG G 158 -11.79 5.52 61.42
N VAL G 159 -11.33 6.57 60.76
CA VAL G 159 -12.19 7.66 60.31
C VAL G 159 -12.07 7.75 58.79
N TYR G 160 -13.21 7.68 58.11
CA TYR G 160 -13.26 7.67 56.65
C TYR G 160 -14.60 8.25 56.21
N SER G 161 -14.87 8.17 54.91
CA SER G 161 -16.14 8.58 54.33
C SER G 161 -16.26 8.02 52.92
N SER G 162 -17.29 8.40 52.18
CA SER G 162 -17.49 7.86 50.84
C SER G 162 -17.65 8.94 49.78
N ALA G 163 -18.34 10.03 50.14
CA ALA G 163 -18.66 11.14 49.25
C ALA G 163 -19.51 10.73 48.05
N ASN G 164 -19.97 9.48 48.01
CA ASN G 164 -20.97 9.01 47.05
C ASN G 164 -20.51 9.14 45.59
N ASN G 165 -19.21 9.08 45.34
CA ASN G 165 -18.66 9.10 43.99
C ASN G 165 -17.82 7.85 43.71
N CYS G 166 -17.94 6.83 44.56
CA CYS G 166 -17.11 5.64 44.43
C CYS G 166 -17.53 4.84 43.20
N THR G 167 -16.54 4.29 42.51
CA THR G 167 -16.78 3.52 41.29
C THR G 167 -16.09 2.16 41.31
N PHE G 168 -15.51 1.75 42.43
CA PHE G 168 -14.89 0.44 42.55
C PHE G 168 -14.84 0.05 44.01
N GLU G 169 -14.69 -1.25 44.25
CA GLU G 169 -14.61 -1.78 45.61
C GLU G 169 -14.00 -3.18 45.54
N TYR G 170 -13.15 -3.50 46.50
CA TYR G 170 -12.51 -4.80 46.55
C TYR G 170 -12.14 -5.12 47.98
N VAL G 171 -12.70 -6.21 48.51
CA VAL G 171 -12.40 -6.70 49.85
C VAL G 171 -11.95 -8.15 49.72
N SER G 172 -10.78 -8.46 50.29
CA SER G 172 -10.22 -9.80 50.22
C SER G 172 -9.39 -10.04 51.48
N GLN G 173 -8.56 -11.07 51.45
CA GLN G 173 -7.69 -11.39 52.58
C GLN G 173 -6.24 -11.41 52.16
N ASN G 188 10.58 -8.86 60.22
CA ASN G 188 9.63 -8.81 59.11
C ASN G 188 9.99 -7.65 58.19
N LEU G 189 10.09 -7.95 56.89
CA LEU G 189 10.36 -6.96 55.86
C LEU G 189 9.27 -7.05 54.80
N ARG G 190 8.60 -5.93 54.54
CA ARG G 190 7.57 -5.86 53.52
C ARG G 190 8.02 -4.90 52.43
N GLU G 191 8.02 -5.38 51.18
CA GLU G 191 8.40 -4.57 50.03
C GLU G 191 7.24 -4.54 49.05
N PHE G 192 6.97 -3.35 48.50
CA PHE G 192 5.86 -3.16 47.58
C PHE G 192 6.27 -2.27 46.43
N VAL G 193 5.70 -2.54 45.26
CA VAL G 193 5.90 -1.73 44.07
C VAL G 193 4.53 -1.35 43.53
N PHE G 194 4.29 -0.05 43.40
CA PHE G 194 3.03 0.47 42.88
C PHE G 194 3.29 1.08 41.51
N LYS G 195 2.71 0.48 40.47
CA LYS G 195 2.91 0.91 39.10
C LYS G 195 1.56 1.20 38.46
N ASN G 196 1.43 2.39 37.88
CA ASN G 196 0.19 2.83 37.25
C ASN G 196 0.45 3.01 35.76
N ILE G 197 0.08 2.00 34.97
CA ILE G 197 0.35 1.99 33.53
C ILE G 197 -0.91 1.52 32.81
N ASP G 198 -1.31 2.27 31.78
CA ASP G 198 -2.40 1.88 30.88
C ASP G 198 -3.68 1.55 31.64
N GLY G 199 -3.96 2.33 32.69
CA GLY G 199 -5.16 2.13 33.47
C GLY G 199 -5.12 0.96 34.42
N TYR G 200 -3.99 0.28 34.55
CA TYR G 200 -3.81 -0.83 35.48
C TYR G 200 -2.94 -0.37 36.64
N PHE G 201 -3.41 -0.59 37.86
CA PHE G 201 -2.64 -0.30 39.07
C PHE G 201 -2.15 -1.62 39.64
N LYS G 202 -0.95 -2.02 39.23
CA LYS G 202 -0.39 -3.30 39.64
C LYS G 202 0.43 -3.12 40.91
N ILE G 203 0.27 -4.05 41.85
CA ILE G 203 0.98 -4.03 43.12
C ILE G 203 1.74 -5.35 43.26
N TYR G 204 3.04 -5.25 43.53
CA TYR G 204 3.89 -6.42 43.73
C TYR G 204 4.36 -6.45 45.18
N SER G 205 4.41 -7.65 45.75
CA SER G 205 4.71 -7.79 47.17
C SER G 205 5.58 -9.01 47.40
N LYS G 206 6.28 -9.00 48.54
CA LYS G 206 7.09 -10.13 48.98
C LYS G 206 7.25 -10.05 50.49
N HIS G 207 7.13 -11.20 51.16
CA HIS G 207 7.23 -11.30 52.61
C HIS G 207 8.50 -12.08 52.94
N THR G 208 9.61 -11.35 53.10
CA THR G 208 10.89 -11.98 53.40
C THR G 208 11.27 -11.72 54.85
N PRO G 209 11.48 -12.75 55.65
CA PRO G 209 11.91 -12.52 57.05
C PRO G 209 13.33 -11.97 57.11
N ILE G 210 13.59 -11.20 58.15
CA ILE G 210 14.92 -10.63 58.39
C ILE G 210 15.21 -10.52 59.88
N LEU G 216 18.28 -2.17 55.14
CA LEU G 216 18.17 -2.80 53.83
C LEU G 216 19.34 -3.74 53.58
N PRO G 217 19.08 -5.04 53.56
CA PRO G 217 20.17 -6.02 53.40
C PRO G 217 20.75 -6.05 51.99
N GLN G 218 21.76 -6.88 51.79
CA GLN G 218 22.46 -6.99 50.51
C GLN G 218 21.91 -8.10 49.63
N GLY G 219 20.90 -8.84 50.09
CA GLY G 219 20.42 -9.99 49.37
C GLY G 219 19.57 -9.62 48.16
N PHE G 220 19.12 -10.66 47.47
CA PHE G 220 18.29 -10.51 46.28
C PHE G 220 16.99 -11.28 46.47
N SER G 221 15.87 -10.63 46.16
CA SER G 221 14.56 -11.26 46.26
C SER G 221 13.64 -10.69 45.20
N ALA G 222 12.77 -11.53 44.66
CA ALA G 222 11.85 -11.14 43.61
C ALA G 222 10.47 -10.84 44.20
N LEU G 223 9.76 -9.91 43.57
CA LEU G 223 8.46 -9.44 44.05
C LEU G 223 7.37 -10.05 43.17
N GLU G 224 6.63 -11.01 43.73
CA GLU G 224 5.52 -11.61 42.99
C GLU G 224 4.39 -10.61 42.85
N PRO G 225 3.64 -10.64 41.75
CA PRO G 225 2.46 -9.79 41.62
C PRO G 225 1.41 -10.16 42.66
N LEU G 226 0.68 -9.16 43.14
CA LEU G 226 -0.32 -9.35 44.17
C LEU G 226 -1.74 -9.09 43.70
N VAL G 227 -2.00 -7.91 43.14
CA VAL G 227 -3.33 -7.53 42.68
C VAL G 227 -3.20 -6.75 41.38
N ASP G 228 -4.22 -6.87 40.53
CA ASP G 228 -4.25 -6.18 39.25
C ASP G 228 -5.01 -4.86 39.29
N LEU G 229 -6.19 -4.84 39.91
CA LEU G 229 -7.03 -3.66 40.04
C LEU G 229 -7.24 -3.05 38.66
N PRO G 230 -8.07 -3.67 37.82
CA PRO G 230 -8.12 -3.30 36.40
C PRO G 230 -8.85 -2.01 36.07
N ILE G 231 -9.11 -1.15 37.05
CA ILE G 231 -9.83 0.10 36.76
C ILE G 231 -8.84 1.26 36.58
N GLY G 232 -8.08 1.59 37.63
CA GLY G 232 -7.05 2.60 37.52
C GLY G 232 -7.55 4.02 37.42
N ILE G 233 -6.79 4.97 37.98
CA ILE G 233 -7.09 6.39 37.91
C ILE G 233 -5.77 7.16 37.77
N ASN G 234 -5.88 8.47 37.59
CA ASN G 234 -4.71 9.33 37.48
C ASN G 234 -4.14 9.56 38.87
N ILE G 235 -2.86 9.23 39.05
CA ILE G 235 -2.19 9.31 40.35
C ILE G 235 -0.88 10.06 40.17
N THR G 236 -0.64 11.04 41.05
CA THR G 236 0.57 11.84 41.03
C THR G 236 1.25 11.96 42.38
N ARG G 237 0.52 11.89 43.49
CA ARG G 237 1.09 11.99 44.83
C ARG G 237 0.45 10.93 45.71
N PHE G 238 1.09 10.64 46.84
CA PHE G 238 0.57 9.60 47.72
C PHE G 238 0.99 9.86 49.16
N GLN G 239 0.42 9.07 50.07
CA GLN G 239 0.54 9.26 51.52
C GLN G 239 0.86 7.91 52.16
N THR G 240 0.77 7.85 53.49
CA THR G 240 0.98 6.61 54.22
C THR G 240 0.23 6.70 55.55
N LEU G 241 -0.38 5.58 55.94
CA LEU G 241 -1.17 5.50 57.16
C LEU G 241 -0.50 4.57 58.17
N LEU G 242 -0.57 4.95 59.45
CA LEU G 242 -0.02 4.16 60.53
C LEU G 242 -1.10 3.92 61.58
N ALA G 243 -0.94 2.83 62.33
CA ALA G 243 -1.93 2.41 63.31
C ALA G 243 -1.24 2.08 64.63
N LEU G 244 -2.06 1.90 65.67
CA LEU G 244 -1.59 1.54 67.00
C LEU G 244 -2.36 0.33 67.49
N HIS G 245 -1.70 -0.48 68.33
CA HIS G 245 -2.30 -1.72 68.81
C HIS G 245 -3.49 -1.44 69.71
N ARG G 246 -3.26 -0.75 70.83
CA ARG G 246 -4.30 -0.50 71.83
C ARG G 246 -4.11 0.91 72.36
N SER G 247 -4.87 1.86 71.80
CA SER G 247 -4.81 3.26 72.23
C SER G 247 -6.15 3.92 71.90
N TYR G 248 -6.22 5.22 72.13
CA TYR G 248 -7.45 5.96 71.84
C TYR G 248 -7.67 6.06 70.34
N LEU G 249 -8.94 6.10 69.96
CA LEU G 249 -9.35 6.22 68.56
C LEU G 249 -9.72 7.65 68.18
N THR G 250 -9.04 8.63 68.77
CA THR G 250 -9.35 10.03 68.48
C THR G 250 -8.98 10.36 67.03
N PRO G 251 -9.89 10.92 66.24
CA PRO G 251 -9.59 11.24 64.84
C PRO G 251 -9.00 12.62 64.60
N GLY G 252 -8.52 13.31 65.64
CA GLY G 252 -8.03 14.66 65.45
C GLY G 252 -6.59 14.88 65.88
N ASP G 253 -6.07 13.99 66.73
CA ASP G 253 -4.70 14.15 67.22
C ASP G 253 -3.69 13.87 66.11
N SER G 254 -2.55 14.55 66.19
CA SER G 254 -1.48 14.41 65.21
C SER G 254 -0.30 13.61 65.75
N SER G 255 0.11 13.84 66.99
CA SER G 255 1.24 13.15 67.57
C SER G 255 0.89 12.28 68.77
N SER G 256 -0.36 12.35 69.24
CA SER G 256 -0.75 11.56 70.41
C SER G 256 -0.76 10.08 70.09
N GLY G 257 -0.39 9.27 71.08
CA GLY G 257 -0.35 7.83 70.91
C GLY G 257 0.90 7.20 71.49
N TRP G 258 1.24 6.00 71.01
CA TRP G 258 2.43 5.32 71.49
C TRP G 258 3.70 6.00 70.99
N THR G 259 4.74 5.91 71.79
CA THR G 259 6.03 6.50 71.45
C THR G 259 7.12 5.43 71.39
N ALA G 263 8.34 2.40 63.65
CA ALA G 263 7.93 2.05 62.30
C ALA G 263 8.51 3.00 61.27
N ALA G 264 9.61 2.58 60.64
CA ALA G 264 10.29 3.38 59.63
C ALA G 264 10.21 2.65 58.29
N TYR G 265 9.95 3.40 57.23
CA TYR G 265 9.80 2.83 55.90
C TYR G 265 10.63 3.63 54.89
N TYR G 266 10.98 2.97 53.80
CA TYR G 266 11.82 3.55 52.76
C TYR G 266 11.02 3.75 51.49
N VAL G 267 11.39 4.76 50.71
CA VAL G 267 10.70 5.10 49.47
C VAL G 267 11.73 5.23 48.35
N GLY G 268 11.50 4.51 47.25
CA GLY G 268 12.34 4.61 46.08
C GLY G 268 11.48 4.80 44.85
N TYR G 269 12.09 5.42 43.83
CA TYR G 269 11.40 5.78 42.60
C TYR G 269 11.85 4.90 41.46
N LEU G 270 10.88 4.34 40.72
CA LEU G 270 11.20 3.49 39.58
C LEU G 270 11.64 4.35 38.39
N GLN G 271 12.48 3.75 37.54
CA GLN G 271 13.01 4.41 36.37
C GLN G 271 13.03 3.43 35.21
N PRO G 272 12.96 3.92 33.96
CA PRO G 272 13.00 3.00 32.82
C PRO G 272 14.38 2.43 32.57
N ARG G 273 14.75 1.41 33.34
CA ARG G 273 16.07 0.81 33.27
C ARG G 273 15.98 -0.57 32.64
N THR G 274 17.08 -1.00 32.02
CA THR G 274 17.15 -2.30 31.38
C THR G 274 17.80 -3.30 32.32
N PHE G 275 17.19 -4.47 32.46
CA PHE G 275 17.64 -5.49 33.38
C PHE G 275 17.88 -6.81 32.63
N LEU G 276 18.78 -7.62 33.18
CA LEU G 276 19.08 -8.94 32.67
C LEU G 276 18.80 -9.93 33.78
N LEU G 277 17.63 -10.57 33.74
CA LEU G 277 17.17 -11.44 34.81
C LEU G 277 17.61 -12.88 34.57
N LYS G 278 17.88 -13.58 35.67
CA LYS G 278 18.33 -14.97 35.63
C LYS G 278 17.27 -15.86 36.27
N TYR G 279 16.69 -16.74 35.47
CA TYR G 279 15.71 -17.71 35.95
C TYR G 279 16.42 -19.04 36.16
N ASN G 280 16.20 -19.66 37.32
CA ASN G 280 16.80 -20.95 37.61
C ASN G 280 15.91 -22.06 37.06
N GLU G 281 16.19 -23.31 37.46
CA GLU G 281 15.44 -24.44 36.96
C GLU G 281 13.99 -24.45 37.44
N ASN G 282 13.69 -23.81 38.57
CA ASN G 282 12.34 -23.75 39.09
C ASN G 282 11.56 -22.54 38.60
N GLY G 283 12.16 -21.70 37.76
CA GLY G 283 11.49 -20.52 37.28
C GLY G 283 11.54 -19.32 38.20
N THR G 284 12.33 -19.37 39.26
CA THR G 284 12.43 -18.27 40.21
C THR G 284 13.62 -17.39 39.85
N ILE G 285 13.39 -16.09 39.75
CA ILE G 285 14.45 -15.14 39.44
C ILE G 285 15.47 -15.14 40.58
N THR G 286 16.69 -15.57 40.28
CA THR G 286 17.72 -15.71 41.29
C THR G 286 18.69 -14.53 41.33
N ASP G 287 19.00 -13.93 40.19
CA ASP G 287 19.88 -12.78 40.16
C ASP G 287 19.53 -11.91 38.97
N ALA G 288 19.90 -10.63 39.06
CA ALA G 288 19.62 -9.67 38.01
C ALA G 288 20.79 -8.71 37.89
N VAL G 289 20.99 -8.17 36.69
CA VAL G 289 22.09 -7.26 36.40
C VAL G 289 21.52 -5.99 35.80
N ASP G 290 21.89 -4.85 36.36
CA ASP G 290 21.45 -3.55 35.86
C ASP G 290 22.38 -3.12 34.72
N CYS G 291 21.82 -2.98 33.52
CA CYS G 291 22.63 -2.77 32.33
C CYS G 291 23.38 -1.45 32.39
N ALA G 292 22.67 -0.36 32.66
CA ALA G 292 23.26 0.98 32.62
C ALA G 292 23.72 1.42 34.01
N LEU G 293 24.61 0.62 34.60
CA LEU G 293 25.16 0.94 35.92
C LEU G 293 26.66 1.12 35.88
N ASP G 294 27.40 0.16 35.35
CA ASP G 294 28.85 0.19 35.28
C ASP G 294 29.28 -0.32 33.91
N PRO G 295 30.49 0.03 33.47
CA PRO G 295 31.01 -0.56 32.22
C PRO G 295 31.04 -2.08 32.25
N LEU G 296 31.38 -2.67 33.40
CA LEU G 296 31.35 -4.12 33.52
C LEU G 296 29.92 -4.65 33.40
N SER G 297 28.95 -3.93 33.98
CA SER G 297 27.55 -4.32 33.85
C SER G 297 27.10 -4.22 32.40
N GLU G 298 27.53 -3.18 31.69
CA GLU G 298 27.20 -3.07 30.27
C GLU G 298 27.80 -4.22 29.48
N THR G 299 29.04 -4.61 29.80
CA THR G 299 29.65 -5.76 29.14
C THR G 299 28.86 -7.04 29.41
N LYS G 300 28.45 -7.24 30.66
CA LYS G 300 27.66 -8.43 30.99
C LYS G 300 26.35 -8.44 30.24
N CYS G 301 25.69 -7.28 30.13
CA CYS G 301 24.43 -7.21 29.39
C CYS G 301 24.64 -7.49 27.91
N THR G 302 25.72 -6.96 27.33
CA THR G 302 26.00 -7.19 25.93
C THR G 302 26.29 -8.66 25.64
N LEU G 303 27.11 -9.29 26.48
CA LEU G 303 27.41 -10.70 26.31
C LEU G 303 26.23 -11.60 26.66
N LYS G 304 25.23 -11.07 27.37
CA LYS G 304 24.09 -11.84 27.87
C LYS G 304 24.57 -13.02 28.72
N SER G 305 25.55 -12.75 29.57
CA SER G 305 26.08 -13.75 30.49
C SER G 305 26.59 -13.05 31.74
N PHE G 306 26.69 -13.82 32.83
CA PHE G 306 27.09 -13.28 34.12
C PHE G 306 28.59 -13.43 34.39
N THR G 307 29.35 -13.98 33.44
CA THR G 307 30.79 -14.16 33.60
C THR G 307 31.48 -13.66 32.35
N VAL G 308 32.50 -12.82 32.53
CA VAL G 308 33.21 -12.17 31.44
C VAL G 308 34.65 -12.67 31.44
N GLU G 309 35.08 -13.19 30.29
CA GLU G 309 36.45 -13.67 30.15
C GLU G 309 37.39 -12.51 29.86
N LYS G 310 38.68 -12.79 29.93
CA LYS G 310 39.69 -11.78 29.66
C LYS G 310 39.67 -11.38 28.19
N GLY G 311 39.77 -10.08 27.94
CA GLY G 311 39.82 -9.56 26.59
C GLY G 311 39.15 -8.20 26.52
N ILE G 312 39.07 -7.67 25.30
CA ILE G 312 38.43 -6.39 25.03
C ILE G 312 37.08 -6.66 24.37
N TYR G 313 36.03 -6.04 24.91
CA TYR G 313 34.68 -6.19 24.40
C TYR G 313 34.14 -4.82 24.02
N GLN G 314 33.54 -4.72 22.84
CA GLN G 314 32.91 -3.49 22.39
C GLN G 314 31.46 -3.49 22.85
N THR G 315 31.10 -2.52 23.70
CA THR G 315 29.81 -2.52 24.36
C THR G 315 28.79 -1.62 23.67
N SER G 316 29.13 -0.34 23.49
CA SER G 316 28.18 0.61 22.93
C SER G 316 28.96 1.67 22.15
N ASN G 317 28.30 2.77 21.83
CA ASN G 317 28.90 3.88 21.10
C ASN G 317 28.83 5.15 21.93
N PHE G 318 29.65 6.12 21.56
CA PHE G 318 29.74 7.40 22.25
C PHE G 318 29.41 8.51 21.28
N ARG G 319 28.55 9.44 21.69
CA ARG G 319 28.16 10.57 20.88
C ARG G 319 28.12 11.82 21.73
N VAL G 320 28.63 12.93 21.18
CA VAL G 320 28.57 14.22 21.86
C VAL G 320 27.20 14.82 21.60
N GLN G 321 26.37 14.89 22.63
CA GLN G 321 25.01 15.39 22.46
C GLN G 321 25.01 16.89 22.17
N PRO G 322 24.07 17.36 21.36
CA PRO G 322 24.00 18.79 21.08
C PRO G 322 23.67 19.60 22.33
N THR G 323 24.22 20.81 22.39
CA THR G 323 24.03 21.68 23.54
C THR G 323 23.01 22.80 23.31
N GLU G 324 22.69 23.12 22.06
CA GLU G 324 21.80 24.21 21.76
C GLU G 324 21.17 23.99 20.39
N SER G 325 20.06 24.69 20.14
CA SER G 325 19.38 24.66 18.86
C SER G 325 19.27 26.08 18.32
N ILE G 326 19.66 26.28 17.06
CA ILE G 326 19.63 27.58 16.42
C ILE G 326 18.80 27.48 15.16
N VAL G 327 18.19 28.60 14.77
CA VAL G 327 17.39 28.68 13.55
C VAL G 327 17.80 29.95 12.81
N ARG G 328 17.96 29.84 11.49
CA ARG G 328 18.41 30.95 10.65
C ARG G 328 17.49 31.04 9.44
N PHE G 329 16.52 31.94 9.49
CA PHE G 329 15.60 32.17 8.40
C PHE G 329 15.84 33.54 7.79
N PRO G 330 15.60 33.71 6.49
CA PRO G 330 15.76 35.03 5.88
C PRO G 330 14.75 36.02 6.42
N ASN G 331 15.16 37.29 6.44
CA ASN G 331 14.30 38.37 6.92
C ASN G 331 13.50 38.93 5.76
N ILE G 332 12.19 38.71 5.78
CA ILE G 332 11.30 39.22 4.74
C ILE G 332 10.24 40.10 5.40
N THR G 333 9.49 39.51 6.34
CA THR G 333 8.52 40.22 7.18
C THR G 333 7.46 40.94 6.33
N ASN G 334 6.75 40.15 5.53
CA ASN G 334 5.54 40.63 4.88
C ASN G 334 4.65 39.44 4.55
N LEU G 335 3.37 39.55 4.85
CA LEU G 335 2.44 38.46 4.57
C LEU G 335 2.06 38.48 3.09
N CYS G 336 2.36 37.39 2.41
CA CYS G 336 1.95 37.39 1.01
C CYS G 336 0.49 36.95 0.87
N PRO G 337 -0.19 37.42 -0.18
CA PRO G 337 -1.66 37.43 -0.15
C PRO G 337 -2.31 36.10 -0.44
N PHE G 338 -2.46 35.26 0.59
CA PHE G 338 -3.39 34.14 0.47
C PHE G 338 -4.84 34.62 0.54
N GLY G 339 -5.06 35.79 1.13
CA GLY G 339 -6.42 36.28 1.28
C GLY G 339 -7.10 36.56 -0.04
N GLU G 340 -6.39 37.19 -0.98
CA GLU G 340 -7.02 37.57 -2.24
C GLU G 340 -7.20 36.39 -3.17
N VAL G 341 -6.49 35.28 -2.93
CA VAL G 341 -6.72 34.06 -3.70
C VAL G 341 -8.06 33.44 -3.32
N PHE G 342 -8.41 33.48 -2.03
CA PHE G 342 -9.59 32.78 -1.54
C PHE G 342 -10.85 33.63 -1.55
N ASN G 343 -10.74 34.95 -1.36
CA ASN G 343 -11.91 35.82 -1.27
C ASN G 343 -12.24 36.47 -2.61
N ALA G 344 -11.70 35.94 -3.71
CA ALA G 344 -11.98 36.51 -5.02
C ALA G 344 -13.47 36.42 -5.34
N THR G 345 -13.99 37.47 -5.97
CA THR G 345 -15.42 37.55 -6.23
C THR G 345 -15.87 36.61 -7.34
N ARG G 346 -14.94 36.06 -8.13
CA ARG G 346 -15.32 35.22 -9.26
C ARG G 346 -14.15 34.29 -9.58
N PHE G 347 -14.33 33.00 -9.33
CA PHE G 347 -13.32 32.03 -9.72
C PHE G 347 -13.48 31.67 -11.19
N ALA G 348 -12.52 30.89 -11.69
CA ALA G 348 -12.50 30.50 -13.09
C ALA G 348 -13.19 29.15 -13.28
N SER G 349 -13.43 28.80 -14.54
CA SER G 349 -14.02 27.52 -14.88
C SER G 349 -13.02 26.41 -14.59
N VAL G 350 -13.50 25.15 -14.70
CA VAL G 350 -12.62 24.01 -14.45
C VAL G 350 -11.45 24.03 -15.42
N TYR G 351 -11.75 24.16 -16.72
CA TYR G 351 -10.74 24.47 -17.71
C TYR G 351 -10.38 25.95 -17.60
N ALA G 352 -9.23 26.30 -18.17
CA ALA G 352 -8.68 27.66 -18.04
C ALA G 352 -8.57 28.07 -16.58
N TRP G 353 -8.10 27.15 -15.74
CA TRP G 353 -7.96 27.42 -14.32
C TRP G 353 -6.88 28.46 -14.07
N ASN G 354 -7.08 29.26 -13.04
CA ASN G 354 -6.12 30.31 -12.71
C ASN G 354 -4.82 29.71 -12.18
N ARG G 355 -3.74 30.47 -12.38
CA ARG G 355 -2.40 30.05 -11.94
C ARG G 355 -1.69 31.30 -11.43
N LYS G 356 -1.52 31.39 -10.11
CA LYS G 356 -0.90 32.55 -9.49
C LYS G 356 0.41 32.12 -8.83
N ARG G 357 1.46 32.91 -9.03
CA ARG G 357 2.77 32.62 -8.48
C ARG G 357 2.99 33.44 -7.21
N ILE G 358 3.46 32.77 -6.16
CA ILE G 358 3.70 33.40 -4.87
C ILE G 358 5.15 33.16 -4.47
N SER G 359 5.87 34.24 -4.19
CA SER G 359 7.27 34.15 -3.82
C SER G 359 7.66 35.37 -2.98
N ASN G 360 8.77 35.23 -2.26
CA ASN G 360 9.37 36.30 -1.47
C ASN G 360 8.37 36.87 -0.45
N CYS G 361 7.97 36.01 0.48
CA CYS G 361 7.02 36.41 1.50
C CYS G 361 7.22 35.57 2.75
N VAL G 362 6.56 35.99 3.82
CA VAL G 362 6.40 35.18 5.02
C VAL G 362 5.00 34.60 4.95
N ALA G 363 4.92 33.27 4.79
CA ALA G 363 3.65 32.60 4.58
C ALA G 363 3.18 31.94 5.87
N ASP G 364 1.95 32.24 6.28
CA ASP G 364 1.33 31.63 7.44
C ASP G 364 0.24 30.69 6.93
N TYR G 365 0.38 29.40 7.25
CA TYR G 365 -0.59 28.40 6.83
C TYR G 365 -1.57 28.05 7.93
N SER G 366 -1.38 28.56 9.14
CA SER G 366 -2.34 28.32 10.22
C SER G 366 -3.64 29.08 10.02
N VAL G 367 -3.61 30.17 9.25
CA VAL G 367 -4.85 30.91 9.00
C VAL G 367 -5.79 30.10 8.12
N LEU G 368 -5.23 29.38 7.16
CA LEU G 368 -6.08 28.60 6.21
C LEU G 368 -6.61 27.36 6.92
N TYR G 369 -5.75 26.63 7.63
CA TYR G 369 -6.18 25.36 8.28
C TYR G 369 -7.24 25.66 9.35
N ASN G 370 -7.08 26.76 10.08
CA ASN G 370 -8.01 27.11 11.19
C ASN G 370 -9.34 27.59 10.61
N SER G 371 -9.38 27.94 9.32
CA SER G 371 -10.63 28.38 8.68
C SER G 371 -11.68 27.27 8.80
N ALA G 372 -12.91 27.61 9.21
CA ALA G 372 -13.96 26.59 9.41
C ALA G 372 -14.66 26.28 8.08
N SER G 373 -14.72 27.27 7.18
CA SER G 373 -15.45 27.08 5.89
C SER G 373 -14.85 25.90 5.12
N PHE G 374 -13.52 25.86 4.99
CA PHE G 374 -12.85 24.79 4.22
C PHE G 374 -13.46 23.43 4.62
N SER G 375 -14.06 22.73 3.66
CA SER G 375 -14.76 21.46 3.98
C SER G 375 -13.64 20.44 3.80
N THR G 376 -12.82 20.59 2.75
CA THR G 376 -11.71 19.64 2.49
C THR G 376 -10.37 20.37 2.60
N PHE G 377 -9.37 19.73 3.21
CA PHE G 377 -8.02 20.34 3.31
C PHE G 377 -6.96 19.22 3.21
N LYS G 378 -7.15 18.29 2.27
CA LYS G 378 -6.20 17.19 2.13
C LYS G 378 -4.82 17.71 1.75
N CYS G 379 -3.79 17.14 2.37
CA CYS G 379 -2.41 17.50 2.10
C CYS G 379 -1.65 16.25 1.70
N TYR G 380 -0.95 16.32 0.56
CA TYR G 380 -0.20 15.18 0.03
C TYR G 380 1.29 15.52 0.05
N GLY G 381 2.09 14.64 0.63
CA GLY G 381 3.52 14.82 0.68
C GLY G 381 4.00 15.72 1.80
N VAL G 382 3.11 16.28 2.61
CA VAL G 382 3.48 17.18 3.68
C VAL G 382 2.40 17.11 4.76
N SER G 383 2.80 17.36 6.00
CA SER G 383 1.88 17.36 7.13
C SER G 383 1.31 18.75 7.32
N PRO G 384 -0.01 18.91 7.39
CA PRO G 384 -0.58 20.25 7.54
C PRO G 384 -0.13 20.97 8.78
N THR G 385 0.09 20.25 9.88
CA THR G 385 0.59 20.88 11.09
C THR G 385 2.06 21.30 10.94
N LYS G 386 2.85 20.51 10.21
CA LYS G 386 4.26 20.82 9.98
C LYS G 386 4.45 21.61 8.70
N LEU G 387 3.72 22.72 8.56
CA LEU G 387 3.85 23.58 7.40
C LEU G 387 4.42 24.95 7.72
N ASN G 388 4.35 25.39 8.97
CA ASN G 388 4.95 26.65 9.38
C ASN G 388 6.44 26.54 9.64
N ASP G 389 7.00 25.33 9.59
CA ASP G 389 8.40 25.09 9.89
C ASP G 389 9.25 24.88 8.64
N LEU G 390 8.67 24.96 7.46
CA LEU G 390 9.35 24.61 6.21
C LEU G 390 9.70 25.87 5.43
N CYS G 391 10.36 25.66 4.30
CA CYS G 391 10.74 26.76 3.41
C CYS G 391 10.69 26.24 1.98
N PHE G 392 10.01 26.98 1.10
CA PHE G 392 9.84 26.59 -0.28
C PHE G 392 10.31 27.71 -1.20
N THR G 393 10.65 27.33 -2.44
CA THR G 393 11.14 28.28 -3.42
C THR G 393 10.01 29.00 -4.14
N ASN G 394 8.99 28.27 -4.57
CA ASN G 394 7.85 28.85 -5.26
C ASN G 394 6.59 28.12 -4.85
N VAL G 395 5.51 28.88 -4.68
CA VAL G 395 4.21 28.33 -4.32
C VAL G 395 3.21 28.76 -5.40
N TYR G 396 2.50 27.80 -5.97
CA TYR G 396 1.50 28.06 -6.99
C TYR G 396 0.12 27.79 -6.43
N ALA G 397 -0.80 28.72 -6.64
CA ALA G 397 -2.19 28.57 -6.21
C ALA G 397 -3.07 28.51 -7.45
N ASP G 398 -3.86 27.44 -7.56
CA ASP G 398 -4.77 27.23 -8.67
C ASP G 398 -6.20 27.26 -8.14
N SER G 399 -7.03 28.15 -8.68
CA SER G 399 -8.39 28.32 -8.21
C SER G 399 -9.37 28.04 -9.33
N PHE G 400 -10.38 27.22 -9.03
CA PHE G 400 -11.44 26.89 -9.98
C PHE G 400 -12.62 26.35 -9.19
N VAL G 401 -13.74 26.14 -9.88
CA VAL G 401 -14.96 25.66 -9.25
C VAL G 401 -15.44 24.41 -10.00
N ILE G 402 -15.74 23.35 -9.25
CA ILE G 402 -16.15 22.08 -9.83
C ILE G 402 -17.46 21.62 -9.20
N ARG G 403 -17.91 20.43 -9.57
CA ARG G 403 -19.13 19.82 -9.06
C ARG G 403 -18.83 19.06 -7.77
N GLY G 404 -19.83 18.97 -6.89
CA GLY G 404 -19.60 18.40 -5.58
C GLY G 404 -19.11 16.96 -5.60
N ASP G 405 -19.71 16.12 -6.45
CA ASP G 405 -19.28 14.73 -6.56
C ASP G 405 -17.89 14.62 -7.18
N GLU G 406 -17.41 15.69 -7.80
CA GLU G 406 -16.21 15.69 -8.63
C GLU G 406 -14.96 16.09 -7.84
N VAL G 407 -15.10 16.40 -6.55
CA VAL G 407 -13.96 16.85 -5.75
C VAL G 407 -12.95 15.73 -5.54
N ARG G 408 -13.42 14.48 -5.40
CA ARG G 408 -12.50 13.38 -5.11
C ARG G 408 -11.49 13.17 -6.23
N GLN G 409 -11.78 13.69 -7.43
CA GLN G 409 -10.86 13.56 -8.55
C GLN G 409 -9.63 14.43 -8.42
N ILE G 410 -9.63 15.39 -7.50
CA ILE G 410 -8.49 16.30 -7.34
C ILE G 410 -7.55 15.62 -6.34
N ALA G 411 -6.72 14.73 -6.87
CA ALA G 411 -5.77 13.96 -6.07
C ALA G 411 -4.69 13.44 -6.98
N PRO G 412 -3.51 13.11 -6.45
CA PRO G 412 -2.40 12.73 -7.33
C PRO G 412 -2.68 11.55 -8.24
N GLY G 413 -3.45 10.56 -7.79
CA GLY G 413 -3.62 9.37 -8.59
C GLY G 413 -5.05 8.97 -8.90
N GLN G 414 -5.93 9.95 -9.11
CA GLN G 414 -7.31 9.66 -9.45
C GLN G 414 -7.55 9.82 -10.95
N THR G 415 -8.66 9.26 -11.41
CA THR G 415 -9.02 9.27 -12.82
C THR G 415 -10.48 9.66 -12.96
N GLY G 416 -10.83 10.12 -14.16
CA GLY G 416 -12.19 10.53 -14.46
C GLY G 416 -12.17 11.62 -15.51
N LYS G 417 -13.29 12.33 -15.61
CA LYS G 417 -13.38 13.43 -16.56
C LYS G 417 -12.42 14.55 -16.21
N ILE G 418 -12.43 15.00 -14.96
CA ILE G 418 -11.60 16.13 -14.56
C ILE G 418 -10.12 15.76 -14.64
N ALA G 419 -9.74 14.63 -14.04
CA ALA G 419 -8.33 14.27 -14.02
C ALA G 419 -7.78 14.07 -15.43
N ASP G 420 -8.56 13.43 -16.31
CA ASP G 420 -8.06 13.12 -17.63
C ASP G 420 -8.07 14.35 -18.55
N TYR G 421 -9.10 15.18 -18.47
CA TYR G 421 -9.33 16.18 -19.51
C TYR G 421 -9.24 17.62 -19.05
N ASN G 422 -9.37 17.91 -17.75
CA ASN G 422 -9.46 19.28 -17.28
C ASN G 422 -8.27 19.68 -16.42
N TYR G 423 -8.01 18.96 -15.34
CA TYR G 423 -6.94 19.32 -14.40
C TYR G 423 -6.25 18.06 -13.92
N LYS G 424 -4.97 17.93 -14.22
CA LYS G 424 -4.19 16.74 -13.88
C LYS G 424 -3.18 17.09 -12.80
N LEU G 425 -3.12 16.27 -11.75
CA LEU G 425 -2.14 16.40 -10.68
C LEU G 425 -1.10 15.30 -10.82
N PRO G 426 0.19 15.63 -10.79
CA PRO G 426 1.22 14.60 -10.92
C PRO G 426 1.19 13.64 -9.73
N ASP G 427 1.61 12.41 -9.99
CA ASP G 427 1.61 11.38 -8.95
C ASP G 427 2.57 11.70 -7.82
N ASP G 428 3.56 12.55 -8.06
CA ASP G 428 4.51 13.00 -7.05
C ASP G 428 4.14 14.35 -6.49
N PHE G 429 2.85 14.62 -6.34
CA PHE G 429 2.37 15.90 -5.84
C PHE G 429 2.87 16.16 -4.43
N THR G 430 3.29 17.40 -4.18
CA THR G 430 3.73 17.85 -2.86
C THR G 430 2.99 19.16 -2.59
N GLY G 431 1.82 19.05 -1.98
CA GLY G 431 1.01 20.22 -1.74
C GLY G 431 -0.27 19.88 -1.02
N CYS G 432 -1.22 20.80 -1.06
CA CYS G 432 -2.49 20.62 -0.38
C CYS G 432 -3.61 21.09 -1.27
N VAL G 433 -4.79 20.48 -1.10
CA VAL G 433 -6.00 20.85 -1.83
C VAL G 433 -7.02 21.37 -0.83
N ILE G 434 -7.55 22.55 -1.08
CA ILE G 434 -8.51 23.21 -0.19
C ILE G 434 -9.79 23.44 -0.99
N ALA G 435 -10.90 22.88 -0.51
CA ALA G 435 -12.19 23.01 -1.16
C ALA G 435 -13.26 23.31 -0.13
N TRP G 436 -14.25 24.12 -0.52
CA TRP G 436 -15.37 24.45 0.36
C TRP G 436 -16.62 24.63 -0.48
N ASN G 437 -17.77 24.40 0.15
CA ASN G 437 -19.04 24.51 -0.55
C ASN G 437 -19.41 25.98 -0.70
N SER G 438 -19.73 26.38 -1.94
CA SER G 438 -20.20 27.74 -2.22
C SER G 438 -21.46 27.62 -3.07
N ASN G 439 -22.60 27.46 -2.39
CA ASN G 439 -23.90 27.42 -3.04
C ASN G 439 -24.58 28.78 -3.02
N ASN G 440 -24.09 29.71 -2.21
CA ASN G 440 -24.67 31.04 -2.09
C ASN G 440 -24.03 32.06 -3.00
N LEU G 441 -23.06 31.67 -3.82
CA LEU G 441 -22.37 32.60 -4.70
C LEU G 441 -22.28 32.14 -6.14
N ASP G 442 -22.48 30.85 -6.43
CA ASP G 442 -22.33 30.32 -7.78
C ASP G 442 -23.58 29.62 -8.29
N SER G 443 -24.69 29.71 -7.54
CA SER G 443 -25.93 29.00 -7.94
C SER G 443 -27.15 29.86 -7.58
N LYS G 444 -26.98 31.18 -7.54
CA LYS G 444 -28.10 32.09 -7.18
C LYS G 444 -29.23 31.90 -8.19
N VAL G 445 -28.89 31.90 -9.49
CA VAL G 445 -29.91 31.70 -10.56
C VAL G 445 -29.28 31.06 -11.81
N GLY G 446 -29.82 29.92 -12.26
CA GLY G 446 -29.21 29.17 -13.36
C GLY G 446 -27.95 28.44 -12.92
N GLY G 447 -27.00 29.15 -12.31
CA GLY G 447 -25.78 28.52 -11.77
C GLY G 447 -24.73 28.33 -12.85
N ASN G 448 -25.12 28.47 -14.13
CA ASN G 448 -24.15 28.35 -15.24
C ASN G 448 -22.98 29.30 -14.96
N TYR G 449 -23.26 30.61 -14.87
CA TYR G 449 -22.20 31.60 -14.52
C TYR G 449 -20.91 31.25 -15.25
N ASN G 450 -20.99 30.92 -16.54
CA ASN G 450 -19.77 30.61 -17.34
C ASN G 450 -18.93 29.54 -16.64
N TYR G 451 -19.58 28.58 -15.97
CA TYR G 451 -18.84 27.47 -15.34
C TYR G 451 -18.86 26.28 -16.30
N LEU G 452 -17.79 26.10 -17.08
CA LEU G 452 -17.80 25.02 -18.12
C LEU G 452 -16.69 24.01 -17.87
N TYR G 453 -16.81 22.82 -18.47
CA TYR G 453 -15.81 21.78 -18.35
C TYR G 453 -15.70 21.05 -19.68
N ARG G 454 -14.81 20.08 -19.76
CA ARG G 454 -14.48 19.41 -21.01
C ARG G 454 -14.85 17.94 -20.90
N LEU G 455 -15.93 17.54 -21.57
CA LEU G 455 -16.30 16.13 -21.61
C LEU G 455 -15.39 15.33 -22.55
N PHE G 456 -15.09 15.89 -23.72
CA PHE G 456 -14.44 15.14 -24.79
C PHE G 456 -13.05 15.69 -25.06
N ARG G 457 -12.08 14.79 -25.19
CA ARG G 457 -10.74 15.14 -25.59
C ARG G 457 -10.10 13.94 -26.27
N LYS G 458 -9.14 14.21 -27.15
CA LYS G 458 -8.48 13.14 -27.89
C LYS G 458 -7.68 12.22 -26.95
N SER G 459 -7.00 12.79 -25.96
CA SER G 459 -6.16 12.02 -25.08
C SER G 459 -6.06 12.72 -23.72
N ASN G 460 -5.61 11.97 -22.73
CA ASN G 460 -5.52 12.48 -21.37
C ASN G 460 -4.49 13.60 -21.29
N LEU G 461 -4.61 14.41 -20.24
CA LEU G 461 -3.74 15.55 -20.06
C LEU G 461 -2.43 15.14 -19.39
N LYS G 462 -1.41 15.95 -19.61
CA LYS G 462 -0.18 15.86 -18.85
C LYS G 462 -0.32 16.62 -17.54
N PRO G 463 0.50 16.31 -16.54
CA PRO G 463 0.41 17.03 -15.26
C PRO G 463 0.59 18.53 -15.43
N PHE G 464 -0.30 19.29 -14.81
CA PHE G 464 -0.28 20.75 -14.85
C PHE G 464 -0.26 21.29 -16.28
N GLU G 465 -1.08 20.69 -17.14
CA GLU G 465 -1.21 21.12 -18.52
C GLU G 465 -2.62 21.64 -18.76
N ARG G 466 -2.72 22.79 -19.40
CA ARG G 466 -3.99 23.38 -19.76
C ARG G 466 -4.30 23.13 -21.23
N ASP G 467 -5.59 23.06 -21.55
CA ASP G 467 -6.01 22.77 -22.92
C ASP G 467 -7.31 23.52 -23.20
N ILE G 468 -7.20 24.69 -23.81
CA ILE G 468 -8.35 25.48 -24.24
C ILE G 468 -8.44 25.40 -25.75
N SER G 469 -9.62 25.01 -26.25
CA SER G 469 -9.79 24.78 -27.69
C SER G 469 -11.28 24.82 -28.02
N THR G 470 -11.62 25.52 -29.10
CA THR G 470 -12.97 25.49 -29.64
C THR G 470 -13.14 24.45 -30.73
N GLU G 471 -12.12 23.60 -30.94
CA GLU G 471 -12.18 22.58 -31.98
C GLU G 471 -13.27 21.57 -31.66
N ILE G 472 -13.91 21.06 -32.71
CA ILE G 472 -15.07 20.18 -32.58
C ILE G 472 -14.58 18.74 -32.51
N TYR G 473 -15.06 18.03 -31.48
CA TYR G 473 -14.67 16.65 -31.25
C TYR G 473 -15.61 15.72 -31.99
N GLN G 474 -15.06 14.62 -32.49
CA GLN G 474 -15.79 13.66 -33.33
C GLN G 474 -15.96 12.37 -32.55
N ALA G 475 -17.05 12.27 -31.80
CA ALA G 475 -17.36 11.07 -31.02
C ALA G 475 -18.38 10.22 -31.79
N GLY G 476 -17.88 9.55 -32.81
CA GLY G 476 -18.74 8.71 -33.63
C GLY G 476 -17.99 8.14 -34.81
N SER G 477 -18.74 7.53 -35.71
CA SER G 477 -18.15 6.88 -36.88
C SER G 477 -17.82 7.88 -37.98
N THR G 478 -18.80 8.71 -38.36
CA THR G 478 -18.63 9.60 -39.50
C THR G 478 -17.58 10.67 -39.22
N PRO G 479 -16.58 10.80 -40.09
CA PRO G 479 -15.62 11.91 -39.95
C PRO G 479 -16.15 13.19 -40.55
N CYS G 480 -16.93 13.94 -39.77
CA CYS G 480 -17.54 15.17 -40.31
C CYS G 480 -16.48 16.16 -40.77
N ASN G 481 -15.40 16.31 -39.99
CA ASN G 481 -14.27 17.18 -40.34
C ASN G 481 -14.72 18.61 -40.58
N GLY G 482 -15.81 19.02 -39.92
CA GLY G 482 -16.33 20.39 -40.07
C GLY G 482 -16.56 21.04 -38.72
N VAL G 483 -17.83 21.29 -38.37
CA VAL G 483 -18.17 21.89 -37.05
C VAL G 483 -19.45 21.20 -36.58
N GLU G 484 -19.51 20.77 -35.33
CA GLU G 484 -20.73 20.17 -34.79
C GLU G 484 -21.35 18.94 -35.43
N GLY G 485 -22.62 19.07 -35.85
CA GLY G 485 -23.30 17.96 -36.57
C GLY G 485 -23.50 16.70 -35.75
N PHE G 486 -24.03 15.65 -36.37
CA PHE G 486 -24.20 14.34 -35.69
C PHE G 486 -22.82 13.76 -35.39
N ASN G 487 -22.66 13.05 -34.28
CA ASN G 487 -21.37 12.40 -33.94
C ASN G 487 -20.24 13.44 -33.91
N CYS G 488 -20.57 14.73 -33.89
CA CYS G 488 -19.54 15.75 -33.79
C CYS G 488 -20.04 16.80 -32.81
N TYR G 489 -19.34 16.94 -31.68
CA TYR G 489 -19.85 17.68 -30.55
C TYR G 489 -18.86 18.76 -30.14
N PHE G 490 -19.37 19.78 -29.47
CA PHE G 490 -18.54 20.81 -28.86
C PHE G 490 -18.08 20.33 -27.50
N PRO G 491 -16.76 20.21 -27.25
CA PRO G 491 -16.31 19.62 -25.98
C PRO G 491 -16.73 20.40 -24.75
N LEU G 492 -16.83 21.72 -24.84
CA LEU G 492 -17.06 22.55 -23.66
C LEU G 492 -18.53 22.48 -23.27
N GLN G 493 -18.81 21.78 -22.18
CA GLN G 493 -20.16 21.63 -21.65
C GLN G 493 -20.27 22.41 -20.35
N SER G 494 -21.35 23.18 -20.21
CA SER G 494 -21.51 24.06 -19.05
C SER G 494 -22.11 23.32 -17.88
N TYR G 495 -21.77 23.77 -16.67
CA TYR G 495 -22.35 23.21 -15.46
C TYR G 495 -23.73 23.81 -15.22
N GLY G 496 -24.72 22.94 -14.99
CA GLY G 496 -26.04 23.41 -14.62
C GLY G 496 -26.22 23.44 -13.13
N PHE G 497 -26.04 24.62 -12.53
CA PHE G 497 -26.11 24.76 -11.08
C PHE G 497 -27.46 25.37 -10.68
N GLN G 498 -28.48 24.53 -10.75
CA GLN G 498 -29.81 24.92 -10.31
C GLN G 498 -29.78 25.25 -8.82
N PRO G 499 -30.44 26.32 -8.38
CA PRO G 499 -30.43 26.67 -6.95
C PRO G 499 -30.97 25.55 -6.09
N THR G 500 -30.13 25.08 -5.18
CA THR G 500 -30.47 23.99 -4.24
C THR G 500 -30.96 22.76 -5.00
N ASN G 501 -30.07 22.19 -5.82
CA ASN G 501 -30.34 20.98 -6.58
C ASN G 501 -29.84 19.74 -5.87
N GLY G 502 -29.79 19.76 -4.53
CA GLY G 502 -29.31 18.62 -3.78
C GLY G 502 -27.81 18.66 -3.55
N VAL G 503 -27.39 18.32 -2.34
CA VAL G 503 -25.97 18.30 -2.03
C VAL G 503 -25.27 17.26 -2.88
N GLY G 504 -24.06 17.60 -3.34
CA GLY G 504 -23.30 16.77 -4.25
C GLY G 504 -23.33 17.25 -5.69
N TYR G 505 -24.31 18.07 -6.04
CA TYR G 505 -24.33 18.75 -7.34
C TYR G 505 -24.10 20.25 -7.21
N GLN G 506 -23.98 20.76 -5.99
CA GLN G 506 -23.78 22.17 -5.74
C GLN G 506 -22.35 22.58 -6.07
N PRO G 507 -22.13 23.84 -6.46
CA PRO G 507 -20.78 24.27 -6.82
C PRO G 507 -19.83 24.18 -5.65
N TYR G 508 -18.61 23.74 -5.94
CA TYR G 508 -17.54 23.64 -4.94
C TYR G 508 -16.34 24.41 -5.45
N ARG G 509 -15.89 25.39 -4.68
CA ARG G 509 -14.71 26.17 -5.04
C ARG G 509 -13.48 25.49 -4.47
N VAL G 510 -12.49 25.25 -5.33
CA VAL G 510 -11.30 24.48 -4.99
C VAL G 510 -10.07 25.35 -5.24
N VAL G 511 -9.18 25.40 -4.25
CA VAL G 511 -7.90 26.10 -4.37
C VAL G 511 -6.81 25.12 -3.96
N VAL G 512 -5.91 24.80 -4.89
CA VAL G 512 -4.86 23.81 -4.67
C VAL G 512 -3.52 24.53 -4.69
N LEU G 513 -2.68 24.23 -3.71
CA LEU G 513 -1.36 24.84 -3.55
C LEU G 513 -0.29 23.78 -3.84
N SER G 514 0.68 24.15 -4.68
CA SER G 514 1.79 23.27 -5.02
C SER G 514 3.08 23.87 -4.52
N PHE G 515 3.84 23.10 -3.75
CA PHE G 515 5.05 23.57 -3.11
C PHE G 515 6.26 23.09 -3.90
N GLU G 516 7.01 24.04 -4.46
CA GLU G 516 8.24 23.73 -5.18
C GLU G 516 9.38 23.51 -4.21
N LEU G 517 10.27 22.60 -4.57
CA LEU G 517 11.39 22.22 -3.71
C LEU G 517 12.61 21.94 -4.57
N LEU G 518 13.78 21.96 -3.93
CA LEU G 518 15.06 21.66 -4.59
C LEU G 518 15.32 22.59 -5.77
N HIS G 519 15.48 23.87 -5.44
CA HIS G 519 15.69 24.92 -6.43
C HIS G 519 16.56 25.99 -5.79
N ALA G 520 16.54 27.19 -6.37
CA ALA G 520 17.24 28.37 -5.85
C ALA G 520 16.86 28.61 -4.41
N PRO G 521 17.62 29.43 -3.67
CA PRO G 521 17.31 29.65 -2.25
C PRO G 521 15.85 29.99 -2.02
N ALA G 522 15.28 29.37 -0.99
CA ALA G 522 13.85 29.46 -0.74
C ALA G 522 13.42 30.90 -0.49
N THR G 523 12.26 31.27 -1.05
CA THR G 523 11.70 32.60 -0.89
C THR G 523 10.40 32.62 -0.11
N VAL G 524 9.70 31.50 0.00
CA VAL G 524 8.47 31.40 0.78
C VAL G 524 8.78 30.56 2.01
N CYS G 525 8.67 31.17 3.18
CA CYS G 525 9.04 30.52 4.43
C CYS G 525 7.98 30.79 5.48
N GLY G 526 7.94 29.93 6.49
CA GLY G 526 6.97 30.05 7.56
C GLY G 526 7.34 31.12 8.54
N PRO G 527 6.40 31.44 9.42
CA PRO G 527 6.61 32.49 10.44
C PRO G 527 7.44 32.00 11.63
N LYS G 528 8.76 32.00 11.45
CA LYS G 528 9.69 31.56 12.48
C LYS G 528 10.65 32.70 12.81
N LYS G 529 10.93 32.85 14.10
CA LYS G 529 11.85 33.89 14.57
C LYS G 529 13.26 33.34 14.62
N SER G 530 14.14 33.88 13.79
CA SER G 530 15.52 33.43 13.74
C SER G 530 16.25 33.77 15.03
N THR G 531 17.15 32.88 15.43
CA THR G 531 17.94 33.03 16.65
C THR G 531 19.38 33.39 16.29
N ASN G 532 20.21 33.51 17.32
CA ASN G 532 21.60 33.90 17.13
C ASN G 532 22.41 32.75 16.52
N LEU G 533 23.61 33.10 16.05
CA LEU G 533 24.53 32.15 15.45
C LEU G 533 25.52 31.67 16.50
N VAL G 534 25.67 30.35 16.62
CA VAL G 534 26.57 29.74 17.58
C VAL G 534 27.58 28.90 16.82
N LYS G 535 28.86 29.13 17.09
CA LYS G 535 29.94 28.45 16.38
C LYS G 535 30.85 27.72 17.37
N ASN G 536 31.58 26.75 16.86
CA ASN G 536 32.52 25.95 17.65
C ASN G 536 31.81 25.18 18.76
N LYS G 537 30.57 24.78 18.49
CA LYS G 537 29.79 24.02 19.45
C LYS G 537 28.86 23.07 18.71
N CYS G 538 28.67 21.88 19.27
CA CYS G 538 27.75 20.89 18.70
C CYS G 538 26.32 21.37 18.94
N VAL G 539 25.70 21.92 17.89
CA VAL G 539 24.36 22.49 17.98
C VAL G 539 23.51 21.97 16.84
N ASN G 540 22.19 22.05 17.03
CA ASN G 540 21.22 21.68 16.01
C ASN G 540 20.87 22.95 15.22
N PHE G 541 21.32 23.00 13.98
CA PHE G 541 21.09 24.17 13.13
C PHE G 541 19.90 23.92 12.22
N ASN G 542 19.23 25.01 11.85
CA ASN G 542 18.08 24.98 10.94
C ASN G 542 18.24 26.15 9.98
N PHE G 543 18.92 25.90 8.86
CA PHE G 543 19.18 26.94 7.85
C PHE G 543 18.07 26.86 6.82
N ASN G 544 17.00 27.64 7.07
CA ASN G 544 15.84 27.84 6.20
C ASN G 544 15.45 26.58 5.43
N GLY G 545 15.21 25.50 6.14
CA GLY G 545 14.81 24.25 5.52
C GLY G 545 15.81 23.13 5.73
N LEU G 546 17.10 23.44 5.62
CA LEU G 546 18.15 22.46 5.82
C LEU G 546 18.35 22.25 7.31
N THR G 547 18.06 21.05 7.79
CA THR G 547 18.18 20.70 9.20
C THR G 547 19.26 19.65 9.39
N GLY G 548 20.10 19.84 10.40
CA GLY G 548 21.13 18.88 10.71
C GLY G 548 21.70 19.17 12.08
N THR G 549 22.62 18.31 12.50
CA THR G 549 23.31 18.46 13.77
C THR G 549 24.81 18.42 13.51
N GLY G 550 25.53 19.40 14.07
CA GLY G 550 26.96 19.46 13.86
C GLY G 550 27.54 20.69 14.51
N VAL G 551 28.81 20.93 14.21
CA VAL G 551 29.55 22.08 14.71
C VAL G 551 29.89 23.00 13.55
N LEU G 552 29.65 24.29 13.73
CA LEU G 552 29.83 25.28 12.68
C LEU G 552 31.09 26.08 12.94
N THR G 553 31.96 26.18 11.93
CA THR G 553 33.20 26.94 12.04
C THR G 553 33.38 27.78 10.78
N GLU G 554 34.22 28.80 10.91
CA GLU G 554 34.54 29.65 9.76
C GLU G 554 35.26 28.84 8.69
N SER G 555 34.87 29.05 7.43
CA SER G 555 35.39 28.29 6.32
C SER G 555 36.09 29.21 5.32
N ASN G 556 37.12 28.67 4.67
CA ASN G 556 37.87 29.40 3.65
C ASN G 556 37.39 29.09 2.24
N LYS G 557 36.32 28.31 2.10
CA LYS G 557 35.79 27.97 0.78
C LYS G 557 35.35 29.23 0.04
N LYS G 558 35.70 29.30 -1.24
CA LYS G 558 35.41 30.46 -2.07
C LYS G 558 34.18 30.17 -2.93
N PHE G 559 33.01 30.33 -2.33
CA PHE G 559 31.77 30.23 -3.09
C PHE G 559 31.67 31.37 -4.10
N LEU G 560 31.24 31.04 -5.31
CA LEU G 560 30.87 32.06 -6.27
C LEU G 560 29.59 32.75 -5.79
N PRO G 561 29.36 34.00 -6.20
CA PRO G 561 28.24 34.76 -5.62
C PRO G 561 26.85 34.21 -5.92
N PHE G 562 26.78 33.07 -6.61
CA PHE G 562 25.49 32.44 -6.90
C PHE G 562 25.34 31.05 -6.30
N GLN G 563 26.30 30.58 -5.50
CA GLN G 563 26.22 29.28 -4.86
C GLN G 563 25.92 29.46 -3.38
N GLN G 564 24.93 28.72 -2.88
CA GLN G 564 24.53 28.76 -1.49
C GLN G 564 24.96 27.53 -0.70
N PHE G 565 24.91 26.35 -1.31
CA PHE G 565 25.24 25.12 -0.62
C PHE G 565 26.64 24.66 -0.99
N GLY G 566 27.03 23.47 -0.53
CA GLY G 566 28.30 22.87 -0.89
C GLY G 566 28.32 21.40 -0.55
N ARG G 567 28.73 20.57 -1.50
CA ARG G 567 28.71 19.12 -1.34
C ARG G 567 30.13 18.58 -1.38
N ASP G 568 30.51 17.85 -0.34
CA ASP G 568 31.79 17.17 -0.30
C ASP G 568 31.67 15.85 -1.07
N ILE G 569 32.67 14.98 -0.93
CA ILE G 569 32.61 13.68 -1.56
C ILE G 569 31.42 12.89 -1.00
N ALA G 570 31.00 11.87 -1.74
CA ALA G 570 29.85 11.04 -1.39
C ALA G 570 28.55 11.83 -1.32
N ASP G 571 28.56 13.05 -1.85
CA ASP G 571 27.37 13.91 -1.93
C ASP G 571 26.77 14.15 -0.54
N THR G 572 27.56 14.82 0.30
CA THR G 572 27.12 15.23 1.62
C THR G 572 27.27 16.74 1.76
N THR G 573 26.31 17.37 2.44
CA THR G 573 26.33 18.82 2.62
C THR G 573 27.26 19.16 3.78
N ASP G 574 28.39 19.78 3.46
CA ASP G 574 29.37 20.16 4.47
C ASP G 574 29.55 21.66 4.63
N ALA G 575 29.01 22.47 3.73
CA ALA G 575 29.12 23.92 3.82
C ALA G 575 27.77 24.55 3.53
N VAL G 576 27.47 25.66 4.20
CA VAL G 576 26.20 26.35 4.08
C VAL G 576 26.44 27.85 4.19
N ARG G 577 25.49 28.61 3.64
CA ARG G 577 25.55 30.07 3.65
C ARG G 577 24.45 30.60 4.56
N ASP G 578 24.83 31.44 5.53
CA ASP G 578 23.85 32.03 6.42
C ASP G 578 22.93 32.96 5.64
N PRO G 579 21.62 32.84 5.79
CA PRO G 579 20.68 33.63 4.98
C PRO G 579 20.44 35.05 5.47
N GLN G 580 21.24 35.56 6.40
CA GLN G 580 21.07 36.93 6.86
C GLN G 580 22.36 37.72 6.73
N THR G 581 23.50 37.05 6.90
CA THR G 581 24.80 37.71 6.80
C THR G 581 25.64 37.18 5.64
N LEU G 582 25.11 36.26 4.84
CA LEU G 582 25.80 35.68 3.69
C LEU G 582 27.13 35.04 4.08
N GLU G 583 27.29 34.70 5.36
CA GLU G 583 28.53 34.10 5.82
C GLU G 583 28.66 32.68 5.30
N ILE G 584 29.90 32.28 5.00
CA ILE G 584 30.20 30.94 4.51
C ILE G 584 30.61 30.10 5.71
N LEU G 585 29.74 29.20 6.14
CA LEU G 585 29.96 28.37 7.31
C LEU G 585 30.31 26.95 6.91
N ASP G 586 31.16 26.31 7.71
CA ASP G 586 31.57 24.94 7.48
C ASP G 586 30.88 24.02 8.48
N ILE G 587 30.27 22.95 7.97
CA ILE G 587 29.55 21.99 8.80
C ILE G 587 30.36 20.70 8.85
N THR G 588 30.67 20.25 10.07
CA THR G 588 31.32 18.97 10.29
C THR G 588 30.60 18.22 11.39
N PRO G 589 30.53 16.89 11.30
CA PRO G 589 29.79 16.13 12.30
C PRO G 589 30.46 16.20 13.67
N CYS G 590 29.63 16.09 14.70
CA CYS G 590 30.14 16.11 16.07
C CYS G 590 30.92 14.83 16.36
N SER G 591 31.74 14.88 17.40
CA SER G 591 32.61 13.77 17.72
C SER G 591 31.80 12.54 18.11
N PHE G 592 32.24 11.38 17.64
CA PHE G 592 31.58 10.12 17.95
C PHE G 592 32.58 8.99 17.78
N GLY G 593 32.23 7.83 18.34
CA GLY G 593 33.08 6.67 18.27
C GLY G 593 32.57 5.52 19.12
N GLY G 594 33.19 4.35 19.00
CA GLY G 594 32.80 3.22 19.82
C GLY G 594 33.60 3.16 21.11
N VAL G 595 32.98 2.57 22.13
CA VAL G 595 33.63 2.38 23.41
C VAL G 595 33.94 0.90 23.59
N SER G 596 35.03 0.62 24.30
CA SER G 596 35.47 -0.74 24.53
C SER G 596 35.84 -0.90 25.99
N VAL G 597 35.52 -2.07 26.54
CA VAL G 597 35.77 -2.39 27.94
C VAL G 597 36.85 -3.45 28.01
N ILE G 598 37.90 -3.17 28.78
CA ILE G 598 39.02 -4.09 28.97
C ILE G 598 38.86 -4.75 30.33
N THR G 599 38.69 -6.07 30.34
CA THR G 599 38.40 -6.81 31.54
C THR G 599 39.45 -7.88 31.77
N PRO G 600 40.03 -7.98 32.96
CA PRO G 600 40.94 -9.09 33.28
C PRO G 600 40.25 -10.38 33.71
N GLY G 601 38.96 -10.51 33.48
CA GLY G 601 38.20 -11.67 33.89
C GLY G 601 37.29 -11.37 35.07
N THR G 602 36.14 -12.05 35.09
CA THR G 602 35.17 -11.82 36.16
C THR G 602 35.66 -12.36 37.49
N ASN G 603 36.17 -13.59 37.51
CA ASN G 603 36.57 -14.21 38.77
C ASN G 603 37.98 -13.83 39.19
N THR G 604 38.69 -13.03 38.40
CA THR G 604 39.99 -12.52 38.82
C THR G 604 39.88 -11.12 39.41
N SER G 605 39.00 -10.28 38.88
CA SER G 605 38.82 -8.93 39.38
C SER G 605 37.47 -8.41 38.91
N ASN G 606 37.12 -7.21 39.38
CA ASN G 606 35.87 -6.57 39.00
C ASN G 606 36.07 -5.16 38.45
N GLN G 607 37.30 -4.67 38.40
CA GLN G 607 37.59 -3.36 37.83
C GLN G 607 37.89 -3.49 36.35
N VAL G 608 37.55 -2.44 35.60
CA VAL G 608 37.72 -2.43 34.14
C VAL G 608 38.29 -1.09 33.71
N ALA G 609 38.86 -1.08 32.51
CA ALA G 609 39.30 0.14 31.85
C ALA G 609 38.45 0.37 30.61
N VAL G 610 38.15 1.62 30.33
CA VAL G 610 37.26 2.00 29.23
C VAL G 610 38.07 2.76 28.19
N LEU G 611 37.96 2.33 26.94
CA LEU G 611 38.65 2.96 25.83
C LEU G 611 37.63 3.62 24.90
N TYR G 612 37.79 4.90 24.65
CA TYR G 612 36.94 5.66 23.74
C TYR G 612 37.66 5.77 22.40
N GLN G 613 37.34 4.87 21.48
CA GLN G 613 38.07 4.76 20.24
C GLN G 613 37.86 5.99 19.36
N ASP G 614 38.95 6.52 18.81
CA ASP G 614 38.91 7.65 17.90
C ASP G 614 38.24 8.87 18.52
N VAL G 615 38.49 9.10 19.80
CA VAL G 615 37.94 10.24 20.52
C VAL G 615 39.09 10.89 21.30
N ASN G 616 39.31 12.17 21.05
CA ASN G 616 40.31 12.93 21.81
C ASN G 616 39.87 13.04 23.27
N CYS G 617 40.83 13.08 24.18
CA CYS G 617 40.52 13.09 25.60
C CYS G 617 39.76 14.33 26.04
N THR G 618 39.76 15.39 25.23
CA THR G 618 39.07 16.62 25.60
C THR G 618 37.58 16.38 25.85
N GLU G 619 36.99 15.44 25.13
CA GLU G 619 35.61 15.03 25.38
C GLU G 619 35.59 13.91 26.41
N VAL G 620 34.62 13.96 27.32
CA VAL G 620 34.52 13.01 28.41
C VAL G 620 34.32 11.60 27.87
N SER G 640 39.56 6.71 36.37
CA SER G 640 40.39 7.44 37.32
C SER G 640 41.52 8.18 36.62
N ASN G 641 42.43 7.43 36.01
CA ASN G 641 43.59 7.98 35.33
C ASN G 641 43.39 7.92 33.82
N VAL G 642 43.58 9.04 33.15
CA VAL G 642 43.40 9.14 31.70
C VAL G 642 44.76 9.14 31.04
N PHE G 643 44.89 8.35 29.98
CA PHE G 643 46.14 8.21 29.24
C PHE G 643 45.82 8.16 27.76
N GLN G 644 46.50 8.98 26.96
CA GLN G 644 46.21 9.09 25.55
C GLN G 644 47.08 8.12 24.76
N THR G 645 46.45 7.33 23.90
CA THR G 645 47.13 6.40 23.01
C THR G 645 46.79 6.77 21.56
N ARG G 646 47.26 5.95 20.62
CA ARG G 646 47.02 6.20 19.21
C ARG G 646 45.62 5.79 18.78
N ALA G 647 44.92 5.00 19.57
CA ALA G 647 43.53 4.59 19.28
C ALA G 647 42.66 5.10 20.42
N GLY G 648 42.22 6.37 20.32
CA GLY G 648 41.28 6.92 21.32
C GLY G 648 41.91 7.23 22.66
N CYS G 649 41.08 7.59 23.65
CA CYS G 649 41.56 7.95 25.01
C CYS G 649 41.26 6.80 25.98
N LEU G 650 42.16 6.52 26.92
CA LEU G 650 41.97 5.38 27.86
C LEU G 650 41.66 5.92 29.27
N ILE G 651 40.84 5.21 30.03
CA ILE G 651 40.46 5.66 31.37
C ILE G 651 40.41 4.46 32.29
N GLY G 652 41.12 4.55 33.41
CA GLY G 652 41.14 3.49 34.41
C GLY G 652 42.35 2.59 34.38
N ALA G 653 43.31 2.85 33.50
CA ALA G 653 44.54 2.06 33.42
C ALA G 653 45.73 3.00 33.44
N GLU G 654 46.69 2.72 34.32
CA GLU G 654 47.87 3.55 34.44
C GLU G 654 48.93 3.13 33.44
N HIS G 655 49.78 4.09 33.08
CA HIS G 655 50.84 3.87 32.10
C HIS G 655 52.13 3.46 32.80
N VAL G 656 52.83 2.49 32.24
CA VAL G 656 54.10 1.99 32.76
C VAL G 656 55.14 2.06 31.66
N ASN G 657 56.36 2.42 32.03
CA ASN G 657 57.46 2.46 31.08
C ASN G 657 58.09 1.09 30.86
N ASN G 658 57.64 0.07 31.59
CA ASN G 658 58.15 -1.28 31.41
C ASN G 658 57.54 -1.90 30.15
N SER G 659 58.13 -3.01 29.71
CA SER G 659 57.67 -3.74 28.54
C SER G 659 57.44 -5.19 28.92
N TYR G 660 56.27 -5.72 28.59
CA TYR G 660 55.92 -7.11 28.86
C TYR G 660 55.31 -7.72 27.60
N GLU G 661 55.22 -9.05 27.59
CA GLU G 661 54.54 -9.74 26.50
C GLU G 661 53.07 -9.34 26.48
N CYS G 662 52.53 -9.21 25.28
CA CYS G 662 51.16 -8.73 25.13
C CYS G 662 50.17 -9.71 25.74
N ASP G 663 49.23 -9.18 26.54
CA ASP G 663 48.19 -9.97 27.16
C ASP G 663 46.81 -9.63 26.61
N ILE G 664 46.42 -8.36 26.65
CA ILE G 664 45.18 -7.89 26.05
C ILE G 664 45.53 -6.80 25.05
N PRO G 665 45.48 -7.10 23.76
CA PRO G 665 45.95 -6.16 22.74
C PRO G 665 44.96 -5.04 22.49
N ILE G 666 45.37 -3.81 22.83
CA ILE G 666 44.51 -2.65 22.61
C ILE G 666 44.62 -2.19 21.15
N GLY G 667 45.84 -1.88 20.72
CA GLY G 667 46.06 -1.45 19.35
C GLY G 667 47.27 -0.55 19.26
N ALA G 668 47.80 -0.45 18.04
CA ALA G 668 48.97 0.37 17.73
C ALA G 668 50.18 -0.03 18.56
N GLY G 669 50.31 -1.32 18.83
CA GLY G 669 51.43 -1.82 19.60
C GLY G 669 51.32 -1.63 21.09
N ILE G 670 50.13 -1.33 21.60
CA ILE G 670 49.91 -1.05 23.01
C ILE G 670 48.97 -2.11 23.57
N CYS G 671 49.36 -2.74 24.67
CA CYS G 671 48.59 -3.79 25.30
C CYS G 671 48.26 -3.41 26.73
N ALA G 672 47.40 -4.21 27.37
CA ALA G 672 47.00 -3.99 28.75
C ALA G 672 47.00 -5.33 29.47
N SER G 673 47.21 -5.28 30.79
CA SER G 673 47.29 -6.48 31.59
C SER G 673 46.96 -6.15 33.04
N TYR G 674 46.85 -7.20 33.85
CA TYR G 674 46.52 -7.10 35.27
C TYR G 674 47.74 -7.52 36.07
N GLN G 675 48.44 -6.55 36.65
CA GLN G 675 49.65 -6.83 37.42
C GLN G 675 49.59 -6.05 38.73
N THR G 676 50.34 -6.54 39.71
CA THR G 676 50.42 -5.91 41.03
C THR G 676 51.09 -4.55 40.95
N GLN G 690 46.78 -6.19 40.99
CA GLN G 690 46.24 -5.17 41.88
C GLN G 690 45.65 -4.00 41.08
N SER G 691 46.09 -3.84 39.84
CA SER G 691 45.64 -2.74 39.02
C SER G 691 45.87 -3.08 37.55
N ILE G 692 45.21 -2.32 36.68
CA ILE G 692 45.33 -2.48 35.23
C ILE G 692 46.41 -1.52 34.73
N ILE G 693 47.33 -2.04 33.94
CA ILE G 693 48.45 -1.27 33.42
C ILE G 693 48.46 -1.34 31.90
N ALA G 694 48.78 -0.22 31.25
CA ALA G 694 48.89 -0.14 29.81
C ALA G 694 50.33 0.17 29.45
N TYR G 695 50.90 -0.63 28.55
CA TYR G 695 52.31 -0.54 28.20
C TYR G 695 52.47 -0.77 26.71
N THR G 696 53.71 -0.66 26.24
CA THR G 696 54.08 -1.01 24.87
C THR G 696 54.65 -2.43 24.88
N MET G 697 54.05 -3.31 24.09
CA MET G 697 54.40 -4.73 24.16
C MET G 697 55.84 -4.96 23.73
N SER G 698 56.44 -6.00 24.28
CA SER G 698 57.81 -6.38 23.99
C SER G 698 57.81 -7.50 22.96
N LEU G 699 58.52 -7.28 21.85
CA LEU G 699 58.60 -8.29 20.80
C LEU G 699 59.32 -9.54 21.29
N GLY G 700 60.37 -9.37 22.07
CA GLY G 700 61.10 -10.49 22.61
C GLY G 700 62.38 -10.04 23.27
N ALA G 701 63.28 -11.00 23.49
CA ALA G 701 64.58 -10.71 24.08
C ALA G 701 65.45 -9.95 23.09
N GLU G 702 66.68 -9.66 23.51
CA GLU G 702 67.61 -8.94 22.65
C GLU G 702 68.87 -9.75 22.43
N ASN G 703 68.71 -11.03 22.13
CA ASN G 703 69.86 -11.91 21.89
C ASN G 703 70.66 -11.41 20.71
N SER G 704 71.98 -11.33 20.88
CA SER G 704 72.90 -10.95 19.82
C SER G 704 73.92 -12.08 19.66
N VAL G 705 73.84 -12.78 18.52
CA VAL G 705 74.74 -13.89 18.26
C VAL G 705 76.17 -13.36 18.08
N ALA G 706 77.13 -14.05 18.70
CA ALA G 706 78.53 -13.63 18.67
C ALA G 706 79.17 -14.16 17.38
N TYR G 707 78.75 -13.58 16.26
CA TYR G 707 79.25 -14.01 14.97
C TYR G 707 80.70 -13.57 14.79
N SER G 708 81.52 -14.51 14.33
CA SER G 708 82.91 -14.25 14.00
C SER G 708 83.25 -15.02 12.73
N ASN G 709 84.23 -14.51 11.98
CA ASN G 709 84.54 -15.07 10.68
C ASN G 709 85.33 -16.37 10.76
N ASN G 710 85.71 -16.81 11.95
CA ASN G 710 86.47 -18.06 12.08
C ASN G 710 86.01 -18.94 13.23
N SER G 711 84.87 -18.66 13.85
CA SER G 711 84.38 -19.43 14.98
C SER G 711 82.98 -19.93 14.71
N ILE G 712 82.72 -21.18 15.08
CA ILE G 712 81.40 -21.80 14.94
C ILE G 712 81.04 -22.49 16.25
N ALA G 713 79.75 -22.72 16.43
CA ALA G 713 79.22 -23.40 17.61
C ALA G 713 78.57 -24.70 17.17
N ILE G 714 78.87 -25.79 17.86
CA ILE G 714 78.35 -27.11 17.50
C ILE G 714 77.71 -27.74 18.73
N PRO G 715 76.50 -28.27 18.63
CA PRO G 715 75.84 -28.88 19.78
C PRO G 715 76.57 -30.13 20.25
N THR G 716 76.47 -30.38 21.56
CA THR G 716 77.06 -31.55 22.17
C THR G 716 76.04 -32.50 22.78
N ASN G 717 74.75 -32.14 22.80
CA ASN G 717 73.71 -32.97 23.39
C ASN G 717 72.39 -32.59 22.73
N PHE G 718 71.41 -33.46 22.88
CA PHE G 718 70.10 -33.25 22.28
C PHE G 718 69.00 -33.52 23.29
N THR G 719 67.86 -32.87 23.09
CA THR G 719 66.68 -33.03 23.94
C THR G 719 65.47 -33.19 23.03
N ILE G 720 65.17 -34.44 22.64
CA ILE G 720 64.04 -34.68 21.75
C ILE G 720 62.76 -34.22 22.43
N SER G 721 61.88 -33.60 21.66
CA SER G 721 60.68 -32.97 22.19
C SER G 721 59.46 -33.43 21.41
N VAL G 722 58.32 -33.48 22.10
CA VAL G 722 57.04 -33.85 21.52
C VAL G 722 56.09 -32.68 21.68
N THR G 723 55.50 -32.23 20.59
CA THR G 723 54.52 -31.15 20.59
C THR G 723 53.23 -31.63 19.94
N THR G 724 52.22 -30.78 20.00
CA THR G 724 50.90 -31.09 19.45
C THR G 724 50.49 -30.01 18.46
N GLU G 725 49.62 -30.41 17.53
CA GLU G 725 49.00 -29.46 16.61
C GLU G 725 47.59 -29.95 16.31
N ILE G 726 46.60 -29.12 16.60
CA ILE G 726 45.19 -29.50 16.53
C ILE G 726 44.56 -28.79 15.35
N LEU G 727 43.90 -29.57 14.49
CA LEU G 727 43.32 -29.06 13.24
C LEU G 727 41.89 -29.57 13.11
N PRO G 728 40.89 -28.70 13.10
CA PRO G 728 39.53 -29.16 12.80
C PRO G 728 39.41 -29.64 11.37
N VAL G 729 38.54 -30.64 11.16
CA VAL G 729 38.37 -31.21 9.84
C VAL G 729 36.92 -31.19 9.35
N SER G 730 35.91 -31.16 10.21
CA SER G 730 34.54 -31.22 9.74
C SER G 730 33.62 -30.50 10.71
N MET G 731 32.45 -30.12 10.21
CA MET G 731 31.41 -29.45 10.98
C MET G 731 30.26 -30.42 11.21
N THR G 732 29.25 -29.96 11.94
CA THR G 732 28.04 -30.74 12.17
C THR G 732 27.15 -30.67 10.92
N LYS G 733 26.67 -31.84 10.49
CA LYS G 733 25.84 -31.93 9.30
C LYS G 733 24.42 -31.50 9.66
N THR G 734 24.06 -30.27 9.33
CA THR G 734 22.73 -29.75 9.62
C THR G 734 22.06 -29.32 8.31
N SER G 735 20.78 -29.67 8.19
CA SER G 735 19.96 -29.29 7.05
C SER G 735 18.66 -28.70 7.55
N VAL G 736 18.31 -27.53 7.04
CA VAL G 736 17.14 -26.78 7.50
C VAL G 736 16.11 -26.77 6.37
N ASP G 737 14.89 -27.19 6.68
CA ASP G 737 13.81 -27.16 5.71
C ASP G 737 13.32 -25.73 5.51
N CYS G 738 13.30 -25.30 4.26
CA CYS G 738 12.88 -23.93 3.95
C CYS G 738 11.41 -23.71 4.22
N THR G 739 10.56 -24.61 3.72
CA THR G 739 9.11 -24.42 3.82
C THR G 739 8.65 -24.45 5.27
N MET G 740 9.12 -25.45 6.03
CA MET G 740 8.69 -25.56 7.42
C MET G 740 9.26 -24.43 8.26
N TYR G 741 10.44 -23.91 7.90
CA TYR G 741 10.99 -22.77 8.61
C TYR G 741 10.17 -21.51 8.37
N ILE G 742 9.84 -21.23 7.11
CA ILE G 742 9.13 -20.00 6.79
C ILE G 742 7.66 -20.10 7.19
N CYS G 743 7.00 -21.20 6.84
CA CYS G 743 5.57 -21.35 7.05
C CYS G 743 5.21 -22.41 8.07
N GLY G 744 5.86 -23.57 8.05
CA GLY G 744 5.56 -24.65 8.98
C GLY G 744 4.43 -25.55 8.53
N ASP G 745 3.19 -25.09 8.70
CA ASP G 745 2.05 -25.88 8.28
C ASP G 745 0.94 -25.09 7.60
N SER G 746 1.07 -23.77 7.48
CA SER G 746 0.03 -22.99 6.84
C SER G 746 0.08 -23.19 5.33
N THR G 747 -1.04 -23.62 4.75
CA THR G 747 -1.11 -23.79 3.31
C THR G 747 -1.18 -22.47 2.57
N GLU G 748 -1.82 -21.46 3.17
CA GLU G 748 -1.84 -20.14 2.56
C GLU G 748 -0.44 -19.55 2.48
N CYS G 749 0.35 -19.69 3.55
CA CYS G 749 1.72 -19.21 3.51
C CYS G 749 2.53 -19.94 2.45
N SER G 750 2.33 -21.25 2.33
CA SER G 750 3.04 -22.01 1.30
C SER G 750 2.66 -21.53 -0.10
N ASN G 751 1.37 -21.31 -0.33
CA ASN G 751 0.93 -20.85 -1.65
C ASN G 751 1.47 -19.46 -1.96
N LEU G 752 1.61 -18.62 -0.94
CA LEU G 752 2.28 -17.34 -1.14
C LEU G 752 3.76 -17.55 -1.44
N LEU G 753 4.38 -18.55 -0.81
CA LEU G 753 5.80 -18.80 -0.99
C LEU G 753 6.12 -19.30 -2.40
N LEU G 754 5.23 -20.09 -2.99
CA LEU G 754 5.43 -20.51 -4.38
C LEU G 754 5.56 -19.34 -5.34
N GLN G 755 4.96 -18.19 -5.03
CA GLN G 755 5.04 -17.03 -5.90
C GLN G 755 6.44 -16.43 -5.95
N TYR G 756 7.31 -16.77 -5.00
CA TYR G 756 8.65 -16.19 -4.94
C TYR G 756 9.65 -16.89 -5.83
N GLY G 757 9.30 -18.05 -6.40
CA GLY G 757 10.21 -18.73 -7.30
C GLY G 757 10.73 -20.03 -6.75
N SER G 758 12.06 -20.21 -6.79
CA SER G 758 12.70 -21.46 -6.39
C SER G 758 13.89 -21.18 -5.48
N PHE G 759 13.68 -20.33 -4.47
CA PHE G 759 14.76 -20.04 -3.52
C PHE G 759 15.01 -21.21 -2.59
N CYS G 760 13.93 -21.84 -2.11
CA CYS G 760 14.05 -22.90 -1.11
C CYS G 760 14.81 -24.10 -1.67
N THR G 761 14.58 -24.43 -2.94
CA THR G 761 15.31 -25.52 -3.57
C THR G 761 16.80 -25.23 -3.59
N GLN G 762 17.18 -23.99 -3.92
CA GLN G 762 18.59 -23.61 -3.92
C GLN G 762 19.20 -23.73 -2.53
N LEU G 763 18.48 -23.26 -1.51
CA LEU G 763 19.02 -23.34 -0.15
C LEU G 763 19.20 -24.79 0.29
N ASN G 764 18.21 -25.64 0.01
CA ASN G 764 18.35 -27.05 0.36
C ASN G 764 19.51 -27.71 -0.39
N ARG G 765 19.69 -27.36 -1.66
CA ARG G 765 20.80 -27.90 -2.43
C ARG G 765 22.14 -27.48 -1.83
N ALA G 766 22.25 -26.22 -1.41
CA ALA G 766 23.49 -25.76 -0.80
C ALA G 766 23.77 -26.49 0.50
N LEU G 767 22.76 -26.66 1.35
CA LEU G 767 22.99 -27.36 2.62
C LEU G 767 23.36 -28.81 2.41
N THR G 768 22.73 -29.48 1.44
CA THR G 768 23.09 -30.85 1.11
C THR G 768 24.53 -30.94 0.64
N GLY G 769 24.95 -29.99 -0.22
CA GLY G 769 26.33 -29.96 -0.65
C GLY G 769 27.30 -29.79 0.51
N ILE G 770 26.96 -28.92 1.47
CA ILE G 770 27.82 -28.72 2.63
C ILE G 770 27.96 -30.00 3.43
N ALA G 771 26.85 -30.71 3.65
CA ALA G 771 26.91 -31.95 4.43
C ALA G 771 27.78 -33.01 3.74
N VAL G 772 27.58 -33.19 2.44
CA VAL G 772 28.39 -34.15 1.70
C VAL G 772 29.86 -33.74 1.75
N GLU G 773 30.13 -32.43 1.69
CA GLU G 773 31.49 -31.95 1.76
C GLU G 773 32.14 -32.30 3.10
N GLN G 774 31.38 -32.17 4.19
CA GLN G 774 31.92 -32.53 5.50
C GLN G 774 32.27 -34.01 5.56
N ASP G 775 31.39 -34.86 5.03
CA ASP G 775 31.70 -36.29 5.00
C ASP G 775 32.96 -36.57 4.20
N LYS G 776 33.09 -35.92 3.04
CA LYS G 776 34.28 -36.10 2.21
C LYS G 776 35.54 -35.62 2.92
N ASN G 777 35.44 -34.52 3.66
CA ASN G 777 36.59 -34.01 4.41
C ASN G 777 37.07 -35.05 5.42
N THR G 778 36.15 -35.58 6.22
CA THR G 778 36.55 -36.58 7.20
C THR G 778 37.16 -37.80 6.54
N GLN G 779 36.53 -38.29 5.45
CA GLN G 779 37.04 -39.47 4.78
C GLN G 779 38.44 -39.24 4.22
N GLU G 780 38.66 -38.08 3.60
CA GLU G 780 39.98 -37.78 3.04
C GLU G 780 41.04 -37.68 4.13
N VAL G 781 40.71 -37.06 5.25
CA VAL G 781 41.70 -36.90 6.32
C VAL G 781 42.07 -38.25 6.90
N PHE G 782 41.09 -39.09 7.22
CA PHE G 782 41.38 -40.29 7.99
C PHE G 782 41.53 -41.55 7.14
N ALA G 783 40.63 -41.78 6.19
CA ALA G 783 40.65 -43.01 5.39
C ALA G 783 41.80 -42.93 4.39
N GLN G 784 42.99 -43.23 4.87
CA GLN G 784 44.19 -43.25 4.04
C GLN G 784 44.93 -44.58 4.08
N VAL G 785 44.48 -45.54 4.88
CA VAL G 785 45.20 -46.79 5.11
C VAL G 785 44.47 -47.92 4.40
N LYS G 786 45.23 -48.77 3.70
CA LYS G 786 44.63 -49.84 2.93
C LYS G 786 44.08 -50.94 3.83
N GLN G 787 44.85 -51.36 4.83
CA GLN G 787 44.49 -52.46 5.70
C GLN G 787 44.55 -52.01 7.15
N ILE G 788 43.65 -52.54 7.97
CA ILE G 788 43.61 -52.17 9.39
C ILE G 788 44.71 -52.95 10.09
N TYR G 789 45.87 -52.32 10.27
CA TYR G 789 46.98 -52.96 10.94
C TYR G 789 46.70 -53.10 12.43
N LYS G 790 47.48 -53.96 13.07
CA LYS G 790 47.31 -54.22 14.50
C LYS G 790 48.68 -54.39 15.15
N THR G 791 48.86 -53.76 16.30
CA THR G 791 50.13 -53.85 17.01
C THR G 791 50.31 -55.25 17.60
N PRO G 792 51.49 -55.84 17.46
CA PRO G 792 51.72 -57.17 18.02
C PRO G 792 51.56 -57.16 19.52
N PRO G 793 51.14 -58.29 20.12
CA PRO G 793 50.91 -58.31 21.57
C PRO G 793 52.16 -58.00 22.39
N ILE G 794 53.34 -58.36 21.91
CA ILE G 794 54.58 -58.07 22.61
C ILE G 794 54.98 -56.63 22.32
N LYS G 795 55.40 -55.91 23.35
CA LYS G 795 55.71 -54.49 23.27
C LYS G 795 57.20 -54.22 23.41
N ASP G 796 58.04 -55.06 22.80
CA ASP G 796 59.50 -54.88 22.84
C ASP G 796 59.91 -53.86 21.78
N PHE G 797 59.60 -52.59 22.06
CA PHE G 797 59.89 -51.49 21.14
C PHE G 797 61.21 -50.81 21.45
N GLY G 798 62.16 -51.52 22.04
CA GLY G 798 63.46 -50.94 22.32
C GLY G 798 63.44 -49.80 23.33
N GLY G 799 62.65 -49.93 24.39
CA GLY G 799 62.63 -48.95 25.46
C GLY G 799 61.62 -47.84 25.29
N PHE G 800 60.97 -47.73 24.13
CA PHE G 800 59.96 -46.72 23.92
C PHE G 800 58.61 -47.22 24.40
N ASN G 801 57.86 -46.34 25.06
CA ASN G 801 56.60 -46.70 25.69
C ASN G 801 55.47 -45.98 24.96
N PHE G 802 54.62 -46.75 24.27
CA PHE G 802 53.51 -46.20 23.50
C PHE G 802 52.16 -46.52 24.14
N SER G 803 52.14 -46.82 25.44
CA SER G 803 50.88 -47.22 26.09
C SER G 803 49.91 -46.06 26.17
N GLN G 804 50.40 -44.83 26.25
CA GLN G 804 49.50 -43.68 26.37
C GLN G 804 48.72 -43.43 25.09
N ILE G 805 49.30 -43.74 23.93
CA ILE G 805 48.67 -43.44 22.66
C ILE G 805 48.04 -44.67 22.01
N LEU G 806 48.51 -45.87 22.31
CA LEU G 806 47.91 -47.07 21.74
C LEU G 806 46.56 -47.35 22.39
N PRO G 807 45.64 -48.00 21.66
CA PRO G 807 44.32 -48.29 22.23
C PRO G 807 44.40 -49.28 23.38
N ASP G 808 43.41 -49.19 24.26
CA ASP G 808 43.30 -50.08 25.40
C ASP G 808 42.00 -50.86 25.32
N PRO G 809 42.04 -52.20 25.44
CA PRO G 809 40.80 -52.98 25.34
C PRO G 809 39.76 -52.64 26.39
N SER G 810 40.19 -52.28 27.60
CA SER G 810 39.23 -51.96 28.66
C SER G 810 38.50 -50.66 28.36
N LYS G 811 39.18 -49.69 27.76
CA LYS G 811 38.57 -48.42 27.42
C LYS G 811 37.56 -48.59 26.29
N PRO G 812 36.56 -47.69 26.20
CA PRO G 812 35.54 -47.81 25.15
C PRO G 812 36.11 -47.91 23.74
N SER G 813 35.85 -49.05 23.09
CA SER G 813 36.25 -49.30 21.69
C SER G 813 37.78 -49.18 21.61
N LYS G 814 38.32 -48.50 20.60
CA LYS G 814 39.76 -48.35 20.45
C LYS G 814 40.25 -46.98 20.91
N ARG G 815 39.44 -46.27 21.70
CA ARG G 815 39.85 -44.95 22.16
C ARG G 815 40.97 -45.08 23.19
N SER G 816 42.05 -44.33 22.98
CA SER G 816 43.22 -44.39 23.85
C SER G 816 43.05 -43.44 25.03
N PHE G 817 44.10 -43.33 25.83
CA PHE G 817 44.06 -42.47 27.00
C PHE G 817 44.02 -41.00 26.59
N ILE G 818 44.91 -40.60 25.68
CA ILE G 818 44.94 -39.20 25.23
C ILE G 818 43.69 -38.87 24.43
N GLU G 819 43.20 -39.83 23.64
CA GLU G 819 41.94 -39.61 22.93
C GLU G 819 40.78 -39.44 23.92
N ASP G 820 40.77 -40.20 25.00
CA ASP G 820 39.76 -40.01 26.04
C ASP G 820 39.87 -38.63 26.67
N LEU G 821 41.09 -38.18 26.95
CA LEU G 821 41.26 -36.84 27.52
C LEU G 821 40.76 -35.77 26.57
N LEU G 822 41.04 -35.92 25.27
CA LEU G 822 40.57 -34.94 24.29
C LEU G 822 39.05 -34.96 24.18
N PHE G 823 38.44 -36.15 24.17
CA PHE G 823 37.00 -36.25 24.03
C PHE G 823 36.26 -35.74 25.26
N ASN G 824 36.89 -35.84 26.43
CA ASN G 824 36.30 -35.29 27.65
C ASN G 824 36.60 -33.81 27.84
N LYS G 825 37.64 -33.30 27.17
CA LYS G 825 38.04 -31.91 27.37
C LYS G 825 37.03 -30.95 26.75
N VAL G 826 36.41 -31.33 25.63
CA VAL G 826 35.46 -30.45 24.97
C VAL G 826 34.24 -30.26 25.85
N THR G 827 33.80 -29.01 25.96
CA THR G 827 32.66 -28.66 26.81
C THR G 827 31.53 -28.04 25.99
N LYS G 854 11.70 -31.05 18.87
CA LYS G 854 12.99 -30.62 18.34
C LYS G 854 12.99 -29.12 18.08
N PHE G 855 13.01 -28.74 16.81
CA PHE G 855 13.04 -27.34 16.39
C PHE G 855 12.12 -27.15 15.17
N ASN G 856 12.23 -25.98 14.55
CA ASN G 856 11.35 -25.60 13.44
C ASN G 856 12.04 -25.94 12.13
N GLY G 857 11.89 -27.20 11.72
CA GLY G 857 12.49 -27.67 10.49
C GLY G 857 13.96 -28.01 10.60
N LEU G 858 14.58 -27.85 11.76
CA LEU G 858 16.00 -28.08 11.94
C LEU G 858 16.27 -29.56 12.17
N THR G 859 17.21 -30.11 11.41
CA THR G 859 17.68 -31.47 11.59
C THR G 859 19.20 -31.47 11.62
N VAL G 860 19.76 -32.35 12.46
CA VAL G 860 21.20 -32.53 12.55
C VAL G 860 21.49 -33.94 12.05
N LEU G 861 22.17 -34.03 10.92
CA LEU G 861 22.43 -35.33 10.32
C LEU G 861 23.59 -36.01 11.04
N PRO G 862 23.59 -37.35 11.14
CA PRO G 862 24.70 -38.04 11.78
C PRO G 862 25.82 -38.29 10.78
N PRO G 863 27.08 -38.19 11.20
CA PRO G 863 28.18 -38.43 10.27
C PRO G 863 28.24 -39.88 9.83
N LEU G 864 28.73 -40.07 8.60
CA LEU G 864 28.84 -41.42 8.06
C LEU G 864 29.86 -42.26 8.82
N LEU G 865 30.98 -41.65 9.21
CA LEU G 865 32.03 -42.33 9.97
C LEU G 865 31.84 -42.01 11.45
N THR G 866 31.45 -43.02 12.21
CA THR G 866 31.29 -42.83 13.65
C THR G 866 32.66 -42.65 14.32
N ASP G 867 32.63 -42.17 15.56
CA ASP G 867 33.87 -41.99 16.30
C ASP G 867 34.62 -43.30 16.49
N GLU G 868 33.89 -44.41 16.60
CA GLU G 868 34.53 -45.72 16.73
C GLU G 868 35.36 -46.06 15.50
N MET G 869 34.81 -45.81 14.31
CA MET G 869 35.55 -46.11 13.08
C MET G 869 36.72 -45.16 12.89
N ILE G 870 36.56 -43.89 13.28
CA ILE G 870 37.67 -42.96 13.18
C ILE G 870 38.80 -43.37 14.12
N ALA G 871 38.45 -43.78 15.35
CA ALA G 871 39.46 -44.27 16.28
C ALA G 871 40.13 -45.54 15.77
N GLN G 872 39.37 -46.41 15.09
CA GLN G 872 39.96 -47.60 14.50
C GLN G 872 40.95 -47.24 13.39
N TYR G 873 40.60 -46.27 12.55
CA TYR G 873 41.53 -45.80 11.53
C TYR G 873 42.80 -45.25 12.16
N THR G 874 42.65 -44.45 13.22
CA THR G 874 43.81 -43.88 13.90
C THR G 874 44.70 -44.96 14.51
N SER G 875 44.09 -45.98 15.13
CA SER G 875 44.88 -47.07 15.69
C SER G 875 45.58 -47.85 14.60
N ALA G 876 44.93 -48.04 13.45
CA ALA G 876 45.59 -48.72 12.34
C ALA G 876 46.80 -47.93 11.86
N LEU G 877 46.67 -46.60 11.75
CA LEU G 877 47.80 -45.79 11.34
C LEU G 877 48.94 -45.89 12.36
N LEU G 878 48.61 -45.84 13.66
CA LEU G 878 49.62 -45.91 14.69
C LEU G 878 50.36 -47.24 14.64
N ALA G 879 49.62 -48.35 14.51
CA ALA G 879 50.25 -49.66 14.44
C ALA G 879 51.14 -49.77 13.21
N GLY G 880 50.67 -49.27 12.07
CA GLY G 880 51.48 -49.32 10.87
C GLY G 880 52.77 -48.54 10.99
N THR G 881 52.69 -47.31 11.50
CA THR G 881 53.89 -46.49 11.59
C THR G 881 54.85 -47.01 12.66
N ILE G 882 54.33 -47.62 13.72
CA ILE G 882 55.21 -48.19 14.74
C ILE G 882 55.91 -49.43 14.21
N THR G 883 55.18 -50.30 13.52
CA THR G 883 55.75 -51.57 13.09
C THR G 883 56.62 -51.41 11.84
N SER G 884 56.04 -50.94 10.75
CA SER G 884 56.70 -50.93 9.44
C SER G 884 57.34 -49.59 9.10
N GLY G 885 57.30 -48.61 9.98
CA GLY G 885 57.92 -47.33 9.67
C GLY G 885 57.14 -46.58 8.61
N TRP G 886 57.85 -46.07 7.61
CA TRP G 886 57.22 -45.36 6.50
C TRP G 886 56.97 -46.27 5.29
N THR G 887 57.28 -47.55 5.40
CA THR G 887 57.16 -48.44 4.26
C THR G 887 55.70 -48.68 3.89
N PHE G 888 54.81 -48.76 4.88
CA PHE G 888 53.41 -49.06 4.60
C PHE G 888 52.72 -47.94 3.84
N GLY G 889 53.27 -46.72 3.85
CA GLY G 889 52.68 -45.63 3.11
C GLY G 889 52.94 -45.65 1.62
N ALA G 890 53.85 -46.52 1.15
CA ALA G 890 54.18 -46.62 -0.26
C ALA G 890 53.75 -47.95 -0.86
N GLY G 891 54.19 -49.06 -0.28
CA GLY G 891 53.82 -50.37 -0.77
C GLY G 891 53.21 -51.25 0.29
N ALA G 892 53.82 -52.42 0.53
CA ALA G 892 53.36 -53.33 1.56
C ALA G 892 53.99 -52.94 2.90
N ALA G 893 53.54 -53.61 3.97
CA ALA G 893 54.03 -53.34 5.31
C ALA G 893 55.28 -54.18 5.54
N LEU G 894 56.45 -53.57 5.37
CA LEU G 894 57.73 -54.24 5.59
C LEU G 894 58.16 -53.95 7.02
N GLN G 895 58.19 -54.99 7.86
CA GLN G 895 58.48 -54.82 9.27
C GLN G 895 59.92 -54.37 9.49
N ILE G 896 60.14 -53.68 10.61
CA ILE G 896 61.46 -53.19 11.00
C ILE G 896 61.45 -52.99 12.50
N PRO G 897 62.49 -53.41 13.23
CA PRO G 897 62.58 -53.08 14.65
C PRO G 897 62.66 -51.57 14.85
N PHE G 898 62.08 -51.10 15.95
CA PHE G 898 61.92 -49.67 16.15
C PHE G 898 63.26 -48.97 16.28
N ALA G 899 64.25 -49.65 16.85
CA ALA G 899 65.57 -49.04 17.00
C ALA G 899 66.20 -48.74 15.64
N MET G 900 66.14 -49.68 14.71
CA MET G 900 66.70 -49.43 13.37
C MET G 900 65.88 -48.38 12.63
N GLN G 901 64.58 -48.34 12.87
CA GLN G 901 63.75 -47.30 12.27
C GLN G 901 64.17 -45.91 12.75
N MET G 902 64.37 -45.76 14.06
CA MET G 902 64.87 -44.49 14.58
C MET G 902 66.28 -44.19 14.09
N ALA G 903 67.09 -45.21 13.86
CA ALA G 903 68.41 -44.98 13.29
C ALA G 903 68.30 -44.40 11.89
N TYR G 904 67.40 -44.94 11.07
CA TYR G 904 67.15 -44.39 9.75
C TYR G 904 66.66 -42.95 9.85
N ARG G 905 65.77 -42.68 10.80
CA ARG G 905 65.20 -41.34 10.93
C ARG G 905 66.25 -40.34 11.40
N PHE G 906 67.20 -40.77 12.23
CA PHE G 906 68.34 -39.91 12.54
C PHE G 906 69.20 -39.67 11.31
N ASN G 907 69.43 -40.72 10.52
CA ASN G 907 70.17 -40.54 9.27
C ASN G 907 69.47 -39.55 8.34
N GLY G 908 68.14 -39.43 8.46
CA GLY G 908 67.42 -38.48 7.63
C GLY G 908 67.76 -37.05 7.96
N ILE G 909 68.00 -36.74 9.23
CA ILE G 909 68.21 -35.35 9.65
C ILE G 909 69.70 -35.04 9.73
N GLY G 910 70.54 -35.92 9.19
CA GLY G 910 71.96 -35.66 9.10
C GLY G 910 72.79 -36.04 10.31
N VAL G 911 72.30 -36.94 11.16
CA VAL G 911 73.03 -37.42 12.32
C VAL G 911 73.21 -38.92 12.17
N THR G 912 74.44 -39.39 12.37
CA THR G 912 74.73 -40.80 12.15
C THR G 912 73.96 -41.68 13.12
N GLN G 913 73.81 -42.95 12.75
CA GLN G 913 73.00 -43.87 13.54
C GLN G 913 73.67 -44.32 14.83
N ASN G 914 75.00 -44.26 14.90
CA ASN G 914 75.67 -44.63 16.13
C ASN G 914 75.28 -43.69 17.28
N VAL G 915 74.89 -42.45 16.95
CA VAL G 915 74.43 -41.52 17.97
C VAL G 915 73.19 -42.08 18.67
N LEU G 916 72.24 -42.63 17.91
CA LEU G 916 71.10 -43.28 18.52
C LEU G 916 71.51 -44.56 19.23
N TYR G 917 72.28 -45.42 18.55
CA TYR G 917 72.57 -46.73 19.10
C TYR G 917 73.36 -46.66 20.40
N GLU G 918 74.11 -45.58 20.62
CA GLU G 918 74.84 -45.39 21.86
C GLU G 918 74.06 -44.61 22.91
N ASN G 919 72.96 -43.97 22.53
CA ASN G 919 72.11 -43.24 23.45
C ASN G 919 70.65 -43.70 23.34
N GLN G 920 70.44 -45.00 23.16
CA GLN G 920 69.08 -45.51 23.00
C GLN G 920 68.27 -45.33 24.28
N LYS G 921 68.86 -45.67 25.43
CA LYS G 921 68.14 -45.56 26.69
C LYS G 921 67.81 -44.12 27.02
N LEU G 922 68.76 -43.21 26.81
CA LEU G 922 68.50 -41.79 27.09
C LEU G 922 67.41 -41.24 26.20
N ILE G 923 67.44 -41.59 24.90
CA ILE G 923 66.41 -41.12 23.98
C ILE G 923 65.05 -41.68 24.37
N ALA G 924 64.99 -42.95 24.76
CA ALA G 924 63.73 -43.54 25.18
C ALA G 924 63.19 -42.85 26.43
N ASN G 925 64.06 -42.55 27.40
CA ASN G 925 63.63 -41.84 28.59
C ASN G 925 63.11 -40.45 28.25
N GLN G 926 63.81 -39.74 27.36
CA GLN G 926 63.35 -38.41 26.96
C GLN G 926 61.99 -38.47 26.27
N PHE G 927 61.79 -39.45 25.40
CA PHE G 927 60.51 -39.58 24.70
C PHE G 927 59.38 -39.89 25.67
N ASN G 928 59.62 -40.80 26.62
CA ASN G 928 58.60 -41.12 27.61
C ASN G 928 58.27 -39.91 28.48
N SER G 929 59.29 -39.15 28.88
CA SER G 929 59.05 -37.94 29.67
C SER G 929 58.26 -36.92 28.87
N ALA G 930 58.56 -36.78 27.58
CA ALA G 930 57.81 -35.84 26.74
C ALA G 930 56.34 -36.26 26.63
N ILE G 931 56.09 -37.56 26.47
CA ILE G 931 54.71 -38.04 26.40
C ILE G 931 53.99 -37.76 27.71
N GLY G 932 54.67 -37.98 28.84
CA GLY G 932 54.08 -37.65 30.12
C GLY G 932 53.76 -36.17 30.25
N LYS G 933 54.65 -35.31 29.79
CA LYS G 933 54.40 -33.88 29.83
C LYS G 933 53.20 -33.50 28.96
N ILE G 934 53.08 -34.13 27.79
CA ILE G 934 51.93 -33.86 26.92
C ILE G 934 50.64 -34.26 27.60
N GLN G 935 50.61 -35.44 28.21
CA GLN G 935 49.37 -35.87 28.86
C GLN G 935 49.04 -34.98 30.05
N ASP G 936 50.06 -34.54 30.80
CA ASP G 936 49.80 -33.65 31.93
C ASP G 936 49.27 -32.30 31.46
N SER G 937 49.86 -31.74 30.39
CA SER G 937 49.40 -30.44 29.90
C SER G 937 48.02 -30.53 29.29
N LEU G 938 47.67 -31.68 28.70
CA LEU G 938 46.33 -31.84 28.17
C LEU G 938 45.30 -32.03 29.28
N SER G 939 45.65 -32.76 30.33
CA SER G 939 44.69 -33.02 31.41
C SER G 939 44.50 -31.79 32.29
N SER G 940 45.56 -31.01 32.49
CA SER G 940 45.48 -29.86 33.40
C SER G 940 44.82 -28.66 32.74
N THR G 941 45.43 -28.14 31.68
CA THR G 941 44.91 -26.95 31.02
C THR G 941 43.78 -27.33 30.07
N ALA G 942 42.78 -26.46 29.97
CA ALA G 942 41.61 -26.68 29.13
C ALA G 942 41.59 -25.79 27.90
N SER G 943 42.66 -25.03 27.66
CA SER G 943 42.71 -24.11 26.53
C SER G 943 43.35 -24.71 25.29
N ALA G 944 43.68 -26.00 25.32
CA ALA G 944 44.35 -26.62 24.18
C ALA G 944 43.45 -26.64 22.94
N LEU G 945 42.20 -27.05 23.10
CA LEU G 945 41.30 -27.21 21.97
C LEU G 945 40.54 -25.91 21.67
N GLY G 946 41.31 -24.87 21.37
CA GLY G 946 40.70 -23.59 21.03
C GLY G 946 39.93 -23.62 19.74
N LYS G 947 40.50 -24.23 18.69
CA LYS G 947 39.89 -24.17 17.37
C LYS G 947 38.59 -24.98 17.31
N LEU G 948 38.59 -26.17 17.90
CA LEU G 948 37.39 -27.00 17.89
C LEU G 948 36.25 -26.33 18.63
N GLN G 949 36.54 -25.78 19.81
CA GLN G 949 35.52 -25.06 20.57
C GLN G 949 35.05 -23.84 19.80
N ASP G 950 35.95 -23.14 19.12
CA ASP G 950 35.56 -21.99 18.31
C ASP G 950 34.59 -22.39 17.22
N VAL G 951 34.86 -23.49 16.53
CA VAL G 951 33.98 -23.94 15.45
C VAL G 951 32.61 -24.31 16.00
N VAL G 952 32.59 -25.06 17.11
CA VAL G 952 31.32 -25.45 17.72
C VAL G 952 30.52 -24.22 18.12
N ASN G 953 31.18 -23.24 18.73
CA ASN G 953 30.50 -22.03 19.17
C ASN G 953 29.96 -21.25 17.98
N GLN G 954 30.71 -21.17 16.89
CA GLN G 954 30.24 -20.46 15.71
C GLN G 954 28.98 -21.10 15.14
N ASN G 955 28.99 -22.43 15.01
CA ASN G 955 27.81 -23.11 14.48
C ASN G 955 26.60 -22.92 15.39
N ALA G 956 26.82 -23.06 16.71
CA ALA G 956 25.72 -22.88 17.65
C ALA G 956 25.17 -21.46 17.61
N GLN G 957 26.06 -20.46 17.47
CA GLN G 957 25.62 -19.09 17.37
C GLN G 957 24.76 -18.86 16.14
N ALA G 958 25.17 -19.43 15.00
CA ALA G 958 24.38 -19.28 13.78
C ALA G 958 22.99 -19.88 13.95
N LEU G 959 22.92 -21.10 14.51
CA LEU G 959 21.62 -21.73 14.70
C LEU G 959 20.75 -20.96 15.67
N ASN G 960 21.33 -20.48 16.77
CA ASN G 960 20.55 -19.70 17.73
C ASN G 960 20.05 -18.40 17.12
N THR G 961 20.87 -17.76 16.28
CA THR G 961 20.45 -16.54 15.62
C THR G 961 19.28 -16.81 14.69
N LEU G 962 19.31 -17.92 13.95
CA LEU G 962 18.19 -18.26 13.08
C LEU G 962 16.91 -18.49 13.88
N VAL G 963 17.02 -19.27 14.95
CA VAL G 963 15.83 -19.57 15.76
C VAL G 963 15.27 -18.30 16.38
N LYS G 964 16.13 -17.38 16.82
CA LYS G 964 15.63 -16.12 17.37
C LYS G 964 15.06 -15.22 16.28
N GLN G 965 15.60 -15.28 15.06
CA GLN G 965 15.02 -14.53 13.96
C GLN G 965 13.63 -15.02 13.60
N LEU G 966 13.29 -16.26 13.96
CA LEU G 966 11.90 -16.69 13.80
C LEU G 966 10.90 -15.83 14.57
N SER G 967 11.33 -14.89 15.39
CA SER G 967 10.43 -14.15 16.27
C SER G 967 10.75 -12.66 16.27
N SER G 968 10.59 -12.07 15.08
CA SER G 968 10.70 -10.61 14.90
C SER G 968 9.49 -10.25 14.04
N ASN G 969 8.78 -9.17 14.33
CA ASN G 969 7.52 -8.85 13.61
C ASN G 969 7.75 -8.69 12.10
N PHE G 970 8.85 -8.05 11.71
CA PHE G 970 9.15 -7.78 10.28
C PHE G 970 8.13 -6.78 9.74
N GLY G 971 7.43 -6.08 10.65
CA GLY G 971 6.45 -5.06 10.23
C GLY G 971 5.02 -5.56 10.31
N ALA G 972 4.83 -6.89 10.34
CA ALA G 972 3.46 -7.45 10.35
C ALA G 972 2.76 -7.14 11.68
N ILE G 973 1.48 -7.48 11.79
CA ILE G 973 0.70 -7.20 13.03
C ILE G 973 1.28 -8.06 14.16
N SER G 974 1.70 -9.28 13.86
CA SER G 974 2.21 -10.20 14.91
C SER G 974 3.33 -11.08 14.37
N SER G 975 4.19 -11.60 15.26
CA SER G 975 5.29 -12.46 14.86
C SER G 975 4.91 -13.93 14.77
N VAL G 976 3.63 -14.28 15.00
CA VAL G 976 3.15 -15.64 14.93
C VAL G 976 2.17 -15.75 13.77
N LEU G 977 2.30 -16.81 12.97
CA LEU G 977 1.50 -16.94 11.76
C LEU G 977 0.08 -17.38 12.07
N ASN G 978 -0.10 -18.23 13.08
CA ASN G 978 -1.43 -18.77 13.37
C ASN G 978 -2.40 -17.67 13.77
N ASP G 979 -1.96 -16.72 14.60
CA ASP G 979 -2.85 -15.62 14.98
C ASP G 979 -3.16 -14.73 13.79
N ILE G 980 -2.19 -14.52 12.90
CA ILE G 980 -2.46 -13.73 11.69
C ILE G 980 -3.54 -14.40 10.87
N LEU G 981 -3.46 -15.72 10.71
CA LEU G 981 -4.49 -16.43 9.95
C LEU G 981 -5.84 -16.40 10.65
N SER G 982 -5.84 -16.48 11.99
CA SER G 982 -7.11 -16.56 12.71
C SER G 982 -7.81 -15.22 12.82
N ARG G 983 -7.07 -14.12 12.84
CA ARG G 983 -7.66 -12.81 13.10
C ARG G 983 -8.14 -12.09 11.84
N LEU G 984 -7.56 -12.40 10.68
CA LEU G 984 -7.82 -11.63 9.48
C LEU G 984 -8.26 -12.53 8.33
N ASP G 985 -9.03 -11.95 7.42
CA ASP G 985 -9.41 -12.63 6.19
C ASP G 985 -8.23 -12.69 5.23
N PRO G 986 -8.23 -13.65 4.31
CA PRO G 986 -7.07 -13.84 3.42
C PRO G 986 -6.68 -12.57 2.66
N PRO G 987 -7.65 -11.79 2.12
CA PRO G 987 -7.23 -10.55 1.43
C PRO G 987 -6.47 -9.58 2.33
N GLU G 988 -6.83 -9.49 3.60
CA GLU G 988 -6.14 -8.60 4.53
C GLU G 988 -5.01 -9.29 5.28
N ALA G 989 -4.92 -10.62 5.22
CA ALA G 989 -3.84 -11.35 5.87
C ALA G 989 -2.66 -11.60 4.96
N GLU G 990 -2.86 -11.52 3.63
CA GLU G 990 -1.77 -11.77 2.71
C GLU G 990 -0.63 -10.78 2.88
N VAL G 991 -0.94 -9.54 3.27
CA VAL G 991 0.10 -8.53 3.44
C VAL G 991 1.03 -8.91 4.59
N GLN G 992 0.46 -9.25 5.74
CA GLN G 992 1.28 -9.64 6.89
C GLN G 992 2.02 -10.94 6.61
N ILE G 993 1.36 -11.91 5.96
CA ILE G 993 2.04 -13.15 5.63
C ILE G 993 3.22 -12.89 4.70
N ASP G 994 3.06 -11.96 3.76
CA ASP G 994 4.15 -11.64 2.83
C ASP G 994 5.29 -10.93 3.54
N ARG G 995 4.97 -10.06 4.50
CA ARG G 995 6.03 -9.42 5.28
C ARG G 995 6.85 -10.46 6.05
N LEU G 996 6.15 -11.39 6.71
CA LEU G 996 6.84 -12.44 7.45
C LEU G 996 7.66 -13.31 6.51
N ILE G 997 7.11 -13.64 5.34
CA ILE G 997 7.82 -14.48 4.37
C ILE G 997 9.09 -13.79 3.91
N THR G 998 9.01 -12.50 3.59
CA THR G 998 10.19 -11.77 3.15
C THR G 998 11.27 -11.77 4.22
N GLY G 999 10.90 -11.46 5.46
CA GLY G 999 11.89 -11.42 6.52
C GLY G 999 12.55 -12.77 6.75
N ARG G 1000 11.73 -13.83 6.83
CA ARG G 1000 12.27 -15.15 7.11
C ARG G 1000 13.13 -15.66 5.96
N LEU G 1001 12.74 -15.37 4.73
CA LEU G 1001 13.55 -15.77 3.58
C LEU G 1001 14.89 -15.05 3.58
N GLN G 1002 14.91 -13.76 3.91
CA GLN G 1002 16.18 -13.04 3.98
C GLN G 1002 17.08 -13.62 5.06
N SER G 1003 16.52 -13.93 6.23
CA SER G 1003 17.33 -14.50 7.30
C SER G 1003 17.90 -15.86 6.90
N LEU G 1004 17.08 -16.70 6.24
CA LEU G 1004 17.56 -18.00 5.80
C LEU G 1004 18.68 -17.86 4.77
N GLN G 1005 18.55 -16.91 3.84
CA GLN G 1005 19.59 -16.69 2.85
C GLN G 1005 20.90 -16.26 3.51
N THR G 1006 20.81 -15.38 4.50
CA THR G 1006 22.00 -14.96 5.22
C THR G 1006 22.68 -16.15 5.90
N TYR G 1007 21.87 -17.00 6.55
CA TYR G 1007 22.42 -18.18 7.21
C TYR G 1007 23.12 -19.09 6.22
N VAL G 1008 22.51 -19.32 5.05
CA VAL G 1008 23.10 -20.22 4.07
C VAL G 1008 24.43 -19.66 3.55
N THR G 1009 24.48 -18.35 3.28
CA THR G 1009 25.73 -17.77 2.79
C THR G 1009 26.85 -17.89 3.83
N GLN G 1010 26.55 -17.58 5.09
CA GLN G 1010 27.56 -17.70 6.13
C GLN G 1010 28.03 -19.14 6.27
N GLN G 1011 27.10 -20.10 6.18
CA GLN G 1011 27.48 -21.51 6.25
C GLN G 1011 28.37 -21.90 5.09
N LEU G 1012 28.10 -21.38 3.89
CA LEU G 1012 28.95 -21.70 2.74
C LEU G 1012 30.38 -21.20 2.95
N ILE G 1013 30.52 -19.97 3.45
CA ILE G 1013 31.88 -19.44 3.69
C ILE G 1013 32.59 -20.26 4.76
N ARG G 1014 31.88 -20.59 5.85
CA ARG G 1014 32.47 -21.41 6.90
C ARG G 1014 32.89 -22.78 6.38
N ALA G 1015 32.06 -23.37 5.51
CA ALA G 1015 32.40 -24.66 4.93
C ALA G 1015 33.64 -24.57 4.06
N ALA G 1016 33.80 -23.48 3.32
CA ALA G 1016 35.03 -23.30 2.55
C ALA G 1016 36.26 -23.25 3.45
N GLU G 1017 36.16 -22.51 4.56
CA GLU G 1017 37.29 -22.43 5.49
C GLU G 1017 37.60 -23.80 6.10
N ILE G 1018 36.57 -24.55 6.49
CA ILE G 1018 36.78 -25.87 7.08
C ILE G 1018 37.36 -26.83 6.05
N ARG G 1019 36.96 -26.71 4.78
CA ARG G 1019 37.52 -27.56 3.74
C ARG G 1019 39.00 -27.28 3.54
N ALA G 1020 39.40 -26.00 3.58
CA ALA G 1020 40.82 -25.67 3.51
C ALA G 1020 41.57 -26.29 4.69
N SER G 1021 41.00 -26.20 5.90
CA SER G 1021 41.66 -26.78 7.06
C SER G 1021 41.78 -28.30 6.93
N ALA G 1022 40.74 -28.96 6.41
CA ALA G 1022 40.76 -30.41 6.27
C ALA G 1022 41.77 -30.84 5.21
N ASN G 1023 41.90 -30.06 4.13
CA ASN G 1023 42.94 -30.34 3.14
C ASN G 1023 44.33 -30.24 3.76
N LEU G 1024 44.55 -29.20 4.57
CA LEU G 1024 45.84 -29.08 5.25
C LEU G 1024 46.08 -30.26 6.19
N ALA G 1025 45.05 -30.70 6.91
CA ALA G 1025 45.19 -31.82 7.83
C ALA G 1025 45.52 -33.10 7.08
N ALA G 1026 44.87 -33.33 5.95
CA ALA G 1026 45.17 -34.52 5.14
C ALA G 1026 46.60 -34.49 4.63
N THR G 1027 47.05 -33.32 4.15
CA THR G 1027 48.43 -33.21 3.69
C THR G 1027 49.41 -33.46 4.82
N LYS G 1028 49.15 -32.92 6.00
CA LYS G 1028 50.02 -33.13 7.15
C LYS G 1028 50.08 -34.61 7.52
N MET G 1029 48.92 -35.28 7.52
CA MET G 1029 48.91 -36.71 7.80
C MET G 1029 49.76 -37.46 6.80
N SER G 1030 49.55 -37.22 5.51
CA SER G 1030 50.26 -37.97 4.48
C SER G 1030 51.76 -37.75 4.56
N GLU G 1031 52.20 -36.51 4.79
CA GLU G 1031 53.62 -36.19 4.71
C GLU G 1031 54.34 -36.18 6.05
N CYS G 1032 53.65 -36.45 7.15
CA CYS G 1032 54.34 -36.47 8.43
C CYS G 1032 54.10 -37.77 9.19
N VAL G 1033 52.92 -38.36 9.03
CA VAL G 1033 52.67 -39.65 9.67
C VAL G 1033 53.16 -40.78 8.79
N LEU G 1034 52.90 -40.71 7.49
CA LEU G 1034 53.31 -41.73 6.54
C LEU G 1034 54.71 -41.48 5.97
N GLY G 1035 55.52 -40.68 6.66
CA GLY G 1035 56.86 -40.40 6.18
C GLY G 1035 57.54 -39.41 7.10
N GLN G 1036 58.69 -38.93 6.65
CA GLN G 1036 59.45 -37.92 7.38
C GLN G 1036 59.70 -36.73 6.45
N SER G 1037 59.27 -35.55 6.89
CA SER G 1037 59.26 -34.36 6.04
C SER G 1037 60.51 -33.53 6.29
N LYS G 1038 61.15 -33.08 5.22
CA LYS G 1038 62.29 -32.19 5.31
C LYS G 1038 61.89 -30.72 5.32
N ARG G 1039 60.59 -30.42 5.22
CA ARG G 1039 60.12 -29.05 5.26
C ARG G 1039 60.40 -28.45 6.63
N VAL G 1040 60.80 -27.17 6.65
CA VAL G 1040 61.52 -26.61 7.79
C VAL G 1040 60.65 -26.61 9.05
N ASP G 1041 59.39 -26.18 8.93
CA ASP G 1041 58.53 -26.04 10.11
C ASP G 1041 57.13 -26.55 9.79
N PHE G 1042 57.01 -27.51 8.88
CA PHE G 1042 55.70 -28.08 8.58
C PHE G 1042 55.14 -28.84 9.78
N CYS G 1043 55.98 -29.59 10.47
CA CYS G 1043 55.55 -30.47 11.56
C CYS G 1043 56.46 -30.23 12.76
N GLY G 1044 56.06 -29.30 13.63
CA GLY G 1044 56.83 -28.99 14.81
C GLY G 1044 58.02 -28.10 14.52
N LYS G 1045 58.65 -27.64 15.59
CA LYS G 1045 59.84 -26.81 15.48
C LYS G 1045 61.07 -27.66 15.76
N GLY G 1046 62.05 -27.58 14.88
CA GLY G 1046 63.23 -28.41 14.92
C GLY G 1046 63.32 -29.33 13.72
N TYR G 1047 64.01 -30.45 13.91
CA TYR G 1047 64.20 -31.44 12.85
C TYR G 1047 63.24 -32.59 13.08
N HIS G 1048 62.39 -32.84 12.08
CA HIS G 1048 61.33 -33.83 12.21
C HIS G 1048 61.89 -35.23 12.35
N LEU G 1049 61.30 -36.02 13.26
CA LEU G 1049 61.60 -37.44 13.39
C LEU G 1049 60.40 -38.30 13.02
N MET G 1050 59.27 -38.13 13.70
CA MET G 1050 58.03 -38.82 13.34
C MET G 1050 56.87 -38.10 14.00
N SER G 1051 55.66 -38.48 13.59
CA SER G 1051 54.44 -37.91 14.16
C SER G 1051 53.45 -39.02 14.40
N PHE G 1052 52.55 -38.80 15.36
CA PHE G 1052 51.52 -39.77 15.71
C PHE G 1052 50.16 -39.09 15.66
N PRO G 1053 49.17 -39.71 15.02
CA PRO G 1053 47.83 -39.12 15.00
C PRO G 1053 46.96 -39.59 16.14
N GLN G 1054 46.10 -38.69 16.61
CA GLN G 1054 45.08 -39.02 17.60
C GLN G 1054 43.78 -38.37 17.17
N SER G 1055 42.67 -39.03 17.48
CA SER G 1055 41.36 -38.53 17.09
C SER G 1055 40.93 -37.37 17.97
N ALA G 1056 39.89 -36.68 17.54
CA ALA G 1056 39.31 -35.56 18.26
C ALA G 1056 37.86 -35.44 17.86
N PRO G 1057 37.01 -34.77 18.67
CA PRO G 1057 35.57 -34.69 18.35
C PRO G 1057 35.27 -34.29 16.91
N HIS G 1058 35.84 -33.20 16.44
CA HIS G 1058 35.67 -32.74 15.06
C HIS G 1058 37.00 -32.31 14.47
N GLY G 1059 38.04 -33.09 14.74
CA GLY G 1059 39.36 -32.74 14.27
C GLY G 1059 40.33 -33.88 14.47
N VAL G 1060 41.60 -33.56 14.34
CA VAL G 1060 42.69 -34.52 14.52
C VAL G 1060 43.89 -33.79 15.11
N VAL G 1061 44.57 -34.44 16.05
CA VAL G 1061 45.74 -33.87 16.70
C VAL G 1061 46.95 -34.72 16.32
N PHE G 1062 48.06 -34.06 16.04
CA PHE G 1062 49.31 -34.71 15.68
C PHE G 1062 50.33 -34.47 16.78
N LEU G 1063 50.97 -35.55 17.23
CA LEU G 1063 52.04 -35.46 18.22
C LEU G 1063 53.38 -35.52 17.48
N HIS G 1064 54.01 -34.37 17.31
CA HIS G 1064 55.22 -34.25 16.50
C HIS G 1064 56.44 -34.50 17.38
N VAL G 1065 57.11 -35.62 17.15
CA VAL G 1065 58.37 -35.93 17.83
C VAL G 1065 59.50 -35.30 17.04
N THR G 1066 60.31 -34.49 17.70
CA THR G 1066 61.28 -33.64 17.02
C THR G 1066 62.62 -33.68 17.75
N TYR G 1067 63.69 -33.72 16.98
CA TYR G 1067 65.06 -33.67 17.49
C TYR G 1067 65.54 -32.22 17.45
N VAL G 1068 65.80 -31.64 18.61
CA VAL G 1068 66.32 -30.28 18.70
C VAL G 1068 67.67 -30.32 19.41
N PRO G 1069 68.72 -29.76 18.80
CA PRO G 1069 70.04 -29.79 19.44
C PRO G 1069 70.11 -28.86 20.64
N ALA G 1070 71.01 -29.20 21.57
CA ALA G 1070 71.20 -28.42 22.78
C ALA G 1070 72.67 -28.44 23.16
N GLN G 1071 73.02 -27.64 24.17
CA GLN G 1071 74.35 -27.61 24.76
C GLN G 1071 75.43 -27.33 23.71
N GLU G 1072 75.34 -26.12 23.15
CA GLU G 1072 76.31 -25.69 22.15
C GLU G 1072 77.70 -25.56 22.77
N LYS G 1073 78.70 -25.40 21.91
CA LYS G 1073 80.08 -25.27 22.35
C LYS G 1073 80.87 -24.48 21.32
N ASN G 1074 81.58 -23.45 21.78
CA ASN G 1074 82.38 -22.63 20.89
C ASN G 1074 83.55 -23.43 20.32
N PHE G 1075 83.88 -23.15 19.06
CA PHE G 1075 85.00 -23.81 18.41
C PHE G 1075 85.58 -22.87 17.36
N THR G 1076 86.81 -23.15 16.96
CA THR G 1076 87.47 -22.44 15.88
C THR G 1076 87.53 -23.35 14.66
N THR G 1077 87.14 -22.82 13.51
CA THR G 1077 86.97 -23.61 12.29
C THR G 1077 87.92 -23.12 11.21
N ALA G 1078 87.90 -23.82 10.07
CA ALA G 1078 88.71 -23.49 8.91
C ALA G 1078 88.07 -24.07 7.66
N PRO G 1079 88.03 -23.31 6.56
CA PRO G 1079 87.41 -23.84 5.33
C PRO G 1079 88.11 -25.07 4.78
N ALA G 1080 89.44 -25.15 4.89
CA ALA G 1080 90.18 -26.26 4.31
C ALA G 1080 91.46 -26.48 5.10
N ILE G 1081 92.24 -27.46 4.67
CA ILE G 1081 93.50 -27.83 5.31
C ILE G 1081 94.58 -27.91 4.24
N CYS G 1082 95.71 -27.28 4.49
CA CYS G 1082 96.83 -27.30 3.55
C CYS G 1082 97.81 -28.41 3.96
N HIS G 1083 98.07 -29.33 3.04
CA HIS G 1083 98.96 -30.47 3.30
C HIS G 1083 99.74 -30.75 2.03
N ASP G 1084 101.07 -30.60 2.10
CA ASP G 1084 101.96 -30.77 0.95
C ASP G 1084 101.55 -29.87 -0.21
N GLY G 1085 101.01 -28.70 0.10
CA GLY G 1085 100.53 -27.80 -0.92
C GLY G 1085 99.14 -28.12 -1.47
N LYS G 1086 98.51 -29.18 -0.97
CA LYS G 1086 97.18 -29.58 -1.43
C LYS G 1086 96.12 -29.01 -0.50
N ALA G 1087 94.93 -28.81 -1.05
CA ALA G 1087 93.78 -28.32 -0.29
C ALA G 1087 92.85 -29.49 0.00
N HIS G 1088 92.59 -29.73 1.29
CA HIS G 1088 91.71 -30.81 1.72
C HIS G 1088 90.42 -30.23 2.27
N PHE G 1089 89.30 -30.66 1.70
CA PHE G 1089 87.97 -30.31 2.17
C PHE G 1089 87.31 -31.52 2.81
N PRO G 1090 86.46 -31.32 3.82
CA PRO G 1090 85.83 -32.46 4.47
C PRO G 1090 84.80 -33.12 3.57
N ARG G 1091 84.83 -34.46 3.54
CA ARG G 1091 83.85 -35.21 2.75
C ARG G 1091 82.44 -34.94 3.27
N GLU G 1092 82.24 -35.10 4.57
CA GLU G 1092 81.01 -34.71 5.23
C GLU G 1092 81.37 -34.27 6.65
N GLY G 1093 80.89 -33.09 7.04
CA GLY G 1093 81.21 -32.52 8.33
C GLY G 1093 81.85 -31.14 8.18
N VAL G 1094 82.68 -30.79 9.16
CA VAL G 1094 83.32 -29.49 9.20
C VAL G 1094 84.57 -29.60 10.04
N PHE G 1095 85.58 -28.79 9.71
CA PHE G 1095 86.83 -28.77 10.46
C PHE G 1095 86.67 -27.90 11.70
N VAL G 1096 87.08 -28.44 12.85
CA VAL G 1096 87.04 -27.70 14.11
C VAL G 1096 88.34 -27.91 14.85
N SER G 1097 88.61 -27.02 15.82
CA SER G 1097 89.81 -27.09 16.63
C SER G 1097 89.46 -26.79 18.08
N ASN G 1098 90.04 -27.55 19.01
CA ASN G 1098 89.84 -27.33 20.43
C ASN G 1098 90.87 -26.36 21.02
N GLY G 1099 91.81 -25.88 20.20
CA GLY G 1099 92.78 -24.91 20.66
C GLY G 1099 94.20 -25.23 20.20
N THR G 1100 94.52 -26.51 20.12
CA THR G 1100 95.83 -26.95 19.64
C THR G 1100 95.74 -27.97 18.51
N HIS G 1101 94.76 -28.86 18.54
CA HIS G 1101 94.59 -29.90 17.54
C HIS G 1101 93.40 -29.58 16.64
N TRP G 1102 93.39 -30.22 15.48
CA TRP G 1102 92.31 -30.07 14.51
C TRP G 1102 91.64 -31.41 14.28
N PHE G 1103 90.30 -31.41 14.25
CA PHE G 1103 89.53 -32.62 14.11
C PHE G 1103 88.44 -32.43 13.07
N VAL G 1104 87.78 -33.53 12.72
CA VAL G 1104 86.63 -33.54 11.82
C VAL G 1104 85.42 -34.02 12.61
N THR G 1105 84.34 -33.26 12.55
CA THR G 1105 83.10 -33.64 13.22
C THR G 1105 81.93 -33.33 12.32
N GLN G 1106 80.85 -34.08 12.49
CA GLN G 1106 79.62 -33.80 11.76
C GLN G 1106 79.01 -32.50 12.23
N ARG G 1107 78.25 -31.85 11.34
CA ARG G 1107 77.75 -30.50 11.64
C ARG G 1107 76.73 -30.49 12.78
N ASN G 1108 76.00 -31.59 12.98
CA ASN G 1108 74.88 -31.60 13.92
C ASN G 1108 75.22 -32.29 15.24
N PHE G 1109 76.49 -32.59 15.49
CA PHE G 1109 76.89 -33.24 16.73
C PHE G 1109 78.37 -33.00 16.94
N TYR G 1110 78.83 -33.26 18.17
CA TYR G 1110 80.25 -33.13 18.50
C TYR G 1110 80.82 -34.53 18.66
N GLU G 1111 81.30 -35.09 17.55
CA GLU G 1111 81.96 -36.39 17.54
C GLU G 1111 83.27 -36.24 16.77
N PRO G 1112 84.26 -35.57 17.36
CA PRO G 1112 85.49 -35.28 16.61
C PRO G 1112 86.24 -36.54 16.22
N GLN G 1113 86.89 -36.46 15.06
CA GLN G 1113 87.69 -37.55 14.54
C GLN G 1113 89.00 -36.99 14.02
N ILE G 1114 90.03 -37.85 13.99
CA ILE G 1114 91.33 -37.43 13.47
C ILE G 1114 91.23 -37.25 11.97
N ILE G 1115 91.75 -36.13 11.47
CA ILE G 1115 91.72 -35.85 10.03
C ILE G 1115 92.44 -36.97 9.29
N THR G 1116 91.80 -37.47 8.24
CA THR G 1116 92.31 -38.62 7.49
C THR G 1116 91.95 -38.42 6.02
N THR G 1117 92.73 -39.04 5.13
CA THR G 1117 92.38 -39.00 3.72
C THR G 1117 91.10 -39.76 3.41
N ASP G 1118 90.60 -40.56 4.35
CA ASP G 1118 89.38 -41.32 4.14
C ASP G 1118 88.12 -40.55 4.45
N ASN G 1119 88.23 -39.39 5.13
CA ASN G 1119 87.06 -38.55 5.39
C ASN G 1119 87.23 -37.14 4.83
N THR G 1120 88.28 -36.90 4.04
CA THR G 1120 88.48 -35.63 3.35
C THR G 1120 88.83 -35.90 1.90
N PHE G 1121 88.51 -34.96 1.03
CA PHE G 1121 88.83 -35.06 -0.39
C PHE G 1121 89.66 -33.87 -0.83
N VAL G 1122 90.63 -34.12 -1.69
CA VAL G 1122 91.60 -33.13 -2.11
C VAL G 1122 91.18 -32.56 -3.46
N SER G 1123 91.26 -31.23 -3.59
CA SER G 1123 90.96 -30.57 -4.85
C SER G 1123 91.60 -29.19 -4.83
N GLY G 1124 92.61 -28.98 -5.66
CA GLY G 1124 93.21 -27.67 -5.83
C GLY G 1124 94.50 -27.50 -5.03
N ASN G 1125 94.81 -26.22 -4.77
CA ASN G 1125 96.02 -25.86 -4.04
C ASN G 1125 95.68 -24.93 -2.87
N CYS G 1126 96.71 -24.40 -2.21
CA CYS G 1126 96.54 -23.54 -1.04
C CYS G 1126 96.70 -22.06 -1.38
N ASP G 1127 96.30 -21.65 -2.60
CA ASP G 1127 96.45 -20.27 -3.02
C ASP G 1127 95.14 -19.55 -3.27
N VAL G 1128 94.07 -20.28 -3.55
CA VAL G 1128 92.78 -19.67 -3.88
C VAL G 1128 91.86 -19.62 -2.68
N VAL G 1129 91.83 -20.68 -1.87
CA VAL G 1129 90.95 -20.72 -0.71
C VAL G 1129 91.39 -19.70 0.31
N ILE G 1130 90.44 -18.97 0.88
CA ILE G 1130 90.71 -17.94 1.88
C ILE G 1130 90.46 -18.53 3.26
N GLY G 1131 91.49 -18.55 4.08
CA GLY G 1131 91.39 -19.08 5.43
C GLY G 1131 91.93 -20.48 5.61
N ILE G 1132 92.56 -21.06 4.58
CA ILE G 1132 93.14 -22.39 4.71
C ILE G 1132 94.32 -22.34 5.67
N VAL G 1133 94.39 -23.31 6.58
CA VAL G 1133 95.36 -23.27 7.67
C VAL G 1133 96.34 -24.42 7.54
N ASN G 1134 97.49 -24.25 8.19
CA ASN G 1134 98.50 -25.30 8.24
C ASN G 1134 97.98 -26.49 9.04
N ASN G 1135 98.28 -27.69 8.57
CA ASN G 1135 97.96 -28.92 9.30
C ASN G 1135 98.50 -30.12 8.55
N THR G 1136 98.45 -31.28 9.20
CA THR G 1136 98.88 -32.55 8.64
C THR G 1136 97.73 -33.54 8.61
N VAL G 1137 97.69 -34.37 7.57
CA VAL G 1137 96.64 -35.37 7.39
C VAL G 1137 97.28 -36.75 7.40
N TYR G 1138 96.77 -37.64 8.25
CA TYR G 1138 97.31 -38.98 8.38
C TYR G 1138 96.58 -39.92 7.44
N ASP G 1139 97.35 -40.75 6.73
CA ASP G 1139 96.79 -41.78 5.86
C ASP G 1139 97.19 -43.15 6.38
N PRO G 1140 96.24 -44.08 6.53
CA PRO G 1140 96.59 -45.40 7.10
C PRO G 1140 97.49 -46.24 6.21
N LEU G 1141 97.64 -45.89 4.94
CA LEU G 1141 98.41 -46.72 4.01
C LEU G 1141 99.88 -46.79 4.43
N GLN G 1142 100.47 -45.65 4.80
CA GLN G 1142 101.90 -45.64 5.14
C GLN G 1142 102.22 -46.50 6.35
N PRO G 1143 101.53 -46.38 7.49
CA PRO G 1143 101.83 -47.29 8.62
C PRO G 1143 101.58 -48.76 8.29
N GLU G 1144 100.58 -49.05 7.45
CA GLU G 1144 100.26 -50.44 7.15
C GLU G 1144 101.32 -51.07 6.26
N LEU G 1145 101.79 -50.34 5.24
CA LEU G 1145 102.80 -50.90 4.35
C LEU G 1145 104.15 -51.05 5.05
N ASP G 1146 104.38 -50.28 6.11
CA ASP G 1146 105.64 -50.34 6.84
C ASP G 1146 105.75 -51.66 7.60
N GLN H 1 -43.60 19.63 -16.11
CA GLN H 1 -42.19 19.38 -16.44
C GLN H 1 -41.67 20.37 -17.48
N VAL H 2 -41.18 19.85 -18.62
CA VAL H 2 -40.62 20.71 -19.65
C VAL H 2 -41.70 21.61 -20.22
N GLN H 3 -41.41 22.90 -20.30
CA GLN H 3 -42.32 23.88 -20.86
C GLN H 3 -41.52 25.05 -21.40
N LEU H 4 -41.93 25.55 -22.56
CA LEU H 4 -41.22 26.61 -23.25
C LEU H 4 -42.17 27.78 -23.48
N VAL H 5 -41.69 29.00 -23.25
CA VAL H 5 -42.49 30.21 -23.38
C VAL H 5 -41.87 31.09 -24.45
N GLN H 6 -42.67 31.50 -25.43
CA GLN H 6 -42.21 32.38 -26.49
C GLN H 6 -42.48 33.84 -26.13
N SER H 7 -42.16 34.73 -27.06
CA SER H 7 -42.44 36.15 -26.88
C SER H 7 -43.90 36.45 -27.27
N GLY H 8 -44.31 37.69 -27.04
CA GLY H 8 -45.64 38.10 -27.43
C GLY H 8 -45.78 38.23 -28.94
N ALA H 9 -47.03 38.28 -29.38
CA ALA H 9 -47.31 38.40 -30.80
C ALA H 9 -46.69 39.66 -31.38
N GLU H 10 -46.04 39.52 -32.54
CA GLU H 10 -45.28 40.60 -33.14
C GLU H 10 -46.07 41.25 -34.26
N VAL H 11 -46.20 42.58 -34.18
CA VAL H 11 -46.82 43.39 -35.22
C VAL H 11 -45.79 44.40 -35.70
N LYS H 12 -45.53 44.40 -37.01
CA LYS H 12 -44.47 45.23 -37.56
C LYS H 12 -44.85 45.66 -38.97
N LYS H 13 -44.00 46.51 -39.55
CA LYS H 13 -44.14 47.02 -40.90
C LYS H 13 -43.00 46.50 -41.78
N PRO H 14 -43.23 46.35 -43.08
CA PRO H 14 -42.18 45.82 -43.95
C PRO H 14 -40.93 46.68 -43.94
N GLY H 15 -39.78 46.03 -44.06
CA GLY H 15 -38.49 46.69 -44.02
C GLY H 15 -37.86 46.79 -42.65
N ALA H 16 -38.54 46.33 -41.61
CA ALA H 16 -38.04 46.39 -40.25
C ALA H 16 -37.45 45.04 -39.85
N SER H 17 -37.05 44.92 -38.58
CA SER H 17 -36.47 43.69 -38.07
C SER H 17 -37.16 43.30 -36.77
N VAL H 18 -37.21 41.99 -36.51
CA VAL H 18 -37.92 41.44 -35.37
C VAL H 18 -37.01 40.49 -34.61
N LYS H 19 -37.28 40.32 -33.32
CA LYS H 19 -36.54 39.42 -32.45
C LYS H 19 -37.51 38.47 -31.77
N VAL H 20 -37.22 37.18 -31.83
CA VAL H 20 -38.07 36.15 -31.24
C VAL H 20 -37.27 35.46 -30.14
N SER H 21 -37.88 35.34 -28.96
CA SER H 21 -37.23 34.78 -27.78
C SER H 21 -37.99 33.56 -27.28
N CYS H 22 -37.25 32.52 -26.91
CA CYS H 22 -37.82 31.32 -26.29
C CYS H 22 -37.17 31.12 -24.94
N LYS H 23 -37.99 31.15 -23.89
CA LYS H 23 -37.54 30.94 -22.52
C LYS H 23 -38.03 29.56 -22.06
N ALA H 24 -37.10 28.70 -21.70
CA ALA H 24 -37.41 27.33 -21.34
C ALA H 24 -37.32 27.13 -19.83
N SER H 25 -37.96 26.06 -19.36
CA SER H 25 -37.97 25.73 -17.94
C SER H 25 -38.23 24.24 -17.78
N GLY H 26 -37.92 23.73 -16.60
CA GLY H 26 -38.15 22.34 -16.27
C GLY H 26 -37.10 21.37 -16.74
N TYR H 27 -36.00 21.85 -17.32
CA TYR H 27 -34.94 20.97 -17.77
C TYR H 27 -33.65 21.78 -17.86
N THR H 28 -32.53 21.05 -17.94
CA THR H 28 -31.22 21.69 -18.05
C THR H 28 -31.11 22.38 -19.42
N PHE H 29 -31.11 23.71 -19.41
CA PHE H 29 -31.22 24.46 -20.65
C PHE H 29 -30.03 24.22 -21.58
N THR H 30 -28.85 23.93 -21.01
CA THR H 30 -27.66 23.70 -21.81
C THR H 30 -27.38 22.23 -22.04
N GLY H 31 -28.39 21.38 -21.97
CA GLY H 31 -28.19 19.96 -22.18
C GLY H 31 -28.77 19.46 -23.49
N TYR H 32 -29.57 20.29 -24.15
CA TYR H 32 -30.25 19.90 -25.38
C TYR H 32 -30.19 21.04 -26.39
N TYR H 33 -30.13 20.67 -27.67
CA TYR H 33 -30.15 21.66 -28.73
C TYR H 33 -31.51 22.38 -28.77
N MET H 34 -31.47 23.65 -29.15
CA MET H 34 -32.68 24.45 -29.32
C MET H 34 -32.86 24.73 -30.81
N HIS H 35 -34.02 24.37 -31.34
CA HIS H 35 -34.30 24.49 -32.77
C HIS H 35 -35.35 25.55 -33.04
N TRP H 36 -35.17 26.27 -34.14
CA TRP H 36 -36.09 27.29 -34.61
C TRP H 36 -36.72 26.82 -35.92
N VAL H 37 -38.05 26.87 -35.99
CA VAL H 37 -38.78 26.44 -37.18
C VAL H 37 -39.86 27.46 -37.50
N ARG H 38 -40.34 27.41 -38.73
CA ARG H 38 -41.37 28.32 -39.22
C ARG H 38 -42.46 27.52 -39.93
N GLN H 39 -43.67 28.08 -39.92
CA GLN H 39 -44.82 27.43 -40.55
C GLN H 39 -45.76 28.48 -41.10
N ALA H 40 -45.92 28.50 -42.42
CA ALA H 40 -46.86 29.41 -43.05
C ALA H 40 -48.30 28.95 -42.78
N PRO H 41 -49.25 29.89 -42.73
CA PRO H 41 -50.64 29.51 -42.46
C PRO H 41 -51.23 28.61 -43.55
N GLY H 42 -51.52 27.36 -43.21
CA GLY H 42 -52.09 26.41 -44.13
C GLY H 42 -51.09 25.67 -44.99
N GLN H 43 -49.80 26.02 -44.91
CA GLN H 43 -48.77 25.38 -45.70
C GLN H 43 -48.02 24.36 -44.86
N GLY H 44 -46.95 23.79 -45.41
CA GLY H 44 -46.13 22.83 -44.71
C GLY H 44 -45.17 23.49 -43.75
N LEU H 45 -44.42 22.64 -43.05
CA LEU H 45 -43.46 23.09 -42.06
C LEU H 45 -42.10 23.34 -42.69
N GLU H 46 -41.32 24.20 -42.06
CA GLU H 46 -40.00 24.58 -42.55
C GLU H 46 -39.07 24.77 -41.36
N TRP H 47 -37.77 24.65 -41.62
CA TRP H 47 -36.74 24.65 -40.59
C TRP H 47 -35.85 25.87 -40.75
N MET H 48 -35.55 26.53 -39.63
CA MET H 48 -34.74 27.75 -39.62
C MET H 48 -33.29 27.46 -39.24
N GLY H 49 -33.08 26.88 -38.07
CA GLY H 49 -31.74 26.59 -37.60
C GLY H 49 -31.76 26.06 -36.19
N TRP H 50 -30.57 25.79 -35.66
CA TRP H 50 -30.45 25.39 -34.26
C TRP H 50 -29.29 26.14 -33.62
N ILE H 51 -29.33 26.23 -32.29
CA ILE H 51 -28.34 26.96 -31.50
C ILE H 51 -27.84 26.06 -30.38
N ASN H 52 -26.51 26.02 -30.11
CA ASN H 52 -25.90 25.13 -29.06
C ASN H 52 -25.63 25.94 -27.77
N PRO H 53 -26.56 25.96 -26.77
CA PRO H 53 -26.59 26.89 -25.64
C PRO H 53 -25.21 27.05 -25.00
N ASN H 54 -24.37 26.02 -25.07
CA ASN H 54 -23.03 26.11 -24.52
C ASN H 54 -22.08 27.24 -24.91
N SER H 55 -22.00 27.56 -26.20
CA SER H 55 -21.10 28.60 -26.68
C SER H 55 -21.75 29.62 -27.60
N GLY H 56 -22.82 29.27 -28.30
CA GLY H 56 -23.42 30.16 -29.28
C GLY H 56 -23.22 29.75 -30.72
N GLY H 57 -22.76 28.52 -30.98
CA GLY H 57 -22.61 28.03 -32.34
C GLY H 57 -23.93 28.01 -33.09
N THR H 58 -23.92 28.50 -34.33
CA THR H 58 -25.14 28.63 -35.13
C THR H 58 -24.99 27.90 -36.45
N ASN H 59 -26.09 27.28 -36.88
CA ASN H 59 -26.18 26.68 -38.21
C ASN H 59 -27.50 27.11 -38.82
N TYR H 60 -27.45 27.55 -40.08
CA TYR H 60 -28.62 28.07 -40.77
C TYR H 60 -28.91 27.25 -42.02
N ALA H 61 -30.18 27.29 -42.43
CA ALA H 61 -30.60 26.61 -43.64
C ALA H 61 -30.04 27.33 -44.86
N GLN H 62 -30.09 26.63 -46.00
CA GLN H 62 -29.53 27.18 -47.24
C GLN H 62 -30.26 28.45 -47.67
N LYS H 63 -31.58 28.47 -47.52
CA LYS H 63 -32.41 29.56 -48.00
C LYS H 63 -32.62 30.66 -46.97
N PHE H 64 -32.02 30.55 -45.79
CA PHE H 64 -32.17 31.55 -44.73
C PHE H 64 -30.81 31.99 -44.21
N GLN H 65 -29.90 32.32 -45.13
CA GLN H 65 -28.58 32.83 -44.78
C GLN H 65 -28.52 34.33 -45.06
N GLY H 66 -28.03 35.09 -44.10
CA GLY H 66 -27.86 36.52 -44.27
C GLY H 66 -28.75 37.36 -43.38
N TRP H 67 -30.00 36.94 -43.21
CA TRP H 67 -30.97 37.67 -42.39
C TRP H 67 -31.41 36.90 -41.17
N VAL H 68 -30.69 35.84 -40.79
CA VAL H 68 -31.01 35.04 -39.61
C VAL H 68 -29.81 35.08 -38.67
N THR H 69 -30.05 35.49 -37.43
CA THR H 69 -29.01 35.53 -36.40
C THR H 69 -29.51 34.80 -35.17
N MET H 70 -28.68 33.90 -34.64
CA MET H 70 -29.04 33.06 -33.52
C MET H 70 -28.19 33.45 -32.32
N THR H 71 -28.86 33.83 -31.23
CA THR H 71 -28.15 34.19 -29.97
C THR H 71 -28.96 33.60 -28.81
N ARG H 72 -28.51 33.81 -27.57
CA ARG H 72 -29.28 33.33 -26.39
C ARG H 72 -28.65 33.84 -25.10
N ASP H 73 -29.48 34.18 -24.11
CA ASP H 73 -28.96 34.61 -22.79
C ASP H 73 -29.15 33.46 -21.81
N THR H 74 -28.10 32.69 -21.53
CA THR H 74 -28.29 31.51 -20.69
C THR H 74 -28.48 31.87 -19.23
N SER H 75 -28.06 33.07 -18.80
CA SER H 75 -28.24 33.44 -17.40
C SER H 75 -29.71 33.43 -17.00
N ILE H 76 -30.58 33.80 -17.93
CA ILE H 76 -32.03 33.74 -17.72
C ILE H 76 -32.65 32.62 -18.55
N SER H 77 -31.81 31.85 -19.26
CA SER H 77 -32.24 30.72 -20.07
C SER H 77 -33.24 31.14 -21.15
N THR H 78 -32.76 31.99 -22.05
CA THR H 78 -33.55 32.46 -23.18
C THR H 78 -32.75 32.27 -24.46
N ALA H 79 -33.44 31.87 -25.52
CA ALA H 79 -32.84 31.72 -26.85
C ALA H 79 -33.43 32.77 -27.77
N TYR H 80 -32.57 33.51 -28.46
CA TYR H 80 -32.97 34.63 -29.28
C TYR H 80 -32.78 34.31 -30.76
N MET H 81 -33.73 34.75 -31.58
CA MET H 81 -33.61 34.68 -33.03
C MET H 81 -33.87 36.06 -33.59
N GLU H 82 -32.98 36.53 -34.46
CA GLU H 82 -33.09 37.86 -35.05
C GLU H 82 -33.37 37.74 -36.53
N LEU H 83 -34.45 38.35 -36.98
CA LEU H 83 -34.86 38.37 -38.38
C LEU H 83 -34.78 39.80 -38.90
N SER H 84 -34.03 40.00 -39.99
CA SER H 84 -33.81 41.32 -40.54
C SER H 84 -34.41 41.42 -41.94
N ARG H 85 -34.78 42.64 -42.33
CA ARG H 85 -35.39 42.92 -43.63
C ARG H 85 -36.68 42.12 -43.80
N LEU H 86 -37.62 42.36 -42.89
CA LEU H 86 -38.89 41.64 -42.89
C LEU H 86 -39.70 41.97 -44.13
N ARG H 87 -40.41 40.97 -44.64
CA ARG H 87 -41.28 41.12 -45.80
C ARG H 87 -42.64 40.51 -45.48
N SER H 88 -43.65 40.94 -46.26
CA SER H 88 -45.01 40.47 -46.02
C SER H 88 -45.16 38.97 -46.24
N ASP H 89 -44.25 38.36 -47.00
CA ASP H 89 -44.33 36.91 -47.24
C ASP H 89 -43.91 36.10 -46.02
N ASP H 90 -43.31 36.72 -45.01
CA ASP H 90 -42.85 36.03 -43.82
C ASP H 90 -43.86 36.07 -42.69
N THR H 91 -45.06 36.56 -42.93
CA THR H 91 -46.11 36.53 -41.93
C THR H 91 -46.51 35.07 -41.66
N ALA H 92 -46.08 34.53 -40.54
CA ALA H 92 -46.29 33.12 -40.24
C ALA H 92 -46.19 32.94 -38.72
N VAL H 93 -46.08 31.68 -38.29
CA VAL H 93 -45.95 31.33 -36.88
C VAL H 93 -44.61 30.64 -36.69
N TYR H 94 -43.88 31.04 -35.65
CA TYR H 94 -42.54 30.53 -35.40
C TYR H 94 -42.52 29.78 -34.07
N TYR H 95 -41.86 28.62 -34.08
CA TYR H 95 -41.80 27.73 -32.93
C TYR H 95 -40.35 27.52 -32.49
N CYS H 96 -40.15 27.45 -31.18
CA CYS H 96 -38.89 27.01 -30.60
C CYS H 96 -39.03 25.56 -30.16
N ALA H 97 -38.09 24.72 -30.59
CA ALA H 97 -38.19 23.28 -30.39
C ALA H 97 -36.89 22.73 -29.81
N ARG H 98 -37.03 21.66 -29.04
CA ARG H 98 -35.91 21.03 -28.37
C ARG H 98 -35.38 19.86 -29.18
N GLY H 99 -34.07 19.84 -29.41
CA GLY H 99 -33.41 18.78 -30.14
C GLY H 99 -32.92 17.66 -29.25
N TRP H 100 -31.90 16.96 -29.72
CA TRP H 100 -31.31 15.88 -28.95
C TRP H 100 -30.30 16.47 -27.96
N ALA H 101 -29.57 15.60 -27.26
CA ALA H 101 -28.64 16.05 -26.24
C ALA H 101 -27.40 16.67 -26.87
N THR H 102 -26.90 17.75 -26.26
CA THR H 102 -25.69 18.43 -26.78
C THR H 102 -24.46 17.59 -26.42
N TYR H 103 -24.64 16.59 -25.56
CA TYR H 103 -23.51 15.73 -25.12
C TYR H 103 -23.72 14.32 -25.68
N TYR H 104 -22.64 13.59 -25.95
CA TYR H 104 -22.78 12.19 -26.41
C TYR H 104 -23.26 11.32 -25.24
N ASP H 105 -24.25 10.46 -25.50
CA ASP H 105 -24.73 9.57 -24.45
C ASP H 105 -25.40 8.28 -25.00
N ILE H 106 -25.12 7.14 -24.40
CA ILE H 106 -25.56 5.83 -24.93
C ILE H 106 -26.97 5.47 -24.33
N LEU H 107 -27.28 6.03 -23.16
CA LEU H 107 -28.60 5.76 -22.52
C LEU H 107 -29.64 6.75 -23.07
N THR H 108 -29.21 7.66 -23.96
CA THR H 108 -30.15 8.64 -24.57
C THR H 108 -30.29 8.33 -26.06
N GLY H 109 -31.44 8.67 -26.65
CA GLY H 109 -31.68 8.41 -28.08
C GLY H 109 -31.45 9.64 -28.93
N TYR H 110 -32.31 9.87 -29.93
CA TYR H 110 -32.17 11.02 -30.81
C TYR H 110 -33.53 11.58 -31.19
N SER H 111 -34.37 11.79 -30.18
CA SER H 111 -35.71 12.31 -30.39
C SER H 111 -35.67 13.78 -30.77
N LEU H 112 -35.70 14.07 -32.07
CA LEU H 112 -35.65 15.44 -32.55
C LEU H 112 -37.03 16.09 -32.45
N PHE H 113 -37.03 17.37 -32.10
CA PHE H 113 -38.26 18.17 -31.97
C PHE H 113 -39.21 17.52 -30.96
N ASP H 114 -38.65 17.06 -29.84
CA ASP H 114 -39.45 16.36 -28.84
C ASP H 114 -40.50 17.29 -28.23
N TYR H 115 -40.10 18.50 -27.88
CA TYR H 115 -40.98 19.45 -27.22
C TYR H 115 -41.02 20.76 -28.02
N TRP H 116 -42.22 21.33 -28.13
CA TRP H 116 -42.43 22.58 -28.85
C TRP H 116 -43.03 23.62 -27.89
N GLY H 117 -43.05 24.86 -28.36
CA GLY H 117 -43.65 25.96 -27.64
C GLY H 117 -44.96 26.41 -28.24
N GLN H 118 -45.59 27.37 -27.56
CA GLN H 118 -46.85 27.92 -28.02
C GLN H 118 -46.68 28.62 -29.37
N GLY H 119 -45.61 29.37 -29.52
CA GLY H 119 -45.33 30.02 -30.79
C GLY H 119 -45.70 31.49 -30.78
N THR H 120 -45.05 32.25 -31.64
CA THR H 120 -45.29 33.68 -31.79
C THR H 120 -45.92 33.95 -33.15
N LEU H 121 -47.07 34.62 -33.14
CA LEU H 121 -47.78 34.99 -34.37
C LEU H 121 -47.27 36.35 -34.83
N VAL H 122 -46.37 36.35 -35.81
CA VAL H 122 -45.82 37.58 -36.36
C VAL H 122 -46.69 38.00 -37.55
N THR H 123 -47.11 39.25 -37.55
CA THR H 123 -47.94 39.81 -38.62
C THR H 123 -47.29 41.10 -39.11
N VAL H 124 -46.93 41.13 -40.39
CA VAL H 124 -46.31 42.30 -41.00
C VAL H 124 -47.11 42.68 -42.24
N SER H 125 -47.45 43.96 -42.35
CA SER H 125 -48.22 44.49 -43.47
C SER H 125 -48.18 46.01 -43.40
N SER H 126 -48.79 46.66 -44.37
CA SER H 126 -48.87 48.11 -44.41
C SER H 126 -50.09 48.65 -43.68
N ALA H 127 -50.96 47.79 -43.17
CA ALA H 127 -52.14 48.23 -42.44
C ALA H 127 -51.76 48.66 -41.03
N SER H 128 -52.22 49.84 -40.62
CA SER H 128 -51.91 50.34 -39.29
C SER H 128 -52.84 49.73 -38.25
N THR H 129 -52.43 49.84 -37.00
CA THR H 129 -53.24 49.32 -35.90
C THR H 129 -54.49 50.17 -35.70
N LYS H 130 -55.63 49.52 -35.57
CA LYS H 130 -56.91 50.19 -35.41
C LYS H 130 -57.58 49.74 -34.13
N GLY H 131 -58.12 50.69 -33.37
CA GLY H 131 -58.84 50.41 -32.16
C GLY H 131 -60.10 49.61 -32.43
N PRO H 132 -60.21 48.44 -31.80
CA PRO H 132 -61.37 47.57 -32.06
C PRO H 132 -62.68 48.23 -31.67
N SER H 133 -63.71 47.97 -32.46
CA SER H 133 -65.06 48.42 -32.18
C SER H 133 -65.93 47.20 -31.87
N VAL H 134 -66.60 47.24 -30.73
CA VAL H 134 -67.37 46.10 -30.24
C VAL H 134 -68.84 46.52 -30.15
N PHE H 135 -69.72 45.66 -30.66
CA PHE H 135 -71.16 45.88 -30.65
C PHE H 135 -71.87 44.62 -30.19
N PRO H 136 -73.04 44.76 -29.56
CA PRO H 136 -73.78 43.58 -29.13
C PRO H 136 -74.72 43.05 -30.19
N LEU H 137 -75.40 41.94 -29.90
CA LEU H 137 -76.37 41.35 -30.82
C LEU H 137 -77.55 40.84 -29.99
N ALA H 138 -78.69 41.51 -30.11
CA ALA H 138 -79.87 41.10 -29.35
C ALA H 138 -80.39 39.77 -29.88
N PRO H 139 -80.58 38.77 -29.02
CA PRO H 139 -81.11 37.49 -29.49
C PRO H 139 -82.54 37.62 -30.01
N SER H 140 -82.87 36.78 -30.99
CA SER H 140 -84.19 36.79 -31.60
C SER H 140 -85.24 36.25 -30.63
N GLY H 152 -75.47 37.79 -29.22
CA GLY H 152 -74.08 37.62 -29.58
C GLY H 152 -73.25 38.89 -29.43
N CYS H 153 -71.96 38.78 -29.74
CA CYS H 153 -71.06 39.92 -29.65
C CYS H 153 -70.07 39.86 -30.80
N LEU H 154 -69.82 41.01 -31.43
CA LEU H 154 -68.92 41.10 -32.57
C LEU H 154 -67.88 42.18 -32.33
N VAL H 155 -66.68 41.98 -32.87
CA VAL H 155 -65.57 42.91 -32.75
C VAL H 155 -65.18 43.36 -34.14
N LYS H 156 -65.01 44.67 -34.33
CA LYS H 156 -64.78 45.25 -35.64
C LYS H 156 -63.61 46.23 -35.58
N ASP H 157 -62.92 46.36 -36.72
CA ASP H 157 -61.85 47.35 -36.91
C ASP H 157 -60.70 47.14 -35.90
N TYR H 158 -60.06 45.99 -36.01
CA TYR H 158 -58.90 45.68 -35.18
C TYR H 158 -57.86 44.98 -36.05
N PHE H 159 -56.73 45.64 -36.26
CA PHE H 159 -55.68 45.06 -37.11
C PHE H 159 -55.07 43.80 -36.50
N PRO H 160 -54.65 43.77 -35.23
CA PRO H 160 -54.05 42.54 -34.70
C PRO H 160 -55.07 41.40 -34.63
N GLU H 161 -54.56 40.19 -34.80
CA GLU H 161 -55.38 38.98 -34.82
C GLU H 161 -55.82 38.53 -33.42
N PRO H 162 -54.91 38.32 -32.46
CA PRO H 162 -55.32 37.71 -31.19
C PRO H 162 -56.21 38.66 -30.38
N VAL H 163 -57.40 38.17 -30.04
CA VAL H 163 -58.35 38.92 -29.24
C VAL H 163 -58.94 37.99 -28.19
N THR H 164 -58.97 38.46 -26.95
CA THR H 164 -59.58 37.70 -25.85
C THR H 164 -61.01 38.18 -25.64
N VAL H 165 -61.95 37.22 -25.61
CA VAL H 165 -63.36 37.51 -25.48
C VAL H 165 -63.94 36.71 -24.31
N SER H 166 -64.84 37.34 -23.56
CA SER H 166 -65.51 36.69 -22.45
C SER H 166 -66.92 37.28 -22.33
N TRP H 167 -67.64 36.85 -21.30
CA TRP H 167 -68.99 37.34 -21.04
C TRP H 167 -69.15 37.61 -19.55
N ASN H 168 -69.70 38.79 -19.23
CA ASN H 168 -69.93 39.23 -17.85
C ASN H 168 -68.63 39.19 -17.04
N SER H 169 -67.60 39.85 -17.59
CA SER H 169 -66.29 39.92 -16.97
C SER H 169 -65.71 38.53 -16.70
N GLY H 170 -65.88 37.64 -17.67
CA GLY H 170 -65.37 36.28 -17.54
C GLY H 170 -66.06 35.46 -16.47
N ALA H 171 -67.36 35.62 -16.31
CA ALA H 171 -68.15 34.85 -15.35
C ALA H 171 -69.16 33.92 -16.01
N LEU H 172 -69.82 34.37 -17.07
CA LEU H 172 -70.79 33.54 -17.79
C LEU H 172 -70.06 32.80 -18.91
N THR H 173 -69.45 31.68 -18.54
CA THR H 173 -68.72 30.84 -19.47
C THR H 173 -69.53 29.64 -19.95
N SER H 174 -70.85 29.67 -19.76
CA SER H 174 -71.73 28.59 -20.15
C SER H 174 -72.49 28.96 -21.41
N GLY H 175 -72.45 28.07 -22.40
CA GLY H 175 -73.13 28.31 -23.66
C GLY H 175 -72.45 29.29 -24.58
N VAL H 176 -71.19 29.65 -24.30
CA VAL H 176 -70.46 30.62 -25.10
C VAL H 176 -69.53 29.90 -26.06
N HIS H 177 -69.66 30.19 -27.34
CA HIS H 177 -68.80 29.62 -28.38
C HIS H 177 -68.16 30.74 -29.17
N THR H 178 -66.89 30.57 -29.51
CA THR H 178 -66.14 31.58 -30.25
C THR H 178 -66.00 31.14 -31.70
N PHE H 179 -66.31 32.07 -32.62
CA PHE H 179 -66.22 31.79 -34.05
C PHE H 179 -64.91 32.33 -34.62
N PRO H 180 -64.35 31.66 -35.63
CA PRO H 180 -63.10 32.13 -36.22
C PRO H 180 -63.28 33.51 -36.86
N ALA H 181 -62.23 34.32 -36.77
CA ALA H 181 -62.25 35.65 -37.34
C ALA H 181 -62.11 35.59 -38.86
N VAL H 182 -62.66 36.61 -39.52
CA VAL H 182 -62.60 36.73 -40.98
C VAL H 182 -61.89 38.04 -41.32
N LEU H 183 -60.87 37.96 -42.17
CA LEU H 183 -60.10 39.13 -42.53
C LEU H 183 -60.83 39.95 -43.60
N GLN H 184 -60.83 41.27 -43.43
CA GLN H 184 -61.40 42.18 -44.40
C GLN H 184 -60.32 42.76 -45.29
N SER H 185 -60.75 43.30 -46.44
CA SER H 185 -59.81 43.80 -47.43
C SER H 185 -59.05 45.04 -46.96
N SER H 186 -59.54 45.72 -45.93
CA SER H 186 -58.90 46.94 -45.44
C SER H 186 -57.78 46.67 -44.45
N GLY H 187 -57.50 45.40 -44.14
CA GLY H 187 -56.47 45.04 -43.21
C GLY H 187 -56.96 44.72 -41.81
N LEU H 188 -58.16 45.17 -41.45
CA LEU H 188 -58.73 44.86 -40.15
C LEU H 188 -59.50 43.54 -40.20
N TYR H 189 -59.79 43.00 -39.03
CA TYR H 189 -60.41 41.70 -38.89
C TYR H 189 -61.84 41.86 -38.35
N SER H 190 -62.53 40.73 -38.20
CA SER H 190 -63.88 40.72 -37.65
C SER H 190 -64.15 39.35 -37.07
N LEU H 191 -64.58 39.32 -35.81
CA LEU H 191 -64.88 38.07 -35.12
C LEU H 191 -66.28 38.14 -34.53
N SER H 192 -66.85 36.96 -34.30
CA SER H 192 -68.17 36.84 -33.70
C SER H 192 -68.10 35.92 -32.49
N SER H 193 -68.77 36.30 -31.42
CA SER H 193 -68.85 35.49 -30.20
C SER H 193 -70.27 35.55 -29.69
N VAL H 194 -70.96 34.41 -29.69
CA VAL H 194 -72.37 34.33 -29.35
C VAL H 194 -72.55 33.38 -28.18
N VAL H 195 -73.43 33.76 -27.25
CA VAL H 195 -73.82 32.88 -26.15
C VAL H 195 -75.15 32.22 -26.50
N THR H 196 -75.22 30.92 -26.29
CA THR H 196 -76.41 30.13 -26.66
C THR H 196 -77.29 29.95 -25.44
N VAL H 197 -78.35 30.75 -25.38
CA VAL H 197 -79.35 30.64 -24.31
C VAL H 197 -80.73 30.52 -24.95
N PRO H 198 -81.08 29.38 -25.54
CA PRO H 198 -82.39 29.24 -26.17
C PRO H 198 -83.44 28.71 -25.21
N SER H 199 -84.70 28.85 -25.64
CA SER H 199 -85.86 28.39 -24.86
C SER H 199 -85.85 28.97 -23.45
N SER H 200 -85.50 30.25 -23.35
CA SER H 200 -85.45 30.95 -22.07
C SER H 200 -86.04 32.34 -22.24
N SER H 201 -86.39 32.95 -21.11
CA SER H 201 -87.01 34.27 -21.13
C SER H 201 -86.01 35.39 -21.43
N LEU H 202 -84.71 35.10 -21.39
CA LEU H 202 -83.66 36.08 -21.63
C LEU H 202 -83.75 37.26 -20.66
N GLY H 203 -84.18 36.99 -19.43
CA GLY H 203 -84.32 38.04 -18.44
C GLY H 203 -83.87 37.64 -17.05
N THR H 204 -83.39 36.41 -16.91
CA THR H 204 -82.91 35.96 -15.60
C THR H 204 -81.70 36.76 -15.16
N GLN H 205 -80.76 37.00 -16.07
CA GLN H 205 -79.57 37.79 -15.78
C GLN H 205 -79.29 38.72 -16.95
N THR H 206 -78.64 39.85 -16.66
CA THR H 206 -78.25 40.78 -17.70
C THR H 206 -77.00 40.26 -18.40
N TYR H 207 -77.04 40.20 -19.72
CA TYR H 207 -75.95 39.65 -20.51
C TYR H 207 -75.04 40.76 -21.00
N ILE H 208 -73.76 40.67 -20.65
CA ILE H 208 -72.75 41.63 -21.06
C ILE H 208 -71.61 40.86 -21.70
N CYS H 209 -71.25 41.23 -22.93
CA CYS H 209 -70.14 40.63 -23.64
C CYS H 209 -68.90 41.51 -23.47
N ASN H 210 -67.76 40.88 -23.22
CA ASN H 210 -66.52 41.58 -22.93
C ASN H 210 -65.48 41.26 -24.00
N VAL H 211 -64.75 42.29 -24.43
CA VAL H 211 -63.66 42.14 -25.38
C VAL H 211 -62.38 42.65 -24.71
N ASN H 212 -61.31 41.87 -24.85
CA ASN H 212 -60.01 42.23 -24.27
C ASN H 212 -58.95 42.08 -25.36
N HIS H 213 -58.66 43.18 -26.05
CA HIS H 213 -57.68 43.20 -27.14
C HIS H 213 -56.36 43.73 -26.56
N LYS H 214 -55.52 42.81 -26.11
CA LYS H 214 -54.26 43.20 -25.49
C LYS H 214 -53.33 43.99 -26.41
N PRO H 215 -53.10 43.60 -27.68
CA PRO H 215 -52.23 44.41 -28.53
C PRO H 215 -52.67 45.86 -28.66
N SER H 216 -53.97 46.11 -28.72
CA SER H 216 -54.49 47.47 -28.73
C SER H 216 -54.76 48.02 -27.34
N ASN H 217 -54.64 47.17 -26.30
CA ASN H 217 -54.83 47.58 -24.91
C ASN H 217 -56.21 48.20 -24.69
N THR H 218 -57.24 47.50 -25.15
CA THR H 218 -58.62 47.94 -25.04
C THR H 218 -59.44 46.90 -24.30
N LYS H 219 -60.39 47.37 -23.48
CA LYS H 219 -61.31 46.49 -22.77
C LYS H 219 -62.65 47.21 -22.66
N VAL H 220 -63.60 46.83 -23.51
CA VAL H 220 -64.91 47.48 -23.58
C VAL H 220 -65.99 46.42 -23.35
N ASP H 221 -66.96 46.75 -22.50
CA ASP H 221 -68.07 45.86 -22.18
C ASP H 221 -69.35 46.41 -22.81
N LYS H 222 -70.10 45.51 -23.47
CA LYS H 222 -71.33 45.88 -24.14
C LYS H 222 -72.48 45.07 -23.58
N ARG H 223 -73.60 45.75 -23.30
CA ARG H 223 -74.79 45.11 -22.77
C ARG H 223 -75.60 44.47 -23.90
N VAL H 224 -76.19 43.32 -23.61
CA VAL H 224 -77.03 42.59 -24.56
C VAL H 224 -78.43 42.54 -23.99
N GLU H 225 -79.40 43.03 -24.77
CA GLU H 225 -80.79 43.05 -24.35
C GLU H 225 -81.70 42.52 -25.45
N SER I 1 -33.88 21.15 -49.75
CA SER I 1 -35.26 21.58 -49.97
C SER I 1 -36.22 20.88 -49.02
N ALA I 2 -36.83 19.81 -49.49
CA ALA I 2 -37.80 19.05 -48.70
C ALA I 2 -37.85 17.62 -49.20
N LEU I 3 -38.83 16.86 -48.74
CA LEU I 3 -39.04 15.48 -49.15
C LEU I 3 -40.44 15.32 -49.72
N THR I 4 -40.55 14.55 -50.80
CA THR I 4 -41.83 14.36 -51.47
C THR I 4 -42.74 13.49 -50.60
N GLN I 5 -43.92 14.02 -50.30
CA GLN I 5 -44.91 13.31 -49.50
C GLN I 5 -46.28 13.46 -50.16
N PRO I 6 -47.10 12.40 -50.16
CA PRO I 6 -48.44 12.51 -50.75
C PRO I 6 -49.25 13.62 -50.10
N ALA I 7 -49.91 14.40 -50.95
CA ALA I 7 -50.61 15.59 -50.47
C ALA I 7 -51.89 15.22 -49.72
N SER I 8 -52.68 14.30 -50.28
CA SER I 8 -53.98 13.95 -49.74
C SER I 8 -54.07 12.45 -49.53
N VAL I 9 -54.51 12.04 -48.35
CA VAL I 9 -54.72 10.64 -48.01
C VAL I 9 -56.06 10.52 -47.29
N SER I 10 -56.93 9.66 -47.78
CA SER I 10 -58.24 9.42 -47.20
C SER I 10 -58.31 8.00 -46.67
N GLY I 11 -58.79 7.84 -45.44
CA GLY I 11 -58.85 6.54 -44.82
C GLY I 11 -60.15 6.25 -44.09
N SER I 12 -60.84 5.18 -44.50
CA SER I 12 -62.04 4.76 -43.83
C SER I 12 -61.70 4.03 -42.53
N PRO I 13 -62.61 4.03 -41.56
CA PRO I 13 -62.34 3.34 -40.30
C PRO I 13 -62.17 1.84 -40.51
N GLY I 14 -61.28 1.25 -39.71
CA GLY I 14 -61.09 -0.19 -39.70
C GLY I 14 -60.04 -0.72 -40.65
N GLN I 15 -59.45 0.12 -41.49
CA GLN I 15 -58.42 -0.30 -42.43
C GLN I 15 -57.07 0.28 -42.04
N SER I 16 -56.03 -0.21 -42.72
CA SER I 16 -54.67 0.23 -42.50
C SER I 16 -54.29 1.29 -43.52
N ILE I 17 -53.73 2.40 -43.04
CA ILE I 17 -53.34 3.52 -43.89
C ILE I 17 -51.85 3.73 -43.76
N THR I 18 -51.15 3.80 -44.89
CA THR I 18 -49.71 3.98 -44.94
C THR I 18 -49.39 5.29 -45.64
N ILE I 19 -48.52 6.09 -45.02
CA ILE I 19 -48.08 7.37 -45.57
C ILE I 19 -46.61 7.24 -45.94
N SER I 20 -46.28 7.61 -47.17
CA SER I 20 -44.92 7.49 -47.69
C SER I 20 -44.16 8.81 -47.55
N CYS I 21 -42.84 8.71 -47.61
CA CYS I 21 -41.97 9.88 -47.49
C CYS I 21 -40.66 9.54 -48.20
N THR I 22 -40.51 10.03 -49.43
CA THR I 22 -39.38 9.67 -50.28
C THR I 22 -38.29 10.73 -50.17
N GLY I 23 -37.05 10.28 -50.00
CA GLY I 23 -35.92 11.19 -49.86
C GLY I 23 -34.76 10.84 -50.77
N THR I 24 -33.57 11.32 -50.42
CA THR I 24 -32.37 11.11 -51.21
C THR I 24 -31.45 10.10 -50.51
N SER I 25 -30.30 9.85 -51.12
CA SER I 25 -29.36 8.88 -50.56
C SER I 25 -28.74 9.38 -49.27
N SER I 26 -28.28 10.63 -49.26
CA SER I 26 -27.63 11.19 -48.07
C SER I 26 -28.60 11.66 -47.01
N ASP I 27 -29.91 11.64 -47.29
CA ASP I 27 -30.91 12.09 -46.34
C ASP I 27 -31.50 10.92 -45.55
N VAL I 28 -32.02 9.91 -46.24
CA VAL I 28 -32.65 8.78 -45.59
C VAL I 28 -31.86 7.48 -45.78
N GLY I 29 -31.07 7.37 -46.84
CA GLY I 29 -30.36 6.13 -47.11
C GLY I 29 -29.18 5.87 -46.19
N SER I 30 -28.77 6.86 -45.40
CA SER I 30 -27.63 6.72 -44.51
C SER I 30 -27.93 7.06 -43.06
N TYR I 31 -28.82 8.02 -42.79
CA TYR I 31 -29.12 8.45 -41.44
C TYR I 31 -30.53 8.01 -41.09
N ASN I 32 -30.65 7.03 -40.19
CA ASN I 32 -31.95 6.53 -39.76
C ASN I 32 -32.54 7.37 -38.63
N LEU I 33 -32.61 8.68 -38.84
CA LEU I 33 -33.12 9.61 -37.83
C LEU I 33 -34.39 10.30 -38.30
N VAL I 34 -35.20 9.59 -39.07
CA VAL I 34 -36.46 10.14 -39.56
C VAL I 34 -37.49 10.12 -38.42
N SER I 35 -38.46 11.02 -38.52
CA SER I 35 -39.47 11.15 -37.47
C SER I 35 -40.79 11.57 -38.09
N TRP I 36 -41.87 11.34 -37.35
CA TRP I 36 -43.23 11.66 -37.79
C TRP I 36 -43.95 12.40 -36.69
N TYR I 37 -44.69 13.45 -37.06
CA TYR I 37 -45.40 14.29 -36.11
C TYR I 37 -46.85 14.46 -36.53
N GLN I 38 -47.75 14.43 -35.56
CA GLN I 38 -49.17 14.70 -35.78
C GLN I 38 -49.50 16.10 -35.32
N GLN I 39 -50.07 16.90 -36.21
CA GLN I 39 -50.39 18.30 -35.92
C GLN I 39 -51.90 18.45 -35.87
N HIS I 40 -52.44 18.57 -34.66
CA HIS I 40 -53.87 18.81 -34.50
C HIS I 40 -54.24 20.19 -35.05
N PRO I 41 -55.46 20.35 -35.55
CA PRO I 41 -55.89 21.66 -36.05
C PRO I 41 -55.90 22.71 -34.96
N GLY I 42 -55.07 23.75 -35.11
CA GLY I 42 -54.98 24.81 -34.13
C GLY I 42 -54.06 24.54 -32.97
N LYS I 43 -53.35 23.41 -32.98
CA LYS I 43 -52.44 23.04 -31.90
C LYS I 43 -51.07 22.73 -32.46
N ALA I 44 -50.03 22.99 -31.67
CA ALA I 44 -48.66 22.76 -32.11
C ALA I 44 -48.41 21.26 -32.31
N PRO I 45 -47.53 20.91 -33.25
CA PRO I 45 -47.28 19.49 -33.52
C PRO I 45 -46.74 18.76 -32.29
N LYS I 46 -47.14 17.51 -32.16
CA LYS I 46 -46.74 16.66 -31.03
C LYS I 46 -45.99 15.45 -31.58
N LEU I 47 -44.84 15.15 -30.97
CA LEU I 47 -43.99 14.07 -31.46
C LEU I 47 -44.72 12.74 -31.38
N MET I 48 -44.65 11.97 -32.47
CA MET I 48 -45.36 10.66 -32.54
C MET I 48 -44.32 9.52 -32.67
N ILE I 49 -43.48 9.58 -33.69
CA ILE I 49 -42.40 8.54 -33.88
C ILE I 49 -41.06 9.28 -34.00
N TYR I 50 -40.20 9.18 -32.99
CA TYR I 50 -38.91 9.93 -32.99
C TYR I 50 -37.94 9.36 -34.03
N GLU I 51 -37.92 8.03 -34.18
CA GLU I 51 -37.04 7.39 -35.19
C GLU I 51 -38.00 6.51 -36.00
N VAL I 52 -37.46 5.53 -36.73
CA VAL I 52 -38.20 4.81 -37.81
C VAL I 52 -39.55 4.34 -37.26
N SER I 53 -39.53 3.54 -36.19
CA SER I 53 -40.79 2.98 -35.64
C SER I 53 -40.87 3.22 -34.12
N LYS I 54 -39.74 3.04 -33.42
CA LYS I 54 -39.72 3.21 -31.95
C LYS I 54 -40.58 4.41 -31.56
N ARG I 55 -41.35 4.28 -30.47
CA ARG I 55 -42.30 5.37 -30.10
C ARG I 55 -42.02 5.92 -28.70
N PRO I 56 -42.29 7.22 -28.44
CA PRO I 56 -42.16 7.82 -27.12
C PRO I 56 -43.27 7.34 -26.19
N SER I 57 -43.27 7.90 -24.98
CA SER I 57 -44.32 7.60 -24.03
C SER I 57 -45.62 8.29 -24.43
N GLY I 58 -46.73 7.70 -24.02
CA GLY I 58 -48.04 8.25 -24.36
C GLY I 58 -48.48 8.00 -25.78
N VAL I 59 -47.81 7.09 -26.50
CA VAL I 59 -48.14 6.76 -27.88
C VAL I 59 -48.60 5.31 -27.91
N SER I 60 -49.76 5.06 -28.52
CA SER I 60 -50.33 3.72 -28.55
C SER I 60 -49.50 2.80 -29.43
N ASN I 61 -49.62 1.50 -29.17
CA ASN I 61 -48.94 0.46 -29.95
C ASN I 61 -49.51 0.31 -31.35
N ARG I 62 -50.63 0.96 -31.64
CA ARG I 62 -51.18 0.92 -33.00
C ARG I 62 -50.20 1.50 -34.01
N PHE I 63 -49.53 2.59 -33.65
CA PHE I 63 -48.68 3.31 -34.58
C PHE I 63 -47.40 2.55 -34.83
N SER I 64 -46.88 2.66 -36.05
CA SER I 64 -45.66 1.98 -36.43
C SER I 64 -45.01 2.71 -37.60
N GLY I 65 -43.73 2.45 -37.78
CA GLY I 65 -42.98 3.06 -38.87
C GLY I 65 -41.95 2.09 -39.41
N SER I 66 -41.51 2.36 -40.65
CA SER I 66 -40.56 1.49 -41.31
C SER I 66 -39.73 2.31 -42.29
N LYS I 67 -38.58 1.75 -42.65
CA LYS I 67 -37.65 2.39 -43.59
C LYS I 67 -37.26 1.38 -44.66
N SER I 68 -37.27 1.81 -45.92
CA SER I 68 -36.90 0.96 -47.03
C SER I 68 -36.38 1.82 -48.17
N GLY I 69 -35.17 1.49 -48.64
CA GLY I 69 -34.58 2.27 -49.72
C GLY I 69 -34.39 3.72 -49.32
N ASN I 70 -34.86 4.63 -50.17
CA ASN I 70 -34.80 6.06 -49.93
C ASN I 70 -36.16 6.63 -49.53
N THR I 71 -36.96 5.82 -48.84
CA THR I 71 -38.28 6.25 -48.42
C THR I 71 -38.61 5.62 -47.08
N ALA I 72 -39.62 6.19 -46.41
CA ALA I 72 -40.09 5.71 -45.13
C ALA I 72 -41.61 5.67 -45.14
N SER I 73 -42.16 4.79 -44.29
CA SER I 73 -43.60 4.58 -44.23
C SER I 73 -44.06 4.66 -42.78
N LEU I 74 -45.19 5.33 -42.58
CA LEU I 74 -45.85 5.39 -41.28
C LEU I 74 -47.18 4.64 -41.40
N THR I 75 -47.38 3.66 -40.52
CA THR I 75 -48.52 2.76 -40.60
C THR I 75 -49.50 3.03 -39.47
N ILE I 76 -50.77 3.22 -39.82
CA ILE I 76 -51.85 3.36 -38.87
C ILE I 76 -52.98 2.41 -39.29
N SER I 77 -53.50 1.65 -38.33
CA SER I 77 -54.57 0.69 -38.58
C SER I 77 -55.67 0.89 -37.54
N GLY I 78 -56.92 0.83 -37.99
CA GLY I 78 -58.03 1.08 -37.11
C GLY I 78 -58.11 2.52 -36.68
N LEU I 79 -58.42 3.40 -37.64
CA LEU I 79 -58.42 4.83 -37.38
C LEU I 79 -59.50 5.21 -36.36
N GLN I 80 -59.24 6.29 -35.64
CA GLN I 80 -60.16 6.80 -34.63
C GLN I 80 -60.47 8.26 -34.94
N ALA I 81 -61.46 8.80 -34.24
CA ALA I 81 -61.90 10.18 -34.49
C ALA I 81 -60.80 11.20 -34.20
N GLU I 82 -59.83 10.86 -33.37
CA GLU I 82 -58.73 11.77 -33.05
C GLU I 82 -57.68 11.86 -34.14
N ASP I 83 -57.78 11.03 -35.19
CA ASP I 83 -56.76 10.97 -36.22
C ASP I 83 -56.94 12.01 -37.31
N GLU I 84 -57.97 12.85 -37.23
CA GLU I 84 -58.21 13.89 -38.23
C GLU I 84 -57.27 15.07 -37.98
N ALA I 85 -56.00 14.84 -38.25
CA ALA I 85 -54.97 15.86 -38.05
C ALA I 85 -53.90 15.71 -39.11
N ASP I 86 -53.16 16.78 -39.33
CA ASP I 86 -52.08 16.78 -40.31
C ASP I 86 -50.92 15.91 -39.83
N TYR I 87 -50.18 15.37 -40.79
CA TYR I 87 -49.04 14.49 -40.51
C TYR I 87 -47.84 14.96 -41.31
N TYR I 88 -46.67 14.98 -40.66
CA TYR I 88 -45.46 15.52 -41.28
C TYR I 88 -44.31 14.53 -41.15
N CYS I 89 -43.37 14.64 -42.09
CA CYS I 89 -42.19 13.78 -42.16
C CYS I 89 -40.93 14.65 -42.17
N CYS I 90 -39.94 14.25 -41.38
CA CYS I 90 -38.69 15.01 -41.27
C CYS I 90 -37.51 14.05 -41.22
N SER I 91 -36.33 14.57 -41.59
CA SER I 91 -35.10 13.79 -41.59
C SER I 91 -33.92 14.72 -41.45
N TYR I 92 -32.75 14.14 -41.22
CA TYR I 92 -31.51 14.88 -41.02
C TYR I 92 -30.60 14.70 -42.22
N ALA I 93 -30.07 15.82 -42.72
CA ALA I 93 -29.23 15.83 -43.91
C ALA I 93 -27.80 16.18 -43.54
N GLY I 94 -26.85 15.35 -43.99
CA GLY I 94 -25.45 15.58 -43.71
C GLY I 94 -24.63 15.89 -44.94
N SER I 95 -23.52 15.15 -45.11
CA SER I 95 -22.63 15.30 -46.27
C SER I 95 -22.10 16.73 -46.37
N SER I 96 -21.35 17.13 -45.35
CA SER I 96 -20.66 18.40 -45.22
C SER I 96 -21.61 19.59 -45.07
N THR I 97 -22.92 19.37 -45.09
CA THR I 97 -23.92 20.42 -44.91
C THR I 97 -24.91 19.96 -43.84
N PRO I 98 -24.53 20.03 -42.56
CA PRO I 98 -25.42 19.55 -41.50
C PRO I 98 -26.65 20.42 -41.32
N HIS I 99 -27.80 19.91 -41.75
CA HIS I 99 -29.08 20.58 -41.58
C HIS I 99 -30.17 19.52 -41.68
N VAL I 100 -31.42 19.93 -41.42
CA VAL I 100 -32.55 19.02 -41.50
C VAL I 100 -33.59 19.60 -42.44
N VAL I 101 -34.43 18.71 -42.97
CA VAL I 101 -35.47 19.06 -43.92
C VAL I 101 -36.78 18.40 -43.48
N PHE I 102 -37.87 18.91 -44.04
CA PHE I 102 -39.20 18.41 -43.73
C PHE I 102 -39.84 17.83 -45.00
N GLY I 103 -41.09 17.40 -44.87
CA GLY I 103 -41.83 16.84 -45.97
C GLY I 103 -42.91 17.79 -46.49
N GLY I 104 -43.62 17.30 -47.51
CA GLY I 104 -44.68 18.08 -48.12
C GLY I 104 -46.00 18.09 -47.37
N GLY I 105 -46.12 17.30 -46.31
CA GLY I 105 -47.33 17.25 -45.53
C GLY I 105 -48.37 16.32 -46.13
N THR I 106 -49.38 16.00 -45.32
CA THR I 106 -50.47 15.14 -45.73
C THR I 106 -51.69 15.42 -44.86
N LYS I 107 -52.85 15.52 -45.50
CA LYS I 107 -54.11 15.73 -44.79
C LYS I 107 -54.86 14.40 -44.71
N LEU I 108 -55.12 13.94 -43.50
CA LEU I 108 -55.85 12.70 -43.27
C LEU I 108 -57.25 13.03 -42.74
N THR I 109 -58.26 12.49 -43.40
CA THR I 109 -59.67 12.71 -43.04
C THR I 109 -60.27 11.37 -42.64
N VAL I 110 -60.42 11.15 -41.34
CA VAL I 110 -60.99 9.91 -40.83
C VAL I 110 -62.52 9.99 -40.95
N LEU I 111 -63.11 8.93 -41.49
CA LEU I 111 -64.56 8.85 -41.65
C LEU I 111 -65.17 8.19 -40.42
N GLY I 112 -66.45 7.83 -40.51
CA GLY I 112 -67.12 7.16 -39.41
C GLY I 112 -68.01 8.08 -38.61
N GLN I 113 -67.62 9.35 -38.50
CA GLN I 113 -68.44 10.32 -37.79
C GLN I 113 -69.73 10.59 -38.55
N PRO I 114 -70.89 10.46 -37.91
CA PRO I 114 -72.15 10.67 -38.64
C PRO I 114 -72.28 12.10 -39.13
N LYS I 115 -72.92 12.24 -40.30
CA LYS I 115 -73.17 13.55 -40.87
C LYS I 115 -74.36 14.22 -40.19
N ALA I 116 -74.21 15.50 -39.88
CA ALA I 116 -75.24 16.28 -39.21
C ALA I 116 -75.60 17.50 -40.04
N ALA I 117 -76.89 17.81 -40.10
CA ALA I 117 -77.33 18.97 -40.84
C ALA I 117 -76.82 20.24 -40.17
N PRO I 118 -76.23 21.17 -40.92
CA PRO I 118 -75.72 22.40 -40.32
C PRO I 118 -76.83 23.23 -39.69
N SER I 119 -76.51 23.87 -38.58
CA SER I 119 -77.44 24.77 -37.89
C SER I 119 -77.08 26.20 -38.25
N VAL I 120 -78.04 26.93 -38.81
CA VAL I 120 -77.82 28.28 -39.32
C VAL I 120 -78.62 29.25 -38.44
N THR I 121 -77.93 30.26 -37.90
CA THR I 121 -78.54 31.30 -37.10
C THR I 121 -78.23 32.66 -37.71
N LEU I 122 -79.24 33.52 -37.78
CA LEU I 122 -79.11 34.85 -38.38
C LEU I 122 -79.27 35.90 -37.30
N PHE I 123 -78.31 36.82 -37.21
CA PHE I 123 -78.36 37.90 -36.24
C PHE I 123 -78.46 39.24 -36.96
N PRO I 124 -79.56 39.96 -36.82
CA PRO I 124 -79.70 41.25 -37.49
C PRO I 124 -78.84 42.31 -36.80
N PRO I 125 -78.56 43.42 -37.47
CA PRO I 125 -77.78 44.49 -36.83
C PRO I 125 -78.50 45.03 -35.60
N SER I 126 -77.73 45.36 -34.58
CA SER I 126 -78.26 45.86 -33.33
C SER I 126 -78.51 47.37 -33.41
N SER I 127 -79.08 47.91 -32.34
CA SER I 127 -79.34 49.35 -32.27
C SER I 127 -78.04 50.14 -32.30
N GLU I 128 -77.02 49.66 -31.60
CA GLU I 128 -75.72 50.33 -31.61
C GLU I 128 -75.11 50.32 -33.01
N GLU I 129 -75.21 49.20 -33.71
CA GLU I 129 -74.68 49.12 -35.07
C GLU I 129 -75.46 50.04 -36.01
N LEU I 130 -76.78 50.08 -35.87
CA LEU I 130 -77.60 50.95 -36.71
C LEU I 130 -77.24 52.42 -36.47
N GLN I 131 -76.98 52.78 -35.22
CA GLN I 131 -76.57 54.14 -34.91
C GLN I 131 -75.19 54.46 -35.47
N ALA I 132 -74.41 53.45 -35.83
CA ALA I 132 -73.08 53.64 -36.40
C ALA I 132 -73.10 53.79 -37.92
N ASN I 133 -74.28 54.04 -38.50
CA ASN I 133 -74.42 54.26 -39.94
C ASN I 133 -73.92 53.07 -40.75
N LYS I 134 -74.16 51.86 -40.23
CA LYS I 134 -73.76 50.64 -40.93
C LYS I 134 -74.66 49.50 -40.48
N ALA I 135 -74.84 48.53 -41.38
CA ALA I 135 -75.63 47.34 -41.10
C ALA I 135 -74.83 46.11 -41.46
N THR I 136 -74.74 45.17 -40.52
CA THR I 136 -73.99 43.93 -40.73
C THR I 136 -74.86 42.75 -40.34
N LEU I 137 -75.00 41.79 -41.26
CA LEU I 137 -75.74 40.55 -41.01
C LEU I 137 -74.73 39.43 -40.79
N VAL I 138 -74.86 38.74 -39.66
CA VAL I 138 -73.94 37.68 -39.28
C VAL I 138 -74.65 36.34 -39.44
N CYS I 139 -74.10 35.47 -40.28
CA CYS I 139 -74.64 34.14 -40.53
C CYS I 139 -73.71 33.12 -39.86
N LEU I 140 -74.16 32.53 -38.77
CA LEU I 140 -73.37 31.59 -37.99
C LEU I 140 -73.82 30.18 -38.29
N ILE I 141 -72.86 29.30 -38.58
CA ILE I 141 -73.12 27.90 -38.92
C ILE I 141 -72.29 27.04 -37.98
N SER I 142 -72.94 26.06 -37.35
CA SER I 142 -72.27 25.16 -36.42
C SER I 142 -72.98 23.81 -36.41
N ASP I 143 -72.39 22.86 -35.70
CA ASP I 143 -72.94 21.51 -35.53
C ASP I 143 -73.15 20.82 -36.87
N PHE I 144 -72.03 20.61 -37.58
CA PHE I 144 -72.07 19.92 -38.86
C PHE I 144 -70.75 19.19 -39.06
N TYR I 145 -70.80 18.17 -39.92
CA TYR I 145 -69.61 17.39 -40.27
C TYR I 145 -69.87 16.70 -41.59
N PRO I 146 -68.91 16.71 -42.54
CA PRO I 146 -67.59 17.33 -42.43
C PRO I 146 -67.62 18.86 -42.53
N GLY I 147 -66.53 19.49 -42.13
CA GLY I 147 -66.45 20.94 -42.15
C GLY I 147 -66.20 21.53 -43.52
N ALA I 148 -67.06 21.19 -44.48
CA ALA I 148 -66.97 21.72 -45.84
C ALA I 148 -68.35 22.25 -46.23
N VAL I 149 -68.56 23.55 -46.05
CA VAL I 149 -69.83 24.19 -46.36
C VAL I 149 -69.59 25.39 -47.24
N THR I 150 -70.63 25.77 -47.99
CA THR I 150 -70.62 26.97 -48.83
C THR I 150 -71.75 27.88 -48.37
N VAL I 151 -71.40 29.13 -48.07
CA VAL I 151 -72.35 30.11 -47.53
C VAL I 151 -72.57 31.19 -48.56
N ALA I 152 -73.83 31.45 -48.89
CA ALA I 152 -74.19 32.48 -49.86
C ALA I 152 -75.46 33.18 -49.37
N TRP I 153 -75.64 34.41 -49.86
CA TRP I 153 -76.79 35.23 -49.52
C TRP I 153 -77.66 35.41 -50.77
N LYS I 154 -78.97 35.34 -50.58
CA LYS I 154 -79.92 35.47 -51.69
C LYS I 154 -80.79 36.72 -51.58
N ALA I 155 -80.54 37.57 -50.59
CA ALA I 155 -81.31 38.80 -50.38
C ALA I 155 -82.81 38.49 -50.35
N ASP I 156 -83.61 39.35 -50.99
CA ASP I 156 -85.04 39.08 -51.12
C ASP I 156 -85.26 37.82 -51.96
N SER I 157 -84.89 37.88 -53.24
CA SER I 157 -84.93 36.72 -54.10
C SER I 157 -83.77 36.64 -55.08
N SER I 158 -82.81 37.58 -55.02
CA SER I 158 -81.70 37.61 -55.96
C SER I 158 -80.39 37.51 -55.21
N PRO I 159 -79.54 36.54 -55.54
CA PRO I 159 -78.26 36.40 -54.83
C PRO I 159 -77.40 37.65 -55.00
N VAL I 160 -76.69 38.00 -53.93
CA VAL I 160 -75.80 39.17 -53.91
C VAL I 160 -74.44 38.73 -53.42
N LYS I 161 -73.39 39.19 -54.11
CA LYS I 161 -72.01 38.85 -53.76
C LYS I 161 -71.22 40.08 -53.30
N ALA I 162 -71.91 41.14 -52.89
CA ALA I 162 -71.26 42.37 -52.44
C ALA I 162 -71.24 42.41 -50.93
N GLY I 163 -70.05 42.58 -50.35
CA GLY I 163 -69.92 42.62 -48.91
C GLY I 163 -70.07 41.28 -48.23
N VAL I 164 -69.90 40.19 -48.95
CA VAL I 164 -70.07 38.84 -48.40
C VAL I 164 -68.68 38.30 -48.04
N GLU I 165 -68.53 37.87 -46.78
CA GLU I 165 -67.29 37.29 -46.29
C GLU I 165 -67.57 35.88 -45.81
N THR I 166 -66.80 34.92 -46.30
CA THR I 166 -66.95 33.52 -45.93
C THR I 166 -65.58 32.93 -45.66
N THR I 167 -65.49 32.09 -44.63
CA THR I 167 -64.24 31.49 -44.21
C THR I 167 -64.41 29.98 -44.07
N THR I 168 -63.28 29.28 -44.17
CA THR I 168 -63.28 27.83 -44.04
C THR I 168 -63.64 27.45 -42.60
N PRO I 169 -64.55 26.50 -42.40
CA PRO I 169 -64.91 26.10 -41.02
C PRO I 169 -63.72 25.50 -40.29
N SER I 170 -63.71 25.71 -38.98
CA SER I 170 -62.67 25.19 -38.10
C SER I 170 -63.29 24.24 -37.08
N LYS I 171 -62.48 23.29 -36.63
CA LYS I 171 -62.96 22.27 -35.71
C LYS I 171 -63.40 22.88 -34.38
N GLN I 172 -64.52 22.39 -33.86
CA GLN I 172 -65.05 22.83 -32.57
C GLN I 172 -64.55 21.92 -31.47
N SER I 173 -65.07 22.11 -30.26
CA SER I 173 -64.69 21.27 -29.13
C SER I 173 -65.33 19.89 -29.20
N ASN I 174 -66.48 19.78 -29.85
CA ASN I 174 -67.21 18.51 -29.96
C ASN I 174 -66.83 17.73 -31.21
N ASN I 175 -65.61 17.92 -31.73
CA ASN I 175 -65.09 17.26 -32.92
C ASN I 175 -65.86 17.64 -34.19
N LYS I 176 -66.74 18.62 -34.11
CA LYS I 176 -67.45 19.13 -35.27
C LYS I 176 -66.80 20.44 -35.71
N TYR I 177 -67.41 21.11 -36.69
CA TYR I 177 -66.86 22.33 -37.26
C TYR I 177 -67.88 23.46 -37.17
N ALA I 178 -67.39 24.69 -37.31
CA ALA I 178 -68.23 25.86 -37.29
C ALA I 178 -67.65 26.91 -38.23
N ALA I 179 -68.54 27.65 -38.88
CA ALA I 179 -68.16 28.69 -39.82
C ALA I 179 -68.93 29.97 -39.53
N SER I 180 -68.32 31.10 -39.84
CA SER I 180 -68.92 32.42 -39.62
C SER I 180 -68.94 33.18 -40.93
N SER I 181 -70.05 33.85 -41.21
CA SER I 181 -70.21 34.64 -42.41
C SER I 181 -70.70 36.04 -42.06
N TYR I 182 -70.30 37.02 -42.86
CA TYR I 182 -70.65 38.41 -42.63
C TYR I 182 -71.15 39.05 -43.92
N LEU I 183 -72.22 39.82 -43.81
CA LEU I 183 -72.75 40.61 -44.91
C LEU I 183 -72.86 42.06 -44.46
N SER I 184 -72.17 42.95 -45.16
CA SER I 184 -72.12 44.36 -44.82
C SER I 184 -72.93 45.15 -45.84
N LEU I 185 -73.89 45.94 -45.36
CA LEU I 185 -74.76 46.74 -46.21
C LEU I 185 -74.95 48.11 -45.61
N THR I 186 -75.17 49.10 -46.46
CA THR I 186 -75.47 50.45 -46.01
C THR I 186 -76.88 50.49 -45.43
N PRO I 187 -77.16 51.48 -44.57
CA PRO I 187 -78.52 51.58 -44.01
C PRO I 187 -79.61 51.72 -45.06
N GLU I 188 -79.33 52.43 -46.16
CA GLU I 188 -80.31 52.53 -47.24
C GLU I 188 -80.52 51.18 -47.91
N GLN I 189 -79.43 50.43 -48.14
CA GLN I 189 -79.56 49.11 -48.74
C GLN I 189 -80.32 48.15 -47.82
N TRP I 190 -80.06 48.22 -46.52
CA TRP I 190 -80.73 47.33 -45.57
C TRP I 190 -82.23 47.57 -45.54
N LYS I 191 -82.65 48.84 -45.58
CA LYS I 191 -84.07 49.17 -45.55
C LYS I 191 -84.74 49.06 -46.91
N SER I 192 -83.97 48.90 -47.98
CA SER I 192 -84.54 48.78 -49.33
C SER I 192 -84.96 47.36 -49.68
N HIS I 193 -84.71 46.39 -48.81
CA HIS I 193 -85.07 45.01 -49.04
C HIS I 193 -86.03 44.54 -47.97
N ARG I 194 -87.06 43.80 -48.38
CA ARG I 194 -88.08 43.35 -47.44
C ARG I 194 -87.57 42.28 -46.49
N SER I 195 -86.49 41.58 -46.85
CA SER I 195 -85.95 40.51 -46.01
C SER I 195 -84.55 40.17 -46.52
N TYR I 196 -83.89 39.26 -45.83
CA TYR I 196 -82.58 38.77 -46.23
C TYR I 196 -82.46 37.31 -45.82
N SER I 197 -81.94 36.47 -46.71
CA SER I 197 -81.85 35.04 -46.49
C SER I 197 -80.41 34.58 -46.63
N CYS I 198 -80.00 33.68 -45.75
CA CYS I 198 -78.68 33.07 -45.78
C CYS I 198 -78.82 31.60 -46.11
N GLN I 199 -78.13 31.15 -47.16
CA GLN I 199 -78.21 29.78 -47.64
C GLN I 199 -76.86 29.11 -47.48
N VAL I 200 -76.86 27.92 -46.88
CA VAL I 200 -75.65 27.16 -46.63
C VAL I 200 -75.82 25.76 -47.20
N THR I 201 -74.86 25.32 -48.00
CA THR I 201 -74.87 24.00 -48.61
C THR I 201 -73.79 23.14 -47.94
N HIS I 202 -74.17 21.94 -47.53
CA HIS I 202 -73.27 21.04 -46.80
C HIS I 202 -73.42 19.63 -47.39
N GLU I 203 -72.60 19.32 -48.39
CA GLU I 203 -72.65 18.04 -49.09
C GLU I 203 -74.07 17.69 -49.54
N GLY I 204 -74.75 18.65 -50.15
CA GLY I 204 -76.08 18.46 -50.64
C GLY I 204 -77.19 18.81 -49.68
N SER I 205 -76.87 19.07 -48.41
CA SER I 205 -77.87 19.49 -47.43
C SER I 205 -77.90 21.01 -47.37
N THR I 206 -79.03 21.59 -47.78
CA THR I 206 -79.18 23.03 -47.85
C THR I 206 -80.11 23.49 -46.73
N VAL I 207 -79.62 24.44 -45.92
CA VAL I 207 -80.41 25.02 -44.83
C VAL I 207 -80.56 26.51 -45.11
N GLU I 208 -81.80 26.98 -45.17
CA GLU I 208 -82.11 28.36 -45.50
C GLU I 208 -82.86 28.99 -44.33
N LYS I 209 -82.34 30.12 -43.84
CA LYS I 209 -82.97 30.89 -42.78
C LYS I 209 -83.31 32.28 -43.32
N THR I 210 -84.55 32.71 -43.12
CA THR I 210 -85.04 33.97 -43.65
C THR I 210 -85.33 34.92 -42.50
N VAL I 211 -84.73 36.10 -42.55
CA VAL I 211 -84.98 37.15 -41.57
C VAL I 211 -85.33 38.43 -42.31
N ALA I 212 -86.13 39.27 -41.66
CA ALA I 212 -86.63 40.49 -42.27
C ALA I 212 -86.44 41.66 -41.32
N PRO I 213 -86.23 42.87 -41.86
CA PRO I 213 -86.14 44.06 -41.00
C PRO I 213 -87.40 44.32 -40.19
N THR I 214 -88.58 43.97 -40.71
CA THR I 214 -89.82 44.18 -40.00
C THR I 214 -89.94 43.25 -38.79
C1 NAG J . 75.48 -29.45 -28.89
C2 NAG J . 75.32 -27.94 -29.14
C3 NAG J . 74.00 -27.67 -29.86
C4 NAG J . 73.89 -28.52 -31.13
C5 NAG J . 74.09 -29.99 -30.78
C6 NAG J . 74.11 -30.88 -32.00
C7 NAG J . 76.51 -26.71 -27.39
C8 NAG J . 76.39 -25.95 -26.10
N2 NAG J . 75.37 -27.20 -27.89
O3 NAG J . 73.92 -26.29 -30.19
O4 NAG J . 72.61 -28.34 -31.72
O5 NAG J . 75.35 -30.16 -30.13
O6 NAG J . 74.73 -32.13 -31.72
O7 NAG J . 77.58 -26.84 -27.96
C1 NAG K . 4.02 26.91 -27.35
C2 NAG K . 3.98 25.49 -26.80
C3 NAG K . 3.94 24.48 -27.94
C4 NAG K . 2.81 24.79 -28.90
C5 NAG K . 2.91 26.24 -29.38
C6 NAG K . 1.75 26.66 -30.25
C7 NAG K . 5.00 24.66 -24.72
C8 NAG K . 3.62 24.28 -24.29
N2 NAG K . 5.11 25.23 -25.92
O3 NAG K . 3.79 23.17 -27.42
O4 NAG K . 2.85 23.92 -30.03
O5 NAG K . 2.92 27.12 -28.25
O6 NAG K . 1.36 25.61 -31.13
O7 NAG K . 5.98 24.45 -24.01
C1 NAG L . 42.78 28.91 -5.67
C2 NAG L . 43.49 29.62 -6.84
C3 NAG L . 44.97 29.83 -6.52
C4 NAG L . 45.13 30.53 -5.18
C5 NAG L . 44.38 29.78 -4.10
C6 NAG L . 44.41 30.48 -2.75
C7 NAG L . 43.22 29.47 -9.27
C8 NAG L . 43.05 28.55 -10.45
N2 NAG L . 43.32 28.88 -8.07
O3 NAG L . 45.56 30.60 -7.56
O4 NAG L . 46.51 30.60 -4.84
O5 NAG L . 43.00 29.65 -4.46
O6 NAG L . 45.58 31.28 -2.63
O7 NAG L . 43.24 30.68 -9.40
C1 NAG M . 85.67 -53.80 -25.43
C2 NAG M . 85.79 -55.19 -24.80
C3 NAG M . 84.54 -56.01 -25.08
C4 NAG M . 84.09 -55.88 -26.54
C5 NAG M . 83.95 -54.40 -26.93
C6 NAG M . 82.54 -54.03 -27.30
C7 NAG M . 87.74 -56.68 -24.56
C8 NAG M . 87.33 -56.85 -23.13
N2 NAG M . 86.98 -55.88 -25.31
O3 NAG M . 83.49 -55.59 -24.22
O4 NAG M . 85.05 -56.50 -27.39
O5 NAG M . 84.32 -53.58 -25.83
O6 NAG M . 82.51 -53.22 -28.48
O7 NAG M . 88.72 -57.25 -25.02
C1 NAG N . 91.05 -34.63 -23.84
C2 NAG N . 91.86 -33.99 -24.96
C3 NAG N . 93.28 -34.56 -24.98
C4 NAG N . 93.92 -34.45 -23.60
C5 NAG N . 93.03 -35.10 -22.56
C6 NAG N . 93.55 -34.95 -21.16
C7 NAG N . 90.69 -33.16 -26.96
C8 NAG N . 90.07 -33.53 -28.27
N2 NAG N . 91.22 -34.17 -26.25
O3 NAG N . 94.06 -33.84 -25.94
O4 NAG N . 95.18 -35.10 -23.61
O5 NAG N . 91.73 -34.48 -22.60
O6 NAG N . 94.50 -35.96 -20.85
O7 NAG N . 90.72 -32.00 -26.55
C1 NAG O . 77.85 -2.01 -0.05
C2 NAG O . 79.22 -1.47 0.34
C3 NAG O . 79.15 0.03 0.63
C4 NAG O . 78.50 0.76 -0.54
C5 NAG O . 77.15 0.13 -0.88
C6 NAG O . 76.52 0.73 -2.11
C7 NAG O . 81.06 -2.27 1.77
C8 NAG O . 81.43 -3.04 3.00
N2 NAG O . 79.76 -2.18 1.50
O3 NAG O . 80.45 0.54 0.87
O4 NAG O . 78.30 2.13 -0.20
O5 NAG O . 77.35 -1.26 -1.16
O6 NAG O . 76.04 -0.27 -2.99
O7 NAG O . 81.92 -1.74 1.05
C1 NAG P . 72.54 -44.98 -29.82
C2 NAG P . 73.02 -46.36 -29.39
C3 NAG P . 73.99 -46.93 -30.43
C4 NAG P . 73.34 -46.90 -31.81
C5 NAG P . 72.83 -45.50 -32.14
C6 NAG P . 72.07 -45.44 -33.44
C7 NAG P . 73.00 -46.51 -26.94
C8 NAG P . 73.81 -46.43 -25.69
N2 NAG P . 73.66 -46.31 -28.09
O3 NAG P . 74.34 -48.26 -30.08
O4 NAG P . 74.29 -47.30 -32.80
O5 NAG P . 71.94 -45.06 -31.11
O6 NAG P . 70.74 -44.99 -33.24
O7 NAG P . 71.79 -46.75 -26.93
C1 NAG Q . 48.63 -12.15 -44.56
C2 NAG Q . 49.18 -11.80 -45.94
C3 NAG Q . 48.04 -11.62 -46.94
C4 NAG Q . 47.15 -12.84 -46.94
C5 NAG Q . 46.68 -13.17 -45.52
C6 NAG Q . 45.89 -14.45 -45.43
C7 NAG Q . 51.34 -10.64 -45.77
C8 NAG Q . 52.04 -9.31 -45.72
N2 NAG Q . 50.01 -10.61 -45.88
O3 NAG Q . 48.59 -11.41 -48.24
O4 NAG Q . 46.01 -12.61 -47.76
O5 NAG Q . 47.81 -13.32 -44.65
O6 NAG Q . 46.52 -15.50 -46.14
O7 NAG Q . 51.96 -11.69 -45.70
C1 NAG R . 27.64 -12.98 -40.95
C2 NAG R . 27.61 -14.51 -41.00
C3 NAG R . 27.96 -14.99 -42.41
C4 NAG R . 27.06 -14.34 -43.44
C5 NAG R . 27.11 -12.83 -43.30
C6 NAG R . 26.15 -12.11 -44.21
C7 NAG R . 28.31 -16.27 -39.46
C8 NAG R . 29.35 -16.71 -38.46
N2 NAG R . 28.51 -15.08 -40.02
O3 NAG R . 27.83 -16.41 -42.46
O4 NAG R . 27.47 -14.70 -44.75
O5 NAG R . 26.76 -12.45 -41.96
O6 NAG R . 24.80 -12.34 -43.83
O7 NAG R . 27.34 -16.97 -39.74
C1 NAG S . 53.12 8.32 -19.90
C2 NAG S . 54.40 9.08 -19.55
C3 NAG S . 55.47 8.12 -19.03
C4 NAG S . 54.92 7.31 -17.88
C5 NAG S . 53.62 6.61 -18.28
C6 NAG S . 52.95 5.89 -17.15
C7 NAG S . 54.75 11.16 -20.81
C8 NAG S . 55.32 11.77 -22.06
N2 NAG S . 54.90 9.83 -20.69
O3 NAG S . 56.61 8.86 -18.61
O4 NAG S . 55.87 6.32 -17.47
O5 NAG S . 52.67 7.58 -18.76
O6 NAG S . 51.74 6.53 -16.76
O7 NAG S . 54.17 11.83 -19.97
C1 NAG T . -4.44 42.92 -23.37
C2 NAG T . -5.57 42.54 -22.40
C3 NAG T . -6.67 43.62 -22.41
C4 NAG T . -7.00 44.08 -23.84
C5 NAG T . -5.73 44.49 -24.57
C6 NAG T . -5.72 45.96 -24.96
C7 NAG T . -6.35 40.29 -21.81
C8 NAG T . -6.00 40.64 -20.39
N2 NAG T . -6.13 41.25 -22.72
O3 NAG T . -6.27 44.72 -21.62
O4 NAG T . -7.63 43.03 -24.55
O5 NAG T . -4.58 44.28 -23.74
O6 NAG T . -4.39 46.45 -25.09
O7 NAG T . -6.82 39.21 -22.11
C1 NAG U . 57.65 -63.39 7.57
C2 NAG U . 56.52 -63.75 6.60
C3 NAG U . 55.16 -63.55 7.27
C4 NAG U . 55.09 -64.29 8.60
C5 NAG U . 56.26 -63.89 9.48
C6 NAG U . 56.32 -64.67 10.78
C7 NAG U . 57.28 -63.39 4.30
C8 NAG U . 57.27 -62.45 3.13
N2 NAG U . 56.61 -62.97 5.38
O3 NAG U . 54.13 -64.00 6.39
O4 NAG U . 53.87 -63.99 9.26
O5 NAG U . 57.49 -64.13 8.80
O6 NAG U . 57.62 -64.60 11.36
O7 NAG U . 57.87 -64.46 4.27
C1 NAG V . -24.75 -28.30 -8.69
C2 NAG V . -23.69 -27.59 -7.84
C3 NAG V . -23.56 -28.26 -6.48
C4 NAG V . -24.92 -28.35 -5.80
C5 NAG V . -25.92 -29.04 -6.72
C6 NAG V . -27.32 -29.06 -6.15
C7 NAG V . -21.65 -26.49 -8.65
C8 NAG V . -22.18 -25.23 -8.03
N2 NAG V . -22.41 -27.58 -8.52
O3 NAG V . -22.66 -27.53 -5.67
O4 NAG V . -24.82 -29.08 -4.59
O5 NAG V . -25.99 -28.33 -7.97
O6 NAG V . -27.31 -29.32 -4.76
O7 NAG V . -20.56 -26.51 -9.23
C1 NAG W . 9.24 -36.03 -36.28
C2 NAG W . 8.82 -37.47 -36.51
C3 NAG W . 9.83 -38.19 -37.41
C4 NAG W . 10.06 -37.40 -38.69
C5 NAG W . 10.45 -35.97 -38.36
C6 NAG W . 10.59 -35.09 -39.58
C7 NAG W . 7.74 -39.14 -35.08
C8 NAG W . 7.71 -39.78 -33.71
N2 NAG W . 8.66 -38.19 -35.26
O3 NAG W . 9.35 -39.49 -37.72
O4 NAG W . 11.09 -38.00 -39.46
O5 NAG W . 9.44 -35.37 -37.54
O6 NAG W . 10.95 -35.85 -40.73
O7 NAG W . 6.97 -39.48 -35.96
C1 NAG X . 80.82 -62.63 20.65
C2 NAG X . 82.00 -61.97 21.35
C3 NAG X . 81.54 -61.26 22.64
C4 NAG X . 80.56 -62.12 23.43
C5 NAG X . 79.41 -62.60 22.55
C6 NAG X . 78.07 -62.08 22.99
C7 NAG X . 84.34 -62.72 21.63
C8 NAG X . 84.75 -61.33 21.20
N2 NAG X . 83.03 -62.96 21.67
O3 NAG X . 80.92 -60.02 22.29
O4 NAG X . 81.25 -63.24 23.95
O5 NAG X . 79.60 -62.14 21.20
O6 NAG X . 77.08 -63.11 22.96
O7 NAG X . 85.17 -63.57 21.91
C1 NAG Y . 73.46 -68.21 2.94
C2 NAG Y . 73.17 -69.69 2.69
C3 NAG Y . 74.47 -70.47 2.58
C4 NAG Y . 75.40 -69.84 1.56
C5 NAG Y . 75.61 -68.37 1.89
C6 NAG Y . 76.45 -67.64 0.86
C7 NAG Y . 71.06 -70.64 3.50
C8 NAG Y . 70.33 -71.19 4.69
N2 NAG Y . 72.32 -70.24 3.72
O3 NAG Y . 74.18 -71.82 2.21
O4 NAG Y . 76.66 -70.51 1.57
O5 NAG Y . 74.34 -67.70 1.94
O6 NAG Y . 77.83 -67.82 1.12
O7 NAG Y . 70.53 -70.55 2.40
C1 NAG Z . 54.26 -47.78 -28.96
C2 NAG Z . 55.02 -48.42 -30.12
C3 NAG Z . 54.17 -48.42 -31.39
C4 NAG Z . 52.82 -49.05 -31.12
C5 NAG Z . 52.14 -48.37 -29.93
C6 NAG Z . 50.84 -49.02 -29.53
C7 NAG Z . 57.34 -48.32 -30.93
C8 NAG Z . 58.56 -47.47 -31.10
N2 NAG Z . 56.29 -47.74 -30.35
O3 NAG Z . 54.85 -49.15 -32.41
O4 NAG Z . 51.98 -48.92 -32.26
O5 NAG Z . 53.01 -48.45 -28.79
O6 NAG Z . 50.77 -49.21 -28.12
O7 NAG Z . 57.31 -49.49 -31.31
C1 NAG AA . 64.72 -59.46 21.19
C2 NAG AA . 66.07 -59.19 21.85
C3 NAG AA . 66.64 -60.48 22.43
C4 NAG AA . 65.63 -61.14 23.35
C5 NAG AA . 64.30 -61.33 22.63
C6 NAG AA . 63.21 -61.87 23.53
C7 NAG AA . 67.14 -57.27 20.75
C8 NAG AA . 68.15 -56.83 19.73
N2 NAG AA . 67.00 -58.59 20.91
O3 NAG AA . 67.84 -60.19 23.14
O4 NAG AA . 66.12 -62.41 23.78
O5 NAG AA . 63.84 -60.07 22.13
O6 NAG AA . 62.11 -60.97 23.61
O7 NAG AA . 66.47 -56.47 21.39
C1 NAG BA . 22.45 -61.94 12.58
C2 NAG BA . 22.06 -63.39 12.78
C3 NAG BA . 20.76 -63.49 13.59
C4 NAG BA . 20.90 -62.71 14.89
C5 NAG BA . 21.35 -61.28 14.61
C6 NAG BA . 21.63 -60.49 15.87
C7 NAG BA . 22.89 -64.80 10.95
C8 NAG BA . 22.58 -65.44 9.64
N2 NAG BA . 21.92 -64.08 11.51
O3 NAG BA . 20.48 -64.86 13.86
O4 NAG BA . 19.65 -62.68 15.57
O5 NAG BA . 22.57 -61.29 13.86
O6 NAG BA . 22.41 -61.23 16.79
O7 NAG BA . 23.98 -64.94 11.50
C1 NAG CA . 10.12 -46.05 19.65
C2 NAG CA . 11.01 -45.80 20.87
C3 NAG CA . 10.97 -47.00 21.81
C4 NAG CA . 9.54 -47.35 22.18
C5 NAG CA . 8.71 -47.55 20.91
C6 NAG CA . 7.25 -47.79 21.20
C7 NAG CA . 13.19 -44.72 21.18
C8 NAG CA . 14.57 -44.53 20.61
N2 NAG CA . 12.37 -45.50 20.47
O3 NAG CA . 11.72 -46.71 22.99
O4 NAG CA . 9.51 -48.55 22.95
O5 NAG CA . 8.79 -46.37 20.10
O6 NAG CA . 6.63 -46.61 21.70
O7 NAG CA . 12.84 -44.21 22.24
C1 NAG DA . 23.05 -49.57 -17.31
C2 NAG DA . 23.61 -50.22 -18.58
C3 NAG DA . 25.13 -50.31 -18.52
C4 NAG DA . 25.72 -48.93 -18.24
C5 NAG DA . 25.09 -48.32 -16.99
C6 NAG DA . 25.54 -46.90 -16.75
C7 NAG DA . 22.07 -51.78 -19.68
C8 NAG DA . 21.58 -53.20 -19.77
N2 NAG DA . 23.03 -51.54 -18.79
O3 NAG DA . 25.63 -50.82 -19.75
O4 NAG DA . 27.13 -49.04 -18.06
O5 NAG DA . 23.66 -48.28 -17.14
O6 NAG DA . 24.49 -45.98 -16.96
O7 NAG DA . 21.61 -50.89 -20.39
C1 NAG EA . -38.65 -22.93 -19.72
C2 NAG EA . -38.80 -21.43 -19.47
C3 NAG EA . -40.20 -20.95 -19.86
C4 NAG EA . -41.28 -21.92 -19.38
C5 NAG EA . -40.97 -23.34 -19.83
C6 NAG EA . -42.02 -23.90 -20.77
C7 NAG EA . -37.72 -20.08 -17.72
C8 NAG EA . -37.12 -19.27 -18.83
N2 NAG EA . -38.52 -21.09 -18.09
O3 NAG EA . -40.28 -20.79 -21.27
O4 NAG EA . -41.36 -21.88 -17.96
O5 NAG EA . -39.73 -23.38 -20.52
O6 NAG EA . -41.47 -24.92 -21.61
O7 NAG EA . -37.50 -19.82 -16.54
C1 NAG FA . 80.96 -18.31 22.55
C2 NAG FA . 80.02 -18.29 23.76
C3 NAG FA . 79.24 -16.98 23.79
C4 NAG FA . 80.18 -15.79 23.73
C5 NAG FA . 81.10 -15.91 22.53
C6 NAG FA . 82.14 -14.82 22.45
C7 NAG FA . 79.39 -20.60 24.33
C8 NAG FA . 78.33 -21.65 24.20
N2 NAG FA . 79.11 -19.42 23.73
O3 NAG FA . 78.46 -16.92 24.99
O4 NAG FA . 79.44 -14.58 23.64
O5 NAG FA . 81.80 -17.15 22.58
O6 NAG FA . 83.21 -15.19 21.61
O7 NAG FA . 80.43 -20.78 24.94
C1 NAG GA . -3.16 13.78 35.90
C2 NAG GA . -2.52 13.64 34.51
C3 NAG GA . -1.47 14.73 34.30
C4 NAG GA . -2.07 16.11 34.57
C5 NAG GA . -2.71 16.15 35.95
C6 NAG GA . -3.42 17.45 36.23
C7 NAG GA . -2.13 11.57 33.26
C8 NAG GA . -3.01 12.15 32.20
N2 NAG GA . -1.93 12.33 34.35
O3 NAG GA . -0.97 14.66 32.97
O4 NAG GA . -1.06 17.11 34.49
O5 NAG GA . -3.69 15.11 36.06
O6 NAG GA . -2.68 18.56 35.73
O7 NAG GA . -1.61 10.46 33.14
C1 NAG HA . 13.52 -26.92 42.33
C2 NAG HA . 14.02 -26.58 43.74
C3 NAG HA . 14.77 -27.76 44.33
C4 NAG HA . 13.93 -29.02 44.28
C5 NAG HA . 13.46 -29.27 42.85
C6 NAG HA . 12.52 -30.45 42.73
C7 NAG HA . 14.88 -24.51 44.73
C8 NAG HA . 15.80 -23.34 44.54
N2 NAG HA . 14.85 -25.39 43.72
O3 NAG HA . 15.11 -27.46 45.68
O4 NAG HA . 14.69 -30.13 44.72
O5 NAG HA . 12.74 -28.12 42.37
O6 NAG HA . 12.77 -31.41 43.75
O7 NAG HA . 14.19 -24.65 45.73
C1 NAG IA . 101.60 -22.77 6.33
C2 NAG IA . 102.29 -23.07 5.01
C3 NAG IA . 102.06 -21.94 4.00
C4 NAG IA . 102.24 -20.57 4.66
C5 NAG IA . 101.39 -20.45 5.92
C6 NAG IA . 100.34 -19.37 5.82
C7 NAG IA . 104.45 -24.17 4.54
C8 NAG IA . 103.71 -25.01 3.52
N2 NAG IA . 103.72 -23.28 5.21
O3 NAG IA . 100.75 -22.05 3.47
O4 NAG IA . 103.61 -20.38 5.00
O5 NAG IA . 100.70 -21.68 6.15
O6 NAG IA . 100.27 -18.60 7.01
O7 NAG IA . 105.65 -24.31 4.73
C1 NAG JA . 92.80 -30.74 22.38
C2 NAG JA . 93.39 -30.50 23.77
C3 NAG JA . 94.72 -31.24 23.91
C4 NAG JA . 94.56 -32.71 23.57
C5 NAG JA . 93.93 -32.86 22.19
C6 NAG JA . 93.65 -34.28 21.81
C7 NAG JA . 92.87 -28.40 24.92
C8 NAG JA . 93.18 -26.94 25.03
N2 NAG JA . 93.57 -29.08 24.02
O3 NAG JA . 95.19 -31.10 25.26
O4 NAG JA . 95.82 -33.36 23.59
O5 NAG JA . 92.68 -32.15 22.15
O6 NAG JA . 94.80 -34.92 21.28
O7 NAG JA . 92.01 -28.93 25.62
C1 NAG KA . 54.32 -47.00 30.09
C2 NAG KA . 54.76 -48.24 30.86
C3 NAG KA . 53.67 -48.69 31.83
C4 NAG KA . 53.24 -47.53 32.71
C5 NAG KA . 52.84 -46.33 31.85
C6 NAG KA . 52.52 -45.10 32.68
C7 NAG KA . 55.96 -50.31 30.29
C8 NAG KA . 56.20 -51.35 29.23
N2 NAG KA . 55.12 -49.33 29.95
O3 NAG KA . 54.16 -49.76 32.64
O4 NAG KA . 52.12 -47.92 33.52
O5 NAG KA . 53.95 -45.97 31.01
O6 NAG KA . 53.16 -43.95 32.15
O7 NAG KA . 56.49 -50.37 31.40
C1 NAG LA . 88.92 -12.99 9.94
C2 NAG LA . 89.94 -13.36 8.87
C3 NAG LA . 91.35 -13.03 9.35
C4 NAG LA . 91.44 -11.58 9.79
C5 NAG LA . 90.35 -11.28 10.82
C6 NAG LA . 90.31 -9.82 11.21
C7 NAG LA . 89.05 -15.20 7.52
C8 NAG LA . 89.06 -16.69 7.29
N2 NAG LA . 89.83 -14.77 8.51
O3 NAG LA . 92.28 -13.28 8.29
O4 NAG LA . 92.72 -11.33 10.37
O5 NAG LA . 89.07 -11.61 10.28
O6 NAG LA . 89.04 -9.24 10.91
O7 NAG LA . 88.37 -14.44 6.83
C1 NAG MA . 58.12 6.99 32.73
C2 NAG MA . 58.83 7.66 33.91
C3 NAG MA . 58.33 9.09 34.08
C4 NAG MA . 58.48 9.87 32.78
C5 NAG MA . 57.80 9.11 31.64
C6 NAG MA . 58.02 9.76 30.29
C7 NAG MA . 59.51 6.01 35.58
C8 NAG MA . 59.15 5.30 36.86
N2 NAG MA . 58.63 6.90 35.13
O3 NAG MA . 59.08 9.73 35.12
O4 NAG MA . 57.88 11.15 32.90
O5 NAG MA . 58.33 7.79 31.55
O6 NAG MA . 59.38 10.11 30.10
O7 NAG MA . 60.56 5.77 35.00
C1 NAG NA . 42.92 17.15 21.76
C2 NAG NA . 43.87 17.49 20.62
C3 NAG NA . 44.96 18.44 21.09
C4 NAG NA . 44.34 19.67 21.74
C5 NAG NA . 43.38 19.25 22.84
C6 NAG NA . 42.65 20.42 23.46
C7 NAG NA . 44.82 16.18 18.78
C8 NAG NA . 45.41 14.86 18.37
N2 NAG NA . 44.45 16.28 20.05
O3 NAG NA . 45.76 18.83 19.98
O4 NAG NA . 45.36 20.50 22.28
O5 NAG NA . 42.39 18.37 22.32
O6 NAG NA . 41.71 20.98 22.54
O7 NAG NA . 44.70 17.11 17.98
C1 NAG OA . 38.87 -18.49 37.89
C2 NAG OA . 39.13 -19.69 38.81
C3 NAG OA . 40.25 -20.56 38.25
C4 NAG OA . 39.92 -20.96 36.81
C5 NAG OA . 39.63 -19.73 35.97
C6 NAG OA . 39.17 -20.07 34.57
C7 NAG OA . 38.58 -19.29 41.17
C8 NAG OA . 39.08 -18.80 42.49
N2 NAG OA . 39.45 -19.25 40.15
O3 NAG OA . 40.40 -21.71 39.07
O4 NAG OA . 41.02 -21.67 36.26
O5 NAG OA . 38.58 -18.96 36.57
O6 NAG OA . 37.80 -19.75 34.38
O7 NAG OA . 37.44 -19.71 41.02
C1 NAG PA . -20.38 12.96 42.72
C2 NAG PA . -21.30 12.96 41.49
C3 NAG PA . -22.70 13.45 41.88
C4 NAG PA . -22.65 14.66 42.81
C5 NAG PA . -21.75 14.39 44.01
C6 NAG PA . -22.51 14.41 45.32
C7 NAG PA . -20.67 13.39 39.16
C8 NAG PA . -21.21 12.02 38.86
N2 NAG PA . -20.75 13.79 40.44
O3 NAG PA . -23.42 12.40 42.49
O4 NAG PA . -22.15 15.79 42.11
O5 NAG PA . -21.17 13.09 43.89
O6 NAG PA . -21.85 13.61 46.31
O7 NAG PA . -20.20 14.11 38.28
#